data_4IHC
#
_entry.id   4IHC
#
_cell.length_a   224.331
_cell.length_b   224.347
_cell.length_c   87.076
_cell.angle_alpha   90.00
_cell.angle_beta   97.96
_cell.angle_gamma   90.00
#
_symmetry.space_group_name_H-M   'C 1 2 1'
#
loop_
_entity.id
_entity.type
_entity.pdbx_description
1 polymer 'Mandelate racemase/muconate lactonizing protein'
2 non-polymer 'MAGNESIUM ION'
3 non-polymer GLYCEROL
4 non-polymer 'FORMIC ACID'
5 non-polymer 'IODIDE ION'
6 non-polymer 'CHLORIDE ION'
7 water water
#
_entity_poly.entity_id   1
_entity_poly.type   'polypeptide(L)'
_entity_poly.pdbx_seq_one_letter_code
;MHHHHHHSSGVDLGTENLYFQSMMSKLKITNVKTILTAPGGIDLAVVKVETNEPGLYGLGCATFTQRIFAVKSAIDEYMA
PFLIGKDPTRIEDIWQSAAVSGYWRNGPIMNNALSGVDMALWDIKGKLAGMPVYELLGGKCRDGIPLYCHTDGGDEVEVE
DNIRARMEEGYQYVRCQMGMYGGAGTDDLKLIATQLARAKNIQPKRSPRSKTPGIYFDPEAYAKSVPRLFEHLRNKLGFG
IEFIHDVHERVTPVTAIQLAKTLEPYQLFYLEDPVAPENIDWLRMLRQQSSTPISMGELFVNINEWKPLIDNKLIDYIRC
HVSTIGGITPAKKLAVYSELNGVRTAWHGPGDISPVGVCANMHLDMSSPNFGIQEYTPMNDALREVFPGCPEIDQGYAYV
NDKPGLGIDINETLAEKYPCDGGIPSWTMARTPDGTASRP
;
_entity_poly.pdbx_strand_id   A,B,C,D,E,F,G,H
#
# COMPACT_ATOMS: atom_id res chain seq x y z
N LYS A 26 51.07 7.70 16.02
CA LYS A 26 51.51 6.85 17.16
C LYS A 26 50.82 7.25 18.47
N LEU A 27 49.73 8.01 18.33
CA LEU A 27 48.85 8.32 19.44
C LEU A 27 48.09 7.00 19.78
N LYS A 28 47.98 6.67 21.07
CA LYS A 28 47.32 5.44 21.47
C LYS A 28 46.52 5.65 22.73
N ILE A 29 45.44 4.88 22.85
CA ILE A 29 44.69 4.83 24.09
C ILE A 29 45.44 4.01 25.12
N THR A 30 45.56 4.51 26.35
CA THR A 30 46.35 3.76 27.34
C THR A 30 45.52 3.25 28.49
N ASN A 31 44.34 3.84 28.71
CA ASN A 31 43.52 3.42 29.82
C ASN A 31 42.14 3.98 29.60
N VAL A 32 41.14 3.30 30.16
CA VAL A 32 39.76 3.69 30.00
C VAL A 32 39.12 3.39 31.33
N LYS A 33 38.51 4.37 31.96
CA LYS A 33 37.98 4.13 33.30
C LYS A 33 36.67 4.86 33.50
N THR A 34 35.87 4.40 34.45
CA THR A 34 34.57 4.98 34.71
C THR A 34 34.66 5.79 35.96
N ILE A 35 34.01 6.93 35.98
CA ILE A 35 33.86 7.69 37.20
C ILE A 35 32.38 7.79 37.52
N LEU A 36 31.97 7.27 38.69
CA LEU A 36 30.57 7.32 39.10
C LEU A 36 30.38 8.36 40.17
N THR A 37 29.57 9.38 39.92
CA THR A 37 29.45 10.46 40.88
C THR A 37 28.00 10.92 40.92
N ALA A 38 27.59 11.61 41.97
CA ALA A 38 26.22 12.10 42.02
C ALA A 38 26.10 13.50 42.57
N PRO A 39 26.87 14.46 42.02
CA PRO A 39 26.86 15.78 42.67
C PRO A 39 25.50 16.49 42.70
N GLY A 40 24.59 16.14 41.81
CA GLY A 40 23.29 16.79 41.82
C GLY A 40 22.19 15.92 42.41
N GLY A 41 22.58 14.93 43.23
CA GLY A 41 21.62 14.00 43.82
C GLY A 41 21.21 12.84 42.91
N ILE A 42 21.68 12.86 41.66
CA ILE A 42 21.37 11.80 40.68
C ILE A 42 22.66 11.09 40.26
N ASP A 43 22.64 9.76 40.16
CA ASP A 43 23.84 8.96 39.86
C ASP A 43 24.28 9.09 38.40
N LEU A 44 25.53 9.49 38.17
CA LEU A 44 26.02 9.67 36.81
C LEU A 44 27.20 8.74 36.54
N ALA A 45 27.37 8.33 35.30
CA ALA A 45 28.61 7.64 34.94
C ALA A 45 29.28 8.44 33.82
N VAL A 46 30.54 8.79 34.06
CA VAL A 46 31.38 9.45 33.07
C VAL A 46 32.60 8.57 32.69
N VAL A 47 32.95 8.52 31.42
CA VAL A 47 34.11 7.73 31.03
C VAL A 47 35.28 8.64 30.72
N LYS A 48 36.46 8.31 31.22
CA LYS A 48 37.64 9.05 30.85
C LYS A 48 38.49 8.14 29.99
N VAL A 49 38.85 8.63 28.81
CA VAL A 49 39.75 7.95 27.91
C VAL A 49 41.11 8.68 27.90
N GLU A 50 42.12 8.00 28.41
CA GLU A 50 43.46 8.51 28.50
C GLU A 50 44.33 8.01 27.33
N THR A 51 45.28 8.84 26.93
CA THR A 51 46.21 8.50 25.85
C THR A 51 47.67 8.61 26.30
N ASN A 52 48.57 8.16 25.43
CA ASN A 52 49.99 8.20 25.70
C ASN A 52 50.60 9.58 25.46
N GLU A 53 49.76 10.57 25.21
CA GLU A 53 50.21 11.95 25.06
C GLU A 53 49.87 12.63 26.39
N PRO A 54 50.89 12.99 27.18
CA PRO A 54 50.59 13.40 28.55
C PRO A 54 49.65 14.60 28.61
N GLY A 55 48.61 14.51 29.43
CA GLY A 55 47.62 15.58 29.53
C GLY A 55 46.49 15.52 28.50
N LEU A 56 46.58 14.61 27.53
CA LEU A 56 45.53 14.54 26.51
C LEU A 56 44.58 13.39 26.83
N TYR A 57 43.32 13.74 27.15
CA TYR A 57 42.28 12.75 27.46
C TYR A 57 40.90 13.23 27.00
N GLY A 58 39.94 12.32 26.97
CA GLY A 58 38.60 12.66 26.52
C GLY A 58 37.62 12.23 27.58
N LEU A 59 36.50 12.93 27.66
CA LEU A 59 35.42 12.53 28.59
C LEU A 59 34.16 12.23 27.81
N GLY A 60 33.42 11.22 28.27
CA GLY A 60 32.18 10.83 27.65
C GLY A 60 31.08 10.56 28.67
N CYS A 61 29.82 10.70 28.27
CA CYS A 61 28.71 10.35 29.14
C CYS A 61 28.25 8.92 28.87
N ALA A 62 28.16 8.14 29.96
CA ALA A 62 27.60 6.80 29.91
C ALA A 62 26.46 6.70 30.93
N THR A 63 25.79 7.83 31.18
CA THR A 63 24.73 7.80 32.20
C THR A 63 23.44 7.12 31.77
N PHE A 64 23.37 5.83 32.12
CA PHE A 64 22.12 5.08 32.28
C PHE A 64 21.94 4.93 33.82
N THR A 65 21.22 5.89 34.44
CA THR A 65 21.28 6.05 35.89
C THR A 65 20.70 4.85 36.66
N GLN A 66 19.66 4.23 36.13
CA GLN A 66 19.08 3.08 36.82
C GLN A 66 19.98 1.83 36.78
N ARG A 67 20.97 1.81 35.88
CA ARG A 67 21.83 0.64 35.80
C ARG A 67 23.32 0.98 35.81
N ILE A 68 23.73 2.04 36.53
CA ILE A 68 25.14 2.46 36.40
C ILE A 68 26.18 1.43 36.77
N PHE A 69 25.89 0.51 37.70
CA PHE A 69 26.89 -0.48 38.09
C PHE A 69 27.10 -1.53 36.99
N ALA A 70 26.04 -1.78 36.21
CA ALA A 70 26.19 -2.69 35.10
C ALA A 70 26.90 -1.97 33.96
N VAL A 71 26.70 -0.66 33.86
CA VAL A 71 27.40 0.13 32.83
C VAL A 71 28.89 0.15 33.15
N LYS A 72 29.21 0.44 34.41
CA LYS A 72 30.59 0.36 34.90
C LYS A 72 31.25 -0.99 34.59
N SER A 73 30.56 -2.07 34.91
CA SER A 73 31.09 -3.39 34.53
C SER A 73 31.32 -3.55 33.01
N ALA A 74 30.39 -3.10 32.17
CA ALA A 74 30.59 -3.23 30.73
C ALA A 74 31.87 -2.51 30.25
N ILE A 75 32.11 -1.34 30.79
CA ILE A 75 33.28 -0.57 30.41
C ILE A 75 34.57 -1.15 30.94
N ASP A 76 34.58 -1.43 32.24
CA ASP A 76 35.74 -1.94 32.93
C ASP A 76 36.18 -3.31 32.43
N GLU A 77 35.24 -4.22 32.16
CA GLU A 77 35.60 -5.57 31.78
C GLU A 77 35.68 -5.74 30.26
N TYR A 78 35.00 -4.89 29.51
CA TYR A 78 34.94 -5.10 28.06
C TYR A 78 35.52 -3.94 27.24
N MET A 79 35.02 -2.73 27.41
CA MET A 79 35.52 -1.61 26.61
C MET A 79 37.01 -1.39 26.82
N ALA A 80 37.46 -1.41 28.07
CA ALA A 80 38.89 -1.18 28.37
C ALA A 80 39.89 -2.06 27.57
N PRO A 81 39.81 -3.39 27.74
CA PRO A 81 40.68 -4.28 26.95
C PRO A 81 40.46 -4.17 25.44
N PHE A 82 39.23 -3.92 24.98
CA PHE A 82 38.98 -3.73 23.55
C PHE A 82 39.78 -2.56 22.95
N LEU A 83 39.88 -1.46 23.70
CA LEU A 83 40.40 -0.18 23.22
C LEU A 83 41.88 0.11 23.55
N ILE A 84 42.39 -0.40 24.67
CA ILE A 84 43.78 -0.10 25.04
C ILE A 84 44.71 -0.41 23.89
N GLY A 85 45.54 0.55 23.49
CA GLY A 85 46.51 0.30 22.44
C GLY A 85 46.09 0.82 21.08
N LYS A 86 44.81 1.19 20.94
CA LYS A 86 44.26 1.61 19.64
C LYS A 86 44.33 3.11 19.38
N ASP A 87 44.36 3.46 18.11
CA ASP A 87 44.45 4.85 17.68
C ASP A 87 43.11 5.56 17.86
N PRO A 88 43.09 6.56 18.75
CA PRO A 88 41.79 7.12 19.14
C PRO A 88 41.12 7.99 18.06
N THR A 89 41.86 8.34 17.01
CA THR A 89 41.31 9.25 15.99
C THR A 89 40.35 8.54 15.01
N ARG A 90 40.28 7.21 15.08
CA ARG A 90 39.48 6.47 14.13
C ARG A 90 38.16 6.24 14.80
N ILE A 91 37.45 7.34 15.02
CA ILE A 91 36.20 7.30 15.75
C ILE A 91 35.18 6.32 15.17
N GLU A 92 34.95 6.40 13.86
CA GLU A 92 33.93 5.57 13.20
C GLU A 92 34.27 4.08 13.22
N ASP A 93 35.51 3.76 12.93
CA ASP A 93 36.02 2.39 12.97
C ASP A 93 35.89 1.78 14.34
N ILE A 94 36.27 2.52 15.34
CA ILE A 94 36.16 2.11 16.72
C ILE A 94 34.71 1.90 17.12
N TRP A 95 33.85 2.85 16.76
CA TRP A 95 32.45 2.71 17.08
C TRP A 95 31.87 1.46 16.43
N GLN A 96 32.12 1.25 15.14
CA GLN A 96 31.54 0.10 14.41
C GLN A 96 32.07 -1.22 14.99
N SER A 97 33.36 -1.27 15.27
CA SER A 97 33.94 -2.54 15.73
C SER A 97 33.59 -2.83 17.20
N ALA A 98 33.56 -1.79 18.04
CA ALA A 98 33.13 -1.97 19.42
C ALA A 98 31.65 -2.36 19.53
N ALA A 99 30.80 -1.78 18.68
CA ALA A 99 29.36 -2.01 18.76
C ALA A 99 29.01 -3.47 18.54
N VAL A 100 29.79 -4.16 17.69
CA VAL A 100 29.50 -5.54 17.40
C VAL A 100 30.48 -6.50 18.08
N SER A 101 31.39 -5.97 18.91
CA SER A 101 32.37 -6.81 19.61
C SER A 101 31.76 -7.91 20.44
N GLY A 102 30.57 -7.69 21.00
CA GLY A 102 29.87 -8.73 21.75
C GLY A 102 28.94 -9.61 20.90
N TYR A 103 28.93 -9.40 19.58
CA TYR A 103 27.96 -10.03 18.67
C TYR A 103 26.56 -9.45 18.91
N TRP A 104 25.90 -9.85 19.99
CA TRP A 104 24.64 -9.17 20.39
C TRP A 104 24.92 -7.70 20.71
N ARG A 105 23.96 -6.83 20.41
CA ARG A 105 24.17 -5.39 20.51
C ARG A 105 22.80 -4.70 20.57
N ASN A 106 22.79 -3.37 20.48
CA ASN A 106 21.55 -2.54 20.52
C ASN A 106 20.74 -2.68 21.79
N GLY A 107 21.23 -2.11 22.87
CA GLY A 107 20.49 -2.08 24.13
C GLY A 107 21.08 -0.96 24.96
N PRO A 108 20.33 -0.50 25.99
CA PRO A 108 20.70 0.68 26.78
C PRO A 108 22.04 0.56 27.55
N ILE A 109 22.33 -0.59 28.16
CA ILE A 109 23.60 -0.68 28.88
C ILE A 109 24.73 -0.68 27.87
N MET A 110 24.68 -1.57 26.89
CA MET A 110 25.71 -1.60 25.87
C MET A 110 25.87 -0.31 25.07
N ASN A 111 24.78 0.39 24.75
CA ASN A 111 24.93 1.65 24.02
C ASN A 111 25.60 2.71 24.88
N ASN A 112 25.35 2.65 26.19
CA ASN A 112 25.94 3.66 27.09
C ASN A 112 27.43 3.46 27.25
N ALA A 113 27.87 2.21 27.25
CA ALA A 113 29.32 1.96 27.25
C ALA A 113 29.96 2.47 25.96
N LEU A 114 29.32 2.22 24.81
CA LEU A 114 29.73 2.81 23.53
C LEU A 114 29.89 4.31 23.57
N SER A 115 28.84 4.96 24.08
CA SER A 115 28.70 6.40 24.19
C SER A 115 29.77 7.04 25.06
N GLY A 116 29.98 6.50 26.26
CA GLY A 116 31.09 6.94 27.08
C GLY A 116 32.38 7.05 26.26
N VAL A 117 32.77 5.96 25.60
CA VAL A 117 33.94 5.99 24.73
C VAL A 117 33.76 6.97 23.55
N ASP A 118 32.62 6.92 22.88
CA ASP A 118 32.44 7.68 21.63
C ASP A 118 32.58 9.18 21.84
N MET A 119 31.87 9.71 22.83
CA MET A 119 31.96 11.13 23.12
C MET A 119 33.37 11.53 23.56
N ALA A 120 34.05 10.66 24.30
CA ALA A 120 35.43 10.87 24.73
C ALA A 120 36.40 10.93 23.55
N LEU A 121 36.15 10.13 22.51
CA LEU A 121 36.98 10.19 21.33
C LEU A 121 36.69 11.49 20.57
N TRP A 122 35.41 11.89 20.50
CA TRP A 122 35.16 13.15 19.81
C TRP A 122 35.83 14.27 20.57
N ASP A 123 35.91 14.09 21.88
CA ASP A 123 36.39 15.16 22.76
C ASP A 123 37.89 15.30 22.50
N ILE A 124 38.55 14.15 22.32
CA ILE A 124 39.99 14.12 22.05
C ILE A 124 40.26 14.74 20.66
N LYS A 125 39.47 14.37 19.65
CA LYS A 125 39.64 14.90 18.29
C LYS A 125 39.56 16.42 18.25
N GLY A 126 38.59 16.98 18.97
CA GLY A 126 38.47 18.44 19.06
C GLY A 126 39.65 19.08 19.77
N LYS A 127 40.11 18.47 20.86
CA LYS A 127 41.34 18.91 21.52
C LYS A 127 42.57 18.85 20.58
N LEU A 128 42.70 17.77 19.81
CA LEU A 128 43.79 17.71 18.83
C LEU A 128 43.66 18.75 17.72
N ALA A 129 42.42 19.09 17.35
CA ALA A 129 42.19 20.04 16.28
C ALA A 129 42.19 21.47 16.77
N GLY A 130 42.27 21.65 18.09
CA GLY A 130 42.06 22.98 18.69
C GLY A 130 40.65 23.53 18.47
N MET A 131 39.63 22.68 18.38
CA MET A 131 38.26 23.15 18.02
C MET A 131 37.18 22.53 18.86
N PRO A 132 36.10 23.30 19.16
CA PRO A 132 34.94 22.65 19.80
C PRO A 132 34.34 21.57 18.90
N VAL A 133 33.58 20.64 19.47
CA VAL A 133 33.06 19.53 18.65
C VAL A 133 32.07 20.08 17.62
N TYR A 134 31.30 21.09 17.99
CA TYR A 134 30.34 21.63 17.03
C TYR A 134 31.03 22.18 15.80
N GLU A 135 32.29 22.58 15.91
CA GLU A 135 33.05 23.08 14.75
C GLU A 135 33.43 21.94 13.82
N LEU A 136 33.75 20.79 14.38
CA LEU A 136 34.06 19.62 13.56
C LEU A 136 32.79 19.08 12.87
N LEU A 137 31.62 19.33 13.47
CA LEU A 137 30.37 18.79 12.95
C LEU A 137 29.65 19.69 11.95
N GLY A 138 30.36 20.70 11.45
CA GLY A 138 29.71 21.65 10.51
C GLY A 138 29.75 23.11 10.93
N GLY A 139 30.13 23.41 12.17
CA GLY A 139 30.20 24.82 12.61
C GLY A 139 28.83 25.33 13.07
N LYS A 140 28.79 26.54 13.65
CA LYS A 140 27.57 27.11 14.24
C LYS A 140 26.43 27.33 13.23
N CYS A 141 25.23 26.87 13.59
CA CYS A 141 24.06 27.06 12.75
C CYS A 141 23.09 28.03 13.38
N ARG A 142 23.39 28.47 14.59
CA ARG A 142 22.50 29.35 15.28
C ARG A 142 23.35 30.11 16.30
N ASP A 143 22.76 31.10 16.97
CA ASP A 143 23.55 32.04 17.78
C ASP A 143 23.38 31.74 19.24
N GLY A 144 22.47 30.83 19.54
CA GLY A 144 22.33 30.33 20.90
C GLY A 144 21.31 29.22 20.85
N ILE A 145 21.09 28.54 21.97
CA ILE A 145 20.29 27.32 21.95
C ILE A 145 19.06 27.49 22.81
N PRO A 146 17.90 27.61 22.17
CA PRO A 146 16.68 27.82 22.96
C PRO A 146 16.39 26.61 23.82
N LEU A 147 15.92 26.85 25.04
CA LEU A 147 15.70 25.81 26.04
C LEU A 147 14.24 25.69 26.43
N TYR A 148 13.90 24.52 26.94
CA TYR A 148 12.71 24.44 27.73
C TYR A 148 13.01 23.82 29.06
N CYS A 149 12.25 24.24 30.07
CA CYS A 149 12.42 23.74 31.43
C CYS A 149 11.10 23.12 31.88
N HIS A 150 11.18 22.35 32.95
CA HIS A 150 10.00 21.68 33.49
C HIS A 150 9.23 22.60 34.42
N THR A 151 7.91 22.62 34.28
CA THR A 151 7.08 23.29 35.28
C THR A 151 6.01 22.32 35.79
N ASP A 152 6.07 21.98 37.07
CA ASP A 152 5.11 21.01 37.61
C ASP A 152 4.16 21.67 38.58
N GLY A 153 3.15 20.93 39.02
CA GLY A 153 2.30 21.44 40.07
C GLY A 153 1.19 20.47 40.38
N GLY A 154 0.72 20.53 41.63
CA GLY A 154 -0.39 19.68 42.07
C GLY A 154 -1.73 20.05 41.45
N ASP A 155 -1.84 21.28 40.92
CA ASP A 155 -3.10 21.75 40.34
C ASP A 155 -2.86 22.85 39.33
N GLU A 156 -3.92 23.28 38.64
CA GLU A 156 -3.79 24.20 37.51
C GLU A 156 -3.05 25.48 37.87
N VAL A 157 -3.27 25.98 39.08
CA VAL A 157 -2.74 27.27 39.46
C VAL A 157 -1.27 27.17 39.83
N GLU A 158 -0.88 26.06 40.46
CA GLU A 158 0.53 25.89 40.77
C GLU A 158 1.36 25.77 39.48
N VAL A 159 0.83 25.04 38.50
CA VAL A 159 1.51 24.93 37.21
C VAL A 159 1.74 26.31 36.61
N GLU A 160 0.67 27.11 36.61
CA GLU A 160 0.68 28.45 36.07
C GLU A 160 1.64 29.39 36.81
N ASP A 161 1.71 29.24 38.13
CA ASP A 161 2.63 30.03 38.95
C ASP A 161 4.06 29.69 38.59
N ASN A 162 4.33 28.40 38.40
CA ASN A 162 5.67 27.98 38.02
C ASN A 162 6.02 28.43 36.62
N ILE A 163 5.03 28.44 35.74
CA ILE A 163 5.25 28.96 34.41
C ILE A 163 5.65 30.42 34.49
N ARG A 164 4.89 31.20 35.26
CA ARG A 164 5.17 32.63 35.35
C ARG A 164 6.59 32.83 35.89
N ALA A 165 7.00 32.03 36.86
CA ALA A 165 8.36 32.15 37.38
C ALA A 165 9.42 31.83 36.32
N ARG A 166 9.18 30.81 35.48
CA ARG A 166 10.17 30.49 34.46
C ARG A 166 10.20 31.56 33.37
N MET A 167 9.05 32.15 33.04
CA MET A 167 8.97 33.17 31.98
C MET A 167 9.76 34.39 32.41
N GLU A 168 9.63 34.70 33.69
CA GLU A 168 10.38 35.78 34.30
C GLU A 168 11.90 35.58 34.17
N GLU A 169 12.37 34.33 34.25
CA GLU A 169 13.81 34.04 34.04
C GLU A 169 14.16 34.04 32.56
N GLY A 170 13.14 34.24 31.73
CA GLY A 170 13.38 34.33 30.29
C GLY A 170 13.11 33.05 29.52
N TYR A 171 12.56 32.02 30.17
CA TYR A 171 12.21 30.80 29.40
C TYR A 171 11.08 31.07 28.42
N GLN A 172 11.17 30.54 27.19
CA GLN A 172 10.11 30.78 26.23
C GLN A 172 9.36 29.49 25.85
N TYR A 173 9.79 28.37 26.43
CA TYR A 173 9.14 27.08 26.23
C TYR A 173 9.12 26.39 27.58
N VAL A 174 8.06 25.68 27.87
CA VAL A 174 7.90 25.04 29.16
C VAL A 174 7.13 23.72 28.98
N ARG A 175 7.50 22.71 29.74
CA ARG A 175 6.77 21.45 29.79
C ARG A 175 5.84 21.54 30.99
N CYS A 176 4.53 21.33 30.80
CA CYS A 176 3.52 21.46 31.85
C CYS A 176 2.88 20.15 32.22
N GLN A 177 3.14 19.69 33.44
CA GLN A 177 2.51 18.49 33.97
C GLN A 177 1.78 18.88 35.24
N MET A 178 0.55 18.43 35.39
CA MET A 178 -0.19 18.61 36.63
C MET A 178 -0.33 17.23 37.25
N GLY A 179 0.10 17.09 38.50
CA GLY A 179 -0.03 15.84 39.27
C GLY A 179 0.83 14.69 38.74
N MET A 180 0.42 13.47 39.06
CA MET A 180 1.17 12.27 38.69
C MET A 180 0.26 11.30 37.94
N TYR A 181 -0.17 11.68 36.74
CA TYR A 181 -0.94 10.76 35.91
C TYR A 181 -2.11 10.18 36.67
N GLY A 182 -2.76 11.03 37.46
CA GLY A 182 -4.01 10.65 38.10
C GLY A 182 -3.87 9.91 39.40
N GLY A 183 -2.63 9.80 39.88
CA GLY A 183 -2.36 9.07 41.12
C GLY A 183 -2.44 9.92 42.39
N GLN A 203 -11.59 12.44 39.17
CA GLN A 203 -12.22 11.48 40.06
C GLN A 203 -11.71 10.04 39.85
N PRO A 204 -10.70 9.63 40.62
CA PRO A 204 -10.00 8.37 40.37
C PRO A 204 -10.89 7.14 40.63
N LYS A 205 -10.61 6.05 39.94
CA LYS A 205 -11.33 4.79 40.21
C LYS A 205 -10.98 4.22 41.56
N ARG A 206 -11.96 3.59 42.19
CA ARG A 206 -11.73 2.82 43.40
C ARG A 206 -11.01 1.52 43.03
N SER A 207 -10.00 1.15 43.82
CA SER A 207 -9.24 -0.09 43.59
C SER A 207 -9.94 -1.30 44.25
N PRO A 208 -9.46 -2.53 43.99
CA PRO A 208 -10.08 -3.66 44.66
C PRO A 208 -9.71 -3.64 46.13
N ARG A 209 -10.23 -4.62 46.87
CA ARG A 209 -10.14 -4.63 48.34
C ARG A 209 -8.76 -4.96 48.93
N SER A 210 -7.85 -5.51 48.13
CA SER A 210 -6.43 -5.50 48.54
C SER A 210 -5.61 -4.97 47.37
N LYS A 211 -4.54 -4.27 47.67
CA LYS A 211 -3.68 -3.71 46.65
C LYS A 211 -2.30 -4.31 46.75
N THR A 212 -1.75 -4.77 45.64
CA THR A 212 -0.32 -5.13 45.58
C THR A 212 0.46 -3.82 45.57
N PRO A 213 1.59 -3.77 46.29
CA PRO A 213 2.36 -2.52 46.39
C PRO A 213 2.79 -1.99 45.04
N GLY A 214 2.83 -0.67 44.92
CA GLY A 214 3.28 -0.03 43.69
C GLY A 214 2.86 1.41 43.78
N ILE A 215 3.27 2.21 42.81
CA ILE A 215 2.80 3.59 42.70
C ILE A 215 1.56 3.65 41.82
N TYR A 216 0.42 3.88 42.45
CA TYR A 216 -0.86 3.84 41.77
C TYR A 216 -1.24 5.12 41.01
N PHE A 217 -1.77 4.95 39.81
CA PHE A 217 -2.21 6.07 39.01
C PHE A 217 -3.54 5.70 38.33
N ASP A 218 -4.19 6.64 37.67
CA ASP A 218 -5.44 6.35 37.01
C ASP A 218 -5.39 7.01 35.64
N PRO A 219 -5.12 6.23 34.58
CA PRO A 219 -4.93 6.80 33.25
C PRO A 219 -6.16 7.51 32.70
N GLU A 220 -7.37 7.02 32.99
CA GLU A 220 -8.55 7.68 32.47
C GLU A 220 -8.78 9.05 33.11
N ALA A 221 -8.60 9.14 34.44
CA ALA A 221 -8.71 10.43 35.13
C ALA A 221 -7.68 11.42 34.59
N TYR A 222 -6.47 10.95 34.41
CA TYR A 222 -5.38 11.75 33.85
C TYR A 222 -5.75 12.23 32.47
N ALA A 223 -6.30 11.35 31.65
CA ALA A 223 -6.61 11.72 30.27
C ALA A 223 -7.68 12.81 30.21
N LYS A 224 -8.72 12.66 30.99
CA LYS A 224 -9.74 13.65 31.01
C LYS A 224 -9.15 14.96 31.46
N SER A 225 -8.23 14.90 32.37
CA SER A 225 -7.77 16.12 33.04
C SER A 225 -6.87 17.01 32.18
N VAL A 226 -6.24 16.45 31.16
CA VAL A 226 -5.25 17.23 30.45
C VAL A 226 -5.80 18.40 29.63
N PRO A 227 -6.89 18.17 28.87
CA PRO A 227 -7.40 19.29 28.11
C PRO A 227 -7.87 20.43 28.99
N ARG A 228 -8.49 20.13 30.14
CA ARG A 228 -8.94 21.13 31.08
C ARG A 228 -7.74 22.00 31.54
N LEU A 229 -6.62 21.35 31.78
CA LEU A 229 -5.41 22.05 32.19
C LEU A 229 -4.92 23.04 31.15
N PHE A 230 -4.89 22.62 29.89
CA PHE A 230 -4.40 23.51 28.85
C PHE A 230 -5.36 24.62 28.49
N GLU A 231 -6.66 24.36 28.66
CA GLU A 231 -7.63 25.43 28.45
C GLU A 231 -7.42 26.53 29.50
N HIS A 232 -7.11 26.13 30.73
CA HIS A 232 -6.83 27.11 31.76
C HIS A 232 -5.54 27.88 31.45
N LEU A 233 -4.43 27.16 31.25
CA LEU A 233 -3.18 27.83 30.92
C LEU A 233 -3.34 28.84 29.78
N ARG A 234 -3.98 28.45 28.68
CA ARG A 234 -4.06 29.34 27.54
C ARG A 234 -4.92 30.58 27.86
N ASN A 235 -6.00 30.39 28.61
CA ASN A 235 -6.85 31.50 29.02
C ASN A 235 -6.14 32.47 29.95
N LYS A 236 -5.16 31.99 30.69
CA LYS A 236 -4.45 32.82 31.66
C LYS A 236 -3.09 33.33 31.16
N LEU A 237 -2.46 32.64 30.22
CA LEU A 237 -1.11 32.98 29.79
C LEU A 237 -1.07 33.36 28.33
N GLY A 238 -2.15 33.07 27.61
CA GLY A 238 -2.19 33.37 26.18
C GLY A 238 -1.34 32.43 25.33
N PHE A 239 -1.08 32.83 24.09
CA PHE A 239 -0.49 31.92 23.11
C PHE A 239 0.97 32.21 22.74
N GLY A 240 1.58 33.19 23.41
CA GLY A 240 2.99 33.53 23.12
C GLY A 240 3.93 32.46 23.65
N ILE A 241 3.57 31.90 24.80
CA ILE A 241 4.35 30.89 25.45
C ILE A 241 4.17 29.54 24.73
N GLU A 242 5.24 28.77 24.62
CA GLU A 242 5.18 27.47 23.96
C GLU A 242 5.05 26.40 25.02
N PHE A 243 4.18 25.42 24.79
CA PHE A 243 3.84 24.43 25.82
C PHE A 243 4.19 23.09 25.31
N ILE A 244 4.77 22.28 26.20
CA ILE A 244 5.05 20.90 25.88
C ILE A 244 4.35 20.02 26.93
N HIS A 245 3.70 18.93 26.51
CA HIS A 245 3.14 17.99 27.49
C HIS A 245 3.67 16.59 27.21
N ASP A 246 4.05 15.89 28.26
CA ASP A 246 4.58 14.52 28.18
C ASP A 246 3.58 13.47 28.65
N VAL A 247 3.05 12.69 27.71
CA VAL A 247 2.12 11.62 28.04
C VAL A 247 2.87 10.42 28.66
N HIS A 248 4.13 10.25 28.27
CA HIS A 248 5.00 9.32 28.98
C HIS A 248 4.48 7.90 28.93
N GLU A 249 3.90 7.51 27.79
CA GLU A 249 3.30 6.17 27.57
C GLU A 249 2.26 5.70 28.64
N ARG A 250 1.53 6.62 29.26
CA ARG A 250 0.66 6.26 30.39
C ARG A 250 -0.76 5.82 30.07
N VAL A 251 -1.17 5.94 28.79
CA VAL A 251 -2.56 5.65 28.41
C VAL A 251 -2.58 4.68 27.20
N THR A 252 -3.73 4.07 26.93
CA THR A 252 -3.85 3.18 25.76
C THR A 252 -3.65 4.02 24.48
N PRO A 253 -3.25 3.37 23.37
CA PRO A 253 -3.10 4.15 22.15
C PRO A 253 -4.31 5.00 21.71
N VAL A 254 -5.51 4.45 21.74
CA VAL A 254 -6.67 5.25 21.23
C VAL A 254 -7.00 6.42 22.20
N THR A 255 -6.74 6.23 23.49
CA THR A 255 -6.88 7.33 24.42
C THR A 255 -5.92 8.48 24.05
N ALA A 256 -4.67 8.14 23.69
CA ALA A 256 -3.66 9.14 23.32
C ALA A 256 -4.03 9.86 22.04
N ILE A 257 -4.60 9.11 21.09
CA ILE A 257 -5.10 9.72 19.87
C ILE A 257 -6.22 10.72 20.15
N GLN A 258 -7.13 10.34 21.01
CA GLN A 258 -8.21 11.26 21.41
C GLN A 258 -7.59 12.50 22.06
N LEU A 259 -6.67 12.28 22.99
CA LEU A 259 -5.96 13.38 23.65
C LEU A 259 -5.30 14.34 22.65
N ALA A 260 -4.52 13.79 21.71
CA ALA A 260 -3.89 14.59 20.66
C ALA A 260 -4.96 15.41 19.89
N LYS A 261 -6.07 14.80 19.53
CA LYS A 261 -7.12 15.53 18.82
C LYS A 261 -7.73 16.65 19.68
N THR A 262 -8.02 16.37 20.94
CA THR A 262 -8.64 17.35 21.80
C THR A 262 -7.71 18.53 22.11
N LEU A 263 -6.40 18.28 22.11
CA LEU A 263 -5.47 19.34 22.47
C LEU A 263 -5.12 20.29 21.34
N GLU A 264 -5.65 20.03 20.14
CA GLU A 264 -5.24 20.76 18.93
C GLU A 264 -5.39 22.29 19.02
N PRO A 265 -6.53 22.75 19.54
CA PRO A 265 -6.81 24.18 19.73
C PRO A 265 -5.80 24.90 20.64
N TYR A 266 -5.23 24.18 21.61
CA TYR A 266 -4.23 24.76 22.56
C TYR A 266 -2.83 24.87 21.97
N GLN A 267 -2.63 24.26 20.79
CA GLN A 267 -1.41 24.44 20.02
C GLN A 267 -0.12 24.18 20.79
N LEU A 268 0.03 22.95 21.26
CA LEU A 268 1.28 22.54 21.90
C LEU A 268 2.42 22.61 20.92
N PHE A 269 3.61 22.87 21.45
CA PHE A 269 4.84 22.77 20.67
C PHE A 269 5.08 21.30 20.31
N TYR A 270 4.91 20.43 21.30
CA TYR A 270 4.72 19.00 21.02
C TYR A 270 4.13 18.19 22.16
N LEU A 271 3.38 17.15 21.78
CA LEU A 271 2.89 16.14 22.69
C LEU A 271 3.86 14.95 22.66
N GLU A 272 4.42 14.60 23.81
CA GLU A 272 5.54 13.68 23.86
C GLU A 272 5.14 12.26 24.30
N ASP A 273 5.75 11.26 23.67
CA ASP A 273 5.52 9.85 24.03
C ASP A 273 4.02 9.45 24.18
N PRO A 274 3.21 9.65 23.13
CA PRO A 274 1.84 9.18 23.20
C PRO A 274 1.75 7.65 23.27
N VAL A 275 2.78 6.96 22.80
CA VAL A 275 2.78 5.50 22.87
C VAL A 275 4.14 4.98 23.29
N ALA A 276 4.14 3.74 23.78
CA ALA A 276 5.35 3.06 24.19
C ALA A 276 6.07 2.64 22.91
N PRO A 277 7.37 2.37 23.01
CA PRO A 277 8.14 1.93 21.87
C PRO A 277 7.50 0.64 21.31
N GLU A 278 7.01 -0.21 22.21
CA GLU A 278 6.40 -1.46 21.82
C GLU A 278 5.13 -1.27 20.97
N ASN A 279 4.60 -0.05 20.95
CA ASN A 279 3.32 0.24 20.28
C ASN A 279 3.44 1.28 19.16
N ILE A 280 4.64 1.46 18.62
CA ILE A 280 4.83 2.54 17.65
C ILE A 280 3.95 2.38 16.42
N ASP A 281 3.50 1.15 16.14
CA ASP A 281 2.69 0.96 14.95
C ASP A 281 1.37 1.74 15.04
N TRP A 282 0.97 2.12 16.25
CA TRP A 282 -0.28 2.86 16.44
C TRP A 282 -0.19 4.30 15.98
N LEU A 283 1.03 4.77 15.70
CA LEU A 283 1.20 6.15 15.25
C LEU A 283 0.68 6.33 13.83
N ARG A 284 0.57 5.25 13.07
CA ARG A 284 0.00 5.40 11.74
C ARG A 284 -1.42 5.90 11.87
N MET A 285 -2.17 5.34 12.83
CA MET A 285 -3.57 5.77 12.99
C MET A 285 -3.64 7.18 13.59
N LEU A 286 -2.78 7.49 14.55
CA LEU A 286 -2.85 8.79 15.19
C LEU A 286 -2.56 9.90 14.15
N ARG A 287 -1.64 9.64 13.22
CA ARG A 287 -1.20 10.69 12.27
C ARG A 287 -2.15 10.88 11.08
N GLN A 288 -3.12 9.99 10.96
CA GLN A 288 -4.19 10.16 9.98
C GLN A 288 -5.25 11.13 10.50
N GLN A 289 -5.25 11.35 11.80
CA GLN A 289 -6.35 12.09 12.44
C GLN A 289 -5.95 13.37 13.16
N SER A 290 -4.73 13.41 13.70
CA SER A 290 -4.37 14.54 14.54
C SER A 290 -3.26 15.40 13.95
N SER A 291 -3.37 16.71 14.16
CA SER A 291 -2.33 17.62 13.71
C SER A 291 -1.51 18.21 14.86
N THR A 292 -1.63 17.65 16.05
CA THR A 292 -0.80 18.03 17.18
C THR A 292 0.62 17.51 16.94
N PRO A 293 1.63 18.38 17.05
CA PRO A 293 2.97 17.84 16.78
C PRO A 293 3.33 16.77 17.82
N ILE A 294 4.04 15.75 17.38
CA ILE A 294 4.36 14.61 18.21
C ILE A 294 5.86 14.49 18.35
N SER A 295 6.32 14.11 19.54
CA SER A 295 7.70 13.73 19.70
C SER A 295 7.78 12.36 20.32
N MET A 296 8.81 11.61 19.97
CA MET A 296 9.00 10.27 20.47
C MET A 296 10.48 10.05 20.59
N GLY A 297 10.86 9.15 21.49
CA GLY A 297 12.17 8.56 21.35
C GLY A 297 13.11 8.51 22.54
N GLU A 298 12.75 9.12 23.66
CA GLU A 298 13.69 9.04 24.78
C GLU A 298 13.98 7.57 25.14
N LEU A 299 12.98 6.67 25.02
CA LEU A 299 13.20 5.26 25.30
C LEU A 299 13.90 4.45 24.19
N PHE A 300 14.08 5.04 23.01
CA PHE A 300 14.61 4.27 21.85
C PHE A 300 16.07 3.81 22.02
N VAL A 301 16.35 2.59 21.56
CA VAL A 301 17.67 1.97 21.69
C VAL A 301 18.03 1.20 20.40
N ASN A 302 17.16 1.26 19.40
CA ASN A 302 17.26 0.40 18.23
C ASN A 302 16.78 1.18 17.01
N ILE A 303 17.52 1.08 15.92
CA ILE A 303 17.14 1.72 14.64
C ILE A 303 15.79 1.26 14.12
N ASN A 304 15.50 -0.03 14.30
CA ASN A 304 14.19 -0.56 13.92
C ASN A 304 13.05 0.05 14.76
N GLU A 305 13.37 0.86 15.79
CA GLU A 305 12.33 1.68 16.46
C GLU A 305 12.10 3.04 15.77
N TRP A 306 13.17 3.75 15.45
CA TRP A 306 13.01 5.11 14.93
C TRP A 306 12.97 5.23 13.39
N LYS A 307 13.58 4.30 12.67
CA LYS A 307 13.66 4.46 11.21
C LYS A 307 12.27 4.44 10.55
N PRO A 308 11.43 3.47 10.91
CA PRO A 308 10.07 3.52 10.31
C PRO A 308 9.26 4.77 10.71
N LEU A 309 9.50 5.33 11.89
CA LEU A 309 8.71 6.49 12.29
C LEU A 309 9.06 7.73 11.44
N ILE A 310 10.34 7.93 11.27
CA ILE A 310 10.88 9.08 10.57
C ILE A 310 10.63 8.91 9.07
N ASP A 311 10.84 7.71 8.55
CA ASP A 311 10.61 7.48 7.13
C ASP A 311 9.18 7.88 6.75
N ASN A 312 8.24 7.52 7.62
CA ASN A 312 6.84 7.73 7.35
C ASN A 312 6.25 9.01 7.93
N LYS A 313 7.12 9.92 8.41
CA LYS A 313 6.64 11.23 8.94
C LYS A 313 5.67 11.06 10.11
N LEU A 314 5.90 10.06 10.95
CA LEU A 314 4.98 9.72 12.02
C LEU A 314 5.22 10.54 13.29
N ILE A 315 6.32 11.31 13.30
CA ILE A 315 6.63 12.22 14.40
C ILE A 315 7.25 13.49 13.84
N ASP A 316 7.26 14.54 14.66
CA ASP A 316 7.88 15.80 14.28
C ASP A 316 9.20 16.11 15.02
N TYR A 317 9.46 15.41 16.13
CA TYR A 317 10.64 15.67 16.93
C TYR A 317 11.14 14.32 17.39
N ILE A 318 12.43 14.07 17.22
CA ILE A 318 13.06 12.86 17.74
C ILE A 318 13.73 13.19 19.09
N ARG A 319 13.44 12.37 20.11
CA ARG A 319 13.80 12.68 21.50
C ARG A 319 14.84 11.78 22.16
N CYS A 320 15.69 11.14 21.38
CA CYS A 320 16.60 10.16 21.95
C CYS A 320 17.48 10.72 23.05
N HIS A 321 17.82 9.86 23.99
CA HIS A 321 18.88 10.08 24.96
C HIS A 321 20.17 9.72 24.26
N VAL A 322 20.99 10.73 24.02
CA VAL A 322 22.15 10.57 23.15
C VAL A 322 23.08 9.41 23.57
N SER A 323 23.36 9.28 24.86
CA SER A 323 24.23 8.17 25.31
C SER A 323 23.56 6.81 25.14
N THR A 324 22.24 6.77 25.22
CA THR A 324 21.49 5.53 25.10
C THR A 324 21.37 5.02 23.68
N ILE A 325 21.65 5.88 22.68
CA ILE A 325 21.76 5.38 21.31
C ILE A 325 23.21 5.17 20.87
N GLY A 326 24.17 5.44 21.76
CA GLY A 326 25.55 5.06 21.50
C GLY A 326 26.51 6.20 21.24
N GLY A 327 26.09 7.41 21.57
CA GLY A 327 26.98 8.58 21.49
C GLY A 327 26.78 9.54 20.34
N ILE A 328 27.77 10.42 20.15
CA ILE A 328 27.70 11.47 19.14
C ILE A 328 27.65 10.91 17.72
N THR A 329 28.43 9.87 17.48
CA THR A 329 28.49 9.29 16.14
C THR A 329 27.11 8.85 15.62
N PRO A 330 26.35 8.04 16.39
CA PRO A 330 25.01 7.65 15.94
C PRO A 330 23.95 8.76 16.06
N ALA A 331 24.13 9.66 17.03
CA ALA A 331 23.23 10.76 17.20
C ALA A 331 23.36 11.68 15.99
N LYS A 332 24.58 11.87 15.52
CA LYS A 332 24.74 12.74 14.37
C LYS A 332 24.10 12.14 13.13
N LYS A 333 24.20 10.83 13.00
CA LYS A 333 23.55 10.17 11.85
C LYS A 333 22.02 10.26 11.91
N LEU A 334 21.47 10.09 13.11
CA LEU A 334 20.05 10.23 13.38
C LEU A 334 19.58 11.65 13.04
N ALA A 335 20.35 12.65 13.46
CA ALA A 335 20.01 14.02 13.17
C ALA A 335 19.96 14.25 11.67
N VAL A 336 20.88 13.63 10.93
CA VAL A 336 20.91 13.84 9.48
C VAL A 336 19.72 13.14 8.82
N TYR A 337 19.44 11.91 9.27
CA TYR A 337 18.32 11.13 8.74
C TYR A 337 16.99 11.85 8.98
N SER A 338 16.86 12.40 10.17
CA SER A 338 15.76 13.28 10.52
C SER A 338 15.68 14.46 9.58
N GLU A 339 16.80 15.14 9.40
CA GLU A 339 16.77 16.36 8.64
C GLU A 339 16.18 16.17 7.24
N LEU A 340 16.63 15.12 6.56
CA LEU A 340 16.23 14.84 5.20
C LEU A 340 14.78 14.48 5.10
N ASN A 341 14.21 14.04 6.23
CA ASN A 341 12.77 13.78 6.34
C ASN A 341 11.99 14.92 6.98
N GLY A 342 12.64 16.04 7.27
CA GLY A 342 11.94 17.19 7.78
C GLY A 342 11.55 17.06 9.24
N VAL A 343 12.26 16.19 9.96
CA VAL A 343 11.99 15.98 11.37
C VAL A 343 13.10 16.65 12.18
N ARG A 344 12.71 17.28 13.28
CA ARG A 344 13.65 18.05 14.09
C ARG A 344 14.13 17.29 15.34
N THR A 345 15.20 17.79 15.96
CA THR A 345 15.76 17.08 17.13
C THR A 345 15.30 17.75 18.40
N ALA A 346 15.13 16.95 19.45
CA ALA A 346 14.80 17.42 20.78
C ALA A 346 15.44 16.42 21.75
N TRP A 347 16.77 16.39 21.81
CA TRP A 347 17.49 15.36 22.60
C TRP A 347 17.07 15.40 24.07
N HIS A 348 16.91 14.22 24.66
CA HIS A 348 16.50 14.11 26.04
C HIS A 348 17.50 14.85 26.92
N GLY A 349 17.01 15.77 27.75
CA GLY A 349 17.86 16.49 28.70
C GLY A 349 17.33 16.53 30.13
N PRO A 350 17.21 15.35 30.76
CA PRO A 350 16.65 15.22 32.10
C PRO A 350 17.70 15.57 33.16
N GLY A 351 17.35 15.36 34.43
CA GLY A 351 18.39 15.40 35.47
C GLY A 351 19.42 14.29 35.34
N ASP A 352 19.01 13.14 34.79
CA ASP A 352 19.89 11.96 34.74
C ASP A 352 20.73 11.88 33.45
N ILE A 353 21.62 12.86 33.32
CA ILE A 353 22.53 12.95 32.21
C ILE A 353 23.59 13.79 32.85
N SER A 354 24.87 13.47 32.65
CA SER A 354 25.95 14.27 33.27
C SER A 354 26.08 15.57 32.50
N PRO A 355 26.82 16.55 33.03
CA PRO A 355 27.13 17.75 32.29
C PRO A 355 27.92 17.47 31.00
N VAL A 356 28.68 16.38 30.94
CA VAL A 356 29.36 16.01 29.67
C VAL A 356 28.33 15.64 28.57
N GLY A 357 27.31 14.89 28.94
CA GLY A 357 26.21 14.59 28.00
C GLY A 357 25.44 15.83 27.63
N VAL A 358 25.21 16.70 28.59
CA VAL A 358 24.59 17.99 28.28
C VAL A 358 25.41 18.75 27.23
N CYS A 359 26.71 18.78 27.36
CA CYS A 359 27.55 19.45 26.36
C CYS A 359 27.39 18.76 25.01
N ALA A 360 27.33 17.42 25.03
CA ALA A 360 27.12 16.68 23.78
C ALA A 360 25.81 17.08 23.12
N ASN A 361 24.71 17.05 23.89
CA ASN A 361 23.43 17.52 23.37
C ASN A 361 23.65 18.85 22.66
N MET A 362 24.42 19.72 23.27
CA MET A 362 24.46 21.11 22.78
C MET A 362 25.40 21.32 21.60
N HIS A 363 26.46 20.54 21.53
CA HIS A 363 27.33 20.59 20.33
C HIS A 363 26.59 20.03 19.10
N LEU A 364 25.81 18.97 19.31
CA LEU A 364 24.87 18.52 18.30
C LEU A 364 23.85 19.61 17.97
N ASP A 365 23.30 20.26 18.98
CA ASP A 365 22.29 21.30 18.74
C ASP A 365 22.85 22.48 17.90
N MET A 366 24.07 22.91 18.24
CA MET A 366 24.73 24.02 17.56
C MET A 366 25.04 23.72 16.07
N SER A 367 25.20 22.46 15.74
CA SER A 367 25.65 22.19 14.41
C SER A 367 24.55 21.59 13.53
N SER A 368 23.33 21.42 14.04
CA SER A 368 22.22 20.83 13.25
C SER A 368 21.31 21.88 12.61
N PRO A 369 21.12 21.82 11.28
CA PRO A 369 20.13 22.71 10.67
C PRO A 369 18.71 22.40 11.16
N ASN A 370 18.42 21.13 11.43
CA ASN A 370 17.08 20.74 11.91
C ASN A 370 16.92 20.67 13.46
N PHE A 371 17.68 21.44 14.22
CA PHE A 371 17.48 21.53 15.66
C PHE A 371 16.06 22.00 15.97
N GLY A 372 15.40 21.34 16.90
CA GLY A 372 14.07 21.78 17.33
C GLY A 372 14.03 22.50 18.67
N ILE A 373 14.36 21.80 19.73
CA ILE A 373 14.40 22.41 21.05
C ILE A 373 15.36 21.63 21.96
N GLN A 374 15.83 22.30 23.02
CA GLN A 374 16.66 21.59 24.01
C GLN A 374 16.08 21.66 25.40
N GLU A 375 15.56 20.53 25.85
CA GLU A 375 15.18 20.39 27.23
C GLU A 375 16.37 20.59 28.13
N TYR A 376 16.17 21.32 29.22
CA TYR A 376 17.26 21.64 30.13
C TYR A 376 16.81 21.50 31.57
N THR A 377 17.61 20.80 32.36
CA THR A 377 17.37 20.65 33.79
C THR A 377 18.46 21.43 34.54
N PRO A 378 18.09 22.50 35.24
CA PRO A 378 19.09 23.35 35.92
C PRO A 378 20.04 22.57 36.85
N MET A 379 21.29 23.00 36.87
CA MET A 379 22.28 22.37 37.74
C MET A 379 22.49 23.13 39.06
N ASN A 380 22.98 22.42 40.06
CA ASN A 380 23.32 23.07 41.32
C ASN A 380 24.83 23.40 41.31
N ASP A 381 25.31 24.05 42.36
CA ASP A 381 26.72 24.49 42.43
C ASP A 381 27.68 23.31 42.37
N ALA A 382 27.34 22.22 43.06
CA ALA A 382 28.19 21.04 43.06
C ALA A 382 28.48 20.48 41.64
N LEU A 383 27.45 20.39 40.78
CA LEU A 383 27.67 19.96 39.39
C LEU A 383 28.64 20.90 38.69
N ARG A 384 28.45 22.20 38.86
CA ARG A 384 29.32 23.17 38.19
C ARG A 384 30.77 23.06 38.65
N GLU A 385 30.96 22.68 39.91
CA GLU A 385 32.31 22.57 40.48
C GLU A 385 32.96 21.26 40.09
N VAL A 386 32.19 20.18 40.07
CA VAL A 386 32.73 18.87 39.64
C VAL A 386 33.04 18.83 38.13
N PHE A 387 32.22 19.53 37.36
CA PHE A 387 32.40 19.64 35.92
C PHE A 387 32.57 21.10 35.46
N PRO A 388 33.79 21.66 35.58
CA PRO A 388 34.06 22.99 35.05
C PRO A 388 33.89 23.01 33.52
N GLY A 389 33.23 24.04 33.02
CA GLY A 389 33.00 24.18 31.59
C GLY A 389 31.52 24.05 31.22
N CYS A 390 30.66 23.99 32.22
CA CYS A 390 29.24 23.84 31.98
C CYS A 390 28.80 25.00 31.12
N PRO A 391 27.84 24.78 30.20
CA PRO A 391 27.50 25.88 29.30
C PRO A 391 26.72 26.96 30.01
N GLU A 392 26.91 28.21 29.61
CA GLU A 392 26.24 29.33 30.25
C GLU A 392 24.74 29.38 29.91
N ILE A 393 23.91 29.54 30.94
CA ILE A 393 22.46 29.66 30.76
C ILE A 393 22.04 31.12 31.02
N ASP A 394 21.34 31.74 30.07
CA ASP A 394 21.02 33.18 30.16
C ASP A 394 19.71 33.52 29.41
N GLN A 395 18.65 33.78 30.16
CA GLN A 395 17.36 34.14 29.55
C GLN A 395 16.85 33.11 28.52
N GLY A 396 16.79 31.86 28.95
CA GLY A 396 16.20 30.79 28.13
C GLY A 396 17.05 30.36 26.97
N TYR A 397 18.31 30.78 26.96
CA TYR A 397 19.22 30.28 25.96
C TYR A 397 20.43 29.69 26.63
N ALA A 398 21.03 28.71 25.98
CA ALA A 398 22.27 28.19 26.47
C ALA A 398 23.34 28.58 25.48
N TYR A 399 24.51 28.93 26.04
CA TYR A 399 25.66 29.45 25.28
C TYR A 399 26.87 28.55 25.58
N VAL A 400 27.24 27.70 24.64
CA VAL A 400 28.39 26.82 24.90
C VAL A 400 29.70 27.56 24.76
N ASN A 401 30.66 27.28 25.63
CA ASN A 401 31.95 27.93 25.49
C ASN A 401 32.65 27.47 24.20
N ASP A 402 33.70 28.16 23.82
CA ASP A 402 34.37 27.82 22.57
C ASP A 402 35.70 27.08 22.82
N LYS A 403 35.81 26.36 23.94
CA LYS A 403 37.03 25.60 24.21
C LYS A 403 37.04 24.31 23.44
N PRO A 404 38.24 23.75 23.16
CA PRO A 404 38.36 22.56 22.31
C PRO A 404 37.61 21.31 22.81
N GLY A 405 37.16 20.46 21.90
CA GLY A 405 36.33 19.28 22.30
C GLY A 405 34.97 19.65 22.84
N LEU A 406 34.52 18.96 23.87
CA LEU A 406 33.24 19.28 24.46
C LEU A 406 33.33 20.48 25.39
N GLY A 407 34.55 20.97 25.63
CA GLY A 407 34.79 22.14 26.50
C GLY A 407 34.37 21.92 27.95
N ILE A 408 34.49 20.69 28.40
CA ILE A 408 34.03 20.31 29.73
C ILE A 408 35.15 19.50 30.38
N ASP A 409 35.38 19.68 31.68
CA ASP A 409 36.34 18.86 32.40
C ASP A 409 35.69 18.19 33.61
N ILE A 410 36.42 17.28 34.23
CA ILE A 410 35.93 16.72 35.51
C ILE A 410 37.02 16.77 36.55
N ASN A 411 36.64 17.29 37.71
CA ASN A 411 37.54 17.28 38.84
C ASN A 411 37.35 15.98 39.58
N GLU A 412 38.25 15.01 39.33
CA GLU A 412 38.08 13.65 39.88
C GLU A 412 38.14 13.57 41.40
N THR A 413 38.91 14.46 42.03
CA THR A 413 39.01 14.53 43.48
C THR A 413 37.70 14.95 44.11
N LEU A 414 37.15 16.05 43.60
CA LEU A 414 35.82 16.50 44.02
C LEU A 414 34.73 15.46 43.72
N ALA A 415 34.86 14.74 42.60
CA ALA A 415 33.83 13.79 42.21
C ALA A 415 33.66 12.71 43.26
N GLU A 416 34.78 12.32 43.86
CA GLU A 416 34.81 11.25 44.87
C GLU A 416 34.00 11.60 46.12
N LYS A 417 33.71 12.88 46.30
CA LYS A 417 33.02 13.34 47.50
C LYS A 417 31.51 13.27 47.36
N TYR A 418 31.03 12.79 46.22
CA TYR A 418 29.60 12.62 46.02
C TYR A 418 29.31 11.19 45.54
N PRO A 419 29.45 10.22 46.44
CA PRO A 419 29.30 8.82 46.04
C PRO A 419 27.89 8.49 45.55
N CYS A 420 27.79 7.49 44.67
CA CYS A 420 26.51 7.08 44.13
C CYS A 420 25.62 6.36 45.13
N ASP A 421 24.38 6.82 45.22
CA ASP A 421 23.35 6.22 46.05
C ASP A 421 22.99 4.79 45.62
N GLY A 422 22.71 4.59 44.34
CA GLY A 422 22.25 3.28 43.87
C GLY A 422 20.81 3.02 44.30
N GLY A 423 20.43 1.75 44.29
CA GLY A 423 19.07 1.35 44.67
C GLY A 423 18.11 1.27 43.48
N ILE A 424 16.87 0.88 43.77
CA ILE A 424 15.83 0.82 42.75
C ILE A 424 14.86 1.96 42.95
N PRO A 425 14.51 2.67 41.87
CA PRO A 425 13.53 3.71 42.10
C PRO A 425 12.18 3.08 42.29
N SER A 426 11.33 3.74 43.06
CA SER A 426 9.99 3.29 43.30
C SER A 426 9.09 3.60 42.11
N TRP A 427 9.40 4.67 41.39
CA TRP A 427 8.48 5.16 40.38
C TRP A 427 8.26 4.21 39.19
N THR A 428 9.22 3.34 38.90
CA THR A 428 9.05 2.44 37.76
C THR A 428 8.15 1.25 38.05
N MET A 429 7.70 1.15 39.30
CA MET A 429 6.67 0.15 39.69
C MET A 429 5.32 0.84 39.73
N ALA A 430 4.72 0.99 38.55
CA ALA A 430 3.51 1.77 38.38
C ALA A 430 2.33 0.83 38.19
N ARG A 431 1.21 1.10 38.86
CA ARG A 431 0.05 0.23 38.75
C ARG A 431 -1.20 1.02 38.48
N THR A 432 -2.01 0.52 37.56
CA THR A 432 -3.34 1.07 37.37
C THR A 432 -4.22 0.63 38.52
N PRO A 433 -5.44 1.17 38.58
CA PRO A 433 -6.24 0.96 39.79
C PRO A 433 -6.51 -0.51 40.13
N ASP A 434 -6.72 -1.38 39.14
CA ASP A 434 -6.99 -2.80 39.47
C ASP A 434 -5.74 -3.58 39.92
N GLY A 435 -4.58 -2.93 39.85
CA GLY A 435 -3.33 -3.55 40.29
C GLY A 435 -2.35 -3.96 39.19
N THR A 436 -2.70 -3.71 37.93
CA THR A 436 -1.84 -4.19 36.82
C THR A 436 -0.51 -3.43 36.75
N ALA A 437 0.60 -4.16 36.58
CA ALA A 437 1.91 -3.53 36.37
C ALA A 437 1.93 -2.85 35.00
N SER A 438 2.39 -1.60 34.94
CA SER A 438 2.25 -0.79 33.72
C SER A 438 3.59 -0.30 33.19
N ARG A 439 3.62 0.15 31.95
CA ARG A 439 4.85 0.75 31.49
C ARG A 439 4.89 2.15 32.12
N PRO A 440 5.99 2.49 32.82
CA PRO A 440 5.98 3.72 33.61
C PRO A 440 6.31 4.95 32.79
N LYS B 26 2.26 -17.08 51.62
CA LYS B 26 3.38 -17.22 52.59
C LYS B 26 4.65 -17.57 51.87
N LEU B 27 4.54 -18.08 50.65
CA LEU B 27 5.69 -18.43 49.83
C LEU B 27 6.42 -17.18 49.32
N LYS B 28 7.74 -17.15 49.48
CA LYS B 28 8.55 -15.95 49.19
C LYS B 28 9.87 -16.33 48.56
N ILE B 29 10.38 -15.45 47.72
CA ILE B 29 11.72 -15.57 47.18
C ILE B 29 12.67 -15.07 48.27
N THR B 30 13.68 -15.85 48.62
CA THR B 30 14.57 -15.43 49.73
C THR B 30 15.99 -15.08 49.28
N ASN B 31 16.39 -15.56 48.13
CA ASN B 31 17.75 -15.37 47.66
C ASN B 31 17.76 -15.53 46.16
N VAL B 32 18.64 -14.78 45.47
CA VAL B 32 18.83 -14.91 44.03
C VAL B 32 20.30 -14.80 43.85
N LYS B 33 20.91 -15.79 43.19
CA LYS B 33 22.35 -15.70 42.98
C LYS B 33 22.71 -16.13 41.58
N THR B 34 23.90 -15.72 41.13
CA THR B 34 24.36 -16.05 39.80
C THR B 34 25.52 -17.00 39.92
N ILE B 35 25.58 -17.96 39.01
CA ILE B 35 26.72 -18.87 38.94
C ILE B 35 27.39 -18.83 37.53
N LEU B 36 28.66 -18.48 37.49
CA LEU B 36 29.43 -18.43 36.23
C LEU B 36 30.33 -19.66 36.19
N THR B 37 30.34 -20.37 35.07
CA THR B 37 31.02 -21.66 34.96
C THR B 37 31.23 -21.94 33.50
N ALA B 38 32.30 -22.64 33.16
CA ALA B 38 32.64 -22.90 31.77
C ALA B 38 33.05 -24.36 31.52
N PRO B 39 32.16 -25.31 31.85
CA PRO B 39 32.47 -26.73 31.77
C PRO B 39 32.75 -27.19 30.33
N GLY B 40 32.13 -26.53 29.36
CA GLY B 40 32.32 -26.85 27.97
C GLY B 40 33.39 -25.97 27.35
N GLY B 41 34.08 -25.18 28.17
CA GLY B 41 35.00 -24.15 27.68
C GLY B 41 34.32 -22.86 27.19
N ILE B 42 33.04 -22.68 27.49
CA ILE B 42 32.35 -21.44 27.14
C ILE B 42 31.70 -20.81 28.38
N ASP B 43 31.97 -19.54 28.63
CA ASP B 43 31.41 -18.86 29.81
C ASP B 43 29.87 -18.91 29.85
N LEU B 44 29.33 -19.57 30.88
CA LEU B 44 27.89 -19.66 31.09
C LEU B 44 27.44 -18.88 32.32
N ALA B 45 26.25 -18.31 32.28
CA ALA B 45 25.71 -17.70 33.49
C ALA B 45 24.38 -18.36 33.80
N VAL B 46 24.20 -18.80 35.05
CA VAL B 46 22.99 -19.48 35.50
C VAL B 46 22.47 -18.79 36.75
N VAL B 47 21.16 -18.57 36.83
CA VAL B 47 20.61 -17.88 37.96
C VAL B 47 19.89 -18.93 38.80
N LYS B 48 20.15 -18.91 40.11
CA LYS B 48 19.40 -19.77 41.03
C LYS B 48 18.40 -18.93 41.85
N VAL B 49 17.12 -19.24 41.79
CA VAL B 49 16.17 -18.53 42.66
C VAL B 49 15.71 -19.43 43.81
N GLU B 50 15.94 -18.99 45.05
CA GLU B 50 15.58 -19.82 46.21
C GLU B 50 14.38 -19.24 46.95
N THR B 51 13.63 -20.11 47.63
CA THR B 51 12.40 -19.70 48.31
C THR B 51 12.44 -20.18 49.75
N ASN B 52 11.37 -19.88 50.48
CA ASN B 52 11.25 -20.30 51.88
C ASN B 52 10.51 -21.62 52.05
N GLU B 53 10.39 -22.39 50.98
CA GLU B 53 9.80 -23.72 51.06
C GLU B 53 10.92 -24.74 50.81
N PRO B 54 11.05 -25.76 51.68
CA PRO B 54 12.12 -26.75 51.55
C PRO B 54 12.19 -27.43 50.18
N GLY B 55 13.37 -27.44 49.59
CA GLY B 55 13.61 -28.09 48.30
C GLY B 55 13.05 -27.32 47.12
N LEU B 56 12.51 -26.12 47.37
CA LEU B 56 11.87 -25.42 46.26
C LEU B 56 12.71 -24.25 45.79
N TYR B 57 13.41 -24.46 44.69
CA TYR B 57 14.18 -23.40 44.03
C TYR B 57 14.12 -23.61 42.51
N GLY B 58 14.56 -22.59 41.78
CA GLY B 58 14.51 -22.55 40.34
C GLY B 58 15.88 -22.23 39.74
N LEU B 59 16.14 -22.80 38.56
CA LEU B 59 17.30 -22.38 37.76
C LEU B 59 16.86 -21.77 36.44
N GLY B 60 17.56 -20.74 36.00
CA GLY B 60 17.32 -20.20 34.69
C GLY B 60 18.62 -19.81 34.04
N CYS B 61 18.60 -19.72 32.72
CA CYS B 61 19.79 -19.37 31.94
C CYS B 61 19.89 -17.89 31.64
N ALA B 62 21.04 -17.30 31.96
CA ALA B 62 21.26 -15.90 31.64
C ALA B 62 22.46 -15.78 30.75
N THR B 63 22.69 -16.77 29.92
CA THR B 63 23.98 -16.79 29.23
C THR B 63 24.04 -15.86 28.00
N PHE B 64 24.80 -14.78 28.15
CA PHE B 64 25.16 -13.85 27.04
C PHE B 64 26.67 -13.94 27.16
N THR B 65 27.26 -14.91 26.49
CA THR B 65 28.58 -15.32 26.88
C THR B 65 29.64 -14.20 26.73
N GLN B 66 29.54 -13.37 25.69
CA GLN B 66 30.50 -12.28 25.50
C GLN B 66 30.44 -11.11 26.53
N ARG B 67 29.41 -11.06 27.37
CA ARG B 67 29.27 -9.96 28.37
C ARG B 67 28.87 -10.52 29.73
N ILE B 68 29.36 -11.71 29.97
CA ILE B 68 28.93 -12.47 31.15
C ILE B 68 29.12 -11.71 32.44
N PHE B 69 30.15 -10.85 32.53
CA PHE B 69 30.43 -10.17 33.79
C PHE B 69 29.49 -9.01 34.06
N ALA B 70 29.03 -8.37 32.99
CA ALA B 70 27.95 -7.34 33.07
C ALA B 70 26.57 -7.92 33.35
N VAL B 71 26.28 -9.10 32.83
CA VAL B 71 25.00 -9.77 33.16
C VAL B 71 25.00 -10.11 34.65
N LYS B 72 26.14 -10.61 35.17
CA LYS B 72 26.27 -10.87 36.62
C LYS B 72 25.99 -9.62 37.45
N SER B 73 26.57 -8.50 37.04
CA SER B 73 26.33 -7.24 37.70
C SER B 73 24.85 -6.86 37.60
N ALA B 74 24.25 -6.95 36.42
CA ALA B 74 22.83 -6.66 36.29
C ALA B 74 21.95 -7.51 37.23
N ILE B 75 22.24 -8.80 37.31
CA ILE B 75 21.50 -9.65 38.25
C ILE B 75 21.79 -9.32 39.73
N ASP B 76 23.07 -9.25 40.11
CA ASP B 76 23.38 -9.06 41.54
C ASP B 76 22.96 -7.69 42.10
N GLU B 77 23.11 -6.64 41.30
CA GLU B 77 22.85 -5.28 41.78
C GLU B 77 21.39 -4.84 41.65
N TYR B 78 20.65 -5.44 40.72
CA TYR B 78 19.32 -4.91 40.40
C TYR B 78 18.22 -5.97 40.51
N MET B 79 18.37 -7.10 39.84
CA MET B 79 17.34 -8.14 39.91
C MET B 79 17.13 -8.71 41.32
N ALA B 80 18.22 -9.10 41.98
CA ALA B 80 18.13 -9.73 43.29
C ALA B 80 17.38 -8.85 44.32
N PRO B 81 17.81 -7.62 44.51
CA PRO B 81 17.03 -6.77 45.43
C PRO B 81 15.61 -6.50 44.92
N PHE B 82 15.39 -6.52 43.61
CA PHE B 82 14.03 -6.36 43.09
C PHE B 82 13.15 -7.54 43.52
N LEU B 83 13.73 -8.71 43.66
CA LEU B 83 12.90 -9.90 43.84
C LEU B 83 12.72 -10.36 45.28
N ILE B 84 13.66 -10.03 46.17
CA ILE B 84 13.61 -10.66 47.51
C ILE B 84 12.28 -10.33 48.16
N GLY B 85 11.59 -11.34 48.67
CA GLY B 85 10.37 -11.10 49.44
C GLY B 85 9.07 -11.18 48.65
N LYS B 86 9.16 -11.27 47.32
CA LYS B 86 7.95 -11.36 46.49
C LYS B 86 7.47 -12.80 46.25
N ASP B 87 6.19 -12.93 45.91
CA ASP B 87 5.55 -14.22 45.61
C ASP B 87 5.99 -14.75 44.24
N PRO B 88 6.79 -15.83 44.20
CA PRO B 88 7.34 -16.29 42.91
C PRO B 88 6.32 -16.86 41.91
N THR B 89 5.08 -17.08 42.34
CA THR B 89 4.06 -17.63 41.42
C THR B 89 3.49 -16.64 40.44
N ARG B 90 3.73 -15.36 40.68
CA ARG B 90 3.29 -14.33 39.79
C ARG B 90 4.27 -14.11 38.66
N ILE B 91 4.42 -15.10 37.79
CA ILE B 91 5.48 -15.01 36.82
C ILE B 91 5.25 -13.82 35.88
N GLU B 92 4.04 -13.66 35.36
CA GLU B 92 3.81 -12.57 34.40
C GLU B 92 4.01 -11.19 35.05
N ASP B 93 3.41 -10.99 36.22
CA ASP B 93 3.54 -9.72 36.95
C ASP B 93 4.99 -9.38 37.24
N ILE B 94 5.74 -10.38 37.69
CA ILE B 94 7.15 -10.18 37.94
C ILE B 94 7.87 -9.84 36.63
N TRP B 95 7.62 -10.59 35.56
CA TRP B 95 8.30 -10.30 34.30
C TRP B 95 8.01 -8.87 33.82
N GLN B 96 6.73 -8.49 33.77
CA GLN B 96 6.33 -7.14 33.33
C GLN B 96 6.98 -6.03 34.17
N SER B 97 6.99 -6.17 35.49
CA SER B 97 7.48 -5.12 36.35
C SER B 97 9.02 -5.11 36.39
N ALA B 98 9.64 -6.28 36.34
CA ALA B 98 11.09 -6.33 36.28
C ALA B 98 11.60 -5.71 34.98
N ALA B 99 10.92 -6.01 33.86
CA ALA B 99 11.38 -5.52 32.57
C ALA B 99 11.32 -3.99 32.48
N VAL B 100 10.43 -3.36 33.23
CA VAL B 100 10.40 -1.89 33.17
C VAL B 100 11.06 -1.23 34.36
N SER B 101 11.64 -2.04 35.26
CA SER B 101 12.22 -1.53 36.50
C SER B 101 13.31 -0.45 36.31
N GLY B 102 14.09 -0.54 35.23
CA GLY B 102 15.13 0.46 34.96
C GLY B 102 14.71 1.54 33.96
N TYR B 103 13.41 1.60 33.64
CA TYR B 103 12.85 2.51 32.64
C TYR B 103 13.26 2.08 31.22
N TRP B 104 14.52 2.31 30.87
CA TRP B 104 15.04 1.80 29.61
C TRP B 104 15.15 0.28 29.67
N ARG B 105 15.00 -0.36 28.52
CA ARG B 105 14.87 -1.82 28.45
C ARG B 105 15.11 -2.28 27.02
N ASN B 106 14.80 -3.56 26.75
CA ASN B 106 14.93 -4.08 25.39
C ASN B 106 16.37 -4.17 24.89
N GLY B 107 17.20 -4.91 25.60
CA GLY B 107 18.58 -5.09 25.21
C GLY B 107 19.13 -6.42 25.69
N PRO B 108 20.26 -6.86 25.14
CA PRO B 108 20.70 -8.24 25.45
C PRO B 108 21.14 -8.53 26.88
N ILE B 109 21.81 -7.59 27.53
CA ILE B 109 22.22 -7.76 28.93
C ILE B 109 21.00 -7.76 29.82
N MET B 110 20.15 -6.73 29.65
CA MET B 110 18.94 -6.63 30.46
C MET B 110 18.02 -7.81 30.24
N ASN B 111 17.83 -8.19 28.99
CA ASN B 111 17.03 -9.37 28.70
C ASN B 111 17.55 -10.66 29.35
N ASN B 112 18.87 -10.86 29.36
CA ASN B 112 19.40 -12.09 29.94
C ASN B 112 19.22 -12.10 31.44
N ALA B 113 19.28 -10.93 32.06
CA ALA B 113 19.01 -10.85 33.48
C ALA B 113 17.55 -11.22 33.77
N LEU B 114 16.62 -10.76 32.94
CA LEU B 114 15.22 -11.12 33.05
C LEU B 114 15.00 -12.62 32.89
N SER B 115 15.74 -13.19 31.96
CA SER B 115 15.50 -14.57 31.60
C SER B 115 15.91 -15.48 32.72
N GLY B 116 17.08 -15.18 33.30
CA GLY B 116 17.59 -16.01 34.39
C GLY B 116 16.53 -16.16 35.47
N VAL B 117 15.93 -15.04 35.86
CA VAL B 117 14.79 -15.08 36.77
C VAL B 117 13.56 -15.81 36.21
N ASP B 118 13.14 -15.43 35.01
CA ASP B 118 11.91 -15.96 34.43
C ASP B 118 11.91 -17.47 34.26
N MET B 119 12.98 -18.03 33.66
CA MET B 119 13.07 -19.48 33.54
C MET B 119 13.09 -20.14 34.93
N ALA B 120 13.79 -19.51 35.89
CA ALA B 120 13.80 -20.02 37.29
C ALA B 120 12.40 -20.01 37.90
N LEU B 121 11.63 -18.93 37.71
CA LEU B 121 10.24 -18.92 38.19
C LEU B 121 9.38 -19.99 37.51
N TRP B 122 9.57 -20.24 36.21
CA TRP B 122 8.85 -21.33 35.57
C TRP B 122 9.27 -22.68 36.11
N ASP B 123 10.56 -22.78 36.43
CA ASP B 123 11.08 -24.01 37.00
C ASP B 123 10.39 -24.25 38.37
N ILE B 124 10.23 -23.19 39.14
CA ILE B 124 9.60 -23.27 40.46
C ILE B 124 8.12 -23.68 40.33
N LYS B 125 7.43 -23.08 39.35
CA LYS B 125 6.01 -23.36 39.12
C LYS B 125 5.81 -24.82 38.79
N GLY B 126 6.63 -25.34 37.89
CA GLY B 126 6.63 -26.76 37.58
C GLY B 126 6.77 -27.63 38.83
N LYS B 127 7.63 -27.21 39.77
CA LYS B 127 7.89 -28.05 40.93
C LYS B 127 6.71 -27.96 41.87
N LEU B 128 6.12 -26.77 42.00
CA LEU B 128 4.91 -26.67 42.81
C LEU B 128 3.80 -27.55 42.28
N ALA B 129 3.69 -27.63 40.95
CA ALA B 129 2.60 -28.39 40.35
C ALA B 129 2.96 -29.89 40.21
N GLY B 130 4.23 -30.23 40.40
CA GLY B 130 4.70 -31.61 40.19
C GLY B 130 4.63 -31.96 38.72
N MET B 131 5.00 -31.03 37.83
CA MET B 131 4.91 -31.22 36.38
C MET B 131 6.10 -30.58 35.65
N PRO B 132 6.48 -31.16 34.52
CA PRO B 132 7.43 -30.56 33.61
C PRO B 132 6.84 -29.28 33.08
N VAL B 133 7.68 -28.27 32.84
CA VAL B 133 7.20 -27.01 32.26
C VAL B 133 6.41 -27.20 30.95
N TYR B 134 6.81 -28.16 30.13
CA TYR B 134 6.03 -28.37 28.90
C TYR B 134 4.61 -28.80 29.16
N GLU B 135 4.37 -29.43 30.32
CA GLU B 135 3.03 -29.81 30.70
C GLU B 135 2.23 -28.58 31.09
N LEU B 136 2.88 -27.60 31.71
CA LEU B 136 2.19 -26.35 32.00
C LEU B 136 1.80 -25.55 30.75
N LEU B 137 2.63 -25.66 29.71
CA LEU B 137 2.55 -24.89 28.46
C LEU B 137 1.67 -25.53 27.38
N GLY B 138 0.91 -26.57 27.74
CA GLY B 138 -0.02 -27.16 26.78
C GLY B 138 0.10 -28.68 26.64
N GLY B 139 1.13 -29.25 27.24
CA GLY B 139 1.39 -30.69 27.11
C GLY B 139 2.17 -31.08 25.86
N LYS B 140 2.47 -32.37 25.74
CA LYS B 140 3.27 -32.84 24.62
C LYS B 140 2.54 -32.71 23.29
N CYS B 141 3.21 -32.05 22.35
CA CYS B 141 2.75 -32.00 20.96
C CYS B 141 3.46 -32.99 20.04
N ARG B 142 4.52 -33.62 20.51
CA ARG B 142 5.26 -34.53 19.67
C ARG B 142 5.96 -35.61 20.50
N ASP B 143 6.38 -36.69 19.85
CA ASP B 143 6.96 -37.79 20.61
C ASP B 143 8.45 -37.62 20.88
N GLY B 144 9.02 -36.55 20.35
CA GLY B 144 10.46 -36.33 20.45
C GLY B 144 10.82 -35.09 19.68
N ILE B 145 11.99 -34.53 19.97
CA ILE B 145 12.47 -33.31 19.31
C ILE B 145 13.59 -33.56 18.31
N PRO B 146 13.29 -33.42 17.00
CA PRO B 146 14.27 -33.60 15.92
C PRO B 146 15.34 -32.51 16.01
N LEU B 147 16.59 -32.89 15.80
CA LEU B 147 17.70 -31.99 16.04
C LEU B 147 18.46 -31.72 14.79
N TYR B 148 19.14 -30.58 14.74
CA TYR B 148 20.22 -30.47 13.76
C TYR B 148 21.54 -30.14 14.46
N CYS B 149 22.61 -30.64 13.89
CA CYS B 149 23.93 -30.37 14.44
C CYS B 149 24.81 -29.72 13.35
N HIS B 150 25.97 -29.25 13.75
CA HIS B 150 26.93 -28.56 12.87
C HIS B 150 27.96 -29.52 12.27
N THR B 151 28.40 -29.16 11.07
CA THR B 151 29.39 -29.92 10.34
C THR B 151 30.17 -28.88 9.55
N ASP B 152 31.46 -28.79 9.83
CA ASP B 152 32.32 -27.80 9.17
C ASP B 152 33.37 -28.50 8.32
N GLY B 153 34.26 -27.73 7.69
CA GLY B 153 35.34 -28.33 6.94
C GLY B 153 36.14 -27.39 6.05
N GLY B 154 37.44 -27.65 5.95
CA GLY B 154 38.33 -26.90 5.06
C GLY B 154 37.87 -26.94 3.62
N ASP B 155 37.15 -28.00 3.26
CA ASP B 155 36.66 -28.12 1.90
C ASP B 155 35.41 -29.00 1.78
N GLU B 156 34.95 -29.12 0.54
CA GLU B 156 33.77 -29.90 0.19
C GLU B 156 33.98 -31.35 0.63
N VAL B 157 35.22 -31.81 0.60
CA VAL B 157 35.57 -33.17 1.01
C VAL B 157 35.47 -33.41 2.52
N GLU B 158 36.03 -32.49 3.32
CA GLU B 158 35.99 -32.66 4.78
C GLU B 158 34.61 -32.36 5.38
N VAL B 159 33.88 -31.42 4.78
CA VAL B 159 32.52 -31.14 5.22
C VAL B 159 31.68 -32.39 5.05
N GLU B 160 31.82 -33.03 3.90
CA GLU B 160 31.11 -34.25 3.58
C GLU B 160 31.44 -35.38 4.55
N ASP B 161 32.69 -35.44 5.01
CA ASP B 161 33.08 -36.43 6.02
C ASP B 161 32.41 -36.21 7.37
N ASN B 162 32.31 -34.96 7.80
CA ASN B 162 31.59 -34.68 9.04
C ASN B 162 30.09 -34.97 8.92
N ILE B 163 29.52 -34.66 7.77
CA ILE B 163 28.11 -34.93 7.51
C ILE B 163 27.85 -36.44 7.60
N ARG B 164 28.69 -37.25 6.94
CA ARG B 164 28.59 -38.72 7.12
C ARG B 164 28.65 -39.17 8.57
N ALA B 165 29.64 -38.70 9.32
CA ALA B 165 29.74 -39.03 10.75
C ALA B 165 28.45 -38.75 11.52
N ARG B 166 27.86 -37.58 11.29
CA ARG B 166 26.62 -37.21 11.97
C ARG B 166 25.41 -38.05 11.50
N MET B 167 25.36 -38.37 10.21
CA MET B 167 24.35 -39.27 9.67
C MET B 167 24.45 -40.67 10.26
N GLU B 168 25.66 -41.08 10.65
CA GLU B 168 25.79 -42.40 11.29
C GLU B 168 25.18 -42.40 12.69
N GLU B 169 25.28 -41.25 13.36
CA GLU B 169 24.77 -41.08 14.72
C GLU B 169 23.27 -40.88 14.73
N GLY B 170 22.69 -40.69 13.55
CA GLY B 170 21.23 -40.57 13.45
C GLY B 170 20.69 -39.21 13.07
N TYR B 171 21.54 -38.19 12.92
CA TYR B 171 21.08 -36.87 12.51
C TYR B 171 20.46 -36.89 11.14
N GLN B 172 19.30 -36.24 11.01
CA GLN B 172 18.63 -36.18 9.73
C GLN B 172 18.59 -34.75 9.17
N TYR B 173 19.18 -33.81 9.91
CA TYR B 173 19.26 -32.41 9.52
C TYR B 173 20.60 -31.92 9.98
N VAL B 174 21.32 -31.18 9.12
CA VAL B 174 22.67 -30.73 9.42
C VAL B 174 22.93 -29.34 8.81
N ARG B 175 23.80 -28.58 9.44
CA ARG B 175 24.11 -27.24 8.96
C ARG B 175 25.48 -27.32 8.31
N CYS B 176 25.56 -26.92 7.05
CA CYS B 176 26.80 -27.08 6.30
C CYS B 176 27.43 -25.73 6.01
N GLN B 177 28.67 -25.57 6.44
CA GLN B 177 29.47 -24.38 6.13
C GLN B 177 30.78 -24.89 5.57
N MET B 178 31.42 -24.11 4.74
CA MET B 178 32.74 -24.47 4.33
C MET B 178 33.66 -23.31 4.66
N GLY B 179 34.66 -23.57 5.50
CA GLY B 179 35.64 -22.55 5.85
C GLY B 179 35.05 -21.43 6.71
N MET B 180 35.62 -20.23 6.59
CA MET B 180 35.15 -19.06 7.35
C MET B 180 34.86 -17.86 6.44
N TYR B 181 33.99 -18.06 5.45
CA TYR B 181 33.50 -16.94 4.62
C TYR B 181 34.57 -16.21 3.84
N GLY B 182 35.50 -16.95 3.25
CA GLY B 182 36.53 -16.33 2.41
C GLY B 182 37.76 -15.92 3.19
N GLY B 183 37.95 -16.53 4.36
CA GLY B 183 39.11 -16.25 5.22
C GLY B 183 40.35 -17.05 4.83
N PRO B 204 40.13 -15.00 -3.72
CA PRO B 204 40.04 -13.93 -2.72
C PRO B 204 40.74 -12.62 -3.16
N LYS B 205 40.11 -11.48 -2.89
CA LYS B 205 40.66 -10.19 -3.32
C LYS B 205 41.94 -9.87 -2.59
N ARG B 206 42.87 -9.23 -3.30
CA ARG B 206 44.10 -8.77 -2.66
C ARG B 206 43.79 -7.55 -1.80
N SER B 207 44.38 -7.49 -0.61
CA SER B 207 44.15 -6.38 0.30
C SER B 207 45.12 -5.21 0.00
N PRO B 208 44.85 -4.02 0.57
CA PRO B 208 45.77 -2.90 0.46
C PRO B 208 47.16 -3.23 1.04
N ARG B 209 48.12 -2.33 0.87
CA ARG B 209 49.50 -2.66 1.21
C ARG B 209 49.79 -2.80 2.71
N SER B 210 48.95 -2.20 3.55
CA SER B 210 49.08 -2.42 4.98
C SER B 210 47.71 -2.65 5.59
N LYS B 211 47.61 -3.61 6.51
CA LYS B 211 46.33 -4.08 7.01
C LYS B 211 46.11 -3.74 8.49
N THR B 212 44.95 -3.17 8.83
CA THR B 212 44.57 -3.02 10.24
C THR B 212 44.16 -4.39 10.83
N PRO B 213 44.63 -4.74 12.05
CA PRO B 213 44.39 -6.08 12.64
C PRO B 213 42.93 -6.52 12.57
N GLY B 214 42.68 -7.78 12.26
CA GLY B 214 41.29 -8.25 12.29
C GLY B 214 41.23 -9.60 11.67
N ILE B 215 40.05 -10.22 11.67
CA ILE B 215 39.89 -11.50 10.98
C ILE B 215 39.33 -11.19 9.60
N TYR B 216 40.17 -11.33 8.60
CA TYR B 216 39.80 -10.94 7.26
C TYR B 216 39.00 -11.99 6.55
N PHE B 217 37.91 -11.57 5.88
CA PHE B 217 37.14 -12.49 5.04
C PHE B 217 36.85 -11.83 3.69
N ASP B 218 36.36 -12.62 2.73
CA ASP B 218 35.99 -12.08 1.42
C ASP B 218 34.59 -12.49 1.03
N PRO B 219 33.64 -11.58 1.23
CA PRO B 219 32.20 -11.77 1.09
C PRO B 219 31.84 -12.22 -0.33
N GLU B 220 32.59 -11.77 -1.32
CA GLU B 220 32.28 -12.08 -2.71
C GLU B 220 32.76 -13.47 -3.06
N ALA B 221 33.97 -13.82 -2.61
CA ALA B 221 34.46 -15.17 -2.83
C ALA B 221 33.56 -16.20 -2.11
N TYR B 222 33.16 -15.86 -0.88
CA TYR B 222 32.24 -16.66 -0.13
C TYR B 222 30.95 -16.92 -0.92
N ALA B 223 30.23 -15.84 -1.30
CA ALA B 223 28.92 -15.96 -1.96
C ALA B 223 28.94 -16.80 -3.23
N LYS B 224 29.98 -16.67 -4.03
CA LYS B 224 30.15 -17.48 -5.24
C LYS B 224 30.36 -18.96 -4.92
N SER B 225 31.06 -19.23 -3.82
CA SER B 225 31.48 -20.59 -3.50
C SER B 225 30.34 -21.45 -2.91
N VAL B 226 29.37 -20.81 -2.28
CA VAL B 226 28.32 -21.55 -1.60
C VAL B 226 27.51 -22.42 -2.54
N PRO B 227 26.96 -21.84 -3.60
CA PRO B 227 26.20 -22.67 -4.52
C PRO B 227 27.00 -23.89 -4.99
N ARG B 228 28.31 -23.75 -5.17
CA ARG B 228 29.12 -24.91 -5.53
C ARG B 228 29.21 -25.91 -4.36
N LEU B 229 29.26 -25.41 -3.13
CA LEU B 229 29.29 -26.29 -1.98
C LEU B 229 28.07 -27.21 -2.03
N PHE B 230 26.92 -26.62 -2.26
CA PHE B 230 25.69 -27.37 -2.18
C PHE B 230 25.44 -28.27 -3.40
N GLU B 231 25.99 -27.89 -4.55
CA GLU B 231 25.83 -28.74 -5.73
C GLU B 231 26.59 -30.04 -5.46
N HIS B 232 27.80 -29.92 -4.93
CA HIS B 232 28.61 -31.08 -4.52
C HIS B 232 27.92 -31.93 -3.43
N LEU B 233 27.42 -31.29 -2.37
CA LEU B 233 26.72 -32.04 -1.31
C LEU B 233 25.46 -32.78 -1.79
N ARG B 234 24.68 -32.20 -2.69
CA ARG B 234 23.50 -32.89 -3.16
C ARG B 234 23.85 -34.06 -4.07
N ASN B 235 24.89 -33.91 -4.89
CA ASN B 235 25.38 -35.01 -5.74
C ASN B 235 25.95 -36.14 -4.89
N LYS B 236 26.67 -35.78 -3.84
CA LYS B 236 27.23 -36.74 -2.92
C LYS B 236 26.11 -37.45 -2.13
N LEU B 237 25.28 -36.67 -1.47
CA LEU B 237 24.45 -37.22 -0.40
C LEU B 237 23.00 -37.41 -0.78
N GLY B 238 22.60 -36.81 -1.89
CA GLY B 238 21.22 -36.92 -2.37
C GLY B 238 20.32 -35.97 -1.59
N PHE B 239 19.02 -36.05 -1.85
CA PHE B 239 18.07 -35.10 -1.31
C PHE B 239 17.33 -35.54 -0.06
N GLY B 240 17.77 -36.66 0.51
CA GLY B 240 17.16 -37.24 1.71
C GLY B 240 17.46 -36.47 2.98
N ILE B 241 18.72 -36.11 3.14
CA ILE B 241 19.17 -35.36 4.29
C ILE B 241 18.75 -33.87 4.16
N GLU B 242 18.36 -33.26 5.28
CA GLU B 242 17.98 -31.84 5.26
C GLU B 242 19.21 -30.97 5.58
N PHE B 243 19.43 -29.92 4.79
CA PHE B 243 20.61 -29.08 4.88
C PHE B 243 20.17 -27.68 5.31
N ILE B 244 20.97 -27.08 6.21
CA ILE B 244 20.80 -25.69 6.63
C ILE B 244 22.09 -24.97 6.31
N HIS B 245 22.00 -23.71 5.90
CA HIS B 245 23.18 -22.88 5.70
C HIS B 245 22.99 -21.51 6.33
N ASP B 246 24.03 -21.04 7.01
CA ASP B 246 23.97 -19.82 7.78
C ASP B 246 24.80 -18.74 7.06
N VAL B 247 24.15 -17.69 6.57
CA VAL B 247 24.87 -16.57 5.90
C VAL B 247 25.54 -15.69 6.94
N HIS B 248 25.00 -15.70 8.17
CA HIS B 248 25.56 -14.93 9.28
C HIS B 248 25.81 -13.45 8.95
N GLU B 249 24.89 -12.80 8.23
CA GLU B 249 24.99 -11.37 7.92
C GLU B 249 26.29 -10.96 7.24
N ARG B 250 26.93 -11.89 6.54
CA ARG B 250 28.25 -11.65 5.93
C ARG B 250 28.29 -10.97 4.56
N VAL B 251 27.14 -10.77 3.92
CA VAL B 251 27.11 -10.21 2.57
C VAL B 251 26.11 -9.06 2.47
N THR B 252 26.21 -8.28 1.40
CA THR B 252 25.26 -7.20 1.22
C THR B 252 23.91 -7.80 0.89
N PRO B 253 22.84 -7.05 1.16
CA PRO B 253 21.50 -7.61 1.01
C PRO B 253 21.21 -8.09 -0.40
N VAL B 254 21.55 -7.33 -1.43
CA VAL B 254 21.21 -7.81 -2.76
C VAL B 254 22.00 -9.11 -3.06
N THR B 255 23.20 -9.21 -2.50
CA THR B 255 24.03 -10.42 -2.65
C THR B 255 23.35 -11.64 -2.02
N ALA B 256 22.67 -11.43 -0.87
CA ALA B 256 21.94 -12.48 -0.17
C ALA B 256 20.72 -12.93 -0.95
N ILE B 257 20.06 -11.98 -1.62
CA ILE B 257 18.93 -12.28 -2.47
C ILE B 257 19.37 -13.15 -3.65
N GLN B 258 20.48 -12.77 -4.26
CA GLN B 258 21.00 -13.59 -5.35
C GLN B 258 21.39 -14.98 -4.83
N LEU B 259 22.00 -15.03 -3.66
CA LEU B 259 22.35 -16.33 -3.09
C LEU B 259 21.13 -17.22 -2.80
N ALA B 260 20.09 -16.63 -2.21
CA ALA B 260 18.86 -17.32 -1.93
C ALA B 260 18.22 -17.86 -3.21
N LYS B 261 18.21 -17.05 -4.26
CA LYS B 261 17.69 -17.50 -5.55
C LYS B 261 18.51 -18.66 -6.13
N THR B 262 19.83 -18.55 -6.09
CA THR B 262 20.70 -19.57 -6.69
C THR B 262 20.70 -20.93 -5.97
N LEU B 263 20.46 -20.91 -4.66
CA LEU B 263 20.33 -22.14 -3.87
C LEU B 263 18.95 -22.83 -3.93
N GLU B 264 17.97 -22.22 -4.59
CA GLU B 264 16.64 -22.85 -4.71
C GLU B 264 16.62 -24.33 -5.16
N PRO B 265 17.35 -24.66 -6.24
CA PRO B 265 17.42 -26.06 -6.67
C PRO B 265 17.96 -27.07 -5.62
N TYR B 266 18.68 -26.60 -4.61
CA TYR B 266 19.33 -27.51 -3.68
C TYR B 266 18.47 -27.76 -2.47
N GLN B 267 17.35 -27.05 -2.44
CA GLN B 267 16.31 -27.23 -1.43
C GLN B 267 16.77 -27.27 0.02
N LEU B 268 17.31 -26.15 0.47
CA LEU B 268 17.70 -26.04 1.86
C LEU B 268 16.45 -26.08 2.73
N PHE B 269 16.59 -26.67 3.91
CA PHE B 269 15.61 -26.60 4.97
C PHE B 269 15.44 -25.16 5.40
N TYR B 270 16.54 -24.45 5.63
CA TYR B 270 16.47 -23.00 5.64
C TYR B 270 17.82 -22.35 5.40
N LEU B 271 17.75 -21.12 4.90
CA LEU B 271 18.88 -20.23 4.74
C LEU B 271 18.77 -19.19 5.84
N GLU B 272 19.80 -19.13 6.67
CA GLU B 272 19.74 -18.40 7.90
C GLU B 272 20.44 -17.03 7.86
N ASP B 273 19.83 -16.04 8.50
CA ASP B 273 20.40 -14.70 8.65
C ASP B 273 20.97 -14.11 7.34
N PRO B 274 20.16 -14.05 6.25
CA PRO B 274 20.62 -13.38 5.03
C PRO B 274 20.89 -11.89 5.24
N VAL B 275 20.25 -11.25 6.23
CA VAL B 275 20.51 -9.82 6.50
C VAL B 275 20.77 -9.57 7.98
N ALA B 276 21.45 -8.48 8.30
CA ALA B 276 21.65 -8.04 9.68
C ALA B 276 20.31 -7.49 10.17
N PRO B 277 20.05 -7.53 11.49
CA PRO B 277 18.79 -7.01 12.08
C PRO B 277 18.59 -5.56 11.69
N GLU B 278 19.70 -4.85 11.52
CA GLU B 278 19.68 -3.47 11.00
C GLU B 278 19.16 -3.32 9.56
N ASN B 279 19.14 -4.42 8.79
CA ASN B 279 18.71 -4.39 7.38
C ASN B 279 17.44 -5.21 7.14
N ILE B 280 16.59 -5.41 8.15
CA ILE B 280 15.43 -6.27 7.96
C ILE B 280 14.49 -5.81 6.85
N ASP B 281 14.48 -4.53 6.52
CA ASP B 281 13.54 -4.05 5.47
C ASP B 281 13.85 -4.61 4.08
N TRP B 282 15.07 -5.09 3.91
CA TRP B 282 15.46 -5.70 2.66
C TRP B 282 14.82 -7.07 2.43
N LEU B 283 14.26 -7.67 3.48
CA LEU B 283 13.60 -8.93 3.29
C LEU B 283 12.30 -8.79 2.46
N ARG B 284 11.75 -7.61 2.37
CA ARG B 284 10.62 -7.36 1.51
C ARG B 284 10.96 -7.69 0.04
N MET B 285 12.04 -7.12 -0.44
CA MET B 285 12.58 -7.49 -1.74
C MET B 285 12.94 -8.99 -1.89
N LEU B 286 13.63 -9.54 -0.91
CA LEU B 286 14.08 -10.92 -1.05
C LEU B 286 12.88 -11.87 -1.26
N ARG B 287 11.82 -11.65 -0.47
CA ARG B 287 10.63 -12.50 -0.47
C ARG B 287 9.69 -12.28 -1.65
N GLN B 288 9.89 -11.23 -2.43
CA GLN B 288 9.19 -11.12 -3.72
C GLN B 288 9.89 -11.98 -4.78
N GLN B 289 11.10 -12.46 -4.50
CA GLN B 289 11.90 -13.05 -5.55
C GLN B 289 12.36 -14.47 -5.30
N SER B 290 12.47 -14.86 -4.03
CA SER B 290 13.04 -16.18 -3.73
C SER B 290 12.08 -17.09 -2.97
N SER B 291 12.13 -18.39 -3.28
CA SER B 291 11.35 -19.41 -2.58
C SER B 291 12.20 -20.30 -1.67
N THR B 292 13.42 -19.91 -1.39
CA THR B 292 14.26 -20.61 -0.42
C THR B 292 13.77 -20.22 0.98
N PRO B 293 13.51 -21.21 1.88
CA PRO B 293 13.04 -20.89 3.22
C PRO B 293 14.07 -20.10 4.01
N ILE B 294 13.58 -19.19 4.85
CA ILE B 294 14.47 -18.22 5.49
C ILE B 294 14.27 -18.28 6.98
N SER B 295 15.37 -18.30 7.72
CA SER B 295 15.29 -18.14 9.17
C SER B 295 15.98 -16.84 9.56
N MET B 296 15.44 -16.15 10.58
CA MET B 296 16.08 -14.95 11.12
C MET B 296 15.88 -14.93 12.64
N GLY B 297 16.76 -14.26 13.37
CA GLY B 297 16.42 -13.85 14.71
C GLY B 297 17.37 -14.13 15.85
N GLU B 298 18.49 -14.80 15.64
CA GLU B 298 19.31 -15.11 16.80
C GLU B 298 19.85 -13.84 17.45
N LEU B 299 20.08 -12.80 16.64
CA LEU B 299 20.49 -11.50 17.19
C LEU B 299 19.35 -10.65 17.75
N PHE B 300 18.09 -11.04 17.58
CA PHE B 300 16.96 -10.12 17.95
C PHE B 300 16.75 -9.86 19.47
N VAL B 301 16.52 -8.60 19.83
CA VAL B 301 16.30 -8.27 21.24
C VAL B 301 15.08 -7.36 21.45
N ASN B 302 14.35 -7.12 20.37
CA ASN B 302 13.37 -6.04 20.33
C ASN B 302 12.19 -6.51 19.49
N ILE B 303 10.98 -6.25 19.95
CA ILE B 303 9.78 -6.71 19.25
C ILE B 303 9.63 -6.00 17.91
N ASN B 304 10.27 -4.85 17.75
CA ASN B 304 10.14 -4.09 16.52
C ASN B 304 11.03 -4.67 15.46
N GLU B 305 11.85 -5.62 15.87
CA GLU B 305 12.69 -6.36 14.93
C GLU B 305 11.95 -7.58 14.35
N TRP B 306 11.25 -8.34 15.19
CA TRP B 306 10.62 -9.55 14.69
C TRP B 306 9.15 -9.38 14.26
N LYS B 307 8.42 -8.45 14.84
CA LYS B 307 6.97 -8.38 14.58
C LYS B 307 6.62 -7.99 13.12
N PRO B 308 7.39 -7.06 12.53
CA PRO B 308 7.15 -6.73 11.10
C PRO B 308 7.46 -7.91 10.17
N LEU B 309 8.49 -8.68 10.45
CA LEU B 309 8.86 -9.82 9.62
C LEU B 309 7.82 -10.91 9.70
N ILE B 310 7.41 -11.23 10.92
CA ILE B 310 6.41 -12.27 11.08
C ILE B 310 5.01 -11.83 10.57
N ASP B 311 4.64 -10.58 10.84
CA ASP B 311 3.39 -10.03 10.34
C ASP B 311 3.26 -10.10 8.81
N ASN B 312 4.37 -9.96 8.11
CA ASN B 312 4.37 -9.93 6.65
C ASN B 312 4.91 -11.18 5.98
N LYS B 313 5.04 -12.25 6.76
CA LYS B 313 5.44 -13.53 6.22
C LYS B 313 6.81 -13.44 5.58
N LEU B 314 7.68 -12.65 6.18
CA LEU B 314 9.00 -12.42 5.58
C LEU B 314 10.07 -13.46 5.97
N ILE B 315 9.73 -14.36 6.89
CA ILE B 315 10.63 -15.46 7.26
C ILE B 315 9.78 -16.71 7.46
N ASP B 316 10.39 -17.87 7.48
CA ASP B 316 9.69 -19.12 7.71
C ASP B 316 9.97 -19.72 9.07
N TYR B 317 11.10 -19.33 9.67
CA TYR B 317 11.51 -19.81 11.02
C TYR B 317 12.07 -18.66 11.81
N ILE B 318 11.67 -18.55 13.07
CA ILE B 318 12.18 -17.49 13.95
C ILE B 318 13.23 -18.12 14.84
N ARG B 319 14.40 -17.47 14.94
CA ARG B 319 15.61 -18.10 15.53
C ARG B 319 16.06 -17.53 16.88
N CYS B 320 15.18 -16.85 17.61
CA CYS B 320 15.66 -16.13 18.79
C CYS B 320 16.41 -17.00 19.78
N HIS B 321 17.32 -16.37 20.49
CA HIS B 321 18.07 -17.02 21.53
C HIS B 321 17.22 -16.67 22.75
N VAL B 322 16.59 -17.69 23.34
CA VAL B 322 15.56 -17.50 24.33
C VAL B 322 15.90 -16.57 25.48
N SER B 323 17.07 -16.74 26.08
CA SER B 323 17.42 -15.86 27.20
C SER B 323 17.62 -14.40 26.74
N THR B 324 17.91 -14.19 25.45
CA THR B 324 18.25 -12.87 24.95
C THR B 324 16.98 -12.10 24.62
N ILE B 325 15.85 -12.81 24.52
CA ILE B 325 14.60 -12.11 24.43
C ILE B 325 13.89 -12.02 25.78
N GLY B 326 14.50 -12.55 26.83
CA GLY B 326 13.90 -12.38 28.16
C GLY B 326 13.32 -13.61 28.84
N GLY B 327 13.50 -14.78 28.23
CA GLY B 327 13.14 -16.02 28.89
C GLY B 327 11.96 -16.76 28.27
N ILE B 328 11.40 -17.69 29.03
CA ILE B 328 10.31 -18.56 28.57
C ILE B 328 9.06 -17.76 28.34
N THR B 329 8.81 -16.77 29.20
CA THR B 329 7.58 -15.99 29.10
C THR B 329 7.43 -15.24 27.76
N PRO B 330 8.35 -14.33 27.47
CA PRO B 330 8.23 -13.74 26.13
C PRO B 330 8.44 -14.75 25.01
N ALA B 331 9.22 -15.80 25.23
CA ALA B 331 9.48 -16.74 24.11
C ALA B 331 8.23 -17.54 23.67
N LYS B 332 7.41 -17.89 24.66
CA LYS B 332 6.13 -18.55 24.45
C LYS B 332 5.19 -17.62 23.70
N LYS B 333 5.16 -16.36 24.07
CA LYS B 333 4.33 -15.40 23.34
C LYS B 333 4.75 -15.30 21.87
N LEU B 334 6.06 -15.28 21.63
CA LEU B 334 6.60 -15.19 20.27
C LEU B 334 6.29 -16.47 19.48
N ALA B 335 6.39 -17.63 20.11
CA ALA B 335 6.00 -18.89 19.47
C ALA B 335 4.52 -18.85 19.02
N VAL B 336 3.66 -18.31 19.88
CA VAL B 336 2.23 -18.20 19.58
C VAL B 336 1.98 -17.19 18.47
N TYR B 337 2.71 -16.07 18.53
CA TYR B 337 2.59 -15.06 17.50
C TYR B 337 2.98 -15.61 16.14
N SER B 338 4.08 -16.34 16.12
CA SER B 338 4.53 -17.00 14.93
C SER B 338 3.51 -18.05 14.44
N GLU B 339 2.88 -18.74 15.40
CA GLU B 339 1.95 -19.84 15.09
C GLU B 339 0.75 -19.33 14.29
N LEU B 340 0.17 -18.25 14.76
CA LEU B 340 -0.99 -17.65 14.11
C LEU B 340 -0.61 -17.13 12.73
N ASN B 341 0.68 -16.90 12.49
CA ASN B 341 1.11 -16.44 11.19
C ASN B 341 1.73 -17.51 10.33
N GLY B 342 1.70 -18.76 10.79
CA GLY B 342 2.24 -19.87 10.02
C GLY B 342 3.77 -19.93 9.97
N VAL B 343 4.46 -19.29 10.92
CA VAL B 343 5.95 -19.27 10.96
C VAL B 343 6.34 -20.26 12.03
N ARG B 344 7.40 -21.04 11.83
CA ARG B 344 7.76 -22.04 12.84
C ARG B 344 8.98 -21.65 13.71
N THR B 345 9.19 -22.32 14.84
CA THR B 345 10.27 -21.94 15.71
C THR B 345 11.54 -22.72 15.40
N ALA B 346 12.68 -22.09 15.62
CA ALA B 346 14.00 -22.73 15.47
C ALA B 346 14.95 -22.06 16.44
N TRP B 347 14.74 -22.30 17.74
CA TRP B 347 15.40 -21.49 18.80
C TRP B 347 16.89 -21.72 18.72
N HIS B 348 17.67 -20.66 19.02
CA HIS B 348 19.11 -20.70 18.96
C HIS B 348 19.62 -21.76 19.95
N GLY B 349 20.43 -22.70 19.46
CA GLY B 349 21.01 -23.75 20.32
C GLY B 349 22.50 -23.93 20.09
N PRO B 350 23.29 -22.85 20.27
CA PRO B 350 24.72 -22.94 20.01
C PRO B 350 25.46 -23.53 21.24
N GLY B 351 26.78 -23.45 21.25
CA GLY B 351 27.57 -23.86 22.42
C GLY B 351 27.46 -22.86 23.57
N ASP B 352 27.27 -21.58 23.23
CA ASP B 352 27.08 -20.57 24.26
C ASP B 352 25.62 -20.44 24.72
N ILE B 353 25.13 -21.51 25.35
CA ILE B 353 23.84 -21.50 26.06
C ILE B 353 24.02 -22.55 27.15
N SER B 354 23.49 -22.33 28.35
CA SER B 354 23.73 -23.39 29.34
C SER B 354 22.80 -24.57 29.12
N PRO B 355 23.10 -25.70 29.76
CA PRO B 355 22.17 -26.81 29.67
C PRO B 355 20.77 -26.47 30.20
N VAL B 356 20.68 -25.48 31.09
CA VAL B 356 19.39 -24.98 31.53
C VAL B 356 18.62 -24.34 30.37
N GLY B 357 19.27 -23.42 29.64
CA GLY B 357 18.66 -22.85 28.43
C GLY B 357 18.30 -23.89 27.38
N VAL B 358 19.12 -24.92 27.29
CA VAL B 358 18.81 -26.01 26.38
C VAL B 358 17.46 -26.66 26.74
N CYS B 359 17.22 -26.85 28.04
CA CYS B 359 16.00 -27.47 28.51
C CYS B 359 14.79 -26.56 28.29
N ALA B 360 14.93 -25.27 28.58
CA ALA B 360 13.89 -24.31 28.21
C ALA B 360 13.55 -24.40 26.71
N ASN B 361 14.56 -24.43 25.83
CA ASN B 361 14.29 -24.56 24.39
C ASN B 361 13.40 -25.77 24.15
N MET B 362 13.78 -26.88 24.78
CA MET B 362 13.14 -28.13 24.47
C MET B 362 11.77 -28.22 25.12
N HIS B 363 11.55 -27.52 26.22
CA HIS B 363 10.20 -27.51 26.78
C HIS B 363 9.29 -26.65 25.91
N LEU B 364 9.78 -25.51 25.43
CA LEU B 364 9.07 -24.78 24.37
C LEU B 364 8.87 -25.68 23.17
N ASP B 365 9.91 -26.42 22.76
CA ASP B 365 9.83 -27.31 21.59
C ASP B 365 8.76 -28.40 21.70
N MET B 366 8.61 -28.96 22.90
CA MET B 366 7.65 -30.05 23.11
CA MET B 366 7.65 -30.04 23.16
C MET B 366 6.19 -29.55 23.15
N SER B 367 5.95 -28.31 23.54
CA SER B 367 4.56 -27.81 23.63
C SER B 367 4.13 -26.85 22.50
N SER B 368 4.99 -26.67 21.49
CA SER B 368 4.65 -25.81 20.35
C SER B 368 4.13 -26.63 19.16
N PRO B 369 2.87 -26.38 18.75
CA PRO B 369 2.37 -27.00 17.53
C PRO B 369 3.15 -26.51 16.31
N ASN B 370 3.65 -25.26 16.31
CA ASN B 370 4.47 -24.75 15.20
C ASN B 370 5.98 -24.93 15.41
N PHE B 371 6.37 -25.96 16.17
CA PHE B 371 7.80 -26.28 16.31
C PHE B 371 8.40 -26.52 14.92
N GLY B 372 9.57 -25.97 14.63
CA GLY B 372 10.23 -26.26 13.35
C GLY B 372 11.42 -27.21 13.46
N ILE B 373 12.42 -26.85 14.24
CA ILE B 373 13.62 -27.71 14.37
C ILE B 373 14.43 -27.21 15.55
N GLN B 374 15.26 -28.07 16.12
CA GLN B 374 16.11 -27.68 17.23
C GLN B 374 17.58 -27.86 16.89
N GLU B 375 18.28 -26.76 16.68
CA GLU B 375 19.72 -26.75 16.68
C GLU B 375 20.27 -27.34 17.98
N TYR B 376 21.31 -28.16 17.88
CA TYR B 376 21.89 -28.78 19.05
C TYR B 376 23.41 -28.85 19.00
N THR B 377 24.05 -28.44 20.08
CA THR B 377 25.50 -28.54 20.21
C THR B 377 25.83 -29.63 21.25
N PRO B 378 26.41 -30.77 20.80
CA PRO B 378 26.70 -31.90 21.70
C PRO B 378 27.56 -31.49 22.89
N MET B 379 27.29 -32.05 24.07
CA MET B 379 27.92 -31.61 25.28
C MET B 379 29.08 -32.53 25.63
N ASN B 380 30.03 -32.05 26.42
CA ASN B 380 31.11 -32.94 26.90
C ASN B 380 30.73 -33.58 28.23
N ASP B 381 31.60 -34.42 28.79
CA ASP B 381 31.31 -35.07 30.06
C ASP B 381 31.17 -34.03 31.17
N ALA B 382 32.05 -33.02 31.14
CA ALA B 382 32.05 -32.04 32.20
C ALA B 382 30.71 -31.28 32.30
N LEU B 383 30.09 -30.99 31.16
CA LEU B 383 28.79 -30.30 31.16
C LEU B 383 27.69 -31.15 31.79
N ARG B 384 27.64 -32.43 31.43
CA ARG B 384 26.68 -33.37 32.01
C ARG B 384 26.93 -33.58 33.49
N GLU B 385 28.19 -33.51 33.90
CA GLU B 385 28.50 -33.66 35.33
C GLU B 385 28.09 -32.44 36.14
N VAL B 386 28.33 -31.24 35.62
CA VAL B 386 27.95 -30.02 36.32
C VAL B 386 26.43 -29.75 36.27
N PHE B 387 25.77 -30.25 35.23
CA PHE B 387 24.32 -30.02 35.09
C PHE B 387 23.55 -31.32 35.05
N PRO B 388 23.30 -31.93 36.23
CA PRO B 388 22.50 -33.17 36.23
C PRO B 388 21.10 -33.00 35.58
N GLY B 389 20.72 -33.94 34.73
CA GLY B 389 19.41 -33.87 34.03
C GLY B 389 19.41 -33.48 32.54
N CYS B 390 20.57 -33.34 31.93
CA CYS B 390 20.62 -33.05 30.49
C CYS B 390 19.71 -33.98 29.66
N PRO B 391 18.98 -33.42 28.68
CA PRO B 391 18.12 -34.24 27.83
C PRO B 391 18.91 -35.39 27.20
N GLU B 392 18.24 -36.52 27.06
CA GLU B 392 18.83 -37.66 26.36
C GLU B 392 18.78 -37.45 24.84
N ILE B 393 19.91 -37.73 24.20
CA ILE B 393 20.05 -37.57 22.77
C ILE B 393 20.19 -38.95 22.13
N ASP B 394 19.24 -39.33 21.29
CA ASP B 394 19.18 -40.68 20.75
C ASP B 394 18.80 -40.66 19.25
N GLN B 395 19.77 -40.96 18.39
CA GLN B 395 19.55 -41.01 16.93
CA GLN B 395 19.52 -41.03 16.95
C GLN B 395 18.83 -39.78 16.38
N GLY B 396 19.40 -38.61 16.66
CA GLY B 396 18.92 -37.36 16.09
C GLY B 396 17.67 -36.78 16.73
N TYR B 397 17.21 -37.37 17.82
CA TYR B 397 16.10 -36.82 18.56
C TYR B 397 16.52 -36.46 19.97
N ALA B 398 15.95 -35.42 20.56
CA ALA B 398 16.20 -35.25 21.99
C ALA B 398 14.95 -35.69 22.72
N TYR B 399 15.15 -36.35 23.85
CA TYR B 399 14.05 -36.75 24.68
C TYR B 399 14.15 -36.10 26.06
N VAL B 400 13.25 -35.17 26.36
CA VAL B 400 13.26 -34.50 27.67
C VAL B 400 12.81 -35.46 28.77
N ASN B 401 13.30 -35.29 30.00
CA ASN B 401 12.82 -36.11 31.10
C ASN B 401 11.44 -35.60 31.59
N ASP B 402 10.75 -36.39 32.39
CA ASP B 402 9.44 -35.97 32.85
C ASP B 402 9.52 -35.44 34.27
N LYS B 403 10.71 -35.00 34.66
CA LYS B 403 10.93 -34.52 36.01
C LYS B 403 10.31 -33.11 36.15
N PRO B 404 9.79 -32.77 37.34
CA PRO B 404 9.07 -31.50 37.51
C PRO B 404 9.92 -30.27 37.14
N GLY B 405 9.29 -29.18 36.72
CA GLY B 405 10.02 -27.99 36.32
C GLY B 405 10.80 -28.24 35.04
N LEU B 406 12.02 -27.73 35.01
CA LEU B 406 12.80 -27.86 33.78
C LEU B 406 13.56 -29.17 33.73
N GLY B 407 13.50 -29.95 34.82
CA GLY B 407 14.17 -31.24 34.93
C GLY B 407 15.69 -31.16 34.92
N ILE B 408 16.22 -30.06 35.44
CA ILE B 408 17.64 -29.77 35.29
C ILE B 408 18.17 -29.16 36.59
N ASP B 409 19.43 -29.42 36.91
CA ASP B 409 20.01 -28.84 38.10
C ASP B 409 21.48 -28.47 37.86
N ILE B 410 22.09 -27.86 38.86
CA ILE B 410 23.48 -27.49 38.73
C ILE B 410 24.18 -27.89 40.00
N ASN B 411 25.30 -28.58 39.85
CA ASN B 411 26.12 -28.88 41.01
C ASN B 411 27.10 -27.73 41.26
N GLU B 412 26.79 -26.90 42.25
CA GLU B 412 27.57 -25.68 42.50
C GLU B 412 29.07 -25.92 42.83
N THR B 413 29.35 -27.04 43.45
CA THR B 413 30.75 -27.43 43.71
C THR B 413 31.58 -27.84 42.47
N LEU B 414 31.04 -28.69 41.61
CA LEU B 414 31.77 -29.04 40.40
C LEU B 414 31.84 -27.82 39.46
N ALA B 415 30.83 -26.94 39.54
CA ALA B 415 30.81 -25.78 38.66
C ALA B 415 32.02 -24.91 38.93
N GLU B 416 32.46 -24.90 40.19
CA GLU B 416 33.57 -24.05 40.62
C GLU B 416 34.91 -24.53 40.06
N LYS B 417 34.98 -25.80 39.67
CA LYS B 417 36.18 -26.35 39.06
C LYS B 417 36.45 -25.79 37.66
N TYR B 418 35.50 -25.04 37.11
CA TYR B 418 35.60 -24.46 35.76
C TYR B 418 35.31 -22.95 35.78
N PRO B 419 36.22 -22.13 36.33
CA PRO B 419 36.00 -20.68 36.31
C PRO B 419 35.94 -20.15 34.88
N CYS B 420 35.24 -19.04 34.69
CA CYS B 420 35.09 -18.46 33.37
C CYS B 420 36.40 -17.86 32.89
N ASP B 421 36.65 -17.93 31.59
CA ASP B 421 37.89 -17.38 31.05
C ASP B 421 37.86 -15.85 31.03
N GLY B 422 36.79 -15.28 30.52
CA GLY B 422 36.73 -13.84 30.25
C GLY B 422 37.36 -13.52 28.91
N GLY B 423 37.77 -12.28 28.71
CA GLY B 423 38.39 -11.89 27.46
C GLY B 423 37.41 -11.62 26.33
N ILE B 424 37.90 -11.01 25.27
CA ILE B 424 37.09 -10.66 24.11
C ILE B 424 37.40 -11.60 22.95
N PRO B 425 36.35 -12.08 22.27
CA PRO B 425 36.61 -13.01 21.19
C PRO B 425 37.24 -12.28 20.01
N SER B 426 38.17 -12.95 19.34
CA SER B 426 38.78 -12.41 18.13
C SER B 426 37.78 -12.33 16.97
N TRP B 427 36.80 -13.25 16.94
CA TRP B 427 36.01 -13.40 15.71
C TRP B 427 35.04 -12.25 15.44
N THR B 428 34.70 -11.49 16.49
CA THR B 428 33.77 -10.40 16.31
C THR B 428 34.55 -9.20 15.71
N MET B 429 35.85 -9.33 15.50
CA MET B 429 36.59 -8.26 14.76
C MET B 429 36.84 -8.69 13.30
N ALA B 430 35.82 -8.57 12.46
CA ALA B 430 35.92 -9.10 11.10
C ALA B 430 36.07 -7.95 10.13
N ARG B 431 36.94 -8.10 9.15
CA ARG B 431 37.22 -7.02 8.22
C ARG B 431 37.15 -7.54 6.81
N THR B 432 36.64 -6.72 5.89
CA THR B 432 36.60 -7.12 4.50
C THR B 432 37.98 -6.85 3.88
N PRO B 433 38.19 -7.23 2.61
CA PRO B 433 39.55 -7.08 2.09
C PRO B 433 40.18 -5.69 2.21
N ASP B 434 39.40 -4.62 2.06
CA ASP B 434 39.99 -3.28 2.20
C ASP B 434 40.18 -2.80 3.64
N GLY B 435 39.79 -3.59 4.64
CA GLY B 435 40.02 -3.23 6.04
C GLY B 435 38.78 -2.76 6.79
N THR B 436 37.63 -2.77 6.12
CA THR B 436 36.42 -2.19 6.74
C THR B 436 35.91 -3.12 7.84
N ALA B 437 35.59 -2.56 9.01
CA ALA B 437 35.03 -3.34 10.12
C ALA B 437 33.60 -3.70 9.76
N SER B 438 33.26 -4.96 9.96
CA SER B 438 32.03 -5.50 9.41
C SER B 438 31.20 -6.17 10.48
N ARG B 439 29.91 -6.31 10.21
CA ARG B 439 29.08 -7.07 11.12
C ARG B 439 29.45 -8.55 11.02
N PRO B 440 29.90 -9.14 12.14
CA PRO B 440 30.35 -10.50 12.08
C PRO B 440 29.14 -11.42 12.11
N LYS C 26 39.52 38.17 13.86
CA LYS C 26 38.36 37.40 13.34
C LYS C 26 38.59 36.91 11.91
N LEU C 27 38.45 35.60 11.72
CA LEU C 27 38.66 34.93 10.46
C LEU C 27 37.56 35.26 9.46
N LYS C 28 37.93 35.76 8.29
CA LYS C 28 36.92 36.17 7.30
C LYS C 28 37.39 35.73 5.93
N ILE C 29 36.45 35.52 5.03
CA ILE C 29 36.74 35.15 3.65
C ILE C 29 36.98 36.48 2.96
N THR C 30 38.04 36.56 2.19
CA THR C 30 38.39 37.84 1.61
C THR C 30 38.24 37.83 0.09
N ASN C 31 38.31 36.65 -0.50
CA ASN C 31 38.25 36.57 -1.95
C ASN C 31 37.80 35.19 -2.40
N VAL C 32 37.14 35.12 -3.55
CA VAL C 32 36.68 33.87 -4.11
C VAL C 32 36.87 33.98 -5.60
N LYS C 33 37.71 33.12 -6.17
CA LYS C 33 37.93 33.13 -7.61
C LYS C 33 37.78 31.76 -8.24
N THR C 34 37.45 31.76 -9.53
CA THR C 34 37.26 30.54 -10.29
C THR C 34 38.45 30.35 -11.20
N ILE C 35 38.93 29.13 -11.33
CA ILE C 35 40.02 28.84 -12.24
C ILE C 35 39.56 27.76 -13.22
N LEU C 36 39.55 28.12 -14.51
CA LEU C 36 39.20 27.20 -15.57
C LEU C 36 40.48 26.72 -16.25
N THR C 37 40.64 25.40 -16.40
CA THR C 37 41.85 24.81 -16.97
C THR C 37 41.53 23.42 -17.51
N ALA C 38 42.36 22.91 -18.42
CA ALA C 38 42.08 21.64 -19.07
C ALA C 38 43.34 20.80 -19.30
N PRO C 39 44.08 20.49 -18.24
CA PRO C 39 45.39 19.84 -18.37
C PRO C 39 45.24 18.45 -18.91
N GLY C 40 44.10 17.82 -18.66
CA GLY C 40 43.86 16.48 -19.15
C GLY C 40 43.06 16.43 -20.44
N GLY C 41 42.89 17.57 -21.10
CA GLY C 41 42.05 17.63 -22.31
C GLY C 41 40.55 17.83 -22.04
N ILE C 42 40.19 17.98 -20.76
CA ILE C 42 38.77 18.14 -20.39
C ILE C 42 38.63 19.38 -19.54
N ASP C 43 37.71 20.26 -19.93
CA ASP C 43 37.48 21.49 -19.20
C ASP C 43 37.13 21.28 -17.73
N LEU C 44 37.96 21.84 -16.83
CA LEU C 44 37.77 21.75 -15.38
C LEU C 44 37.51 23.13 -14.80
N ALA C 45 36.71 23.20 -13.73
CA ALA C 45 36.60 24.41 -12.92
C ALA C 45 36.89 24.15 -11.45
N VAL C 46 37.72 25.01 -10.86
CA VAL C 46 38.16 24.87 -9.46
C VAL C 46 37.97 26.23 -8.80
N VAL C 47 37.48 26.24 -7.57
CA VAL C 47 37.25 27.47 -6.84
C VAL C 47 38.31 27.60 -5.74
N LYS C 48 38.87 28.80 -5.58
CA LYS C 48 39.81 29.07 -4.50
C LYS C 48 39.14 30.09 -3.56
N VAL C 49 38.98 29.74 -2.30
CA VAL C 49 38.43 30.68 -1.31
C VAL C 49 39.59 31.12 -0.42
N GLU C 50 39.87 32.41 -0.41
CA GLU C 50 40.98 32.94 0.41
C GLU C 50 40.47 33.63 1.67
N THR C 51 41.28 33.62 2.72
CA THR C 51 40.88 34.22 4.00
C THR C 51 41.91 35.24 4.46
N ASN C 52 41.59 35.97 5.52
CA ASN C 52 42.55 36.92 6.11
C ASN C 52 43.52 36.29 7.13
N GLU C 53 43.75 34.98 7.03
CA GLU C 53 44.83 34.38 7.81
C GLU C 53 45.92 33.84 6.86
N PRO C 54 47.19 34.11 7.18
CA PRO C 54 48.32 33.75 6.29
C PRO C 54 48.37 32.25 5.92
N GLY C 55 48.47 31.95 4.63
CA GLY C 55 48.55 30.54 4.19
C GLY C 55 47.25 29.72 4.28
N LEU C 56 46.15 30.37 4.63
CA LEU C 56 44.88 29.71 4.83
C LEU C 56 43.90 29.98 3.69
N TYR C 57 43.77 28.98 2.82
CA TYR C 57 42.86 29.05 1.67
C TYR C 57 42.37 27.65 1.36
N GLY C 58 41.24 27.56 0.68
CA GLY C 58 40.74 26.26 0.31
C GLY C 58 40.49 26.17 -1.17
N LEU C 59 40.57 24.94 -1.70
CA LEU C 59 40.23 24.62 -3.09
C LEU C 59 38.99 23.70 -3.14
N GLY C 60 38.18 23.87 -4.17
CA GLY C 60 37.10 22.92 -4.37
C GLY C 60 36.74 22.78 -5.83
N CYS C 61 35.96 21.75 -6.11
CA CYS C 61 35.61 21.42 -7.47
C CYS C 61 34.21 21.90 -7.82
N ALA C 62 34.10 22.57 -8.95
CA ALA C 62 32.84 23.06 -9.48
C ALA C 62 32.70 22.53 -10.90
N THR C 63 33.21 21.34 -11.15
CA THR C 63 33.32 20.95 -12.54
C THR C 63 32.05 20.33 -13.12
N PHE C 64 31.29 21.14 -13.85
CA PHE C 64 30.18 20.70 -14.72
C PHE C 64 30.74 21.02 -16.11
N THR C 65 31.44 20.06 -16.68
CA THR C 65 32.34 20.40 -17.77
C THR C 65 31.63 20.95 -19.03
N GLN C 66 30.43 20.45 -19.31
CA GLN C 66 29.67 20.94 -20.46
C GLN C 66 29.06 22.33 -20.24
N ARG C 67 29.06 22.81 -19.01
CA ARG C 67 28.58 24.18 -18.80
C ARG C 67 29.56 25.07 -18.01
N ILE C 68 30.85 24.83 -18.14
CA ILE C 68 31.81 25.52 -17.25
C ILE C 68 31.65 27.04 -17.25
N PHE C 69 31.39 27.62 -18.40
CA PHE C 69 31.35 29.09 -18.48
C PHE C 69 30.18 29.69 -17.70
N ALA C 70 29.07 28.97 -17.63
CA ALA C 70 27.93 29.42 -16.84
C ALA C 70 28.20 29.26 -15.34
N VAL C 71 28.92 28.19 -14.97
CA VAL C 71 29.33 27.91 -13.59
C VAL C 71 30.28 29.00 -13.14
N LYS C 72 31.16 29.44 -14.01
CA LYS C 72 32.06 30.53 -13.63
C LYS C 72 31.21 31.80 -13.45
N SER C 73 30.25 32.01 -14.34
CA SER C 73 29.42 33.18 -14.17
C SER C 73 28.66 33.12 -12.83
N ALA C 74 28.06 31.99 -12.50
CA ALA C 74 27.37 31.83 -11.22
C ALA C 74 28.25 32.08 -9.97
N ILE C 75 29.49 31.60 -10.00
CA ILE C 75 30.42 31.82 -8.89
C ILE C 75 30.86 33.29 -8.84
N ASP C 76 31.33 33.82 -9.96
CA ASP C 76 31.86 35.18 -10.00
C ASP C 76 30.80 36.27 -9.74
N GLU C 77 29.60 36.11 -10.28
CA GLU C 77 28.59 37.17 -10.15
C GLU C 77 27.78 37.07 -8.85
N TYR C 78 27.71 35.88 -8.29
CA TYR C 78 26.74 35.60 -7.22
C TYR C 78 27.38 35.02 -5.96
N MET C 79 28.11 33.93 -6.10
CA MET C 79 28.69 33.32 -4.91
C MET C 79 29.74 34.22 -4.27
N ALA C 80 30.64 34.76 -5.08
CA ALA C 80 31.71 35.56 -4.56
C ALA C 80 31.19 36.72 -3.71
N PRO C 81 30.27 37.53 -4.24
CA PRO C 81 29.81 38.61 -3.35
C PRO C 81 29.02 38.17 -2.13
N PHE C 82 28.33 37.05 -2.25
CA PHE C 82 27.64 36.47 -1.11
C PHE C 82 28.59 36.09 0.04
N LEU C 83 29.81 35.64 -0.27
CA LEU C 83 30.72 35.13 0.75
C LEU C 83 31.66 36.13 1.42
N ILE C 84 32.04 37.20 0.68
CA ILE C 84 33.10 38.09 1.17
C ILE C 84 32.78 38.67 2.55
N GLY C 85 33.68 38.52 3.51
CA GLY C 85 33.47 39.08 4.85
C GLY C 85 32.82 38.14 5.84
N LYS C 86 32.45 36.93 5.38
CA LYS C 86 31.83 35.95 6.29
C LYS C 86 32.89 34.99 6.87
N ASP C 87 32.55 34.40 8.00
CA ASP C 87 33.41 33.43 8.67
C ASP C 87 33.39 32.06 8.01
N PRO C 88 34.55 31.60 7.47
CA PRO C 88 34.48 30.37 6.71
C PRO C 88 34.25 29.09 7.53
N THR C 89 34.32 29.15 8.86
CA THR C 89 34.16 27.92 9.65
C THR C 89 32.69 27.49 9.82
N ARG C 90 31.72 28.33 9.44
CA ARG C 90 30.33 27.96 9.54
C ARG C 90 29.87 27.29 8.23
N ILE C 91 30.49 26.14 7.91
CA ILE C 91 30.24 25.46 6.65
C ILE C 91 28.76 25.19 6.38
N GLU C 92 28.06 24.69 7.39
CA GLU C 92 26.64 24.36 7.24
C GLU C 92 25.76 25.62 7.11
N ASP C 93 26.03 26.66 7.90
CA ASP C 93 25.23 27.87 7.78
C ASP C 93 25.37 28.45 6.37
N ILE C 94 26.60 28.52 5.90
CA ILE C 94 26.89 29.09 4.60
C ILE C 94 26.21 28.26 3.51
N TRP C 95 26.34 26.93 3.60
CA TRP C 95 25.75 26.03 2.60
C TRP C 95 24.25 26.23 2.54
N GLN C 96 23.58 26.14 3.69
CA GLN C 96 22.13 26.31 3.76
C GLN C 96 21.73 27.66 3.20
N SER C 97 22.39 28.72 3.64
CA SER C 97 22.00 30.07 3.21
C SER C 97 22.36 30.41 1.74
N ALA C 98 23.46 29.88 1.25
CA ALA C 98 23.81 30.08 -0.14
C ALA C 98 22.84 29.29 -1.02
N ALA C 99 22.42 28.13 -0.54
CA ALA C 99 21.69 27.23 -1.41
C ALA C 99 20.40 27.91 -1.78
N VAL C 100 19.91 28.76 -0.89
CA VAL C 100 18.60 29.35 -1.10
C VAL C 100 18.69 30.82 -1.46
N SER C 101 19.92 31.33 -1.63
CA SER C 101 20.14 32.78 -1.87
C SER C 101 19.48 33.32 -3.14
N GLY C 102 19.30 32.47 -4.14
CA GLY C 102 18.59 32.93 -5.32
C GLY C 102 17.16 32.40 -5.41
N TYR C 103 16.63 31.91 -4.28
CA TYR C 103 15.26 31.36 -4.18
C TYR C 103 15.07 30.02 -4.89
N TRP C 104 14.95 30.04 -6.20
CA TRP C 104 15.00 28.79 -6.98
C TRP C 104 16.37 28.16 -6.76
N ARG C 105 16.44 26.83 -6.83
CA ARG C 105 17.60 26.04 -6.42
C ARG C 105 17.49 24.60 -7.00
N ASN C 106 18.43 23.74 -6.62
CA ASN C 106 18.44 22.34 -7.06
C ASN C 106 18.64 22.16 -8.55
N GLY C 107 19.82 22.47 -9.04
CA GLY C 107 20.14 22.21 -10.44
C GLY C 107 21.64 22.08 -10.55
N PRO C 108 22.12 21.48 -11.64
CA PRO C 108 23.55 21.19 -11.81
C PRO C 108 24.49 22.41 -11.78
N ILE C 109 24.15 23.50 -12.46
CA ILE C 109 24.99 24.72 -12.38
C ILE C 109 25.02 25.34 -10.96
N MET C 110 23.84 25.58 -10.39
CA MET C 110 23.70 26.07 -9.01
C MET C 110 24.43 25.19 -8.01
N ASN C 111 24.18 23.89 -8.08
CA ASN C 111 24.86 22.96 -7.16
C ASN C 111 26.38 23.01 -7.30
N ASN C 112 26.87 23.09 -8.55
CA ASN C 112 28.31 23.11 -8.76
C ASN C 112 29.02 24.34 -8.18
N ALA C 113 28.38 25.48 -8.29
CA ALA C 113 28.91 26.71 -7.70
C ALA C 113 28.95 26.54 -6.18
N LEU C 114 27.90 25.93 -5.62
CA LEU C 114 27.81 25.61 -4.21
C LEU C 114 28.91 24.61 -3.78
N SER C 115 29.14 23.58 -4.59
CA SER C 115 30.21 22.63 -4.32
C SER C 115 31.54 23.36 -4.24
N GLY C 116 31.81 24.23 -5.21
CA GLY C 116 33.12 24.84 -5.24
C GLY C 116 33.45 25.53 -3.93
N VAL C 117 32.49 26.27 -3.39
CA VAL C 117 32.70 26.93 -2.10
C VAL C 117 32.75 25.91 -0.95
N ASP C 118 31.88 24.93 -0.98
CA ASP C 118 31.74 24.03 0.15
C ASP C 118 32.96 23.16 0.34
N MET C 119 33.45 22.56 -0.75
CA MET C 119 34.70 21.79 -0.68
C MET C 119 35.88 22.62 -0.21
N ALA C 120 35.93 23.86 -0.68
CA ALA C 120 36.97 24.80 -0.26
C ALA C 120 36.90 25.02 1.24
N LEU C 121 35.70 25.22 1.78
CA LEU C 121 35.53 25.41 3.23
C LEU C 121 35.87 24.19 4.09
N TRP C 122 35.53 22.98 3.63
CA TRP C 122 36.01 21.80 4.33
C TRP C 122 37.53 21.78 4.27
N ASP C 123 38.10 22.20 3.15
CA ASP C 123 39.54 22.27 3.00
C ASP C 123 40.14 23.23 4.04
N ILE C 124 39.58 24.43 4.13
CA ILE C 124 39.97 25.38 5.17
C ILE C 124 39.84 24.81 6.57
N LYS C 125 38.78 24.05 6.83
CA LYS C 125 38.54 23.55 8.19
C LYS C 125 39.63 22.54 8.56
N GLY C 126 40.00 21.70 7.58
CA GLY C 126 41.08 20.72 7.75
C GLY C 126 42.44 21.37 8.01
N LYS C 127 42.76 22.41 7.25
CA LYS C 127 43.97 23.16 7.50
C LYS C 127 43.96 23.83 8.85
N LEU C 128 42.84 24.44 9.25
CA LEU C 128 42.76 24.96 10.63
C LEU C 128 42.96 23.88 11.66
N ALA C 129 42.35 22.72 11.44
CA ALA C 129 42.43 21.65 12.42
C ALA C 129 43.81 20.98 12.39
N GLY C 130 44.60 21.20 11.34
CA GLY C 130 45.78 20.36 11.11
C GLY C 130 45.48 18.91 10.71
N MET C 131 44.30 18.66 10.12
CA MET C 131 43.86 17.28 9.81
C MET C 131 43.33 17.14 8.39
N PRO C 132 43.47 15.94 7.81
CA PRO C 132 42.79 15.62 6.56
C PRO C 132 41.29 15.67 6.77
N VAL C 133 40.56 15.99 5.72
CA VAL C 133 39.11 16.13 5.83
C VAL C 133 38.49 14.82 6.32
N TYR C 134 39.01 13.70 5.83
CA TYR C 134 38.54 12.40 6.28
C TYR C 134 38.66 12.22 7.79
N GLU C 135 39.58 12.94 8.43
CA GLU C 135 39.73 12.79 9.88
C GLU C 135 38.63 13.58 10.57
N LEU C 136 38.18 14.66 9.93
CA LEU C 136 37.08 15.46 10.44
C LEU C 136 35.73 14.74 10.33
N LEU C 137 35.65 13.78 9.42
CA LEU C 137 34.40 13.17 9.04
C LEU C 137 34.22 11.79 9.68
N GLY C 138 35.20 11.36 10.47
CA GLY C 138 35.11 10.07 11.15
C GLY C 138 36.41 9.28 11.34
N GLY C 139 37.46 9.63 10.62
CA GLY C 139 38.72 8.90 10.74
C GLY C 139 38.78 7.82 9.67
N LYS C 140 39.90 7.11 9.55
CA LYS C 140 39.99 6.09 8.52
C LYS C 140 39.03 4.93 8.84
N CYS C 141 38.25 4.49 7.83
CA CYS C 141 37.39 3.30 8.02
C CYS C 141 37.94 2.07 7.28
N ARG C 142 39.00 2.25 6.51
CA ARG C 142 39.56 1.17 5.71
C ARG C 142 41.02 1.52 5.40
N ASP C 143 41.78 0.57 4.86
CA ASP C 143 43.23 0.77 4.73
C ASP C 143 43.66 1.28 3.35
N GLY C 144 42.71 1.39 2.46
CA GLY C 144 42.96 2.06 1.18
C GLY C 144 41.68 1.92 0.41
N ILE C 145 41.63 2.56 -0.76
CA ILE C 145 40.41 2.64 -1.52
C ILE C 145 40.45 1.83 -2.80
N PRO C 146 39.67 0.72 -2.85
CA PRO C 146 39.58 -0.13 -4.03
C PRO C 146 39.00 0.63 -5.21
N LEU C 147 39.63 0.47 -6.37
CA LEU C 147 39.27 1.23 -7.54
C LEU C 147 38.72 0.34 -8.64
N TYR C 148 37.91 0.94 -9.51
CA TYR C 148 37.67 0.28 -10.79
C TYR C 148 38.00 1.24 -11.90
N CYS C 149 38.33 0.72 -13.07
CA CYS C 149 38.70 1.56 -14.20
C CYS C 149 37.93 1.11 -15.45
N HIS C 150 38.04 1.90 -16.49
CA HIS C 150 37.31 1.67 -17.73
C HIS C 150 38.13 0.83 -18.69
N THR C 151 37.47 -0.09 -19.39
CA THR C 151 38.11 -0.88 -20.43
C THR C 151 37.13 -1.01 -21.58
N ASP C 152 37.42 -0.30 -22.67
CA ASP C 152 36.52 -0.27 -23.81
C ASP C 152 37.09 -1.11 -24.95
N GLY C 153 36.31 -1.30 -26.01
CA GLY C 153 36.81 -2.03 -27.17
C GLY C 153 35.82 -2.10 -28.32
N GLY C 154 36.36 -2.19 -29.53
CA GLY C 154 35.54 -2.27 -30.72
C GLY C 154 34.74 -3.56 -30.70
N ASP C 155 35.31 -4.60 -30.11
CA ASP C 155 34.69 -5.92 -30.11
C ASP C 155 35.07 -6.71 -28.86
N GLU C 156 34.39 -7.85 -28.66
CA GLU C 156 34.53 -8.69 -27.47
C GLU C 156 35.97 -9.09 -27.14
N VAL C 157 36.85 -9.08 -28.14
CA VAL C 157 38.21 -9.58 -27.98
C VAL C 157 39.23 -8.48 -27.67
N GLU C 158 38.96 -7.27 -28.14
CA GLU C 158 39.79 -6.12 -27.77
C GLU C 158 39.42 -5.65 -26.35
N VAL C 159 38.17 -5.85 -25.99
CA VAL C 159 37.73 -5.57 -24.62
C VAL C 159 38.50 -6.49 -23.68
N GLU C 160 38.48 -7.78 -23.96
CA GLU C 160 39.22 -8.75 -23.14
C GLU C 160 40.66 -8.31 -22.94
N ASP C 161 41.30 -7.90 -24.04
CA ASP C 161 42.71 -7.52 -24.03
C ASP C 161 42.95 -6.33 -23.14
N ASN C 162 42.00 -5.41 -23.11
CA ASN C 162 42.08 -4.28 -22.22
C ASN C 162 41.86 -4.69 -20.77
N ILE C 163 40.99 -5.68 -20.55
CA ILE C 163 40.84 -6.19 -19.21
C ILE C 163 42.11 -6.85 -18.66
N ARG C 164 42.76 -7.67 -19.48
CA ARG C 164 44.00 -8.32 -19.08
C ARG C 164 45.06 -7.28 -18.73
N ALA C 165 45.19 -6.27 -19.59
CA ALA C 165 46.11 -5.18 -19.34
C ALA C 165 45.92 -4.53 -17.97
N ARG C 166 44.67 -4.21 -17.61
CA ARG C 166 44.36 -3.56 -16.33
C ARG C 166 44.58 -4.52 -15.17
N MET C 167 44.32 -5.80 -15.39
CA MET C 167 44.53 -6.81 -14.36
C MET C 167 46.00 -6.94 -14.00
N GLU C 168 46.87 -6.69 -14.98
CA GLU C 168 48.32 -6.75 -14.78
C GLU C 168 48.79 -5.59 -13.90
N GLU C 169 48.08 -4.47 -14.00
CA GLU C 169 48.35 -3.28 -13.20
C GLU C 169 47.69 -3.35 -11.83
N GLY C 170 46.90 -4.38 -11.59
CA GLY C 170 46.40 -4.62 -10.24
C GLY C 170 44.95 -4.28 -9.98
N TYR C 171 44.24 -3.82 -11.01
CA TYR C 171 42.82 -3.57 -10.86
C TYR C 171 42.08 -4.86 -10.65
N GLN C 172 41.15 -4.86 -9.69
CA GLN C 172 40.38 -6.07 -9.44
C GLN C 172 38.91 -5.87 -9.80
N TYR C 173 38.60 -4.69 -10.31
CA TYR C 173 37.23 -4.33 -10.72
C TYR C 173 37.38 -3.52 -11.98
N VAL C 174 36.61 -3.86 -13.02
CA VAL C 174 36.61 -3.12 -14.28
C VAL C 174 35.19 -2.89 -14.82
N ARG C 175 35.02 -1.79 -15.54
CA ARG C 175 33.78 -1.49 -16.23
C ARG C 175 33.94 -1.85 -17.69
N CYS C 176 33.04 -2.74 -18.16
CA CYS C 176 33.10 -3.36 -19.49
C CYS C 176 32.04 -2.87 -20.46
N GLN C 177 32.44 -2.13 -21.49
CA GLN C 177 31.51 -1.70 -22.52
C GLN C 177 32.05 -2.16 -23.85
N MET C 178 31.18 -2.34 -24.82
CA MET C 178 31.65 -2.66 -26.15
C MET C 178 31.02 -1.72 -27.17
N GLY C 179 31.86 -1.13 -28.01
CA GLY C 179 31.38 -0.20 -29.05
C GLY C 179 30.62 0.97 -28.46
N MET C 180 29.58 1.38 -29.13
CA MET C 180 28.88 2.59 -28.81
C MET C 180 27.39 2.40 -28.75
N TYR C 181 26.93 1.54 -27.87
CA TYR C 181 25.49 1.31 -27.73
C TYR C 181 24.82 1.11 -29.08
N GLY C 182 25.40 0.22 -29.88
CA GLY C 182 24.83 -0.13 -31.19
C GLY C 182 25.34 0.75 -32.32
N GLY C 183 26.07 1.82 -31.98
CA GLY C 183 26.59 2.78 -32.98
C GLY C 183 27.86 2.33 -33.64
N PRO C 204 21.53 -4.23 -36.39
CA PRO C 204 21.33 -2.78 -36.41
C PRO C 204 20.27 -2.38 -37.45
N LYS C 205 19.19 -1.71 -37.05
CA LYS C 205 18.13 -1.38 -37.99
C LYS C 205 18.58 -0.38 -39.02
N ARG C 206 17.93 -0.43 -40.18
CA ARG C 206 18.17 0.54 -41.25
C ARG C 206 17.34 1.78 -40.93
N SER C 207 17.92 2.98 -41.05
CA SER C 207 17.18 4.22 -40.78
C SER C 207 16.39 4.62 -42.01
N PRO C 208 15.53 5.65 -41.87
CA PRO C 208 14.75 6.22 -42.96
C PRO C 208 15.66 6.74 -44.06
N ARG C 209 15.06 7.10 -45.19
CA ARG C 209 15.85 7.51 -46.33
C ARG C 209 16.56 8.85 -46.10
N SER C 210 16.03 9.67 -45.21
CA SER C 210 16.73 10.88 -44.79
C SER C 210 17.16 10.72 -43.34
N LYS C 211 18.25 11.37 -42.97
CA LYS C 211 18.68 11.33 -41.57
C LYS C 211 19.04 12.72 -41.06
N THR C 212 18.38 13.14 -39.99
CA THR C 212 18.81 14.31 -39.24
C THR C 212 20.19 14.07 -38.58
N PRO C 213 21.06 15.09 -38.61
CA PRO C 213 22.38 14.99 -37.96
C PRO C 213 22.31 14.51 -36.51
N GLY C 214 23.22 13.62 -36.14
CA GLY C 214 23.38 13.27 -34.74
C GLY C 214 24.26 12.04 -34.65
N ILE C 215 24.52 11.56 -33.44
CA ILE C 215 25.24 10.30 -33.30
C ILE C 215 24.21 9.16 -33.22
N TYR C 216 24.12 8.35 -34.26
CA TYR C 216 23.10 7.32 -34.28
C TYR C 216 23.44 6.09 -33.47
N PHE C 217 22.48 5.59 -32.67
CA PHE C 217 22.70 4.32 -32.01
C PHE C 217 21.51 3.39 -32.18
N ASP C 218 21.66 2.14 -31.72
CA ASP C 218 20.58 1.15 -31.85
C ASP C 218 20.45 0.36 -30.56
N PRO C 219 19.52 0.80 -29.70
CA PRO C 219 19.34 0.27 -28.39
C PRO C 219 18.91 -1.19 -28.42
N GLU C 220 18.08 -1.57 -29.39
CA GLU C 220 17.61 -2.95 -29.44
C GLU C 220 18.79 -3.86 -29.80
N ALA C 221 19.64 -3.45 -30.74
CA ALA C 221 20.83 -4.26 -31.05
C ALA C 221 21.80 -4.28 -29.87
N TYR C 222 21.93 -3.14 -29.19
CA TYR C 222 22.77 -3.04 -28.01
C TYR C 222 22.29 -3.97 -26.88
N ALA C 223 21.02 -3.89 -26.53
CA ALA C 223 20.52 -4.76 -25.46
C ALA C 223 20.84 -6.23 -25.72
N LYS C 224 20.64 -6.68 -26.94
CA LYS C 224 20.90 -8.07 -27.28
C LYS C 224 22.40 -8.45 -27.30
N SER C 225 23.26 -7.47 -27.49
CA SER C 225 24.70 -7.77 -27.46
C SER C 225 25.29 -7.92 -26.05
N VAL C 226 24.74 -7.20 -25.08
CA VAL C 226 25.35 -7.18 -23.77
C VAL C 226 25.48 -8.55 -23.11
N PRO C 227 24.38 -9.31 -23.03
CA PRO C 227 24.53 -10.61 -22.38
C PRO C 227 25.55 -11.50 -23.11
N ARG C 228 25.64 -11.39 -24.43
CA ARG C 228 26.66 -12.16 -25.14
C ARG C 228 28.10 -11.73 -24.80
N LEU C 229 28.31 -10.43 -24.61
CA LEU C 229 29.62 -9.93 -24.19
C LEU C 229 30.01 -10.58 -22.87
N PHE C 230 29.11 -10.57 -21.91
CA PHE C 230 29.50 -11.07 -20.59
C PHE C 230 29.67 -12.56 -20.53
N GLU C 231 28.97 -13.29 -21.38
CA GLU C 231 29.12 -14.74 -21.40
C GLU C 231 30.52 -15.07 -21.92
N HIS C 232 30.92 -14.41 -23.00
CA HIS C 232 32.27 -14.55 -23.55
C HIS C 232 33.33 -14.16 -22.52
N LEU C 233 33.19 -12.98 -21.94
CA LEU C 233 34.18 -12.55 -20.96
C LEU C 233 34.26 -13.50 -19.75
N ARG C 234 33.13 -13.99 -19.26
CA ARG C 234 33.15 -14.88 -18.09
C ARG C 234 33.78 -16.22 -18.42
N ASN C 235 33.54 -16.69 -19.65
CA ASN C 235 34.12 -17.93 -20.15
CA ASN C 235 34.12 -17.93 -20.14
C ASN C 235 35.64 -17.81 -20.19
N LYS C 236 36.13 -16.63 -20.55
CA LYS C 236 37.57 -16.43 -20.72
C LYS C 236 38.30 -15.95 -19.46
N LEU C 237 37.62 -15.26 -18.56
CA LEU C 237 38.35 -14.58 -17.48
C LEU C 237 37.93 -15.10 -16.12
N GLY C 238 36.96 -15.99 -16.09
CA GLY C 238 36.44 -16.50 -14.83
C GLY C 238 35.69 -15.47 -14.00
N PHE C 239 35.40 -15.87 -12.76
CA PHE C 239 34.59 -15.06 -11.86
C PHE C 239 35.39 -14.39 -10.75
N GLY C 240 36.71 -14.36 -10.90
CA GLY C 240 37.57 -13.70 -9.92
C GLY C 240 37.42 -12.19 -10.02
N ILE C 241 37.48 -11.70 -11.26
CA ILE C 241 37.50 -10.29 -11.57
C ILE C 241 36.07 -9.77 -11.46
N GLU C 242 35.92 -8.57 -10.94
CA GLU C 242 34.59 -7.97 -10.79
C GLU C 242 34.26 -7.10 -11.99
N PHE C 243 33.04 -7.25 -12.52
CA PHE C 243 32.63 -6.53 -13.74
C PHE C 243 31.53 -5.53 -13.44
N ILE C 244 31.65 -4.35 -14.02
CA ILE C 244 30.57 -3.37 -13.99
C ILE C 244 30.08 -3.11 -15.41
N HIS C 245 28.79 -2.81 -15.55
CA HIS C 245 28.27 -2.41 -16.85
C HIS C 245 27.36 -1.20 -16.74
N ASP C 246 27.51 -0.28 -17.70
CA ASP C 246 26.78 0.97 -17.67
C ASP C 246 25.83 0.99 -18.87
N VAL C 247 24.53 0.91 -18.57
CA VAL C 247 23.43 1.02 -19.56
C VAL C 247 23.24 2.47 -19.96
N HIS C 248 23.59 3.38 -19.06
CA HIS C 248 23.62 4.82 -19.39
C HIS C 248 22.28 5.35 -19.94
N GLU C 249 21.15 4.90 -19.40
CA GLU C 249 19.81 5.37 -19.77
C GLU C 249 19.49 5.18 -21.27
N ARG C 250 20.18 4.23 -21.92
CA ARG C 250 20.09 3.99 -23.39
C ARG C 250 18.93 3.10 -23.90
N VAL C 251 18.22 2.40 -23.01
CA VAL C 251 17.14 1.53 -23.45
C VAL C 251 15.80 1.86 -22.77
N THR C 252 14.70 1.35 -23.28
CA THR C 252 13.42 1.56 -22.58
C THR C 252 13.45 0.82 -21.22
N PRO C 253 12.60 1.24 -20.25
CA PRO C 253 12.63 0.58 -18.94
C PRO C 253 12.43 -0.93 -18.96
N VAL C 254 11.45 -1.42 -19.73
CA VAL C 254 11.18 -2.84 -19.64
C VAL C 254 12.34 -3.63 -20.24
N THR C 255 13.04 -3.02 -21.21
CA THR C 255 14.19 -3.61 -21.86
C THR C 255 15.36 -3.75 -20.86
N ALA C 256 15.52 -2.73 -20.02
CA ALA C 256 16.50 -2.72 -18.94
C ALA C 256 16.16 -3.76 -17.88
N ILE C 257 14.89 -4.04 -17.69
CA ILE C 257 14.53 -5.04 -16.71
C ILE C 257 14.97 -6.41 -17.25
N GLN C 258 14.73 -6.66 -18.53
CA GLN C 258 15.10 -7.92 -19.14
C GLN C 258 16.59 -8.09 -19.12
N LEU C 259 17.30 -7.06 -19.52
CA LEU C 259 18.75 -7.03 -19.38
C LEU C 259 19.23 -7.40 -17.97
N ALA C 260 18.69 -6.73 -16.96
CA ALA C 260 19.02 -6.99 -15.56
C ALA C 260 18.81 -8.44 -15.20
N LYS C 261 17.77 -9.06 -15.75
CA LYS C 261 17.51 -10.48 -15.45
C LYS C 261 18.44 -11.44 -16.22
N THR C 262 18.69 -11.13 -17.48
CA THR C 262 19.55 -11.95 -18.31
C THR C 262 21.01 -12.00 -17.84
N LEU C 263 21.47 -10.92 -17.23
CA LEU C 263 22.84 -10.84 -16.77
C LEU C 263 23.05 -11.44 -15.40
N GLU C 264 21.99 -11.90 -14.74
CA GLU C 264 22.11 -12.43 -13.38
C GLU C 264 23.18 -13.53 -13.23
N PRO C 265 23.25 -14.49 -14.18
CA PRO C 265 24.26 -15.57 -14.15
C PRO C 265 25.70 -15.05 -14.23
N TYR C 266 25.88 -13.86 -14.79
CA TYR C 266 27.23 -13.33 -14.98
C TYR C 266 27.69 -12.52 -13.77
N GLN C 267 26.77 -12.36 -12.81
CA GLN C 267 27.12 -11.82 -11.49
C GLN C 267 27.90 -10.50 -11.51
N LEU C 268 27.27 -9.46 -12.03
CA LEU C 268 27.93 -8.16 -12.09
C LEU C 268 28.07 -7.58 -10.71
N PHE C 269 29.09 -6.78 -10.50
CA PHE C 269 29.24 -5.99 -9.30
C PHE C 269 28.10 -4.96 -9.23
N TYR C 270 27.88 -4.26 -10.32
CA TYR C 270 26.60 -3.62 -10.54
C TYR C 270 26.36 -3.29 -12.01
N LEU C 271 25.08 -3.08 -12.30
CA LEU C 271 24.59 -2.65 -13.59
C LEU C 271 24.12 -1.23 -13.34
N GLU C 272 24.60 -0.26 -14.12
CA GLU C 272 24.46 1.12 -13.75
C GLU C 272 23.48 1.87 -14.67
N ASP C 273 22.71 2.74 -14.07
CA ASP C 273 21.82 3.59 -14.82
C ASP C 273 20.94 2.79 -15.80
N PRO C 274 20.24 1.74 -15.32
CA PRO C 274 19.26 1.13 -16.20
C PRO C 274 18.12 2.08 -16.61
N VAL C 275 17.81 3.12 -15.82
CA VAL C 275 16.75 4.07 -16.22
C VAL C 275 17.24 5.52 -16.07
N ALA C 276 16.58 6.45 -16.78
CA ALA C 276 16.86 7.87 -16.65
C ALA C 276 16.18 8.38 -15.36
N PRO C 277 16.68 9.49 -14.76
CA PRO C 277 16.11 10.07 -13.55
C PRO C 277 14.64 10.34 -13.73
N GLU C 278 14.26 10.76 -14.92
CA GLU C 278 12.86 10.97 -15.23
C GLU C 278 12.06 9.67 -15.21
N ASN C 279 12.72 8.50 -15.19
CA ASN C 279 11.99 7.21 -15.18
C ASN C 279 12.21 6.33 -13.93
N ILE C 280 12.60 6.92 -12.81
CA ILE C 280 12.91 6.14 -11.60
C ILE C 280 11.73 5.31 -11.10
N ASP C 281 10.50 5.71 -11.40
CA ASP C 281 9.38 4.91 -10.87
C ASP C 281 9.40 3.49 -11.45
N TRP C 282 10.10 3.32 -12.57
CA TRP C 282 10.17 2.01 -13.17
C TRP C 282 11.06 1.06 -12.35
N LEU C 283 11.88 1.58 -11.44
CA LEU C 283 12.72 0.70 -10.62
C LEU C 283 11.92 -0.16 -9.69
N ARG C 284 10.70 0.26 -9.33
CA ARG C 284 9.88 -0.55 -8.44
C ARG C 284 9.63 -1.89 -9.14
N MET C 285 9.27 -1.82 -10.43
CA MET C 285 9.03 -3.04 -11.20
C MET C 285 10.31 -3.89 -11.30
N LEU C 286 11.42 -3.24 -11.65
CA LEU C 286 12.69 -3.99 -11.86
C LEU C 286 13.12 -4.81 -10.62
N ARG C 287 13.08 -4.16 -9.47
CA ARG C 287 13.49 -4.79 -8.21
C ARG C 287 12.54 -5.87 -7.67
N GLN C 288 11.38 -6.04 -8.29
CA GLN C 288 10.47 -7.14 -7.98
C GLN C 288 10.92 -8.37 -8.75
N GLN C 289 11.72 -8.16 -9.79
CA GLN C 289 12.06 -9.26 -10.69
C GLN C 289 13.53 -9.64 -10.77
N SER C 290 14.43 -8.68 -10.53
CA SER C 290 15.84 -8.96 -10.78
CA SER C 290 15.84 -8.90 -10.81
C SER C 290 16.69 -8.87 -9.53
N SER C 291 17.71 -9.72 -9.48
CA SER C 291 18.62 -9.74 -8.34
C SER C 291 20.00 -9.21 -8.75
N THR C 292 20.13 -8.71 -9.97
CA THR C 292 21.38 -8.02 -10.37
C THR C 292 21.53 -6.72 -9.59
N PRO C 293 22.70 -6.49 -8.97
CA PRO C 293 22.87 -5.25 -8.19
C PRO C 293 22.79 -4.03 -9.14
N ILE C 294 22.09 -3.00 -8.70
CA ILE C 294 21.82 -1.79 -9.49
C ILE C 294 22.51 -0.58 -8.88
N SER C 295 23.09 0.25 -9.73
CA SER C 295 23.55 1.55 -9.25
C SER C 295 22.93 2.66 -10.08
N MET C 296 22.72 3.81 -9.46
CA MET C 296 22.10 4.92 -10.17
C MET C 296 22.61 6.20 -9.56
N GLY C 297 22.55 7.30 -10.32
CA GLY C 297 22.64 8.59 -9.68
C GLY C 297 23.61 9.59 -10.21
N GLU C 298 24.44 9.21 -11.17
CA GLU C 298 25.41 10.23 -11.63
C GLU C 298 24.67 11.50 -12.11
N LEU C 299 23.49 11.32 -12.72
CA LEU C 299 22.67 12.48 -13.17
C LEU C 299 21.82 13.19 -12.09
N PHE C 300 21.80 12.71 -10.85
CA PHE C 300 20.94 13.28 -9.83
C PHE C 300 21.37 14.68 -9.37
N VAL C 301 20.36 15.56 -9.17
CA VAL C 301 20.59 16.94 -8.74
C VAL C 301 19.52 17.37 -7.74
N ASN C 302 18.69 16.44 -7.29
CA ASN C 302 17.53 16.76 -6.52
C ASN C 302 17.25 15.64 -5.51
N ILE C 303 16.94 16.01 -4.27
CA ILE C 303 16.66 15.04 -3.21
C ILE C 303 15.46 14.15 -3.58
N ASN C 304 14.48 14.70 -4.28
CA ASN C 304 13.31 13.93 -4.67
C ASN C 304 13.64 12.91 -5.77
N GLU C 305 14.87 12.95 -6.27
CA GLU C 305 15.32 11.90 -7.19
C GLU C 305 15.85 10.70 -6.40
N TRP C 306 16.87 10.89 -5.57
CA TRP C 306 17.46 9.77 -4.84
C TRP C 306 16.71 9.26 -3.60
N LYS C 307 15.95 10.11 -2.93
CA LYS C 307 15.42 9.70 -1.62
C LYS C 307 14.44 8.55 -1.68
N PRO C 308 13.50 8.59 -2.65
CA PRO C 308 12.60 7.47 -2.90
C PRO C 308 13.33 6.17 -3.28
N LEU C 309 14.38 6.24 -4.08
CA LEU C 309 15.08 5.02 -4.45
C LEU C 309 15.72 4.38 -3.22
N ILE C 310 16.28 5.22 -2.36
CA ILE C 310 17.00 4.72 -1.21
C ILE C 310 16.06 4.23 -0.11
N ASP C 311 14.97 4.95 0.17
CA ASP C 311 14.04 4.53 1.21
C ASP C 311 13.50 3.15 0.88
N ASN C 312 13.20 2.92 -0.40
CA ASN C 312 12.54 1.72 -0.82
C ASN C 312 13.51 0.63 -1.33
N LYS C 313 14.80 0.81 -1.07
CA LYS C 313 15.79 -0.23 -1.38
C LYS C 313 15.80 -0.57 -2.88
N LEU C 314 15.53 0.43 -3.70
CA LEU C 314 15.42 0.24 -5.12
C LEU C 314 16.78 0.26 -5.83
N ILE C 315 17.85 0.62 -5.11
CA ILE C 315 19.22 0.59 -5.66
C ILE C 315 20.15 0.02 -4.60
N ASP C 316 21.33 -0.40 -5.03
CA ASP C 316 22.31 -0.90 -4.08
C ASP C 316 23.49 0.09 -3.87
N TYR C 317 23.81 0.89 -4.90
CA TYR C 317 24.94 1.83 -4.91
C TYR C 317 24.39 3.16 -5.37
N ILE C 318 24.81 4.25 -4.74
CA ILE C 318 24.40 5.61 -5.14
C ILE C 318 25.59 6.26 -5.85
N ARG C 319 25.34 6.89 -6.99
CA ARG C 319 26.41 7.17 -7.96
C ARG C 319 26.67 8.64 -8.17
N CYS C 320 26.22 9.46 -7.23
CA CYS C 320 26.19 10.90 -7.45
C CYS C 320 27.53 11.50 -7.76
N HIS C 321 27.48 12.55 -8.55
CA HIS C 321 28.63 13.39 -8.83
C HIS C 321 28.70 14.39 -7.68
N VAL C 322 29.72 14.28 -6.85
CA VAL C 322 29.78 15.06 -5.60
C VAL C 322 29.50 16.54 -5.78
N SER C 323 30.15 17.16 -6.76
CA SER C 323 29.98 18.58 -6.95
C SER C 323 28.58 18.89 -7.52
N THR C 324 27.97 17.94 -8.23
CA THR C 324 26.71 18.22 -8.87
C THR C 324 25.52 18.06 -7.92
N ILE C 325 25.76 17.51 -6.74
CA ILE C 325 24.76 17.58 -5.65
C ILE C 325 25.07 18.64 -4.60
N GLY C 326 26.16 19.38 -4.77
CA GLY C 326 26.40 20.52 -3.89
C GLY C 326 27.63 20.43 -3.01
N GLY C 327 28.46 19.40 -3.21
CA GLY C 327 29.76 19.33 -2.52
C GLY C 327 29.81 18.31 -1.40
N ILE C 328 30.83 18.42 -0.56
CA ILE C 328 31.07 17.44 0.51
C ILE C 328 29.94 17.43 1.55
N THR C 329 29.40 18.59 1.89
CA THR C 329 28.36 18.65 2.91
C THR C 329 27.11 17.85 2.53
N PRO C 330 26.55 18.10 1.35
CA PRO C 330 25.39 17.27 1.06
C PRO C 330 25.77 15.81 0.75
N ALA C 331 26.95 15.54 0.18
CA ALA C 331 27.29 14.14 -0.15
C ALA C 331 27.45 13.30 1.13
N LYS C 332 27.87 13.95 2.20
CA LYS C 332 28.10 13.23 3.42
C LYS C 332 26.75 12.89 4.04
N LYS C 333 25.81 13.81 3.95
CA LYS C 333 24.46 13.48 4.40
C LYS C 333 23.84 12.32 3.59
N LEU C 334 24.01 12.37 2.28
CA LEU C 334 23.54 11.29 1.37
C LEU C 334 24.22 9.94 1.66
N ALA C 335 25.52 9.95 1.96
CA ALA C 335 26.25 8.74 2.31
C ALA C 335 25.68 8.14 3.59
N VAL C 336 25.25 9.01 4.52
CA VAL C 336 24.71 8.56 5.82
C VAL C 336 23.25 8.06 5.64
N TYR C 337 22.47 8.76 4.83
CA TYR C 337 21.12 8.29 4.52
C TYR C 337 21.21 6.92 3.85
N SER C 338 22.10 6.80 2.89
CA SER C 338 22.36 5.51 2.29
C SER C 338 22.81 4.43 3.30
N GLU C 339 23.69 4.77 4.22
CA GLU C 339 24.24 3.75 5.13
C GLU C 339 23.10 3.17 6.00
N LEU C 340 22.25 4.06 6.49
CA LEU C 340 21.15 3.62 7.35
C LEU C 340 20.15 2.73 6.61
N ASN C 341 20.13 2.83 5.29
CA ASN C 341 19.34 1.93 4.46
C ASN C 341 20.12 0.80 3.82
N GLY C 342 21.36 0.57 4.23
CA GLY C 342 22.15 -0.53 3.65
C GLY C 342 22.54 -0.34 2.19
N VAL C 343 22.62 0.90 1.72
CA VAL C 343 22.99 1.19 0.33
C VAL C 343 24.43 1.72 0.37
N ARG C 344 25.30 1.27 -0.53
CA ARG C 344 26.73 1.66 -0.52
C ARG C 344 27.11 2.77 -1.51
N THR C 345 28.16 3.53 -1.24
CA THR C 345 28.51 4.59 -2.16
C THR C 345 29.36 4.16 -3.34
N ALA C 346 29.16 4.86 -4.46
CA ALA C 346 29.96 4.69 -5.65
C ALA C 346 30.04 6.05 -6.39
N TRP C 347 30.68 7.03 -5.78
CA TRP C 347 30.73 8.40 -6.35
C TRP C 347 31.26 8.37 -7.78
N HIS C 348 30.70 9.23 -8.62
CA HIS C 348 31.10 9.36 -10.01
C HIS C 348 32.56 9.80 -10.11
N GLY C 349 33.35 9.10 -10.91
CA GLY C 349 34.76 9.46 -10.97
C GLY C 349 35.27 9.34 -12.38
N PRO C 350 34.68 10.11 -13.29
CA PRO C 350 34.97 10.12 -14.71
C PRO C 350 36.18 11.02 -15.01
N GLY C 351 36.32 11.48 -16.25
CA GLY C 351 37.39 12.44 -16.60
C GLY C 351 37.00 13.87 -16.30
N ASP C 352 35.70 14.15 -16.33
CA ASP C 352 35.21 15.49 -16.04
C ASP C 352 34.98 15.71 -14.57
N ILE C 353 36.07 15.63 -13.82
CA ILE C 353 36.10 15.92 -12.39
C ILE C 353 37.51 16.41 -12.16
N SER C 354 37.69 17.49 -11.40
CA SER C 354 39.05 17.94 -11.15
C SER C 354 39.73 17.02 -10.15
N PRO C 355 41.07 16.99 -10.14
CA PRO C 355 41.73 16.20 -9.09
C PRO C 355 41.35 16.68 -7.68
N VAL C 356 40.81 17.90 -7.57
CA VAL C 356 40.28 18.37 -6.29
C VAL C 356 39.03 17.56 -5.99
N GLY C 357 38.19 17.33 -7.01
CA GLY C 357 37.00 16.48 -6.79
C GLY C 357 37.35 15.01 -6.59
N VAL C 358 38.38 14.53 -7.27
CA VAL C 358 38.85 13.20 -7.02
C VAL C 358 39.21 13.07 -5.54
N CYS C 359 39.86 14.09 -4.99
CA CYS C 359 40.30 14.04 -3.58
C CYS C 359 39.13 14.06 -2.64
N ALA C 360 38.11 14.86 -2.94
CA ALA C 360 36.91 14.87 -2.11
C ALA C 360 36.18 13.51 -2.11
N ASN C 361 36.09 12.85 -3.28
CA ASN C 361 35.43 11.55 -3.37
C ASN C 361 36.11 10.66 -2.36
N MET C 362 37.43 10.71 -2.41
CA MET C 362 38.24 9.77 -1.63
C MET C 362 38.33 10.05 -0.18
N HIS C 363 38.19 11.31 0.22
CA HIS C 363 38.00 11.60 1.65
C HIS C 363 36.65 11.13 2.18
N LEU C 364 35.58 11.29 1.41
CA LEU C 364 34.34 10.57 1.69
C LEU C 364 34.55 9.05 1.73
N ASP C 365 35.25 8.49 0.76
CA ASP C 365 35.50 7.04 0.72
C ASP C 365 36.19 6.46 1.96
N MET C 366 37.16 7.19 2.48
CA MET C 366 37.92 6.77 3.66
C MET C 366 37.10 6.82 4.94
N SER C 367 36.15 7.72 5.03
CA SER C 367 35.42 7.87 6.29
C SER C 367 34.02 7.24 6.26
N SER C 368 33.68 6.51 5.20
CA SER C 368 32.37 5.88 5.05
C SER C 368 32.36 4.40 5.40
N PRO C 369 31.58 4.02 6.41
CA PRO C 369 31.45 2.59 6.69
C PRO C 369 30.79 1.89 5.51
N ASN C 370 29.90 2.58 4.81
CA ASN C 370 29.23 1.98 3.66
C ASN C 370 29.91 2.31 2.29
N PHE C 371 31.17 2.69 2.28
CA PHE C 371 31.87 2.75 1.00
C PHE C 371 31.61 1.49 0.15
N GLY C 372 31.39 1.65 -1.16
CA GLY C 372 31.22 0.49 -2.06
C GLY C 372 32.39 0.34 -3.02
N ILE C 373 32.60 1.32 -3.90
CA ILE C 373 33.71 1.22 -4.85
C ILE C 373 34.01 2.63 -5.32
N GLN C 374 35.22 2.82 -5.86
CA GLN C 374 35.59 4.11 -6.43
C GLN C 374 36.05 4.00 -7.86
N GLU C 375 35.21 4.48 -8.77
CA GLU C 375 35.59 4.70 -10.17
C GLU C 375 36.78 5.64 -10.28
N TYR C 376 37.76 5.26 -11.10
CA TYR C 376 38.96 6.05 -11.23
C TYR C 376 39.38 6.18 -12.69
N THR C 377 39.62 7.41 -13.12
CA THR C 377 40.19 7.72 -14.42
C THR C 377 41.65 8.19 -14.33
N PRO C 378 42.58 7.35 -14.83
CA PRO C 378 43.99 7.71 -14.80
C PRO C 378 44.24 9.11 -15.29
N MET C 379 45.15 9.80 -14.63
CA MET C 379 45.48 11.19 -14.94
C MET C 379 46.77 11.24 -15.76
N ASN C 380 46.99 12.32 -16.49
CA ASN C 380 48.25 12.41 -17.24
C ASN C 380 49.26 13.23 -16.45
N ASP C 381 50.46 13.41 -16.99
CA ASP C 381 51.48 14.18 -16.25
C ASP C 381 51.07 15.64 -16.03
N ALA C 382 50.38 16.24 -16.99
CA ALA C 382 49.95 17.64 -16.85
C ALA C 382 48.97 17.86 -15.69
N LEU C 383 48.08 16.90 -15.47
CA LEU C 383 47.12 17.01 -14.37
C LEU C 383 47.89 16.96 -13.05
N ARG C 384 48.89 16.09 -12.96
CA ARG C 384 49.64 15.92 -11.73
C ARG C 384 50.57 17.09 -11.50
N GLU C 385 51.01 17.74 -12.57
CA GLU C 385 51.77 18.98 -12.42
C GLU C 385 50.90 20.17 -12.03
N VAL C 386 49.70 20.27 -12.58
CA VAL C 386 48.85 21.41 -12.26
C VAL C 386 48.24 21.24 -10.86
N PHE C 387 48.01 19.99 -10.47
CA PHE C 387 47.46 19.68 -9.15
C PHE C 387 48.39 18.83 -8.29
N PRO C 388 49.32 19.49 -7.59
CA PRO C 388 50.16 18.80 -6.59
C PRO C 388 49.34 18.15 -5.48
N GLY C 389 49.69 16.93 -5.11
CA GLY C 389 48.96 16.20 -4.06
C GLY C 389 47.96 15.16 -4.57
N CYS C 390 48.07 14.78 -5.85
CA CYS C 390 47.21 13.72 -6.41
C CYS C 390 47.37 12.41 -5.65
N PRO C 391 46.26 11.70 -5.43
CA PRO C 391 46.37 10.48 -4.66
C PRO C 391 47.37 9.52 -5.29
N GLU C 392 48.09 8.76 -4.48
CA GLU C 392 48.96 7.72 -5.05
C GLU C 392 48.11 6.54 -5.47
N ILE C 393 48.38 6.01 -6.67
CA ILE C 393 47.63 4.87 -7.19
C ILE C 393 48.55 3.66 -7.25
N ASP C 394 48.19 2.56 -6.57
CA ASP C 394 49.10 1.41 -6.46
C ASP C 394 48.33 0.10 -6.49
N GLN C 395 48.43 -0.60 -7.62
CA GLN C 395 47.83 -1.92 -7.72
C GLN C 395 46.34 -1.92 -7.36
N GLY C 396 45.57 -1.02 -7.97
CA GLY C 396 44.12 -1.10 -7.84
C GLY C 396 43.59 -0.48 -6.58
N TYR C 397 44.47 0.14 -5.80
CA TYR C 397 44.04 0.94 -4.66
C TYR C 397 44.53 2.39 -4.75
N ALA C 398 43.73 3.34 -4.28
CA ALA C 398 44.24 4.69 -4.08
C ALA C 398 44.62 4.85 -2.63
N TYR C 399 45.73 5.55 -2.40
CA TYR C 399 46.18 5.89 -1.08
C TYR C 399 46.25 7.41 -1.01
N VAL C 400 45.35 8.02 -0.26
CA VAL C 400 45.38 9.47 -0.13
C VAL C 400 46.48 9.91 0.84
N ASN C 401 47.15 11.02 0.52
CA ASN C 401 48.16 11.58 1.41
C ASN C 401 47.53 11.99 2.75
N ASP C 402 48.35 12.15 3.77
CA ASP C 402 47.81 12.58 5.07
C ASP C 402 47.99 14.09 5.31
N LYS C 403 48.19 14.88 4.25
CA LYS C 403 48.26 16.33 4.41
C LYS C 403 46.90 16.93 4.87
N PRO C 404 46.91 18.09 5.54
CA PRO C 404 45.69 18.73 6.08
C PRO C 404 44.70 19.19 5.04
N GLY C 405 43.42 19.28 5.40
CA GLY C 405 42.41 19.63 4.39
C GLY C 405 42.28 18.52 3.36
N LEU C 406 42.21 18.88 2.07
CA LEU C 406 41.99 17.88 1.01
C LEU C 406 43.35 17.36 0.47
N GLY C 407 44.43 18.00 0.91
CA GLY C 407 45.79 17.57 0.58
C GLY C 407 46.18 17.76 -0.87
N ILE C 408 45.61 18.80 -1.47
CA ILE C 408 45.77 19.00 -2.90
C ILE C 408 45.82 20.48 -3.11
N ASP C 409 46.48 20.91 -4.18
CA ASP C 409 46.62 22.32 -4.45
C ASP C 409 46.61 22.53 -5.98
N ILE C 410 46.65 23.78 -6.42
CA ILE C 410 46.65 24.03 -7.85
C ILE C 410 47.73 25.07 -8.16
N ASN C 411 48.59 24.77 -9.13
CA ASN C 411 49.51 25.75 -9.66
C ASN C 411 48.80 26.67 -10.69
N GLU C 412 48.39 27.86 -10.27
CA GLU C 412 47.62 28.76 -11.13
C GLU C 412 48.37 29.18 -12.42
N THR C 413 49.65 29.51 -12.29
CA THR C 413 50.51 29.77 -13.44
C THR C 413 50.55 28.58 -14.42
N LEU C 414 50.74 27.39 -13.91
CA LEU C 414 50.70 26.24 -14.78
C LEU C 414 49.29 25.98 -15.42
N ALA C 415 48.21 26.18 -14.64
CA ALA C 415 46.84 25.98 -15.18
C ALA C 415 46.59 26.82 -16.41
N GLU C 416 47.07 28.07 -16.38
CA GLU C 416 46.94 29.03 -17.50
C GLU C 416 47.56 28.58 -18.82
N LYS C 417 48.47 27.61 -18.77
CA LYS C 417 49.02 27.04 -20.00
C LYS C 417 48.07 26.05 -20.68
N TYR C 418 46.93 25.76 -20.05
CA TYR C 418 45.95 24.82 -20.61
C TYR C 418 44.56 25.45 -20.64
N PRO C 419 44.33 26.40 -21.57
CA PRO C 419 43.03 27.07 -21.61
C PRO C 419 41.91 26.09 -21.97
N CYS C 420 40.71 26.38 -21.49
CA CYS C 420 39.53 25.61 -21.82
C CYS C 420 39.07 25.84 -23.25
N ASP C 421 39.01 24.75 -24.03
CA ASP C 421 38.50 24.79 -25.40
C ASP C 421 37.10 25.41 -25.49
N GLY C 422 36.20 24.96 -24.61
CA GLY C 422 34.80 25.34 -24.69
C GLY C 422 34.17 24.55 -25.82
N GLY C 423 32.90 24.83 -26.12
CA GLY C 423 32.23 24.14 -27.20
C GLY C 423 31.07 23.26 -26.76
N ILE C 424 30.48 22.55 -27.71
CA ILE C 424 29.34 21.70 -27.40
C ILE C 424 29.70 20.28 -27.83
N PRO C 425 29.62 19.31 -26.90
CA PRO C 425 29.97 17.94 -27.28
C PRO C 425 28.99 17.37 -28.29
N SER C 426 29.48 16.44 -29.12
CA SER C 426 28.63 15.84 -30.13
C SER C 426 27.82 14.72 -29.53
N TRP C 427 28.38 14.08 -28.51
CA TRP C 427 27.85 12.79 -28.08
C TRP C 427 26.46 12.91 -27.44
N THR C 428 26.15 14.09 -26.92
CA THR C 428 24.85 14.29 -26.25
C THR C 428 23.72 14.51 -27.26
N MET C 429 24.06 14.59 -28.56
CA MET C 429 23.05 14.55 -29.64
C MET C 429 22.91 13.12 -30.17
N ALA C 430 22.28 12.27 -29.38
CA ALA C 430 22.16 10.86 -29.73
C ALA C 430 20.80 10.56 -30.39
N ARG C 431 20.82 9.84 -31.51
CA ARG C 431 19.58 9.49 -32.20
C ARG C 431 19.37 8.01 -32.42
N THR C 432 18.13 7.54 -32.24
CA THR C 432 17.80 6.15 -32.58
C THR C 432 17.63 6.05 -34.08
N PRO C 433 17.56 4.83 -34.61
CA PRO C 433 17.50 4.67 -36.06
C PRO C 433 16.44 5.54 -36.75
N ASP C 434 15.25 5.67 -36.18
CA ASP C 434 14.26 6.49 -36.90
C ASP C 434 14.55 8.00 -36.91
N GLY C 435 15.52 8.44 -36.13
CA GLY C 435 15.86 9.87 -36.08
C GLY C 435 15.48 10.55 -34.78
N THR C 436 14.97 9.79 -33.83
CA THR C 436 14.48 10.38 -32.59
C THR C 436 15.57 10.84 -31.61
N ALA C 437 15.59 12.12 -31.25
CA ALA C 437 16.54 12.61 -30.25
C ALA C 437 16.34 11.89 -28.92
N SER C 438 17.42 11.40 -28.32
CA SER C 438 17.29 10.53 -27.16
C SER C 438 18.11 11.01 -25.99
N ARG C 439 17.74 10.58 -24.78
CA ARG C 439 18.59 10.76 -23.59
C ARG C 439 19.92 10.03 -23.76
N PRO C 440 21.02 10.78 -23.70
CA PRO C 440 22.32 10.22 -24.08
C PRO C 440 22.97 9.52 -22.90
N LYS D 26 -0.99 -43.99 31.94
CA LYS D 26 -2.04 -44.57 32.82
C LYS D 26 -3.31 -43.70 32.98
N LEU D 27 -3.16 -42.38 33.08
CA LEU D 27 -4.35 -41.51 33.23
C LEU D 27 -5.09 -41.36 31.89
N LYS D 28 -6.38 -41.68 31.88
CA LYS D 28 -7.13 -41.74 30.61
C LYS D 28 -8.51 -41.16 30.78
N ILE D 29 -9.04 -40.57 29.70
CA ILE D 29 -10.41 -40.12 29.67
C ILE D 29 -11.26 -41.36 29.48
N THR D 30 -12.39 -41.41 30.19
CA THR D 30 -13.24 -42.60 30.17
C THR D 30 -14.64 -42.30 29.65
N ASN D 31 -15.06 -41.04 29.78
CA ASN D 31 -16.37 -40.63 29.32
C ASN D 31 -16.51 -39.13 29.24
N VAL D 32 -17.36 -38.67 28.32
CA VAL D 32 -17.54 -37.26 28.05
C VAL D 32 -19.03 -37.07 27.91
N LYS D 33 -19.64 -36.26 28.76
CA LYS D 33 -21.10 -36.09 28.70
C LYS D 33 -21.49 -34.63 28.69
N THR D 34 -22.68 -34.37 28.15
CA THR D 34 -23.26 -33.05 28.11
C THR D 34 -24.33 -32.93 29.17
N ILE D 35 -24.32 -31.81 29.88
CA ILE D 35 -25.38 -31.55 30.81
C ILE D 35 -26.10 -30.30 30.36
N LEU D 36 -27.36 -30.47 29.99
CA LEU D 36 -28.21 -29.35 29.59
C LEU D 36 -29.05 -28.89 30.77
N THR D 37 -28.91 -27.62 31.16
CA THR D 37 -29.67 -27.11 32.30
C THR D 37 -29.95 -25.62 32.18
N ALA D 38 -31.00 -25.15 32.82
CA ALA D 38 -31.28 -23.72 32.70
C ALA D 38 -31.70 -23.01 34.00
N PRO D 39 -30.82 -22.98 35.03
CA PRO D 39 -31.21 -22.49 36.35
C PRO D 39 -31.48 -20.98 36.37
N GLY D 40 -30.88 -20.26 35.45
CA GLY D 40 -31.03 -18.83 35.40
C GLY D 40 -32.04 -18.46 34.34
N GLY D 41 -32.78 -19.44 33.83
CA GLY D 41 -33.82 -19.18 32.83
C GLY D 41 -33.29 -19.19 31.41
N ILE D 42 -32.02 -19.53 31.24
CA ILE D 42 -31.39 -19.51 29.92
C ILE D 42 -30.74 -20.89 29.71
N ASP D 43 -30.95 -21.51 28.56
CA ASP D 43 -30.43 -22.83 28.29
C ASP D 43 -28.90 -22.80 28.24
N LEU D 44 -28.24 -23.64 29.04
CA LEU D 44 -26.79 -23.78 29.02
C LEU D 44 -26.37 -25.21 28.65
N ALA D 45 -25.16 -25.34 28.13
CA ALA D 45 -24.62 -26.69 28.01
C ALA D 45 -23.23 -26.77 28.63
N VAL D 46 -23.09 -27.72 29.54
CA VAL D 46 -21.84 -27.94 30.26
C VAL D 46 -21.33 -29.34 29.90
N VAL D 47 -20.03 -29.44 29.61
CA VAL D 47 -19.40 -30.74 29.32
C VAL D 47 -18.68 -31.24 30.58
N LYS D 48 -18.94 -32.48 30.97
CA LYS D 48 -18.18 -33.07 32.05
C LYS D 48 -17.25 -34.10 31.40
N VAL D 49 -15.94 -33.97 31.61
CA VAL D 49 -14.96 -34.97 31.15
C VAL D 49 -14.47 -35.84 32.33
N GLU D 50 -14.81 -37.13 32.31
CA GLU D 50 -14.46 -38.05 33.40
C GLU D 50 -13.17 -38.84 33.05
N THR D 51 -12.39 -39.15 34.07
CA THR D 51 -11.14 -39.87 33.91
C THR D 51 -11.15 -41.22 34.65
N ASN D 52 -10.11 -42.04 34.44
CA ASN D 52 -10.02 -43.31 35.14
C ASN D 52 -9.44 -43.18 36.56
N GLU D 53 -9.30 -41.95 37.04
CA GLU D 53 -8.89 -41.69 38.43
C GLU D 53 -10.15 -41.26 39.18
N PRO D 54 -10.56 -42.06 40.18
CA PRO D 54 -11.86 -41.77 40.81
C PRO D 54 -11.92 -40.36 41.39
N GLY D 55 -13.02 -39.67 41.15
CA GLY D 55 -13.20 -38.34 41.70
C GLY D 55 -12.51 -37.24 40.89
N LEU D 56 -11.66 -37.62 39.93
CA LEU D 56 -11.04 -36.60 39.09
C LEU D 56 -11.83 -36.36 37.79
N TYR D 57 -12.44 -35.18 37.66
CA TYR D 57 -13.10 -34.82 36.40
C TYR D 57 -12.98 -33.33 36.14
N GLY D 58 -13.34 -32.94 34.92
CA GLY D 58 -13.21 -31.54 34.54
C GLY D 58 -14.49 -31.04 33.94
N LEU D 59 -14.72 -29.75 34.05
CA LEU D 59 -15.92 -29.18 33.45
C LEU D 59 -15.55 -28.09 32.47
N GLY D 60 -16.34 -27.98 31.40
CA GLY D 60 -16.18 -26.92 30.42
C GLY D 60 -17.51 -26.35 29.96
N CYS D 61 -17.48 -25.14 29.42
CA CYS D 61 -18.70 -24.52 28.91
C CYS D 61 -18.86 -24.76 27.42
N ALA D 62 -20.06 -25.20 27.01
CA ALA D 62 -20.31 -25.40 25.59
C ALA D 62 -21.53 -24.62 25.19
N THR D 63 -21.76 -23.51 25.87
CA THR D 63 -23.04 -22.80 25.67
C THR D 63 -23.10 -21.97 24.38
N PHE D 64 -23.70 -22.60 23.37
CA PHE D 64 -24.23 -21.87 22.21
C PHE D 64 -25.74 -21.98 22.42
N THR D 65 -26.30 -21.03 23.15
CA THR D 65 -27.63 -21.26 23.67
C THR D 65 -28.68 -21.54 22.58
N GLN D 66 -28.51 -20.92 21.41
CA GLN D 66 -29.54 -21.02 20.36
C GLN D 66 -29.55 -22.36 19.63
N ARG D 67 -28.53 -23.17 19.88
CA ARG D 67 -28.30 -24.40 19.15
C ARG D 67 -27.84 -25.50 20.12
N ILE D 68 -28.24 -25.38 21.39
CA ILE D 68 -27.81 -26.35 22.40
C ILE D 68 -28.02 -27.81 22.01
N PHE D 69 -29.16 -28.15 21.38
CA PHE D 69 -29.38 -29.57 21.04
C PHE D 69 -28.42 -30.09 19.96
N ALA D 70 -27.92 -29.18 19.12
CA ALA D 70 -26.89 -29.53 18.11
C ALA D 70 -25.46 -29.65 18.70
N VAL D 71 -25.14 -28.75 19.62
CA VAL D 71 -23.95 -28.92 20.44
C VAL D 71 -24.00 -30.27 21.19
N LYS D 72 -25.10 -30.58 21.88
CA LYS D 72 -25.18 -31.89 22.54
C LYS D 72 -24.91 -33.03 21.55
N SER D 73 -25.53 -32.96 20.39
CA SER D 73 -25.31 -34.00 19.38
C SER D 73 -23.84 -34.07 18.93
N ALA D 74 -23.24 -32.91 18.69
CA ALA D 74 -21.83 -32.88 18.27
C ALA D 74 -20.93 -33.51 19.37
N ILE D 75 -21.21 -33.20 20.62
CA ILE D 75 -20.46 -33.77 21.73
C ILE D 75 -20.68 -35.28 21.88
N ASP D 76 -21.93 -35.69 22.02
CA ASP D 76 -22.27 -37.10 22.22
C ASP D 76 -21.88 -38.05 21.07
N GLU D 77 -22.02 -37.63 19.85
CA GLU D 77 -21.78 -38.52 18.71
C GLU D 77 -20.33 -38.52 18.23
N TYR D 78 -19.62 -37.41 18.45
CA TYR D 78 -18.31 -37.22 17.82
C TYR D 78 -17.19 -37.03 18.85
N MET D 79 -17.32 -36.05 19.73
CA MET D 79 -16.24 -35.79 20.69
C MET D 79 -16.02 -36.99 21.63
N ALA D 80 -17.07 -37.48 22.28
CA ALA D 80 -16.93 -38.66 23.16
C ALA D 80 -16.13 -39.83 22.56
N PRO D 81 -16.59 -40.40 21.43
CA PRO D 81 -15.76 -41.49 20.87
C PRO D 81 -14.40 -41.02 20.38
N PHE D 82 -14.23 -39.72 20.10
CA PHE D 82 -12.91 -39.24 19.72
C PHE D 82 -11.95 -39.30 20.93
N LEU D 83 -12.48 -38.97 22.10
CA LEU D 83 -11.61 -38.75 23.25
C LEU D 83 -11.40 -39.98 24.14
N ILE D 84 -12.36 -40.91 24.18
CA ILE D 84 -12.26 -42.00 25.17
C ILE D 84 -10.89 -42.68 25.06
N GLY D 85 -10.24 -42.87 26.20
CA GLY D 85 -9.00 -43.60 26.22
C GLY D 85 -7.78 -42.73 26.02
N LYS D 86 -7.97 -41.45 25.69
CA LYS D 86 -6.81 -40.57 25.52
C LYS D 86 -6.32 -39.98 26.83
N ASP D 87 -5.06 -39.59 26.83
CA ASP D 87 -4.43 -38.96 27.97
C ASP D 87 -4.90 -37.49 28.08
N PRO D 88 -5.55 -37.12 29.19
CA PRO D 88 -6.17 -35.80 29.16
C PRO D 88 -5.20 -34.60 29.27
N THR D 89 -3.94 -34.84 29.64
CA THR D 89 -3.01 -33.75 29.90
C THR D 89 -2.38 -33.16 28.62
N ARG D 90 -2.60 -33.82 27.49
CA ARG D 90 -2.06 -33.35 26.24
C ARG D 90 -3.04 -32.36 25.65
N ILE D 91 -3.22 -31.23 26.34
CA ILE D 91 -4.34 -30.35 25.99
C ILE D 91 -4.25 -29.82 24.56
N GLU D 92 -3.08 -29.36 24.17
CA GLU D 92 -2.85 -28.83 22.83
C GLU D 92 -2.96 -29.89 21.72
N ASP D 93 -2.39 -31.09 21.92
CA ASP D 93 -2.49 -32.16 20.90
C ASP D 93 -3.97 -32.53 20.69
N ILE D 94 -4.69 -32.62 21.78
CA ILE D 94 -6.08 -32.91 21.71
C ILE D 94 -6.86 -31.82 21.01
N TRP D 95 -6.71 -30.57 21.46
CA TRP D 95 -7.29 -29.42 20.71
C TRP D 95 -6.99 -29.43 19.19
N GLN D 96 -5.73 -29.54 18.78
CA GLN D 96 -5.37 -29.51 17.36
C GLN D 96 -6.01 -30.67 16.60
N SER D 97 -5.89 -31.89 17.11
CA SER D 97 -6.42 -33.03 16.37
C SER D 97 -7.95 -33.09 16.40
N ALA D 98 -8.56 -32.73 17.54
CA ALA D 98 -10.03 -32.62 17.62
C ALA D 98 -10.59 -31.58 16.67
N ALA D 99 -9.92 -30.44 16.58
CA ALA D 99 -10.44 -29.38 15.74
C ALA D 99 -10.51 -29.76 14.24
N VAL D 100 -9.58 -30.61 13.78
CA VAL D 100 -9.57 -31.03 12.38
C VAL D 100 -10.19 -32.39 12.15
N SER D 101 -10.67 -33.04 13.22
CA SER D 101 -11.20 -34.41 13.12
C SER D 101 -12.31 -34.64 12.10
N GLY D 102 -13.11 -33.60 11.82
CA GLY D 102 -14.18 -33.69 10.82
C GLY D 102 -13.82 -33.00 9.51
N TYR D 103 -12.54 -32.62 9.39
CA TYR D 103 -12.04 -31.97 8.18
C TYR D 103 -12.49 -30.54 8.14
N TRP D 104 -13.76 -30.31 7.80
CA TRP D 104 -14.35 -28.98 7.91
C TRP D 104 -14.34 -28.59 9.38
N ARG D 105 -14.18 -27.28 9.65
CA ARG D 105 -13.96 -26.74 10.99
C ARG D 105 -14.30 -25.24 10.97
N ASN D 106 -14.05 -24.56 12.09
CA ASN D 106 -14.26 -23.10 12.24
C ASN D 106 -15.70 -22.66 12.16
N GLY D 107 -16.50 -23.06 13.12
CA GLY D 107 -17.91 -22.64 13.18
C GLY D 107 -18.37 -22.71 14.62
N PRO D 108 -19.49 -22.05 14.93
CA PRO D 108 -19.90 -21.90 16.33
C PRO D 108 -20.27 -23.24 17.00
N ILE D 109 -21.01 -24.12 16.33
CA ILE D 109 -21.42 -25.36 17.00
C ILE D 109 -20.19 -26.24 17.24
N MET D 110 -19.36 -26.37 16.21
CA MET D 110 -18.18 -27.18 16.37
C MET D 110 -17.21 -26.55 17.39
N ASN D 111 -17.06 -25.25 17.37
CA ASN D 111 -16.18 -24.60 18.31
C ASN D 111 -16.59 -24.78 19.77
N ASN D 112 -17.88 -24.70 20.02
CA ASN D 112 -18.42 -24.99 21.37
C ASN D 112 -18.22 -26.43 21.83
N ALA D 113 -18.38 -27.41 20.93
CA ALA D 113 -18.01 -28.79 21.33
C ALA D 113 -16.51 -28.83 21.71
N LEU D 114 -15.65 -28.13 20.97
CA LEU D 114 -14.24 -28.07 21.34
C LEU D 114 -14.02 -27.40 22.70
N SER D 115 -14.77 -26.32 22.95
CA SER D 115 -14.61 -25.54 24.16
C SER D 115 -15.03 -26.35 25.38
N GLY D 116 -16.16 -27.05 25.32
CA GLY D 116 -16.58 -27.87 26.46
C GLY D 116 -15.45 -28.78 26.90
N VAL D 117 -14.78 -29.36 25.93
CA VAL D 117 -13.73 -30.30 26.23
C VAL D 117 -12.44 -29.58 26.67
N ASP D 118 -11.98 -28.63 25.87
CA ASP D 118 -10.74 -27.92 26.19
C ASP D 118 -10.80 -27.26 27.61
N MET D 119 -11.92 -26.62 27.96
CA MET D 119 -12.03 -26.08 29.33
C MET D 119 -11.99 -27.19 30.39
N ALA D 120 -12.59 -28.33 30.08
CA ALA D 120 -12.60 -29.44 31.04
C ALA D 120 -11.19 -29.98 31.24
N LEU D 121 -10.39 -30.06 30.16
CA LEU D 121 -9.01 -30.54 30.30
C LEU D 121 -8.17 -29.53 31.11
N TRP D 122 -8.36 -28.24 30.84
CA TRP D 122 -7.67 -27.24 31.61
C TRP D 122 -8.00 -27.37 33.08
N ASP D 123 -9.26 -27.67 33.33
CA ASP D 123 -9.78 -27.76 34.67
C ASP D 123 -9.16 -28.96 35.32
N ILE D 124 -9.07 -30.07 34.59
CA ILE D 124 -8.41 -31.26 35.11
C ILE D 124 -6.93 -30.97 35.43
N LYS D 125 -6.23 -30.32 34.50
CA LYS D 125 -4.81 -29.94 34.67
C LYS D 125 -4.61 -29.10 35.95
N GLY D 126 -5.48 -28.14 36.20
CA GLY D 126 -5.39 -27.37 37.48
C GLY D 126 -5.54 -28.29 38.68
N LYS D 127 -6.49 -29.21 38.63
CA LYS D 127 -6.68 -30.20 39.69
C LYS D 127 -5.47 -31.11 39.93
N LEU D 128 -4.87 -31.63 38.86
CA LEU D 128 -3.65 -32.40 38.99
C LEU D 128 -2.52 -31.57 39.58
N ALA D 129 -2.42 -30.29 39.18
CA ALA D 129 -1.38 -29.40 39.68
C ALA D 129 -1.66 -28.83 41.07
N GLY D 130 -2.88 -29.02 41.57
CA GLY D 130 -3.35 -28.33 42.80
C GLY D 130 -3.31 -26.81 42.67
N MET D 131 -3.64 -26.29 41.48
CA MET D 131 -3.57 -24.85 41.18
C MET D 131 -4.75 -24.38 40.36
N PRO D 132 -5.19 -23.14 40.62
CA PRO D 132 -6.18 -22.55 39.71
C PRO D 132 -5.60 -22.44 38.29
N VAL D 133 -6.46 -22.49 37.28
CA VAL D 133 -6.02 -22.37 35.91
C VAL D 133 -5.21 -21.08 35.69
N TYR D 134 -5.60 -19.98 36.31
CA TYR D 134 -4.89 -18.71 36.15
C TYR D 134 -3.43 -18.76 36.65
N GLU D 135 -3.11 -19.62 37.62
CA GLU D 135 -1.72 -19.83 38.04
C GLU D 135 -0.91 -20.57 36.93
N LEU D 136 -1.59 -21.47 36.21
CA LEU D 136 -0.95 -22.19 35.10
C LEU D 136 -0.62 -21.24 33.95
N LEU D 137 -1.52 -20.30 33.72
CA LEU D 137 -1.40 -19.39 32.58
C LEU D 137 -0.49 -18.18 32.82
N GLY D 138 0.17 -18.10 34.00
CA GLY D 138 1.07 -16.98 34.30
C GLY D 138 0.92 -16.35 35.69
N GLY D 139 -0.14 -16.70 36.42
CA GLY D 139 -0.34 -16.12 37.75
C GLY D 139 -1.11 -14.81 37.71
N LYS D 140 -1.44 -14.30 38.89
CA LYS D 140 -2.23 -13.08 38.97
C LYS D 140 -1.48 -11.87 38.40
N CYS D 141 -2.16 -11.12 37.54
CA CYS D 141 -1.66 -9.86 37.02
C CYS D 141 -2.40 -8.68 37.64
N ARG D 142 -3.36 -8.95 38.50
CA ARG D 142 -4.18 -7.91 39.06
C ARG D 142 -4.82 -8.40 40.36
N ASP D 143 -5.39 -7.49 41.14
CA ASP D 143 -5.89 -7.81 42.49
C ASP D 143 -7.39 -8.06 42.52
N GLY D 144 -8.06 -7.78 41.41
CA GLY D 144 -9.50 -7.94 41.35
C GLY D 144 -9.85 -7.69 39.90
N ILE D 145 -11.03 -8.14 39.48
CA ILE D 145 -11.38 -8.03 38.08
C ILE D 145 -12.49 -7.02 37.92
N PRO D 146 -12.17 -5.85 37.35
CA PRO D 146 -13.19 -4.83 37.17
C PRO D 146 -14.32 -5.27 36.20
N LEU D 147 -15.57 -4.93 36.56
CA LEU D 147 -16.75 -5.41 35.85
C LEU D 147 -17.58 -4.30 35.21
N TYR D 148 -18.31 -4.62 34.16
CA TYR D 148 -19.38 -3.74 33.79
C TYR D 148 -20.66 -4.51 33.69
N CYS D 149 -21.76 -3.83 33.93
CA CYS D 149 -23.06 -4.45 33.86
C CYS D 149 -23.99 -3.64 32.96
N HIS D 150 -25.15 -4.25 32.69
CA HIS D 150 -26.16 -3.73 31.77
C HIS D 150 -27.18 -2.83 32.48
N THR D 151 -27.49 -1.69 31.89
CA THR D 151 -28.56 -0.82 32.41
C THR D 151 -29.47 -0.44 31.27
N ASP D 152 -30.74 -0.85 31.36
CA ASP D 152 -31.69 -0.60 30.28
C ASP D 152 -32.70 0.46 30.67
N GLY D 153 -33.43 0.95 29.68
CA GLY D 153 -34.51 1.89 29.94
C GLY D 153 -35.35 2.15 28.71
N GLY D 154 -36.63 2.41 28.95
CA GLY D 154 -37.52 2.88 27.92
C GLY D 154 -37.17 4.29 27.48
N ASP D 155 -36.57 5.08 28.38
CA ASP D 155 -36.19 6.46 28.04
C ASP D 155 -34.93 6.87 28.79
N GLU D 156 -34.57 8.15 28.68
CA GLU D 156 -33.38 8.70 29.30
C GLU D 156 -33.44 8.62 30.82
N VAL D 157 -34.59 8.98 31.39
CA VAL D 157 -34.78 8.99 32.83
C VAL D 157 -34.76 7.58 33.45
N GLU D 158 -35.42 6.61 32.82
CA GLU D 158 -35.35 5.23 33.34
C GLU D 158 -33.95 4.59 33.22
N VAL D 159 -33.22 4.93 32.17
CA VAL D 159 -31.88 4.41 32.00
C VAL D 159 -31.01 4.94 33.14
N GLU D 160 -31.01 6.26 33.33
CA GLU D 160 -30.32 6.88 34.45
C GLU D 160 -30.63 6.23 35.78
N ASP D 161 -31.88 5.82 35.98
CA ASP D 161 -32.29 5.23 37.25
C ASP D 161 -31.56 3.92 37.49
N ASN D 162 -31.46 3.12 36.43
CA ASN D 162 -30.70 1.88 36.49
C ASN D 162 -29.23 2.14 36.74
N ILE D 163 -28.66 3.10 36.02
CA ILE D 163 -27.26 3.43 36.17
C ILE D 163 -27.03 3.82 37.63
N ARG D 164 -27.94 4.62 38.15
CA ARG D 164 -27.87 5.03 39.58
C ARG D 164 -27.93 3.84 40.52
N ALA D 165 -28.89 2.94 40.33
CA ALA D 165 -28.95 1.73 41.13
C ALA D 165 -27.64 0.91 41.05
N ARG D 166 -27.04 0.83 39.86
CA ARG D 166 -25.81 0.04 39.70
C ARG D 166 -24.62 0.73 40.34
N MET D 167 -24.53 2.04 40.19
CA MET D 167 -23.47 2.82 40.80
C MET D 167 -23.45 2.67 42.32
N GLU D 168 -24.62 2.60 42.94
CA GLU D 168 -24.68 2.42 44.38
C GLU D 168 -24.13 1.04 44.82
N GLU D 169 -24.36 0.01 44.00
CA GLU D 169 -23.76 -1.31 44.22
C GLU D 169 -22.24 -1.31 43.99
N GLY D 170 -21.69 -0.20 43.52
CA GLY D 170 -20.27 -0.14 43.27
C GLY D 170 -19.77 -0.40 41.83
N TYR D 171 -20.65 -0.52 40.84
CA TYR D 171 -20.13 -0.65 39.47
C TYR D 171 -19.52 0.66 39.02
N GLN D 172 -18.36 0.59 38.34
CA GLN D 172 -17.78 1.86 37.88
C GLN D 172 -17.84 1.94 36.38
N TYR D 173 -18.51 0.97 35.77
CA TYR D 173 -18.65 0.85 34.32
C TYR D 173 -20.03 0.26 34.04
N VAL D 174 -20.72 0.78 33.05
CA VAL D 174 -22.05 0.32 32.70
C VAL D 174 -22.27 0.44 31.22
N ARG D 175 -23.04 -0.49 30.67
CA ARG D 175 -23.46 -0.41 29.27
C ARG D 175 -24.88 0.15 29.23
N CYS D 176 -25.05 1.25 28.48
CA CYS D 176 -26.32 1.98 28.40
C CYS D 176 -27.00 1.84 27.05
N GLN D 177 -28.18 1.22 27.05
CA GLN D 177 -29.00 1.15 25.87
C GLN D 177 -30.31 1.84 26.22
N MET D 178 -30.92 2.53 25.27
CA MET D 178 -32.29 2.98 25.51
C MET D 178 -33.20 2.38 24.47
N GLY D 179 -34.28 1.77 24.93
CA GLY D 179 -35.24 1.16 24.02
C GLY D 179 -34.68 -0.05 23.28
N MET D 180 -35.20 -0.32 22.11
CA MET D 180 -34.70 -1.45 21.35
C MET D 180 -34.47 -1.04 19.89
N TYR D 181 -33.43 -0.25 19.72
CA TYR D 181 -32.96 0.17 18.39
C TYR D 181 -34.06 0.72 17.53
N GLY D 182 -34.83 1.63 18.12
CA GLY D 182 -35.86 2.38 17.38
C GLY D 182 -37.11 1.57 17.13
N GLY D 183 -37.20 0.40 17.77
CA GLY D 183 -38.39 -0.45 17.72
C GLY D 183 -39.69 0.34 17.77
N PRO D 204 -39.72 7.90 13.87
CA PRO D 204 -39.76 6.49 13.45
C PRO D 204 -40.60 6.29 12.18
N LYS D 205 -40.05 5.60 11.19
CA LYS D 205 -40.68 5.51 9.87
C LYS D 205 -41.90 4.60 9.78
N ARG D 206 -42.85 5.00 8.95
CA ARG D 206 -44.00 4.18 8.62
C ARG D 206 -43.61 3.01 7.70
N SER D 207 -44.12 1.83 8.04
CA SER D 207 -44.02 0.63 7.22
C SER D 207 -45.02 0.64 6.07
N PRO D 208 -44.84 -0.27 5.11
CA PRO D 208 -45.80 -0.44 4.03
C PRO D 208 -47.13 -0.90 4.60
N ARG D 209 -48.14 -1.04 3.74
CA ARG D 209 -49.50 -1.30 4.21
C ARG D 209 -49.75 -2.71 4.75
N SER D 210 -48.87 -3.66 4.42
CA SER D 210 -48.88 -4.96 5.13
C SER D 210 -47.45 -5.39 5.48
N LYS D 211 -47.27 -6.00 6.64
CA LYS D 211 -45.94 -6.33 7.14
C LYS D 211 -45.77 -7.82 7.30
N THR D 212 -44.62 -8.34 6.87
CA THR D 212 -44.21 -9.69 7.21
C THR D 212 -43.79 -9.73 8.69
N PRO D 213 -44.26 -10.74 9.44
CA PRO D 213 -43.96 -10.84 10.87
C PRO D 213 -42.44 -10.80 11.16
N GLY D 214 -42.10 -10.16 12.26
CA GLY D 214 -40.72 -10.08 12.74
C GLY D 214 -40.70 -9.01 13.82
N ILE D 215 -39.55 -8.79 14.46
CA ILE D 215 -39.47 -7.68 15.39
C ILE D 215 -38.95 -6.49 14.62
N TYR D 216 -39.79 -5.46 14.48
CA TYR D 216 -39.44 -4.29 13.68
C TYR D 216 -38.57 -3.30 14.45
N PHE D 217 -37.56 -2.76 13.78
CA PHE D 217 -36.75 -1.71 14.37
C PHE D 217 -36.52 -0.60 13.34
N ASP D 218 -36.03 0.56 13.78
CA ASP D 218 -35.73 1.64 12.83
C ASP D 218 -34.31 2.12 13.04
N PRO D 219 -33.40 1.67 12.17
CA PRO D 219 -31.96 1.93 12.27
C PRO D 219 -31.63 3.41 12.25
N GLU D 220 -32.26 4.20 11.37
CA GLU D 220 -31.95 5.65 11.33
C GLU D 220 -32.50 6.41 12.54
N ALA D 221 -33.71 6.05 12.96
CA ALA D 221 -34.25 6.57 14.21
C ALA D 221 -33.32 6.27 15.41
N TYR D 222 -32.89 5.02 15.52
CA TYR D 222 -31.96 4.62 16.58
C TYR D 222 -30.70 5.44 16.49
N ALA D 223 -30.11 5.52 15.30
CA ALA D 223 -28.82 6.21 15.15
C ALA D 223 -28.85 7.68 15.58
N LYS D 224 -29.96 8.37 15.31
CA LYS D 224 -30.07 9.77 15.71
C LYS D 224 -30.30 9.95 17.20
N SER D 225 -30.91 8.95 17.84
CA SER D 225 -31.26 9.05 19.26
C SER D 225 -30.09 8.78 20.19
N VAL D 226 -29.09 8.02 19.74
CA VAL D 226 -27.96 7.69 20.60
C VAL D 226 -27.20 8.93 21.13
N PRO D 227 -26.76 9.83 20.24
CA PRO D 227 -26.09 11.03 20.72
C PRO D 227 -26.93 11.77 21.76
N ARG D 228 -28.24 11.87 21.54
CA ARG D 228 -29.12 12.58 22.47
C ARG D 228 -29.10 11.91 23.83
N LEU D 229 -29.09 10.58 23.83
CA LEU D 229 -28.96 9.79 25.04
C LEU D 229 -27.67 10.08 25.80
N PHE D 230 -26.53 10.07 25.12
CA PHE D 230 -25.29 10.31 25.85
C PHE D 230 -25.10 11.77 26.30
N GLU D 231 -25.70 12.69 25.56
CA GLU D 231 -25.68 14.10 25.97
C GLU D 231 -26.39 14.22 27.32
N HIS D 232 -27.57 13.63 27.40
CA HIS D 232 -28.33 13.62 28.60
C HIS D 232 -27.55 12.95 29.74
N LEU D 233 -27.09 11.72 29.51
CA LEU D 233 -26.42 10.96 30.56
C LEU D 233 -25.23 11.72 31.14
N ARG D 234 -24.38 12.24 30.25
CA ARG D 234 -23.16 12.92 30.67
C ARG D 234 -23.53 14.19 31.42
N ASN D 235 -24.60 14.84 30.99
CA ASN D 235 -25.05 16.07 31.64
C ASN D 235 -25.57 15.74 33.04
N LYS D 236 -26.31 14.63 33.13
CA LYS D 236 -26.83 14.18 34.40
C LYS D 236 -25.75 13.68 35.34
N LEU D 237 -24.86 12.82 34.87
CA LEU D 237 -24.06 12.03 35.77
C LEU D 237 -22.59 12.38 35.76
N GLY D 238 -22.13 13.05 34.70
CA GLY D 238 -20.74 13.47 34.60
C GLY D 238 -19.85 12.43 33.96
N PHE D 239 -18.55 12.59 34.13
CA PHE D 239 -17.60 11.82 33.35
C PHE D 239 -16.81 10.86 34.22
N GLY D 240 -17.23 10.72 35.47
CA GLY D 240 -16.53 9.80 36.34
C GLY D 240 -16.86 8.37 35.99
N ILE D 241 -18.13 8.12 35.71
CA ILE D 241 -18.62 6.79 35.38
C ILE D 241 -18.23 6.48 33.93
N GLU D 242 -17.80 5.25 33.66
CA GLU D 242 -17.45 4.83 32.29
C GLU D 242 -18.68 4.26 31.57
N PHE D 243 -18.90 4.67 30.30
CA PHE D 243 -20.06 4.21 29.52
C PHE D 243 -19.66 3.32 28.41
N ILE D 244 -20.42 2.25 28.23
CA ILE D 244 -20.29 1.43 27.03
C ILE D 244 -21.63 1.49 26.30
N HIS D 245 -21.60 1.55 24.97
CA HIS D 245 -22.81 1.43 24.18
C HIS D 245 -22.59 0.38 23.08
N ASP D 246 -23.63 -0.41 22.80
CA ASP D 246 -23.55 -1.52 21.87
C ASP D 246 -24.43 -1.30 20.66
N VAL D 247 -23.84 -1.03 19.49
CA VAL D 247 -24.59 -0.78 18.26
C VAL D 247 -25.17 -2.10 17.71
N HIS D 248 -24.52 -3.22 18.06
CA HIS D 248 -25.05 -4.56 17.76
C HIS D 248 -25.36 -4.74 16.28
N GLU D 249 -24.45 -4.29 15.41
CA GLU D 249 -24.53 -4.47 13.94
C GLU D 249 -25.86 -3.99 13.33
N ARG D 250 -26.54 -3.04 14.00
CA ARG D 250 -27.88 -2.58 13.59
C ARG D 250 -27.99 -1.46 12.55
N VAL D 251 -26.88 -0.80 12.19
CA VAL D 251 -26.93 0.26 11.16
C VAL D 251 -25.93 -0.01 10.01
N THR D 252 -26.06 0.71 8.89
CA THR D 252 -25.11 0.53 7.79
C THR D 252 -23.71 1.03 8.19
N PRO D 253 -22.66 0.55 7.52
CA PRO D 253 -21.36 0.93 8.06
C PRO D 253 -21.11 2.44 8.14
N VAL D 254 -21.51 3.21 7.15
CA VAL D 254 -21.19 4.64 7.19
C VAL D 254 -22.04 5.34 8.27
N THR D 255 -23.21 4.79 8.59
CA THR D 255 -23.99 5.32 9.75
C THR D 255 -23.18 5.06 11.03
N ALA D 256 -22.51 3.91 11.12
CA ALA D 256 -21.72 3.56 12.31
C ALA D 256 -20.52 4.48 12.45
N ILE D 257 -19.96 4.88 11.31
CA ILE D 257 -18.81 5.80 11.31
C ILE D 257 -19.21 7.18 11.82
N GLN D 258 -20.33 7.68 11.35
CA GLN D 258 -20.90 8.97 11.82
C GLN D 258 -21.21 8.93 13.32
N LEU D 259 -21.88 7.86 13.78
CA LEU D 259 -22.12 7.66 15.19
C LEU D 259 -20.82 7.67 16.02
N ALA D 260 -19.81 6.92 15.59
CA ALA D 260 -18.55 6.93 16.32
C ALA D 260 -18.00 8.36 16.40
N LYS D 261 -18.09 9.08 15.30
CA LYS D 261 -17.51 10.41 15.28
C LYS D 261 -18.31 11.31 16.20
N THR D 262 -19.62 11.23 16.11
CA THR D 262 -20.52 12.08 16.90
C THR D 262 -20.51 11.82 18.40
N LEU D 263 -20.12 10.61 18.80
CA LEU D 263 -20.01 10.25 20.22
C LEU D 263 -18.67 10.62 20.83
N GLU D 264 -17.76 11.22 20.06
CA GLU D 264 -16.40 11.43 20.56
C GLU D 264 -16.34 12.30 21.83
N PRO D 265 -17.15 13.36 21.88
CA PRO D 265 -17.28 14.25 23.06
C PRO D 265 -17.76 13.51 24.33
N TYR D 266 -18.43 12.38 24.17
CA TYR D 266 -19.01 11.74 25.36
C TYR D 266 -18.06 10.72 25.98
N GLN D 267 -16.95 10.50 25.31
CA GLN D 267 -15.87 9.65 25.80
C GLN D 267 -16.28 8.27 26.31
N LEU D 268 -16.82 7.47 25.41
CA LEU D 268 -17.18 6.08 25.73
C LEU D 268 -15.94 5.29 26.07
N PHE D 269 -16.10 4.31 26.96
CA PHE D 269 -15.06 3.35 27.23
C PHE D 269 -14.82 2.50 25.96
N TYR D 270 -15.91 1.99 25.35
CA TYR D 270 -15.87 1.58 23.95
C TYR D 270 -17.25 1.63 23.30
N LEU D 271 -17.25 1.77 21.97
CA LEU D 271 -18.44 1.52 21.15
C LEU D 271 -18.27 0.12 20.56
N GLU D 272 -19.30 -0.68 20.73
CA GLU D 272 -19.22 -2.12 20.47
C GLU D 272 -19.94 -2.52 19.21
N ASP D 273 -19.36 -3.44 18.46
CA ASP D 273 -20.01 -3.96 17.26
C ASP D 273 -20.57 -2.95 16.25
N PRO D 274 -19.74 -2.00 15.80
CA PRO D 274 -20.28 -1.07 14.84
C PRO D 274 -20.58 -1.71 13.45
N VAL D 275 -19.96 -2.85 13.15
CA VAL D 275 -20.25 -3.57 11.91
C VAL D 275 -20.42 -5.08 12.19
N ALA D 276 -21.14 -5.77 11.32
CA ALA D 276 -21.16 -7.24 11.28
C ALA D 276 -19.79 -7.77 10.84
N PRO D 277 -19.46 -9.02 11.22
CA PRO D 277 -18.22 -9.72 10.85
C PRO D 277 -18.04 -9.74 9.33
N GLU D 278 -19.17 -9.79 8.63
CA GLU D 278 -19.20 -9.85 7.17
C GLU D 278 -18.77 -8.50 6.58
N ASN D 279 -18.91 -7.42 7.35
CA ASN D 279 -18.46 -6.06 6.94
C ASN D 279 -17.18 -5.51 7.58
N ILE D 280 -16.31 -6.36 8.11
CA ILE D 280 -15.14 -5.86 8.84
C ILE D 280 -14.20 -4.99 8.03
N ASP D 281 -14.16 -5.12 6.70
CA ASP D 281 -13.32 -4.22 5.89
C ASP D 281 -13.70 -2.75 6.07
N TRP D 282 -14.94 -2.47 6.46
CA TRP D 282 -15.35 -1.06 6.68
C TRP D 282 -14.59 -0.37 7.80
N LEU D 283 -14.00 -1.16 8.71
CA LEU D 283 -13.27 -0.58 9.83
C LEU D 283 -12.00 0.16 9.37
N ARG D 284 -11.41 -0.19 8.22
CA ARG D 284 -10.33 0.67 7.70
C ARG D 284 -10.79 2.13 7.62
N MET D 285 -11.96 2.36 7.05
CA MET D 285 -12.43 3.73 6.87
C MET D 285 -12.81 4.32 8.24
N LEU D 286 -13.48 3.54 9.09
CA LEU D 286 -13.88 4.05 10.40
C LEU D 286 -12.67 4.56 11.20
N ARG D 287 -11.57 3.81 11.15
CA ARG D 287 -10.39 4.11 11.98
C ARG D 287 -9.49 5.21 11.39
N GLN D 288 -9.78 5.65 10.17
CA GLN D 288 -9.12 6.83 9.58
CA GLN D 288 -9.14 6.81 9.61
C GLN D 288 -9.76 8.09 10.11
N GLN D 289 -10.93 8.00 10.67
CA GLN D 289 -11.77 9.20 10.97
C GLN D 289 -12.19 9.34 12.43
N SER D 290 -12.42 8.23 13.13
CA SER D 290 -12.88 8.35 14.51
C SER D 290 -11.87 7.93 15.56
N SER D 291 -11.92 8.60 16.70
CA SER D 291 -11.11 8.30 17.88
C SER D 291 -11.92 7.68 19.05
N THR D 292 -13.17 7.33 18.83
CA THR D 292 -13.94 6.57 19.83
C THR D 292 -13.42 5.14 19.92
N PRO D 293 -13.24 4.59 21.14
CA PRO D 293 -12.66 3.24 21.20
C PRO D 293 -13.62 2.24 20.61
N ILE D 294 -13.10 1.22 19.91
CA ILE D 294 -14.01 0.28 19.29
C ILE D 294 -13.85 -1.09 19.83
N SER D 295 -14.96 -1.80 20.07
CA SER D 295 -14.85 -3.24 20.34
C SER D 295 -15.60 -4.03 19.30
N MET D 296 -15.16 -5.25 19.06
CA MET D 296 -15.78 -6.16 18.11
C MET D 296 -15.45 -7.56 18.55
N GLY D 297 -16.23 -8.54 18.11
CA GLY D 297 -15.79 -9.92 18.18
C GLY D 297 -16.71 -10.95 18.83
N GLU D 298 -17.79 -10.53 19.48
CA GLU D 298 -18.62 -11.53 20.16
C GLU D 298 -19.12 -12.57 19.17
N LEU D 299 -19.38 -12.14 17.93
CA LEU D 299 -19.79 -13.07 16.84
C LEU D 299 -18.68 -13.86 16.12
N PHE D 300 -17.41 -13.61 16.46
CA PHE D 300 -16.29 -14.19 15.66
C PHE D 300 -16.12 -15.71 15.85
N VAL D 301 -15.88 -16.45 14.78
CA VAL D 301 -15.65 -17.90 14.90
C VAL D 301 -14.49 -18.35 14.04
N ASN D 302 -13.71 -17.39 13.54
CA ASN D 302 -12.72 -17.64 12.48
C ASN D 302 -11.56 -16.65 12.61
N ILE D 303 -10.34 -17.17 12.59
CA ILE D 303 -9.14 -16.32 12.64
C ILE D 303 -9.13 -15.25 11.55
N ASN D 304 -9.59 -15.60 10.35
CA ASN D 304 -9.67 -14.63 9.26
C ASN D 304 -10.66 -13.49 9.50
N GLU D 305 -11.47 -13.61 10.56
CA GLU D 305 -12.25 -12.46 11.03
C GLU D 305 -11.40 -11.52 11.92
N TRP D 306 -10.73 -12.05 12.93
CA TRP D 306 -10.11 -11.17 13.91
C TRP D 306 -8.68 -10.78 13.61
N LYS D 307 -7.94 -11.62 12.89
CA LYS D 307 -6.55 -11.36 12.68
C LYS D 307 -6.32 -10.04 11.95
N PRO D 308 -7.03 -9.81 10.85
CA PRO D 308 -6.80 -8.53 10.15
C PRO D 308 -7.15 -7.29 10.96
N LEU D 309 -8.21 -7.35 11.79
CA LEU D 309 -8.55 -6.23 12.63
C LEU D 309 -7.41 -5.92 13.59
N ILE D 310 -6.86 -6.96 14.21
CA ILE D 310 -5.85 -6.77 15.26
C ILE D 310 -4.49 -6.36 14.69
N ASP D 311 -4.06 -7.05 13.64
CA ASP D 311 -2.84 -6.69 12.92
C ASP D 311 -2.83 -5.19 12.53
N ASN D 312 -3.96 -4.68 12.08
CA ASN D 312 -4.05 -3.30 11.57
C ASN D 312 -4.56 -2.27 12.56
N LYS D 313 -4.76 -2.66 13.82
CA LYS D 313 -5.12 -1.75 14.89
C LYS D 313 -6.51 -1.16 14.66
N LEU D 314 -7.38 -1.98 14.09
CA LEU D 314 -8.71 -1.55 13.70
C LEU D 314 -9.71 -1.63 14.86
N ILE D 315 -9.30 -2.26 15.97
CA ILE D 315 -10.11 -2.26 17.18
C ILE D 315 -9.21 -2.08 18.39
N ASP D 316 -9.83 -1.69 19.50
CA ASP D 316 -9.17 -1.51 20.80
C ASP D 316 -9.44 -2.60 21.83
N TYR D 317 -10.51 -3.36 21.62
CA TYR D 317 -10.87 -4.48 22.51
C TYR D 317 -11.42 -5.59 21.68
N ILE D 318 -11.04 -6.82 22.03
CA ILE D 318 -11.56 -8.01 21.39
C ILE D 318 -12.63 -8.62 22.31
N ARG D 319 -13.74 -9.03 21.72
CA ARG D 319 -14.94 -9.36 22.50
C ARG D 319 -15.36 -10.81 22.35
N CYS D 320 -14.48 -11.67 21.87
CA CYS D 320 -14.89 -13.04 21.61
C CYS D 320 -15.65 -13.71 22.76
N HIS D 321 -16.58 -14.55 22.38
CA HIS D 321 -17.25 -15.47 23.32
C HIS D 321 -16.33 -16.69 23.38
N VAL D 322 -15.66 -16.89 24.53
CA VAL D 322 -14.54 -17.83 24.63
C VAL D 322 -14.90 -19.23 24.10
N SER D 323 -16.04 -19.74 24.53
CA SER D 323 -16.48 -21.08 24.09
C SER D 323 -16.69 -21.11 22.57
N THR D 324 -17.20 -20.00 22.06
CA THR D 324 -17.44 -19.91 20.63
C THR D 324 -16.20 -19.84 19.73
N ILE D 325 -15.05 -19.47 20.29
CA ILE D 325 -13.78 -19.65 19.55
C ILE D 325 -12.99 -20.95 19.84
N GLY D 326 -13.52 -21.81 20.71
CA GLY D 326 -12.99 -23.13 20.87
C GLY D 326 -12.36 -23.35 22.22
N GLY D 327 -12.54 -22.42 23.14
CA GLY D 327 -12.13 -22.64 24.55
C GLY D 327 -10.91 -21.85 25.01
N ILE D 328 -10.34 -22.30 26.12
CA ILE D 328 -9.24 -21.59 26.78
C ILE D 328 -7.97 -21.59 25.94
N THR D 329 -7.66 -22.72 25.31
CA THR D 329 -6.44 -22.78 24.48
C THR D 329 -6.41 -21.73 23.34
N PRO D 330 -7.47 -21.66 22.51
CA PRO D 330 -7.41 -20.59 21.49
C PRO D 330 -7.61 -19.18 22.07
N ALA D 331 -8.39 -19.03 23.14
CA ALA D 331 -8.58 -17.71 23.73
C ALA D 331 -7.27 -17.13 24.29
N LYS D 332 -6.47 -17.99 24.92
CA LYS D 332 -5.17 -17.57 25.46
C LYS D 332 -4.29 -17.06 24.33
N LYS D 333 -4.26 -17.81 23.24
CA LYS D 333 -3.52 -17.42 22.06
C LYS D 333 -3.96 -16.08 21.49
N LEU D 334 -5.27 -15.88 21.42
CA LEU D 334 -5.86 -14.64 20.94
C LEU D 334 -5.52 -13.45 21.87
N ALA D 335 -5.69 -13.65 23.17
CA ALA D 335 -5.21 -12.69 24.17
C ALA D 335 -3.75 -12.28 23.97
N VAL D 336 -2.85 -13.25 23.70
CA VAL D 336 -1.42 -12.93 23.46
C VAL D 336 -1.25 -12.17 22.14
N TYR D 337 -1.91 -12.63 21.09
CA TYR D 337 -1.87 -11.92 19.84
C TYR D 337 -2.34 -10.49 20.03
N SER D 338 -3.46 -10.32 20.73
CA SER D 338 -3.97 -8.98 21.05
C SER D 338 -2.93 -8.15 21.83
N GLU D 339 -2.41 -8.69 22.93
CA GLU D 339 -1.38 -8.02 23.74
C GLU D 339 -0.21 -7.43 22.92
N LEU D 340 0.36 -8.21 22.02
CA LEU D 340 1.49 -7.73 21.26
C LEU D 340 1.10 -6.62 20.30
N ASN D 341 -0.19 -6.51 20.03
CA ASN D 341 -0.65 -5.47 19.15
C ASN D 341 -1.27 -4.31 19.90
N GLY D 342 -1.11 -4.31 21.21
CA GLY D 342 -1.66 -3.28 22.07
C GLY D 342 -3.17 -3.26 22.20
N VAL D 343 -3.83 -4.37 21.86
CA VAL D 343 -5.28 -4.49 21.97
C VAL D 343 -5.65 -5.25 23.24
N ARG D 344 -6.73 -4.85 23.91
CA ARG D 344 -7.07 -5.45 25.20
C ARG D 344 -8.27 -6.38 25.08
N THR D 345 -8.54 -7.16 26.12
CA THR D 345 -9.56 -8.18 26.05
C THR D 345 -10.81 -7.68 26.72
N ALA D 346 -11.94 -8.15 26.21
CA ALA D 346 -13.22 -7.85 26.79
C ALA D 346 -14.14 -9.05 26.48
N TRP D 347 -13.85 -10.20 27.08
CA TRP D 347 -14.57 -11.43 26.73
C TRP D 347 -16.08 -11.26 26.90
N HIS D 348 -16.84 -11.79 25.95
CA HIS D 348 -18.30 -11.77 26.03
C HIS D 348 -18.79 -12.38 27.34
N GLY D 349 -19.65 -11.66 28.06
CA GLY D 349 -20.14 -12.11 29.38
C GLY D 349 -21.64 -11.89 29.56
N PRO D 350 -22.45 -12.49 28.68
CA PRO D 350 -23.89 -12.32 28.71
C PRO D 350 -24.52 -13.31 29.67
N GLY D 351 -25.85 -13.32 29.72
CA GLY D 351 -26.57 -14.37 30.48
C GLY D 351 -26.44 -15.77 29.89
N ASP D 352 -26.21 -15.85 28.58
CA ASP D 352 -26.07 -17.15 27.92
C ASP D 352 -24.62 -17.64 27.92
N ILE D 353 -24.13 -17.90 29.13
CA ILE D 353 -22.82 -18.45 29.38
C ILE D 353 -23.03 -19.12 30.76
N SER D 354 -22.61 -20.35 30.93
CA SER D 354 -22.76 -21.00 32.25
C SER D 354 -21.74 -20.38 33.19
N PRO D 355 -21.90 -20.59 34.50
CA PRO D 355 -20.90 -20.14 35.46
C PRO D 355 -19.51 -20.72 35.21
N VAL D 356 -19.45 -21.89 34.57
CA VAL D 356 -18.18 -22.52 34.18
C VAL D 356 -17.44 -21.62 33.17
N GLY D 357 -18.14 -21.16 32.15
CA GLY D 357 -17.54 -20.18 31.22
C GLY D 357 -17.27 -18.85 31.90
N VAL D 358 -18.10 -18.45 32.86
CA VAL D 358 -17.80 -17.21 33.56
C VAL D 358 -16.49 -17.34 34.34
N CYS D 359 -16.23 -18.49 34.94
CA CYS D 359 -14.91 -18.75 35.54
C CYS D 359 -13.77 -18.72 34.52
N ALA D 360 -13.98 -19.42 33.41
CA ALA D 360 -13.04 -19.39 32.30
C ALA D 360 -12.63 -17.97 31.89
N ASN D 361 -13.60 -17.11 31.62
CA ASN D 361 -13.28 -15.74 31.26
C ASN D 361 -12.37 -15.13 32.32
N MET D 362 -12.69 -15.40 33.58
CA MET D 362 -12.10 -14.65 34.67
C MET D 362 -10.71 -15.15 34.99
N HIS D 363 -10.46 -16.42 34.66
CA HIS D 363 -9.14 -16.98 34.80
C HIS D 363 -8.25 -16.40 33.73
N LEU D 364 -8.77 -16.28 32.53
CA LEU D 364 -8.07 -15.55 31.47
C LEU D 364 -7.83 -14.08 31.87
N ASP D 365 -8.84 -13.44 32.45
CA ASP D 365 -8.69 -12.04 32.84
C ASP D 365 -7.59 -11.87 33.85
N MET D 366 -7.64 -12.69 34.89
CA MET D 366 -6.68 -12.66 35.97
C MET D 366 -5.22 -12.78 35.48
N SER D 367 -5.00 -13.57 34.43
CA SER D 367 -3.64 -13.86 33.99
C SER D 367 -3.16 -13.06 32.76
N SER D 368 -4.04 -12.21 32.20
CA SER D 368 -3.71 -11.38 31.04
C SER D 368 -3.21 -9.97 31.41
N PRO D 369 -1.98 -9.63 30.99
CA PRO D 369 -1.55 -8.24 31.20
C PRO D 369 -2.40 -7.22 30.43
N ASN D 370 -2.86 -7.59 29.23
CA ASN D 370 -3.68 -6.70 28.40
C ASN D 370 -5.19 -6.87 28.64
N PHE D 371 -5.58 -7.29 29.84
CA PHE D 371 -7.00 -7.32 30.21
C PHE D 371 -7.60 -5.91 30.06
N GLY D 372 -8.78 -5.82 29.47
CA GLY D 372 -9.47 -4.54 29.36
C GLY D 372 -10.59 -4.40 30.37
N ILE D 373 -11.63 -5.23 30.26
CA ILE D 373 -12.79 -5.14 31.18
C ILE D 373 -13.55 -6.46 31.13
N GLN D 374 -14.38 -6.73 32.14
CA GLN D 374 -15.26 -7.93 32.13
C GLN D 374 -16.76 -7.61 32.25
N GLU D 375 -17.47 -7.75 31.13
CA GLU D 375 -18.91 -7.79 31.12
C GLU D 375 -19.44 -8.83 32.13
N TYR D 376 -20.43 -8.47 32.93
CA TYR D 376 -20.93 -9.42 33.91
C TYR D 376 -22.44 -9.39 34.01
N THR D 377 -23.06 -10.56 33.96
CA THR D 377 -24.48 -10.67 34.10
C THR D 377 -24.76 -11.38 35.42
N PRO D 378 -25.38 -10.65 36.37
CA PRO D 378 -25.65 -11.12 37.72
C PRO D 378 -26.45 -12.42 37.73
N MET D 379 -26.14 -13.31 38.67
CA MET D 379 -26.74 -14.63 38.68
C MET D 379 -27.76 -14.70 39.79
N ASN D 380 -28.71 -15.61 39.66
CA ASN D 380 -29.66 -15.87 40.73
C ASN D 380 -29.20 -16.97 41.69
N ASP D 381 -29.98 -17.22 42.74
CA ASP D 381 -29.66 -18.28 43.69
C ASP D 381 -29.58 -19.66 43.03
N ALA D 382 -30.55 -20.00 42.19
CA ALA D 382 -30.51 -21.28 41.55
C ALA D 382 -29.16 -21.50 40.85
N LEU D 383 -28.62 -20.50 40.17
CA LEU D 383 -27.39 -20.73 39.41
C LEU D 383 -26.25 -21.00 40.39
N ARG D 384 -26.21 -20.24 41.47
CA ARG D 384 -25.17 -20.41 42.50
C ARG D 384 -25.28 -21.76 43.21
N GLU D 385 -26.48 -22.33 43.28
CA GLU D 385 -26.66 -23.62 43.94
C GLU D 385 -26.31 -24.78 43.01
N VAL D 386 -26.67 -24.67 41.74
CA VAL D 386 -26.34 -25.70 40.74
C VAL D 386 -24.84 -25.73 40.46
N PHE D 387 -24.20 -24.58 40.59
CA PHE D 387 -22.77 -24.39 40.28
C PHE D 387 -22.00 -23.78 41.47
N PRO D 388 -21.92 -24.48 42.59
CA PRO D 388 -21.05 -24.01 43.69
C PRO D 388 -19.66 -23.54 43.22
N GLY D 389 -19.22 -22.37 43.69
CA GLY D 389 -17.88 -21.83 43.38
C GLY D 389 -17.93 -20.58 42.49
N CYS D 390 -19.12 -20.06 42.23
CA CYS D 390 -19.21 -18.88 41.39
C CYS D 390 -18.30 -17.83 42.03
N PRO D 391 -17.65 -16.98 41.22
CA PRO D 391 -16.72 -16.00 41.80
C PRO D 391 -17.48 -15.00 42.66
N GLU D 392 -16.86 -14.52 43.73
CA GLU D 392 -17.52 -13.53 44.57
C GLU D 392 -17.55 -12.16 43.87
N ILE D 393 -18.72 -11.52 43.86
CA ILE D 393 -18.87 -10.20 43.25
C ILE D 393 -18.96 -9.18 44.36
N ASP D 394 -18.05 -8.19 44.37
CA ASP D 394 -17.98 -7.25 45.51
C ASP D 394 -17.60 -5.86 45.04
N GLN D 395 -18.60 -4.98 45.01
CA GLN D 395 -18.41 -3.58 44.65
C GLN D 395 -17.75 -3.36 43.30
N GLY D 396 -18.30 -3.96 42.25
CA GLY D 396 -17.84 -3.70 40.91
C GLY D 396 -16.61 -4.52 40.53
N TYR D 397 -16.20 -5.44 41.40
CA TYR D 397 -15.07 -6.33 41.15
C TYR D 397 -15.47 -7.75 41.42
N ALA D 398 -14.95 -8.67 40.61
CA ALA D 398 -15.13 -10.08 40.88
C ALA D 398 -13.85 -10.62 41.45
N TYR D 399 -13.99 -11.48 42.46
CA TYR D 399 -12.84 -12.10 43.10
C TYR D 399 -12.96 -13.59 42.88
N VAL D 400 -12.06 -14.18 42.09
CA VAL D 400 -12.15 -15.61 41.85
C VAL D 400 -11.56 -16.37 43.03
N ASN D 401 -12.08 -17.56 43.31
CA ASN D 401 -11.55 -18.35 44.42
C ASN D 401 -10.20 -18.94 44.03
N ASP D 402 -9.49 -19.52 44.98
CA ASP D 402 -8.18 -20.03 44.64
C ASP D 402 -8.14 -21.56 44.70
N LYS D 403 -9.28 -22.17 44.41
CA LYS D 403 -9.39 -23.61 44.32
C LYS D 403 -8.80 -24.09 43.03
N PRO D 404 -8.37 -25.37 43.00
CA PRO D 404 -7.68 -25.88 41.81
C PRO D 404 -8.55 -25.96 40.55
N GLY D 405 -7.91 -25.94 39.37
CA GLY D 405 -8.64 -25.87 38.11
C GLY D 405 -9.43 -24.57 37.93
N LEU D 406 -10.65 -24.69 37.44
CA LEU D 406 -11.54 -23.53 37.30
C LEU D 406 -12.27 -23.15 38.61
N GLY D 407 -12.04 -23.93 39.66
CA GLY D 407 -12.61 -23.67 40.98
C GLY D 407 -14.12 -23.72 41.01
N ILE D 408 -14.70 -24.52 40.14
CA ILE D 408 -16.15 -24.49 39.95
C ILE D 408 -16.68 -25.91 39.91
N ASP D 409 -17.88 -26.13 40.44
CA ASP D 409 -18.44 -27.47 40.40
C ASP D 409 -19.83 -27.45 39.80
N ILE D 410 -20.35 -28.63 39.49
CA ILE D 410 -21.74 -28.71 39.12
C ILE D 410 -22.48 -29.79 39.88
N ASN D 411 -23.65 -29.44 40.41
CA ASN D 411 -24.46 -30.42 41.06
C ASN D 411 -25.47 -31.01 40.07
N GLU D 412 -25.15 -32.19 39.52
CA GLU D 412 -25.97 -32.82 38.49
C GLU D 412 -27.41 -33.07 38.89
N THR D 413 -27.65 -33.35 40.17
CA THR D 413 -29.00 -33.64 40.62
C THR D 413 -29.89 -32.43 40.55
N LEU D 414 -29.41 -31.34 41.11
CA LEU D 414 -30.11 -30.08 41.08
C LEU D 414 -30.24 -29.58 39.64
N ALA D 415 -29.23 -29.85 38.81
CA ALA D 415 -29.28 -29.37 37.42
C ALA D 415 -30.49 -29.97 36.72
N GLU D 416 -30.78 -31.22 37.01
CA GLU D 416 -31.93 -31.89 36.37
C GLU D 416 -33.26 -31.22 36.71
N LYS D 417 -33.30 -30.43 37.76
CA LYS D 417 -34.56 -29.80 38.16
C LYS D 417 -34.89 -28.56 37.33
N TYR D 418 -33.96 -28.19 36.44
CA TYR D 418 -34.14 -27.03 35.57
C TYR D 418 -33.98 -27.42 34.10
N PRO D 419 -34.91 -28.26 33.60
CA PRO D 419 -34.76 -28.76 32.23
C PRO D 419 -34.72 -27.58 31.23
N CYS D 420 -34.15 -27.80 30.06
CA CYS D 420 -34.05 -26.74 29.05
C CYS D 420 -35.32 -26.51 28.25
N ASP D 421 -35.58 -25.25 27.97
CA ASP D 421 -36.75 -24.84 27.21
C ASP D 421 -36.63 -25.11 25.69
N GLY D 422 -35.49 -24.76 25.10
CA GLY D 422 -35.37 -24.80 23.64
C GLY D 422 -36.30 -23.77 22.99
N GLY D 423 -36.53 -23.92 21.69
CA GLY D 423 -37.42 -23.02 20.95
C GLY D 423 -36.62 -21.99 20.16
N ILE D 424 -37.23 -21.43 19.12
CA ILE D 424 -36.58 -20.37 18.35
C ILE D 424 -36.74 -19.04 19.08
N PRO D 425 -35.65 -18.30 19.26
CA PRO D 425 -35.79 -16.96 19.81
C PRO D 425 -36.46 -16.06 18.76
N SER D 426 -37.30 -15.15 19.23
CA SER D 426 -38.02 -14.25 18.35
C SER D 426 -37.20 -13.05 17.94
N TRP D 427 -36.25 -12.65 18.79
CA TRP D 427 -35.53 -11.39 18.58
C TRP D 427 -34.54 -11.46 17.40
N THR D 428 -34.15 -12.67 17.02
CA THR D 428 -33.27 -12.82 15.85
C THR D 428 -33.98 -12.65 14.49
N MET D 429 -35.30 -12.47 14.53
CA MET D 429 -36.06 -12.17 13.29
C MET D 429 -36.30 -10.67 13.23
N ALA D 430 -35.25 -9.91 12.92
CA ALA D 430 -35.33 -8.45 12.97
C ALA D 430 -35.63 -7.86 11.60
N ARG D 431 -36.59 -6.95 11.53
CA ARG D 431 -36.88 -6.32 10.26
C ARG D 431 -36.87 -4.82 10.34
N THR D 432 -36.37 -4.21 9.27
CA THR D 432 -36.33 -2.79 9.12
C THR D 432 -37.69 -2.38 8.62
N PRO D 433 -37.95 -1.09 8.66
CA PRO D 433 -39.35 -0.64 8.44
C PRO D 433 -40.03 -1.14 7.17
N ASP D 434 -39.27 -1.31 6.09
CA ASP D 434 -39.87 -1.80 4.85
C ASP D 434 -40.14 -3.31 4.86
N GLY D 435 -39.66 -3.98 5.90
CA GLY D 435 -39.87 -5.44 6.08
C GLY D 435 -38.63 -6.30 5.76
N THR D 436 -37.47 -5.67 5.53
CA THR D 436 -36.23 -6.37 5.16
C THR D 436 -35.60 -7.10 6.34
N ALA D 437 -35.27 -8.39 6.15
CA ALA D 437 -34.68 -9.20 7.22
C ALA D 437 -33.24 -8.75 7.46
N SER D 438 -32.92 -8.42 8.70
CA SER D 438 -31.66 -7.73 9.01
C SER D 438 -30.76 -8.63 9.86
N ARG D 439 -29.49 -8.30 9.94
CA ARG D 439 -28.65 -9.02 10.88
C ARG D 439 -28.99 -8.44 12.25
N PRO D 440 -29.32 -9.31 13.21
CA PRO D 440 -29.89 -8.81 14.45
C PRO D 440 -28.84 -8.49 15.52
N LYS E 26 -15.49 35.71 -38.82
CA LYS E 26 -16.80 35.37 -39.41
C LYS E 26 -16.82 33.89 -39.78
N LEU E 27 -15.76 33.19 -39.40
CA LEU E 27 -15.60 31.80 -39.78
C LEU E 27 -16.60 30.90 -39.07
N LYS E 28 -17.36 30.10 -39.82
CA LYS E 28 -18.44 29.29 -39.23
C LYS E 28 -18.47 27.91 -39.86
N ILE E 29 -18.97 26.92 -39.11
CA ILE E 29 -19.19 25.58 -39.67
C ILE E 29 -20.55 25.64 -40.34
N THR E 30 -20.63 25.22 -41.58
CA THR E 30 -21.93 25.32 -42.27
C THR E 30 -22.60 24.00 -42.59
N ASN E 31 -21.82 22.92 -42.59
CA ASN E 31 -22.36 21.65 -43.01
C ASN E 31 -21.52 20.55 -42.38
N VAL E 32 -22.15 19.43 -42.00
CA VAL E 32 -21.41 18.28 -41.45
C VAL E 32 -22.05 17.06 -42.07
N LYS E 33 -21.26 16.26 -42.79
CA LYS E 33 -21.82 15.09 -43.46
C LYS E 33 -20.97 13.83 -43.25
N THR E 34 -21.62 12.67 -43.30
CA THR E 34 -20.94 11.41 -43.12
C THR E 34 -20.84 10.70 -44.47
N ILE E 35 -19.69 10.16 -44.77
CA ILE E 35 -19.56 9.42 -46.00
C ILE E 35 -19.18 7.99 -45.64
N LEU E 36 -20.03 7.03 -46.04
CA LEU E 36 -19.81 5.61 -45.80
C LEU E 36 -19.34 4.94 -47.08
N THR E 37 -18.19 4.28 -47.04
CA THR E 37 -17.64 3.72 -48.26
C THR E 37 -16.75 2.53 -47.90
N ALA E 38 -16.64 1.54 -48.81
CA ALA E 38 -15.89 0.32 -48.51
C ALA E 38 -14.90 -0.05 -49.63
N PRO E 39 -13.99 0.88 -49.96
CA PRO E 39 -13.06 0.70 -51.09
C PRO E 39 -12.12 -0.46 -50.91
N GLY E 40 -11.75 -0.75 -49.67
CA GLY E 40 -10.78 -1.81 -49.38
C GLY E 40 -11.45 -3.08 -48.92
N GLY E 41 -12.77 -3.15 -49.08
CA GLY E 41 -13.52 -4.35 -48.65
C GLY E 41 -14.08 -4.21 -47.26
N ILE E 42 -13.76 -3.10 -46.58
CA ILE E 42 -14.14 -2.93 -45.17
C ILE E 42 -14.91 -1.62 -44.98
N ASP E 43 -16.02 -1.66 -44.28
CA ASP E 43 -16.90 -0.51 -44.15
C ASP E 43 -16.24 0.62 -43.37
N LEU E 44 -16.04 1.75 -44.05
CA LEU E 44 -15.42 2.95 -43.45
C LEU E 44 -16.45 4.05 -43.23
N ALA E 45 -16.16 4.96 -42.31
CA ALA E 45 -17.00 6.14 -42.11
C ALA E 45 -16.09 7.35 -41.95
N VAL E 46 -16.35 8.40 -42.74
CA VAL E 46 -15.48 9.57 -42.74
C VAL E 46 -16.39 10.79 -42.61
N VAL E 47 -16.02 11.77 -41.80
CA VAL E 47 -16.89 12.94 -41.65
C VAL E 47 -16.26 14.12 -42.42
N LYS E 48 -17.09 14.90 -43.12
CA LYS E 48 -16.65 16.13 -43.74
C LYS E 48 -17.25 17.33 -43.03
N VAL E 49 -16.44 18.26 -42.52
CA VAL E 49 -16.94 19.47 -41.86
C VAL E 49 -16.69 20.65 -42.80
N GLU E 50 -17.74 21.36 -43.19
CA GLU E 50 -17.58 22.45 -44.16
C GLU E 50 -17.75 23.80 -43.50
N THR E 51 -17.10 24.83 -44.06
CA THR E 51 -17.11 26.16 -43.46
C THR E 51 -17.56 27.17 -44.51
N ASN E 52 -17.71 28.41 -44.09
CA ASN E 52 -18.13 29.47 -45.00
C ASN E 52 -16.92 30.15 -45.61
N GLU E 53 -15.79 29.46 -45.67
CA GLU E 53 -14.61 30.02 -46.31
C GLU E 53 -14.21 29.15 -47.51
N PRO E 54 -14.00 29.79 -48.67
CA PRO E 54 -13.70 29.05 -49.91
C PRO E 54 -12.61 28.01 -49.71
N GLY E 55 -12.89 26.78 -50.10
CA GLY E 55 -11.88 25.71 -50.02
C GLY E 55 -11.42 25.27 -48.63
N LEU E 56 -12.15 25.70 -47.59
CA LEU E 56 -11.77 25.29 -46.24
C LEU E 56 -12.77 24.27 -45.71
N TYR E 57 -12.36 23.01 -45.70
CA TYR E 57 -13.17 21.96 -45.08
C TYR E 57 -12.21 20.94 -44.45
N GLY E 58 -12.73 20.12 -43.57
CA GLY E 58 -11.91 19.12 -42.88
C GLY E 58 -12.54 17.75 -43.01
N LEU E 59 -11.70 16.73 -42.89
CA LEU E 59 -12.12 15.32 -42.91
C LEU E 59 -11.59 14.62 -41.65
N GLY E 60 -12.39 13.72 -41.10
CA GLY E 60 -12.05 13.03 -39.87
C GLY E 60 -12.56 11.59 -39.98
N CYS E 61 -11.91 10.69 -39.26
CA CYS E 61 -12.29 9.30 -39.26
C CYS E 61 -13.25 9.02 -38.12
N ALA E 62 -14.29 8.25 -38.43
CA ALA E 62 -15.30 7.83 -37.45
C ALA E 62 -15.50 6.32 -37.65
N THR E 63 -14.46 5.64 -38.07
CA THR E 63 -14.68 4.26 -38.42
C THR E 63 -14.76 3.33 -37.20
N PHE E 64 -15.99 3.10 -36.72
CA PHE E 64 -16.31 1.93 -35.87
C PHE E 64 -17.08 0.98 -36.79
N THR E 65 -16.33 0.12 -37.45
CA THR E 65 -16.83 -0.55 -38.64
C THR E 65 -18.00 -1.48 -38.33
N GLN E 66 -17.94 -2.20 -37.22
CA GLN E 66 -19.02 -3.09 -36.86
C GLN E 66 -20.31 -2.33 -36.51
N ARG E 67 -20.22 -1.02 -36.32
CA ARG E 67 -21.46 -0.27 -36.02
C ARG E 67 -21.63 0.95 -36.93
N ILE E 68 -21.13 0.87 -38.16
CA ILE E 68 -21.06 2.09 -38.95
C ILE E 68 -22.40 2.79 -39.08
N PHE E 69 -23.50 2.04 -39.08
CA PHE E 69 -24.81 2.66 -39.32
C PHE E 69 -25.31 3.46 -38.11
N ALA E 70 -25.02 2.99 -36.89
CA ALA E 70 -25.27 3.77 -35.66
C ALA E 70 -24.32 4.95 -35.54
N VAL E 71 -23.09 4.81 -36.01
CA VAL E 71 -22.22 5.98 -36.01
C VAL E 71 -22.75 7.13 -36.92
N LYS E 72 -23.28 6.76 -38.09
CA LYS E 72 -23.86 7.73 -39.02
C LYS E 72 -25.04 8.46 -38.38
N SER E 73 -25.88 7.69 -37.69
CA SER E 73 -27.02 8.25 -37.01
C SER E 73 -26.60 9.21 -35.89
N ALA E 74 -25.61 8.83 -35.09
CA ALA E 74 -25.09 9.72 -34.07
C ALA E 74 -24.63 11.05 -34.66
N ILE E 75 -23.85 10.98 -35.73
CA ILE E 75 -23.37 12.20 -36.36
C ILE E 75 -24.51 13.05 -36.97
N ASP E 76 -25.35 12.42 -37.77
CA ASP E 76 -26.34 13.19 -38.54
C ASP E 76 -27.47 13.73 -37.66
N GLU E 77 -27.85 12.99 -36.62
CA GLU E 77 -28.98 13.40 -35.80
C GLU E 77 -28.57 14.33 -34.67
N TYR E 78 -27.31 14.28 -34.27
CA TYR E 78 -26.87 14.93 -33.04
C TYR E 78 -25.64 15.85 -33.19
N MET E 79 -24.60 15.34 -33.80
CA MET E 79 -23.37 16.14 -33.97
C MET E 79 -23.51 17.29 -34.97
N ALA E 80 -24.14 17.03 -36.12
CA ALA E 80 -24.33 18.02 -37.14
C ALA E 80 -25.05 19.28 -36.61
N PRO E 81 -26.24 19.10 -36.01
CA PRO E 81 -26.94 20.29 -35.51
C PRO E 81 -26.24 20.90 -34.29
N PHE E 82 -25.44 20.12 -33.58
CA PHE E 82 -24.66 20.65 -32.48
C PHE E 82 -23.66 21.67 -33.04
N LEU E 83 -23.06 21.34 -34.18
CA LEU E 83 -21.94 22.10 -34.73
C LEU E 83 -22.26 23.32 -35.62
N ILE E 84 -23.37 23.30 -36.35
CA ILE E 84 -23.60 24.32 -37.37
C ILE E 84 -23.74 25.74 -36.78
N GLY E 85 -23.05 26.71 -37.37
CA GLY E 85 -23.02 28.05 -36.78
C GLY E 85 -21.85 28.33 -35.86
N LYS E 86 -21.22 27.30 -35.30
CA LYS E 86 -20.02 27.53 -34.46
C LYS E 86 -18.66 27.72 -35.18
N ASP E 87 -17.74 28.35 -34.45
CA ASP E 87 -16.39 28.69 -34.89
C ASP E 87 -15.49 27.47 -34.82
N PRO E 88 -15.06 26.93 -35.98
CA PRO E 88 -14.28 25.68 -36.00
C PRO E 88 -12.88 25.77 -35.37
N THR E 89 -12.41 26.97 -35.04
CA THR E 89 -11.06 27.06 -34.48
C THR E 89 -11.01 26.74 -32.99
N ARG E 90 -12.16 26.64 -32.36
CA ARG E 90 -12.20 26.36 -30.94
C ARG E 90 -12.29 24.84 -30.71
N ILE E 91 -11.24 24.12 -31.14
CA ILE E 91 -11.24 22.68 -31.16
C ILE E 91 -11.49 22.13 -29.77
N GLU E 92 -10.72 22.60 -28.80
CA GLU E 92 -10.87 22.11 -27.42
C GLU E 92 -12.25 22.40 -26.85
N ASP E 93 -12.76 23.63 -27.05
CA ASP E 93 -14.08 23.97 -26.52
C ASP E 93 -15.16 23.09 -27.15
N ILE E 94 -15.09 22.89 -28.47
CA ILE E 94 -16.02 22.02 -29.16
C ILE E 94 -15.96 20.59 -28.66
N TRP E 95 -14.73 20.05 -28.56
CA TRP E 95 -14.56 18.68 -28.05
C TRP E 95 -15.19 18.50 -26.67
N GLN E 96 -14.80 19.32 -25.70
CA GLN E 96 -15.35 19.19 -24.34
C GLN E 96 -16.86 19.32 -24.30
N SER E 97 -17.41 20.28 -25.05
CA SER E 97 -18.84 20.47 -25.00
C SER E 97 -19.59 19.40 -25.82
N ALA E 98 -19.03 18.97 -26.94
CA ALA E 98 -19.73 17.93 -27.73
C ALA E 98 -19.75 16.64 -26.94
N ALA E 99 -18.70 16.39 -26.17
CA ALA E 99 -18.57 15.10 -25.54
C ALA E 99 -19.57 14.93 -24.39
N VAL E 100 -20.00 16.03 -23.77
CA VAL E 100 -21.01 15.96 -22.71
C VAL E 100 -22.40 16.39 -23.14
N SER E 101 -22.57 16.71 -24.42
CA SER E 101 -23.88 17.16 -24.95
C SER E 101 -25.07 16.20 -24.73
N GLY E 102 -24.82 14.90 -24.68
CA GLY E 102 -25.93 13.96 -24.42
C GLY E 102 -25.90 13.43 -23.00
N TYR E 103 -25.07 14.05 -22.16
CA TYR E 103 -24.91 13.73 -20.75
C TYR E 103 -24.08 12.47 -20.52
N TRP E 104 -24.66 11.30 -20.77
CA TRP E 104 -23.91 10.07 -20.82
C TRP E 104 -22.90 10.11 -21.97
N ARG E 105 -21.77 9.43 -21.77
CA ARG E 105 -20.61 9.56 -22.67
C ARG E 105 -19.65 8.39 -22.50
N ASN E 106 -18.50 8.44 -23.21
CA ASN E 106 -17.45 7.42 -23.05
C ASN E 106 -17.85 6.04 -23.58
N GLY E 107 -18.17 5.94 -24.86
CA GLY E 107 -18.47 4.66 -25.49
C GLY E 107 -17.99 4.70 -26.92
N PRO E 108 -17.89 3.54 -27.56
CA PRO E 108 -17.27 3.52 -28.91
C PRO E 108 -18.01 4.26 -30.02
N ILE E 109 -19.34 4.16 -30.04
CA ILE E 109 -20.14 4.92 -31.03
C ILE E 109 -20.00 6.42 -30.77
N MET E 110 -20.27 6.86 -29.52
CA MET E 110 -20.21 8.30 -29.21
C MET E 110 -18.85 8.86 -29.48
N ASN E 111 -17.80 8.11 -29.08
CA ASN E 111 -16.44 8.61 -29.31
C ASN E 111 -16.06 8.73 -30.80
N ASN E 112 -16.47 7.76 -31.65
CA ASN E 112 -16.11 7.83 -33.07
C ASN E 112 -16.81 9.01 -33.72
N ALA E 113 -18.00 9.33 -33.22
CA ALA E 113 -18.70 10.50 -33.69
C ALA E 113 -17.94 11.79 -33.33
N LEU E 114 -17.39 11.86 -32.11
CA LEU E 114 -16.56 12.97 -31.70
C LEU E 114 -15.32 13.05 -32.58
N SER E 115 -14.70 11.91 -32.84
CA SER E 115 -13.48 11.85 -33.62
C SER E 115 -13.70 12.34 -35.05
N GLY E 116 -14.74 11.88 -35.71
CA GLY E 116 -14.93 12.36 -37.07
C GLY E 116 -14.90 13.88 -37.08
N VAL E 117 -15.64 14.51 -36.19
CA VAL E 117 -15.56 15.98 -36.07
C VAL E 117 -14.18 16.52 -35.63
N ASP E 118 -13.61 15.96 -34.56
CA ASP E 118 -12.36 16.50 -34.00
C ASP E 118 -11.20 16.43 -34.99
N MET E 119 -11.03 15.29 -35.67
CA MET E 119 -9.93 15.25 -36.66
C MET E 119 -10.21 16.26 -37.75
N ALA E 120 -11.49 16.39 -38.14
CA ALA E 120 -11.82 17.36 -39.18
C ALA E 120 -11.45 18.78 -38.76
N LEU E 121 -11.65 19.11 -37.49
CA LEU E 121 -11.31 20.44 -37.03
C LEU E 121 -9.80 20.67 -37.04
N TRP E 122 -9.03 19.64 -36.69
CA TRP E 122 -7.57 19.76 -36.73
C TRP E 122 -7.14 19.94 -38.19
N ASP E 123 -7.79 19.22 -39.12
CA ASP E 123 -7.46 19.31 -40.57
C ASP E 123 -7.71 20.78 -41.00
N ILE E 124 -8.81 21.33 -40.52
CA ILE E 124 -9.15 22.72 -40.81
C ILE E 124 -8.10 23.70 -40.26
N LYS E 125 -7.61 23.42 -39.06
CA LYS E 125 -6.64 24.31 -38.44
C LYS E 125 -5.28 24.21 -39.18
N GLY E 126 -4.89 23.01 -39.59
CA GLY E 126 -3.72 22.84 -40.46
C GLY E 126 -3.86 23.67 -41.73
N LYS E 127 -5.00 23.52 -42.40
CA LYS E 127 -5.24 24.28 -43.62
C LYS E 127 -5.21 25.78 -43.36
N LEU E 128 -5.89 26.28 -42.30
CA LEU E 128 -5.81 27.71 -41.95
C LEU E 128 -4.38 28.22 -41.75
N ALA E 129 -3.54 27.39 -41.12
CA ALA E 129 -2.18 27.81 -40.76
C ALA E 129 -1.22 27.53 -41.94
N GLY E 130 -1.67 26.79 -42.95
CA GLY E 130 -0.78 26.32 -44.02
C GLY E 130 0.28 25.30 -43.57
N MET E 131 -0.07 24.47 -42.58
CA MET E 131 0.87 23.56 -41.91
C MET E 131 0.28 22.17 -41.76
N PRO E 132 1.11 21.11 -41.92
CA PRO E 132 0.63 19.77 -41.59
C PRO E 132 0.20 19.78 -40.14
N VAL E 133 -0.61 18.81 -39.75
CA VAL E 133 -1.07 18.76 -38.38
C VAL E 133 0.13 18.46 -37.48
N TYR E 134 1.04 17.59 -37.91
CA TYR E 134 2.16 17.31 -37.05
C TYR E 134 2.95 18.59 -36.71
N GLU E 135 2.91 19.59 -37.59
CA GLU E 135 3.66 20.85 -37.35
C GLU E 135 3.01 21.63 -36.22
N LEU E 136 1.70 21.57 -36.15
CA LEU E 136 0.95 22.20 -35.08
C LEU E 136 1.12 21.52 -33.71
N LEU E 137 1.44 20.22 -33.72
CA LEU E 137 1.50 19.42 -32.50
C LEU E 137 2.93 19.38 -31.94
N GLY E 138 3.85 20.11 -32.55
CA GLY E 138 5.22 20.04 -32.09
C GLY E 138 6.34 19.93 -33.10
N GLY E 139 6.05 19.57 -34.36
CA GLY E 139 7.10 19.47 -35.39
C GLY E 139 7.66 18.07 -35.54
N LYS E 140 8.43 17.82 -36.60
CA LYS E 140 8.90 16.45 -36.81
C LYS E 140 9.78 16.03 -35.64
N CYS E 141 9.52 14.85 -35.07
CA CYS E 141 10.42 14.27 -34.07
C CYS E 141 11.28 13.17 -34.64
N ARG E 142 11.04 12.82 -35.91
CA ARG E 142 11.76 11.71 -36.50
C ARG E 142 11.79 11.87 -38.01
N ASP E 143 12.61 11.08 -38.69
CA ASP E 143 12.74 11.31 -40.15
C ASP E 143 11.83 10.42 -40.98
N GLY E 144 11.19 9.46 -40.32
CA GLY E 144 10.23 8.60 -40.97
C GLY E 144 9.61 7.74 -39.90
N ILE E 145 8.61 6.96 -40.29
CA ILE E 145 7.84 6.24 -39.29
C ILE E 145 7.94 4.76 -39.52
N PRO E 146 8.72 4.05 -38.66
CA PRO E 146 8.85 2.60 -38.63
C PRO E 146 7.49 1.91 -38.57
N LEU E 147 7.28 0.92 -39.44
CA LEU E 147 6.00 0.23 -39.49
C LEU E 147 6.17 -1.18 -39.07
N TYR E 148 5.09 -1.79 -38.60
CA TYR E 148 5.02 -3.23 -38.65
C TYR E 148 3.83 -3.72 -39.44
N CYS E 149 3.97 -4.91 -40.05
CA CYS E 149 2.91 -5.53 -40.86
C CYS E 149 2.52 -6.90 -40.32
N HIS E 150 1.39 -7.42 -40.79
CA HIS E 150 0.85 -8.71 -40.37
C HIS E 150 1.44 -9.84 -41.19
N THR E 151 1.66 -10.97 -40.54
CA THR E 151 2.15 -12.16 -41.21
C THR E 151 1.46 -13.36 -40.59
N ASP E 152 0.34 -13.77 -41.18
CA ASP E 152 -0.42 -14.93 -40.70
C ASP E 152 -0.01 -16.17 -41.46
N GLY E 153 -0.49 -17.33 -41.01
CA GLY E 153 -0.28 -18.58 -41.71
C GLY E 153 -1.05 -19.72 -41.08
N GLY E 154 -1.31 -20.77 -41.86
CA GLY E 154 -1.96 -21.97 -41.37
C GLY E 154 -1.00 -22.73 -40.47
N ASP E 155 0.29 -22.64 -40.77
CA ASP E 155 1.27 -23.29 -39.91
C ASP E 155 2.60 -22.52 -39.79
N GLU E 156 3.47 -23.02 -38.92
CA GLU E 156 4.75 -22.39 -38.64
C GLU E 156 5.53 -22.09 -39.95
N VAL E 157 5.32 -22.92 -40.97
CA VAL E 157 5.99 -22.78 -42.28
C VAL E 157 5.41 -21.66 -43.20
N GLU E 158 4.10 -21.55 -43.29
CA GLU E 158 3.49 -20.46 -44.03
C GLU E 158 3.76 -19.10 -43.34
N VAL E 159 3.86 -19.09 -42.01
CA VAL E 159 4.13 -17.83 -41.30
C VAL E 159 5.51 -17.29 -41.66
N GLU E 160 6.53 -18.14 -41.56
CA GLU E 160 7.91 -17.86 -41.92
C GLU E 160 8.05 -17.35 -43.35
N ASP E 161 7.41 -18.05 -44.30
CA ASP E 161 7.36 -17.59 -45.68
C ASP E 161 6.76 -16.18 -45.78
N ASN E 162 5.68 -15.93 -45.04
CA ASN E 162 5.15 -14.57 -45.11
C ASN E 162 6.11 -13.53 -44.49
N ILE E 163 6.79 -13.88 -43.40
CA ILE E 163 7.73 -12.95 -42.79
C ILE E 163 8.86 -12.62 -43.76
N ARG E 164 9.44 -13.66 -44.35
CA ARG E 164 10.51 -13.47 -45.34
C ARG E 164 10.09 -12.51 -46.45
N ALA E 165 8.93 -12.77 -47.03
CA ALA E 165 8.43 -11.90 -48.08
C ALA E 165 8.33 -10.44 -47.60
N ARG E 166 7.82 -10.22 -46.38
CA ARG E 166 7.67 -8.85 -45.87
C ARG E 166 9.05 -8.26 -45.59
N MET E 167 9.98 -9.11 -45.17
CA MET E 167 11.37 -8.66 -44.95
C MET E 167 12.01 -8.24 -46.27
N GLU E 168 11.55 -8.83 -47.36
CA GLU E 168 12.01 -8.40 -48.68
C GLU E 168 11.50 -7.00 -49.04
N GLU E 169 10.29 -6.66 -48.62
CA GLU E 169 9.76 -5.33 -48.90
C GLU E 169 10.36 -4.26 -47.98
N GLY E 170 11.17 -4.68 -47.03
CA GLY E 170 11.85 -3.73 -46.13
C GLY E 170 11.31 -3.66 -44.70
N TYR E 171 10.30 -4.45 -44.39
CA TYR E 171 9.78 -4.44 -43.03
C TYR E 171 10.76 -4.95 -42.00
N GLN E 172 10.97 -4.21 -40.90
CA GLN E 172 11.89 -4.70 -39.84
C GLN E 172 11.14 -5.11 -38.56
N TYR E 173 9.82 -4.99 -38.59
CA TYR E 173 8.97 -5.43 -37.50
C TYR E 173 7.81 -6.18 -38.13
N VAL E 174 7.41 -7.31 -37.55
CA VAL E 174 6.26 -8.08 -38.05
C VAL E 174 5.44 -8.70 -36.92
N ARG E 175 4.13 -8.76 -37.11
CA ARG E 175 3.24 -9.42 -36.17
C ARG E 175 2.93 -10.85 -36.62
N CYS E 176 3.33 -11.83 -35.81
CA CYS E 176 3.27 -13.25 -36.21
C CYS E 176 2.23 -14.02 -35.41
N GLN E 177 1.18 -14.45 -36.10
CA GLN E 177 0.08 -15.26 -35.53
C GLN E 177 -0.03 -16.53 -36.37
N MET E 178 -0.37 -17.66 -35.75
CA MET E 178 -0.56 -18.88 -36.54
C MET E 178 -1.95 -19.41 -36.29
N GLY E 179 -2.62 -19.88 -37.34
CA GLY E 179 -4.00 -20.33 -37.22
C GLY E 179 -4.87 -19.25 -36.60
N MET E 180 -5.96 -19.67 -35.95
CA MET E 180 -6.83 -18.73 -35.25
C MET E 180 -7.13 -19.21 -33.84
N TYR E 181 -6.09 -19.23 -33.02
CA TYR E 181 -6.26 -19.47 -31.59
C TYR E 181 -6.85 -20.84 -31.30
N GLY E 182 -6.33 -21.86 -31.98
CA GLY E 182 -6.73 -23.24 -31.73
C GLY E 182 -8.02 -23.61 -32.44
N GLY E 183 -8.45 -22.74 -33.36
CA GLY E 183 -9.69 -22.94 -34.10
C GLY E 183 -9.48 -23.00 -35.60
N PRO E 204 -6.34 -30.29 -29.82
CA PRO E 204 -7.48 -29.55 -29.26
C PRO E 204 -8.44 -30.47 -28.51
N LYS E 205 -9.28 -29.89 -27.64
CA LYS E 205 -10.21 -30.65 -26.82
C LYS E 205 -11.39 -31.06 -27.68
N ARG E 206 -11.99 -32.20 -27.38
CA ARG E 206 -13.17 -32.62 -28.08
C ARG E 206 -14.33 -31.84 -27.44
N SER E 207 -15.26 -31.33 -28.26
CA SER E 207 -16.48 -30.64 -27.76
C SER E 207 -17.56 -31.65 -27.29
N PRO E 208 -18.62 -31.15 -26.60
CA PRO E 208 -19.76 -31.95 -26.19
C PRO E 208 -20.48 -32.47 -27.44
N ARG E 209 -21.43 -33.40 -27.25
CA ARG E 209 -22.03 -34.13 -28.37
C ARG E 209 -22.90 -33.31 -29.35
N SER E 210 -23.33 -32.12 -28.95
CA SER E 210 -24.03 -31.23 -29.88
C SER E 210 -23.70 -29.76 -29.59
N LYS E 211 -23.22 -29.05 -30.62
CA LYS E 211 -22.63 -27.71 -30.46
C LYS E 211 -23.56 -26.55 -30.85
N THR E 212 -23.55 -25.49 -30.04
CA THR E 212 -24.20 -24.24 -30.42
C THR E 212 -23.35 -23.52 -31.47
N PRO E 213 -23.98 -22.95 -32.52
CA PRO E 213 -23.22 -22.33 -33.64
C PRO E 213 -22.23 -21.26 -33.17
N GLY E 214 -21.02 -21.26 -33.74
CA GLY E 214 -20.05 -20.22 -33.46
C GLY E 214 -18.70 -20.57 -34.05
N ILE E 215 -17.73 -19.70 -33.86
CA ILE E 215 -16.36 -20.02 -34.29
C ILE E 215 -15.64 -20.54 -33.07
N TYR E 216 -15.51 -21.85 -33.00
CA TYR E 216 -14.89 -22.52 -31.88
C TYR E 216 -13.37 -22.32 -31.92
N PHE E 217 -12.76 -22.24 -30.75
CA PHE E 217 -11.32 -22.13 -30.66
C PHE E 217 -10.92 -22.85 -29.39
N ASP E 218 -9.65 -23.16 -29.26
CA ASP E 218 -9.15 -23.84 -28.08
C ASP E 218 -8.00 -23.06 -27.42
N PRO E 219 -8.31 -22.31 -26.38
CA PRO E 219 -7.35 -21.40 -25.78
C PRO E 219 -6.16 -22.12 -25.13
N GLU E 220 -6.44 -23.23 -24.48
CA GLU E 220 -5.43 -24.09 -23.91
C GLU E 220 -4.45 -24.62 -24.98
N ALA E 221 -4.99 -25.17 -26.05
CA ALA E 221 -4.20 -25.58 -27.22
C ALA E 221 -3.40 -24.41 -27.82
N TYR E 222 -4.06 -23.28 -27.99
CA TYR E 222 -3.42 -22.08 -28.51
C TYR E 222 -2.21 -21.70 -27.65
N ALA E 223 -2.45 -21.60 -26.35
CA ALA E 223 -1.44 -21.11 -25.39
C ALA E 223 -0.18 -21.94 -25.45
N LYS E 224 -0.30 -23.27 -25.60
CA LYS E 224 0.88 -24.14 -25.63
C LYS E 224 1.59 -24.15 -26.97
N SER E 225 0.90 -23.68 -28.02
CA SER E 225 1.49 -23.65 -29.36
C SER E 225 2.38 -22.43 -29.60
N VAL E 226 2.11 -21.33 -28.89
CA VAL E 226 2.82 -20.08 -29.19
C VAL E 226 4.33 -20.18 -28.98
N PRO E 227 4.79 -20.66 -27.81
CA PRO E 227 6.26 -20.69 -27.61
C PRO E 227 6.98 -21.57 -28.66
N ARG E 228 6.32 -22.65 -29.05
CA ARG E 228 6.82 -23.51 -30.10
C ARG E 228 6.95 -22.76 -31.44
N LEU E 229 5.94 -21.97 -31.81
CA LEU E 229 6.05 -21.12 -33.01
C LEU E 229 7.29 -20.18 -32.98
N PHE E 230 7.48 -19.48 -31.89
CA PHE E 230 8.60 -18.53 -31.79
C PHE E 230 9.97 -19.20 -31.67
N GLU E 231 10.06 -20.35 -31.02
CA GLU E 231 11.34 -21.08 -31.03
C GLU E 231 11.75 -21.34 -32.46
N HIS E 232 10.82 -21.90 -33.23
CA HIS E 232 11.04 -22.14 -34.65
C HIS E 232 11.40 -20.85 -35.43
N LEU E 233 10.60 -19.81 -35.30
CA LEU E 233 10.86 -18.57 -36.04
C LEU E 233 12.22 -17.98 -35.66
N ARG E 234 12.58 -17.97 -34.38
CA ARG E 234 13.88 -17.43 -34.01
C ARG E 234 15.03 -18.33 -34.53
N ASN E 235 14.81 -19.63 -34.56
CA ASN E 235 15.79 -20.53 -35.15
C ASN E 235 16.06 -20.16 -36.61
N LYS E 236 15.00 -19.92 -37.37
CA LYS E 236 15.15 -19.66 -38.79
C LYS E 236 15.55 -18.23 -39.15
N LEU E 237 15.06 -17.25 -38.39
CA LEU E 237 15.12 -15.86 -38.83
C LEU E 237 16.09 -15.05 -37.99
N GLY E 238 16.51 -15.62 -36.86
CA GLY E 238 17.40 -14.91 -35.95
C GLY E 238 16.72 -13.79 -35.16
N PHE E 239 17.53 -13.03 -34.42
CA PHE E 239 16.98 -12.02 -33.53
C PHE E 239 17.13 -10.61 -34.09
N GLY E 240 17.51 -10.51 -35.37
CA GLY E 240 17.55 -9.22 -36.08
C GLY E 240 16.17 -8.61 -36.31
N ILE E 241 15.25 -9.41 -36.81
CA ILE E 241 13.86 -9.03 -37.07
C ILE E 241 13.04 -8.87 -35.77
N GLU E 242 12.19 -7.89 -35.69
CA GLU E 242 11.38 -7.77 -34.49
C GLU E 242 10.04 -8.47 -34.65
N PHE E 243 9.56 -9.12 -33.57
CA PHE E 243 8.30 -9.87 -33.55
C PHE E 243 7.26 -9.30 -32.58
N ILE E 244 6.03 -9.18 -33.06
CA ILE E 244 4.93 -8.85 -32.21
C ILE E 244 3.99 -10.05 -32.15
N HIS E 245 3.40 -10.32 -30.99
CA HIS E 245 2.38 -11.34 -30.93
C HIS E 245 1.13 -10.85 -30.17
N ASP E 246 -0.02 -11.17 -30.72
CA ASP E 246 -1.28 -10.65 -30.24
C ASP E 246 -2.13 -11.75 -29.59
N VAL E 247 -2.27 -11.66 -28.26
CA VAL E 247 -3.09 -12.62 -27.50
C VAL E 247 -4.57 -12.37 -27.72
N HIS E 248 -4.93 -11.10 -27.95
CA HIS E 248 -6.33 -10.74 -28.28
C HIS E 248 -7.34 -11.24 -27.24
N GLU E 249 -7.00 -11.08 -25.95
CA GLU E 249 -7.88 -11.49 -24.87
C GLU E 249 -8.37 -12.96 -25.00
N ARG E 250 -7.59 -13.84 -25.65
CA ARG E 250 -8.07 -15.22 -25.90
C ARG E 250 -7.89 -16.28 -24.78
N VAL E 251 -7.17 -15.92 -23.73
CA VAL E 251 -6.87 -16.89 -22.68
C VAL E 251 -7.22 -16.36 -21.29
N THR E 252 -7.16 -17.19 -20.27
CA THR E 252 -7.45 -16.69 -18.93
C THR E 252 -6.23 -15.87 -18.46
N PRO E 253 -6.42 -14.99 -17.46
CA PRO E 253 -5.30 -14.15 -17.07
C PRO E 253 -4.03 -14.92 -16.68
N VAL E 254 -4.15 -15.96 -15.86
CA VAL E 254 -2.94 -16.60 -15.37
C VAL E 254 -2.26 -17.36 -16.50
N THR E 255 -3.04 -17.82 -17.49
CA THR E 255 -2.47 -18.44 -18.68
C THR E 255 -1.66 -17.41 -19.45
N ALA E 256 -2.16 -16.17 -19.49
CA ALA E 256 -1.44 -15.11 -20.20
C ALA E 256 -0.16 -14.75 -19.48
N ILE E 257 -0.17 -14.81 -18.15
CA ILE E 257 1.05 -14.56 -17.38
C ILE E 257 2.12 -15.60 -17.67
N GLN E 258 1.71 -16.86 -17.73
CA GLN E 258 2.59 -17.97 -18.00
C GLN E 258 3.10 -17.83 -19.42
N LEU E 259 2.19 -17.48 -20.32
CA LEU E 259 2.55 -17.15 -21.69
C LEU E 259 3.61 -16.04 -21.74
N ALA E 260 3.37 -14.87 -21.12
CA ALA E 260 4.41 -13.84 -21.13
C ALA E 260 5.79 -14.33 -20.64
N LYS E 261 5.83 -15.12 -19.56
CA LYS E 261 7.13 -15.55 -19.00
C LYS E 261 7.81 -16.56 -19.90
N THR E 262 7.01 -17.47 -20.46
CA THR E 262 7.55 -18.48 -21.36
C THR E 262 8.09 -17.85 -22.64
N LEU E 263 7.53 -16.72 -23.03
CA LEU E 263 8.00 -16.06 -24.26
C LEU E 263 9.22 -15.14 -24.07
N GLU E 264 9.69 -14.96 -22.82
CA GLU E 264 10.79 -14.01 -22.54
C GLU E 264 12.07 -14.24 -23.36
N PRO E 265 12.54 -15.49 -23.42
CA PRO E 265 13.70 -15.86 -24.24
C PRO E 265 13.60 -15.42 -25.70
N TYR E 266 12.40 -15.34 -26.25
CA TYR E 266 12.25 -15.01 -27.67
C TYR E 266 12.23 -13.51 -27.93
N GLN E 267 12.22 -12.72 -26.85
CA GLN E 267 12.42 -11.27 -26.95
C GLN E 267 11.48 -10.59 -27.93
N LEU E 268 10.20 -10.65 -27.61
CA LEU E 268 9.18 -10.02 -28.45
C LEU E 268 9.32 -8.53 -28.31
N PHE E 269 8.98 -7.81 -29.37
CA PHE E 269 8.89 -6.37 -29.33
C PHE E 269 7.72 -5.97 -28.40
N TYR E 270 6.57 -6.61 -28.57
CA TYR E 270 5.63 -6.68 -27.49
C TYR E 270 4.64 -7.82 -27.61
N LEU E 271 4.05 -8.15 -26.47
CA LEU E 271 2.94 -9.09 -26.40
C LEU E 271 1.68 -8.29 -26.16
N GLU E 272 0.69 -8.47 -27.05
CA GLU E 272 -0.42 -7.59 -27.12
C GLU E 272 -1.75 -8.13 -26.51
N ASP E 273 -2.41 -7.29 -25.73
CA ASP E 273 -3.71 -7.64 -25.15
C ASP E 273 -3.75 -9.00 -24.42
N PRO E 274 -2.86 -9.19 -23.42
CA PRO E 274 -2.90 -10.40 -22.63
C PRO E 274 -4.21 -10.53 -21.83
N VAL E 275 -4.87 -9.40 -21.51
CA VAL E 275 -6.12 -9.49 -20.76
C VAL E 275 -7.15 -8.59 -21.46
N ALA E 276 -8.43 -8.91 -21.25
CA ALA E 276 -9.54 -8.03 -21.65
C ALA E 276 -9.54 -6.75 -20.81
N PRO E 277 -10.17 -5.68 -21.32
CA PRO E 277 -10.33 -4.43 -20.57
C PRO E 277 -11.00 -4.66 -19.22
N GLU E 278 -11.94 -5.59 -19.20
CA GLU E 278 -12.63 -5.96 -17.97
C GLU E 278 -11.69 -6.64 -16.93
N ASN E 279 -10.52 -7.10 -17.36
CA ASN E 279 -9.61 -7.83 -16.46
C ASN E 279 -8.29 -7.09 -16.21
N ILE E 280 -8.23 -5.78 -16.46
CA ILE E 280 -6.97 -5.02 -16.29
C ILE E 280 -6.29 -5.20 -14.94
N ASP E 281 -7.05 -5.42 -13.88
CA ASP E 281 -6.40 -5.54 -12.57
C ASP E 281 -5.42 -6.73 -12.53
N TRP E 282 -5.58 -7.67 -13.43
CA TRP E 282 -4.65 -8.78 -13.49
C TRP E 282 -3.20 -8.42 -13.97
N LEU E 283 -3.02 -7.27 -14.60
CA LEU E 283 -1.68 -6.82 -15.02
C LEU E 283 -0.72 -6.55 -13.87
N ARG E 284 -1.26 -6.24 -12.69
CA ARG E 284 -0.44 -6.09 -11.46
C ARG E 284 0.31 -7.37 -11.19
N MET E 285 -0.39 -8.49 -11.27
CA MET E 285 0.27 -9.76 -11.06
C MET E 285 1.28 -10.08 -12.20
N LEU E 286 0.88 -9.91 -13.44
CA LEU E 286 1.78 -10.21 -14.60
C LEU E 286 3.10 -9.44 -14.52
N ARG E 287 3.01 -8.15 -14.21
CA ARG E 287 4.17 -7.24 -14.18
C ARG E 287 5.07 -7.46 -12.96
N GLN E 288 4.59 -8.18 -11.95
CA GLN E 288 5.43 -8.61 -10.84
CA GLN E 288 5.50 -8.55 -10.89
C GLN E 288 6.31 -9.73 -11.31
N GLN E 289 5.91 -10.39 -12.41
CA GLN E 289 6.58 -11.65 -12.78
C GLN E 289 7.26 -11.72 -14.10
N SER E 290 6.77 -10.95 -15.06
CA SER E 290 7.31 -11.07 -16.40
C SER E 290 7.91 -9.75 -16.91
N SER E 291 8.97 -9.87 -17.73
CA SER E 291 9.68 -8.76 -18.34
C SER E 291 9.49 -8.76 -19.87
N THR E 292 8.57 -9.56 -20.38
CA THR E 292 8.11 -9.40 -21.79
C THR E 292 7.35 -8.07 -21.91
N PRO E 293 7.68 -7.21 -22.91
CA PRO E 293 6.92 -5.96 -23.03
C PRO E 293 5.45 -6.23 -23.39
N ILE E 294 4.59 -5.40 -22.84
CA ILE E 294 3.18 -5.60 -22.95
C ILE E 294 2.62 -4.38 -23.64
N SER E 295 1.66 -4.61 -24.52
CA SER E 295 0.88 -3.51 -25.07
C SER E 295 -0.59 -3.81 -24.82
N MET E 296 -1.39 -2.76 -24.60
CA MET E 296 -2.83 -2.96 -24.40
C MET E 296 -3.53 -1.78 -25.01
N GLY E 297 -4.77 -1.96 -25.40
CA GLY E 297 -5.67 -0.81 -25.43
C GLY E 297 -6.47 -0.57 -26.69
N GLU E 298 -6.37 -1.44 -27.69
CA GLU E 298 -7.15 -1.17 -28.88
C GLU E 298 -8.66 -1.13 -28.50
N LEU E 299 -9.06 -1.86 -27.47
CA LEU E 299 -10.47 -1.86 -27.06
C LEU E 299 -10.87 -0.72 -26.12
N PHE E 300 -9.93 0.12 -25.70
CA PHE E 300 -10.22 1.08 -24.62
C PHE E 300 -11.06 2.23 -25.11
N VAL E 301 -12.04 2.60 -24.29
CA VAL E 301 -12.91 3.70 -24.63
C VAL E 301 -13.11 4.66 -23.44
N ASN E 302 -12.37 4.44 -22.35
CA ASN E 302 -12.63 5.10 -21.05
C ASN E 302 -11.30 5.38 -20.35
N ILE E 303 -11.13 6.60 -19.84
CA ILE E 303 -9.93 6.97 -19.12
C ILE E 303 -9.65 6.03 -17.94
N ASN E 304 -10.72 5.54 -17.30
CA ASN E 304 -10.59 4.69 -16.12
C ASN E 304 -10.02 3.32 -16.45
N GLU E 305 -9.94 3.01 -17.75
CA GLU E 305 -9.33 1.80 -18.26
C GLU E 305 -7.81 1.98 -18.42
N TRP E 306 -7.37 3.05 -19.07
CA TRP E 306 -5.94 3.17 -19.32
C TRP E 306 -5.20 3.97 -18.25
N LYS E 307 -5.86 4.89 -17.55
CA LYS E 307 -5.08 5.69 -16.59
C LYS E 307 -4.40 4.86 -15.47
N PRO E 308 -5.14 3.90 -14.88
CA PRO E 308 -4.49 3.06 -13.85
C PRO E 308 -3.28 2.26 -14.38
N LEU E 309 -3.36 1.76 -15.62
CA LEU E 309 -2.26 1.00 -16.22
C LEU E 309 -1.01 1.86 -16.48
N ILE E 310 -1.19 3.04 -17.07
CA ILE E 310 -0.05 3.88 -17.37
C ILE E 310 0.61 4.47 -16.07
N ASP E 311 -0.20 4.95 -15.15
CA ASP E 311 0.30 5.36 -13.85
C ASP E 311 1.17 4.31 -13.17
N ASN E 312 0.79 3.04 -13.29
CA ASN E 312 1.41 2.01 -12.51
C ASN E 312 2.44 1.24 -13.31
N LYS E 313 2.76 1.73 -14.53
CA LYS E 313 3.78 1.14 -15.37
C LYS E 313 3.40 -0.31 -15.69
N LEU E 314 2.10 -0.55 -15.85
CA LEU E 314 1.62 -1.91 -16.09
C LEU E 314 1.62 -2.29 -17.58
N ILE E 315 1.95 -1.36 -18.48
CA ILE E 315 2.17 -1.69 -19.90
C ILE E 315 3.35 -0.87 -20.42
N ASP E 316 3.84 -1.21 -21.60
CA ASP E 316 4.94 -0.47 -22.21
C ASP E 316 4.53 0.31 -23.47
N TYR E 317 3.40 -0.06 -24.05
CA TYR E 317 2.86 0.57 -25.26
C TYR E 317 1.36 0.70 -25.08
N ILE E 318 0.83 1.87 -25.38
CA ILE E 318 -0.62 2.11 -25.45
C ILE E 318 -1.08 1.98 -26.91
N ARG E 319 -2.11 1.17 -27.10
CA ARG E 319 -2.54 0.69 -28.42
C ARG E 319 -3.86 1.23 -28.90
N CYS E 320 -4.29 2.35 -28.37
CA CYS E 320 -5.64 2.81 -28.65
C CYS E 320 -5.99 3.04 -30.11
N HIS E 321 -7.26 2.85 -30.43
CA HIS E 321 -7.81 3.19 -31.75
C HIS E 321 -8.21 4.67 -31.68
N VAL E 322 -7.48 5.50 -32.41
CA VAL E 322 -7.61 6.96 -32.21
C VAL E 322 -9.05 7.43 -32.27
N SER E 323 -9.80 6.95 -33.24
CA SER E 323 -11.15 7.46 -33.38
C SER E 323 -12.05 6.90 -32.25
N THR E 324 -11.68 5.79 -31.66
CA THR E 324 -12.54 5.21 -30.62
C THR E 324 -12.30 5.88 -29.24
N ILE E 325 -11.22 6.64 -29.10
CA ILE E 325 -11.07 7.44 -27.89
C ILE E 325 -11.51 8.90 -28.06
N GLY E 326 -11.92 9.24 -29.28
CA GLY E 326 -12.56 10.53 -29.51
C GLY E 326 -11.76 11.51 -30.37
N GLY E 327 -10.72 11.02 -31.04
CA GLY E 327 -9.97 11.85 -32.00
C GLY E 327 -8.53 12.24 -31.66
N ILE E 328 -7.96 13.14 -32.45
CA ILE E 328 -6.65 13.68 -32.21
C ILE E 328 -6.56 14.39 -30.88
N THR E 329 -7.59 15.13 -30.48
CA THR E 329 -7.49 15.88 -29.22
C THR E 329 -7.22 15.00 -27.98
N PRO E 330 -8.08 14.00 -27.72
CA PRO E 330 -7.81 13.11 -26.58
C PRO E 330 -6.61 12.19 -26.80
N ALA E 331 -6.33 11.83 -28.05
CA ALA E 331 -5.17 10.99 -28.33
C ALA E 331 -3.84 11.68 -28.01
N LYS E 332 -3.78 12.99 -28.24
CA LYS E 332 -2.54 13.71 -28.04
C LYS E 332 -2.32 13.84 -26.55
N LYS E 333 -3.39 14.01 -25.80
CA LYS E 333 -3.28 14.06 -24.35
C LYS E 333 -2.80 12.70 -23.80
N LEU E 334 -3.36 11.63 -24.35
CA LEU E 334 -3.00 10.28 -23.95
C LEU E 334 -1.50 10.03 -24.23
N ALA E 335 -1.03 10.45 -25.40
CA ALA E 335 0.39 10.34 -25.76
C ALA E 335 1.26 11.10 -24.77
N VAL E 336 0.77 12.25 -24.30
CA VAL E 336 1.56 13.06 -23.39
C VAL E 336 1.54 12.43 -22.00
N TYR E 337 0.40 11.89 -21.61
CA TYR E 337 0.33 11.23 -20.31
C TYR E 337 1.25 10.01 -20.29
N SER E 338 1.21 9.24 -21.36
CA SER E 338 2.15 8.15 -21.54
C SER E 338 3.61 8.60 -21.46
N GLU E 339 3.96 9.62 -22.24
CA GLU E 339 5.37 10.08 -22.33
C GLU E 339 5.93 10.40 -20.94
N LEU E 340 5.12 11.05 -20.12
CA LEU E 340 5.53 11.41 -18.77
C LEU E 340 5.73 10.19 -17.90
N ASN E 341 5.16 9.05 -18.30
CA ASN E 341 5.31 7.81 -17.55
C ASN E 341 6.21 6.79 -18.20
N GLY E 342 6.95 7.20 -19.23
CA GLY E 342 7.87 6.31 -19.94
C GLY E 342 7.17 5.27 -20.78
N VAL E 343 5.87 5.45 -21.04
CA VAL E 343 5.11 4.50 -21.88
C VAL E 343 5.05 5.02 -23.32
N ARG E 344 5.27 4.14 -24.30
CA ARG E 344 5.28 4.56 -25.72
C ARG E 344 4.03 4.25 -26.53
N THR E 345 3.88 4.87 -27.71
CA THR E 345 2.64 4.70 -28.46
C THR E 345 2.72 3.62 -29.54
N ALA E 346 1.59 3.00 -29.79
CA ALA E 346 1.46 2.05 -30.89
C ALA E 346 0.00 2.06 -31.30
N TRP E 347 -0.40 3.14 -31.95
CA TRP E 347 -1.82 3.34 -32.24
C TRP E 347 -2.35 2.21 -33.09
N HIS E 348 -3.60 1.83 -32.90
CA HIS E 348 -4.22 0.72 -33.65
C HIS E 348 -4.27 1.05 -35.14
N GLY E 349 -3.76 0.15 -35.98
CA GLY E 349 -3.73 0.40 -37.42
C GLY E 349 -4.17 -0.78 -38.27
N PRO E 350 -5.37 -1.29 -38.03
CA PRO E 350 -5.91 -2.46 -38.71
C PRO E 350 -6.48 -2.07 -40.06
N GLY E 351 -7.24 -2.97 -40.69
CA GLY E 351 -7.88 -2.65 -41.97
C GLY E 351 -9.08 -1.74 -41.74
N ASP E 352 -9.66 -1.83 -40.56
CA ASP E 352 -10.87 -1.04 -40.25
C ASP E 352 -10.51 0.32 -39.67
N ILE E 353 -9.82 1.09 -40.49
CA ILE E 353 -9.50 2.46 -40.15
C ILE E 353 -9.47 3.08 -41.54
N SER E 354 -10.03 4.27 -41.73
CA SER E 354 -9.89 4.88 -43.06
C SER E 354 -8.47 5.45 -43.24
N PRO E 355 -8.09 5.75 -44.50
CA PRO E 355 -6.85 6.47 -44.72
C PRO E 355 -6.74 7.82 -43.98
N VAL E 356 -7.87 8.45 -43.66
CA VAL E 356 -7.89 9.72 -42.90
C VAL E 356 -7.42 9.39 -41.48
N GLY E 357 -7.96 8.31 -40.92
CA GLY E 357 -7.48 7.85 -39.61
C GLY E 357 -6.02 7.41 -39.65
N VAL E 358 -5.61 6.77 -40.74
CA VAL E 358 -4.18 6.43 -40.91
C VAL E 358 -3.29 7.67 -40.86
N CYS E 359 -3.62 8.70 -41.63
CA CYS E 359 -2.95 10.00 -41.51
C CYS E 359 -2.98 10.58 -40.08
N ALA E 360 -4.11 10.49 -39.41
CA ALA E 360 -4.12 10.99 -38.05
C ALA E 360 -3.07 10.26 -37.18
N ASN E 361 -3.06 8.94 -37.23
CA ASN E 361 -2.12 8.13 -36.48
C ASN E 361 -0.72 8.67 -36.75
N MET E 362 -0.45 8.92 -38.01
CA MET E 362 0.88 9.26 -38.44
C MET E 362 1.22 10.69 -38.11
N HIS E 363 0.26 11.59 -38.07
CA HIS E 363 0.63 12.93 -37.60
C HIS E 363 0.94 12.91 -36.10
N LEU E 364 0.22 12.11 -35.33
CA LEU E 364 0.59 11.94 -33.91
C LEU E 364 1.96 11.31 -33.81
N ASP E 365 2.22 10.29 -34.63
CA ASP E 365 3.51 9.59 -34.69
C ASP E 365 4.69 10.54 -34.91
N MET E 366 4.58 11.37 -35.94
CA MET E 366 5.60 12.34 -36.25
C MET E 366 5.91 13.31 -35.11
N SER E 367 4.94 13.68 -34.28
CA SER E 367 5.25 14.70 -33.30
C SER E 367 5.38 14.20 -31.87
N SER E 368 5.35 12.88 -31.66
CA SER E 368 5.54 12.31 -30.31
C SER E 368 6.98 11.87 -30.04
N PRO E 369 7.60 12.45 -29.00
CA PRO E 369 8.92 11.92 -28.63
C PRO E 369 8.82 10.47 -28.18
N ASN E 370 7.67 10.06 -27.63
CA ASN E 370 7.57 8.70 -27.11
C ASN E 370 6.92 7.72 -28.14
N PHE E 371 6.99 8.04 -29.43
CA PHE E 371 6.49 7.11 -30.45
C PHE E 371 7.12 5.73 -30.25
N GLY E 372 6.35 4.66 -30.41
CA GLY E 372 6.95 3.33 -30.27
C GLY E 372 6.97 2.64 -31.62
N ILE E 373 5.79 2.39 -32.19
CA ILE E 373 5.76 1.77 -33.52
C ILE E 373 4.43 2.04 -34.17
N GLN E 374 4.35 1.90 -35.50
CA GLN E 374 3.08 2.08 -36.21
C GLN E 374 2.69 0.82 -37.00
N GLU E 375 1.67 0.11 -36.50
CA GLU E 375 1.04 -1.01 -37.22
C GLU E 375 0.51 -0.51 -38.54
N TYR E 376 0.73 -1.23 -39.63
CA TYR E 376 0.20 -0.77 -40.91
C TYR E 376 -0.47 -1.87 -41.72
N THR E 377 -1.61 -1.57 -42.32
CA THR E 377 -2.28 -2.56 -43.19
C THR E 377 -2.22 -2.06 -44.64
N PRO E 378 -1.46 -2.75 -45.51
CA PRO E 378 -1.27 -2.27 -46.89
C PRO E 378 -2.60 -2.05 -47.59
N MET E 379 -2.71 -0.98 -48.37
CA MET E 379 -3.95 -0.56 -49.03
C MET E 379 -3.98 -1.05 -50.46
N ASN E 380 -5.19 -1.20 -51.02
CA ASN E 380 -5.29 -1.60 -52.42
C ASN E 380 -5.43 -0.35 -53.28
N ASP E 381 -5.51 -0.51 -54.60
CA ASP E 381 -5.61 0.65 -55.48
C ASP E 381 -6.88 1.46 -55.24
N ALA E 382 -8.00 0.81 -54.94
CA ALA E 382 -9.26 1.58 -54.77
C ALA E 382 -9.15 2.59 -53.61
N LEU E 383 -8.43 2.19 -52.55
CA LEU E 383 -8.27 3.06 -51.40
C LEU E 383 -7.46 4.29 -51.75
N ARG E 384 -6.32 4.11 -52.43
CA ARG E 384 -5.51 5.23 -52.91
C ARG E 384 -6.27 6.17 -53.86
N GLU E 385 -7.17 5.65 -54.68
CA GLU E 385 -8.00 6.49 -55.57
C GLU E 385 -9.11 7.25 -54.83
N VAL E 386 -9.74 6.62 -53.86
CA VAL E 386 -10.84 7.26 -53.20
C VAL E 386 -10.29 8.28 -52.22
N PHE E 387 -9.12 7.99 -51.67
CA PHE E 387 -8.47 8.89 -50.71
C PHE E 387 -7.13 9.46 -51.20
N PRO E 388 -7.15 10.57 -51.98
CA PRO E 388 -5.93 11.18 -52.51
C PRO E 388 -5.05 11.68 -51.37
N GLY E 389 -3.75 11.44 -51.45
CA GLY E 389 -2.81 11.83 -50.40
C GLY E 389 -2.40 10.75 -49.39
N CYS E 390 -2.65 9.49 -49.70
CA CYS E 390 -2.16 8.41 -48.84
C CYS E 390 -0.64 8.47 -48.58
N PRO E 391 -0.25 8.20 -47.33
CA PRO E 391 1.16 8.37 -47.04
C PRO E 391 1.99 7.38 -47.89
N GLU E 392 3.20 7.76 -48.21
CA GLU E 392 4.08 6.91 -49.02
C GLU E 392 4.76 5.87 -48.14
N ILE E 393 4.74 4.61 -48.58
CA ILE E 393 5.35 3.50 -47.85
C ILE E 393 6.62 3.09 -48.60
N ASP E 394 7.75 3.09 -47.92
CA ASP E 394 9.00 2.80 -48.63
C ASP E 394 10.00 2.01 -47.76
N GLN E 395 10.11 0.72 -48.04
CA GLN E 395 11.05 -0.10 -47.29
C GLN E 395 10.76 -0.05 -45.79
N GLY E 396 9.51 -0.29 -45.40
CA GLY E 396 9.16 -0.39 -44.00
C GLY E 396 8.99 0.89 -43.20
N TYR E 397 9.03 2.04 -43.85
CA TYR E 397 8.79 3.35 -43.22
C TYR E 397 7.64 4.06 -43.93
N ALA E 398 6.81 4.80 -43.18
CA ALA E 398 5.87 5.70 -43.84
C ALA E 398 6.42 7.12 -43.86
N TYR E 399 6.18 7.81 -44.96
CA TYR E 399 6.63 9.19 -45.13
C TYR E 399 5.37 10.00 -45.46
N VAL E 400 4.82 10.68 -44.46
CA VAL E 400 3.65 11.49 -44.73
C VAL E 400 4.05 12.66 -45.64
N ASN E 401 3.10 13.10 -46.45
CA ASN E 401 3.29 14.31 -47.25
C ASN E 401 3.28 15.57 -46.35
N ASP E 402 3.61 16.70 -46.92
CA ASP E 402 3.77 17.90 -46.11
C ASP E 402 2.70 18.92 -46.46
N LYS E 403 1.61 18.41 -47.01
CA LYS E 403 0.49 19.27 -47.34
C LYS E 403 -0.24 19.73 -46.07
N PRO E 404 -0.94 20.85 -46.16
CA PRO E 404 -1.58 21.42 -44.97
C PRO E 404 -2.59 20.47 -44.37
N GLY E 405 -2.84 20.60 -43.07
CA GLY E 405 -3.79 19.73 -42.39
C GLY E 405 -3.32 18.28 -42.38
N LEU E 406 -4.24 17.36 -42.65
CA LEU E 406 -3.91 15.96 -42.59
C LEU E 406 -3.34 15.51 -43.91
N GLY E 407 -3.39 16.39 -44.91
CA GLY E 407 -2.81 16.07 -46.22
C GLY E 407 -3.53 14.98 -46.98
N ILE E 408 -4.82 14.79 -46.70
CA ILE E 408 -5.58 13.66 -47.19
C ILE E 408 -6.91 14.21 -47.68
N ASP E 409 -7.51 13.61 -48.70
CA ASP E 409 -8.82 14.07 -49.16
C ASP E 409 -9.66 12.84 -49.55
N ILE E 410 -10.95 13.06 -49.82
CA ILE E 410 -11.78 11.98 -50.32
C ILE E 410 -12.54 12.42 -51.56
N ASN E 411 -12.53 11.57 -52.58
CA ASN E 411 -13.36 11.77 -53.76
C ASN E 411 -14.69 11.11 -53.56
N GLU E 412 -15.72 11.92 -53.32
CA GLU E 412 -17.03 11.41 -52.96
C GLU E 412 -17.69 10.62 -54.08
N THR E 413 -17.41 10.97 -55.34
CA THR E 413 -17.97 10.24 -56.48
C THR E 413 -17.36 8.84 -56.58
N LEU E 414 -16.04 8.74 -56.47
CA LEU E 414 -15.44 7.42 -56.47
C LEU E 414 -15.92 6.66 -55.20
N ALA E 415 -16.02 7.33 -54.06
CA ALA E 415 -16.48 6.63 -52.83
C ALA E 415 -17.79 5.91 -53.05
N GLU E 416 -18.64 6.47 -53.90
CA GLU E 416 -20.01 5.95 -54.05
C GLU E 416 -20.08 4.65 -54.77
N LYS E 417 -19.05 4.37 -55.55
CA LYS E 417 -18.94 3.12 -56.28
C LYS E 417 -18.57 1.94 -55.41
N TYR E 418 -18.38 2.18 -54.10
CA TYR E 418 -18.06 1.09 -53.16
C TYR E 418 -18.98 1.17 -51.94
N PRO E 419 -20.28 0.89 -52.13
CA PRO E 419 -21.31 1.06 -51.11
C PRO E 419 -21.00 0.16 -49.92
N CYS E 420 -21.45 0.53 -48.71
CA CYS E 420 -21.17 -0.30 -47.53
C CYS E 420 -22.04 -1.55 -47.49
N ASP E 421 -21.39 -2.68 -47.23
CA ASP E 421 -22.05 -3.99 -47.17
C ASP E 421 -23.06 -4.10 -46.02
N GLY E 422 -22.62 -3.80 -44.80
CA GLY E 422 -23.49 -3.93 -43.63
C GLY E 422 -23.29 -5.27 -42.95
N GLY E 423 -24.38 -5.83 -42.41
CA GLY E 423 -24.32 -7.18 -41.85
C GLY E 423 -23.49 -7.32 -40.58
N ILE E 424 -23.38 -8.55 -40.10
CA ILE E 424 -22.74 -8.81 -38.81
C ILE E 424 -21.57 -9.78 -38.93
N PRO E 425 -20.40 -9.39 -38.40
CA PRO E 425 -19.23 -10.25 -38.49
C PRO E 425 -19.48 -11.58 -37.76
N SER E 426 -18.89 -12.65 -38.29
CA SER E 426 -19.05 -13.99 -37.72
C SER E 426 -18.01 -14.24 -36.64
N TRP E 427 -16.87 -13.57 -36.75
CA TRP E 427 -15.74 -13.89 -35.86
C TRP E 427 -15.94 -13.42 -34.41
N THR E 428 -16.87 -12.49 -34.20
CA THR E 428 -17.06 -11.97 -32.85
C THR E 428 -17.91 -12.94 -32.03
N MET E 429 -18.42 -13.98 -32.68
CA MET E 429 -19.18 -15.04 -32.01
C MET E 429 -18.25 -16.23 -31.77
N ALA E 430 -17.36 -16.10 -30.79
CA ALA E 430 -16.34 -17.10 -30.50
C ALA E 430 -16.76 -17.98 -29.31
N ARG E 431 -16.54 -19.28 -29.43
CA ARG E 431 -16.90 -20.23 -28.38
C ARG E 431 -15.73 -21.18 -28.06
N THR E 432 -15.54 -21.44 -26.77
CA THR E 432 -14.53 -22.37 -26.32
C THR E 432 -15.08 -23.79 -26.54
N PRO E 433 -14.23 -24.81 -26.39
CA PRO E 433 -14.74 -26.13 -26.80
C PRO E 433 -16.06 -26.59 -26.16
N ASP E 434 -16.35 -26.27 -24.89
CA ASP E 434 -17.66 -26.66 -24.30
C ASP E 434 -18.83 -25.82 -24.78
N GLY E 435 -18.52 -24.88 -25.67
CA GLY E 435 -19.54 -24.03 -26.24
C GLY E 435 -19.76 -22.69 -25.55
N THR E 436 -18.86 -22.28 -24.66
CA THR E 436 -19.05 -21.03 -23.91
C THR E 436 -18.76 -19.82 -24.80
N ALA E 437 -19.64 -18.82 -24.81
CA ALA E 437 -19.36 -17.58 -25.56
C ALA E 437 -18.24 -16.77 -24.91
N SER E 438 -17.25 -16.38 -25.70
CA SER E 438 -16.04 -15.80 -25.13
C SER E 438 -15.79 -14.44 -25.74
N ARG E 439 -14.98 -13.66 -25.04
CA ARG E 439 -14.51 -12.40 -25.60
C ARG E 439 -13.56 -12.67 -26.77
N PRO E 440 -13.90 -12.13 -27.95
CA PRO E 440 -13.23 -12.52 -29.17
C PRO E 440 -11.96 -11.70 -29.36
N LYS F 26 -40.13 -25.43 -30.82
CA LYS F 26 -38.89 -24.78 -30.28
C LYS F 26 -39.06 -23.27 -30.35
N LEU F 27 -38.95 -22.65 -29.17
CA LEU F 27 -39.20 -21.22 -29.04
C LEU F 27 -38.07 -20.48 -29.75
N LYS F 28 -38.41 -19.44 -30.51
CA LYS F 28 -37.41 -18.68 -31.27
C LYS F 28 -37.79 -17.22 -31.34
N ILE F 29 -36.78 -16.35 -31.37
CA ILE F 29 -37.05 -14.92 -31.58
C ILE F 29 -37.41 -14.68 -33.05
N THR F 30 -38.51 -13.98 -33.32
CA THR F 30 -38.91 -13.77 -34.72
C THR F 30 -38.72 -12.34 -35.21
N ASN F 31 -38.79 -11.41 -34.25
CA ASN F 31 -38.59 -10.00 -34.55
C ASN F 31 -38.24 -9.19 -33.30
N VAL F 32 -37.46 -8.14 -33.49
CA VAL F 32 -37.09 -7.24 -32.42
C VAL F 32 -37.33 -5.84 -32.93
N LYS F 33 -38.23 -5.10 -32.29
CA LYS F 33 -38.52 -3.74 -32.78
C LYS F 33 -38.51 -2.68 -31.69
N THR F 34 -38.30 -1.44 -32.11
CA THR F 34 -38.17 -0.31 -31.21
C THR F 34 -39.41 0.52 -31.28
N ILE F 35 -39.88 0.96 -30.13
CA ILE F 35 -40.98 1.87 -30.11
C ILE F 35 -40.53 3.16 -29.43
N LEU F 36 -40.52 4.25 -30.19
CA LEU F 36 -40.13 5.55 -29.68
C LEU F 36 -41.42 6.29 -29.39
N THR F 37 -41.58 6.72 -28.15
CA THR F 37 -42.79 7.43 -27.76
C THR F 37 -42.46 8.36 -26.61
N ALA F 38 -43.30 9.37 -26.37
CA ALA F 38 -43.02 10.43 -25.39
C ALA F 38 -44.25 10.86 -24.58
N PRO F 39 -44.99 9.87 -24.05
CA PRO F 39 -46.29 10.17 -23.42
C PRO F 39 -46.19 11.15 -22.27
N GLY F 40 -45.06 11.16 -21.56
CA GLY F 40 -44.89 12.05 -20.42
C GLY F 40 -44.12 13.29 -20.78
N GLY F 41 -43.95 13.54 -22.09
CA GLY F 41 -43.22 14.71 -22.57
C GLY F 41 -41.73 14.48 -22.67
N ILE F 42 -41.30 13.23 -22.41
CA ILE F 42 -39.87 12.87 -22.48
C ILE F 42 -39.62 11.69 -23.44
N ASP F 43 -38.72 11.85 -24.38
CA ASP F 43 -38.50 10.82 -25.39
C ASP F 43 -38.08 9.49 -24.71
N LEU F 44 -38.79 8.39 -25.02
CA LEU F 44 -38.52 7.07 -24.45
C LEU F 44 -38.24 6.09 -25.60
N ALA F 45 -37.45 5.08 -25.34
CA ALA F 45 -37.29 3.98 -26.29
C ALA F 45 -37.60 2.64 -25.60
N VAL F 46 -38.51 1.88 -26.18
CA VAL F 46 -38.85 0.58 -25.65
C VAL F 46 -38.62 -0.47 -26.73
N VAL F 47 -38.09 -1.60 -26.34
CA VAL F 47 -37.85 -2.66 -27.32
C VAL F 47 -38.89 -3.73 -27.07
N LYS F 48 -39.48 -4.25 -28.15
CA LYS F 48 -40.39 -5.39 -28.06
C LYS F 48 -39.72 -6.58 -28.75
N VAL F 49 -39.53 -7.68 -28.02
CA VAL F 49 -39.00 -8.91 -28.63
C VAL F 49 -40.12 -9.92 -28.83
N GLU F 50 -40.46 -10.15 -30.09
CA GLU F 50 -41.53 -11.10 -30.43
C GLU F 50 -40.96 -12.51 -30.70
N THR F 51 -41.76 -13.55 -30.42
CA THR F 51 -41.32 -14.94 -30.56
C THR F 51 -42.24 -15.70 -31.54
N ASN F 52 -42.01 -16.99 -31.78
CA ASN F 52 -42.92 -17.72 -32.67
C ASN F 52 -44.12 -18.30 -31.92
N GLU F 53 -44.19 -18.03 -30.62
CA GLU F 53 -45.34 -18.43 -29.82
C GLU F 53 -46.31 -17.24 -29.80
N PRO F 54 -47.49 -17.39 -30.43
CA PRO F 54 -48.36 -16.22 -30.62
C PRO F 54 -48.74 -15.63 -29.28
N GLY F 55 -48.77 -14.30 -29.18
CA GLY F 55 -49.13 -13.65 -27.92
C GLY F 55 -47.98 -13.51 -26.92
N LEU F 56 -46.89 -14.25 -27.10
CA LEU F 56 -45.77 -14.18 -26.18
C LEU F 56 -44.66 -13.25 -26.69
N TYR F 57 -44.47 -12.14 -26.00
CA TYR F 57 -43.35 -11.26 -26.33
C TYR F 57 -42.84 -10.64 -25.04
N GLY F 58 -41.73 -9.92 -25.13
CA GLY F 58 -41.19 -9.21 -23.97
C GLY F 58 -40.98 -7.75 -24.28
N LEU F 59 -40.95 -6.93 -23.24
CA LEU F 59 -40.65 -5.52 -23.46
C LEU F 59 -39.40 -5.21 -22.67
N GLY F 60 -38.52 -4.37 -23.22
CA GLY F 60 -37.36 -3.86 -22.48
C GLY F 60 -37.22 -2.34 -22.56
N CYS F 61 -36.53 -1.72 -21.60
CA CYS F 61 -36.29 -0.29 -21.70
C CYS F 61 -34.91 -0.03 -22.35
N ALA F 62 -34.89 0.77 -23.42
CA ALA F 62 -33.62 1.20 -24.05
C ALA F 62 -33.49 2.73 -24.01
N THR F 63 -34.02 3.35 -22.96
CA THR F 63 -34.05 4.80 -22.98
C THR F 63 -32.74 5.46 -22.56
N PHE F 64 -31.95 5.84 -23.57
CA PHE F 64 -30.94 6.88 -23.48
C PHE F 64 -31.57 8.09 -24.19
N THR F 65 -32.22 8.97 -23.44
CA THR F 65 -33.16 9.92 -24.05
C THR F 65 -32.46 10.90 -25.03
N GLN F 66 -31.28 11.36 -24.69
CA GLN F 66 -30.59 12.29 -25.54
C GLN F 66 -30.05 11.67 -26.83
N ARG F 67 -30.05 10.35 -26.94
CA ARG F 67 -29.55 9.70 -28.15
C ARG F 67 -30.53 8.68 -28.72
N ILE F 68 -31.84 8.90 -28.55
CA ILE F 68 -32.76 7.83 -28.91
C ILE F 68 -32.67 7.33 -30.36
N PHE F 69 -32.35 8.21 -31.31
CA PHE F 69 -32.36 7.78 -32.73
C PHE F 69 -31.15 6.89 -33.04
N ALA F 70 -30.09 7.09 -32.26
CA ALA F 70 -28.90 6.29 -32.38
C ALA F 70 -29.13 4.93 -31.73
N VAL F 71 -29.88 4.91 -30.63
CA VAL F 71 -30.24 3.64 -29.99
C VAL F 71 -31.13 2.83 -30.94
N LYS F 72 -32.12 3.48 -31.54
CA LYS F 72 -32.98 2.81 -32.53
C LYS F 72 -32.16 2.18 -33.68
N SER F 73 -31.21 2.95 -34.19
CA SER F 73 -30.38 2.43 -35.26
C SER F 73 -29.59 1.20 -34.78
N ALA F 74 -29.01 1.27 -33.59
CA ALA F 74 -28.30 0.11 -33.03
C ALA F 74 -29.24 -1.09 -32.93
N ILE F 75 -30.43 -0.90 -32.40
CA ILE F 75 -31.34 -2.01 -32.30
C ILE F 75 -31.80 -2.56 -33.66
N ASP F 76 -32.22 -1.67 -34.56
CA ASP F 76 -32.83 -2.09 -35.84
C ASP F 76 -31.79 -2.71 -36.80
N GLU F 77 -30.61 -2.10 -36.89
CA GLU F 77 -29.58 -2.55 -37.84
C GLU F 77 -28.70 -3.70 -37.35
N TYR F 78 -28.62 -3.86 -36.03
CA TYR F 78 -27.63 -4.72 -35.44
C TYR F 78 -28.22 -5.80 -34.54
N MET F 79 -28.98 -5.41 -33.52
CA MET F 79 -29.51 -6.41 -32.58
C MET F 79 -30.48 -7.36 -33.29
N ALA F 80 -31.42 -6.82 -34.06
CA ALA F 80 -32.41 -7.63 -34.76
C ALA F 80 -31.80 -8.74 -35.64
N PRO F 81 -30.95 -8.38 -36.59
CA PRO F 81 -30.29 -9.48 -37.35
C PRO F 81 -29.50 -10.44 -36.45
N PHE F 82 -28.90 -9.94 -35.37
CA PHE F 82 -28.22 -10.81 -34.43
C PHE F 82 -29.14 -11.80 -33.70
N LEU F 83 -30.35 -11.37 -33.37
CA LEU F 83 -31.23 -12.18 -32.50
C LEU F 83 -32.30 -13.02 -33.25
N ILE F 84 -32.73 -12.64 -34.44
CA ILE F 84 -33.75 -13.45 -35.14
C ILE F 84 -33.36 -14.93 -35.24
N GLY F 85 -34.20 -15.84 -34.76
CA GLY F 85 -33.89 -17.27 -34.92
C GLY F 85 -33.34 -17.93 -33.66
N LYS F 86 -32.90 -17.13 -32.71
CA LYS F 86 -32.32 -17.67 -31.48
C LYS F 86 -33.32 -17.96 -30.37
N ASP F 87 -32.95 -18.87 -29.47
CA ASP F 87 -33.82 -19.23 -28.35
C ASP F 87 -33.74 -18.16 -27.24
N PRO F 88 -34.87 -17.50 -26.95
CA PRO F 88 -34.83 -16.37 -26.03
C PRO F 88 -34.54 -16.75 -24.57
N THR F 89 -34.58 -18.04 -24.25
CA THR F 89 -34.40 -18.51 -22.87
C THR F 89 -32.96 -18.48 -22.40
N ARG F 90 -32.01 -18.42 -23.33
CA ARG F 90 -30.60 -18.40 -22.99
C ARG F 90 -30.21 -16.95 -22.68
N ILE F 91 -30.77 -16.38 -21.62
CA ILE F 91 -30.59 -14.94 -21.37
C ILE F 91 -29.12 -14.57 -21.26
N GLU F 92 -28.36 -15.31 -20.45
CA GLU F 92 -26.95 -15.04 -20.23
C GLU F 92 -26.08 -15.22 -21.49
N ASP F 93 -26.34 -16.27 -22.27
CA ASP F 93 -25.57 -16.52 -23.48
C ASP F 93 -25.83 -15.42 -24.47
N ILE F 94 -27.09 -15.01 -24.53
CA ILE F 94 -27.42 -13.92 -25.42
C ILE F 94 -26.74 -12.63 -24.95
N TRP F 95 -26.82 -12.35 -23.66
CA TRP F 95 -26.27 -11.08 -23.19
C TRP F 95 -24.77 -11.04 -23.44
N GLN F 96 -24.05 -12.10 -23.09
CA GLN F 96 -22.58 -12.13 -23.28
C GLN F 96 -22.22 -12.00 -24.76
N SER F 97 -22.90 -12.77 -25.61
CA SER F 97 -22.53 -12.80 -27.04
C SER F 97 -22.91 -11.52 -27.79
N ALA F 98 -24.05 -10.93 -27.42
CA ALA F 98 -24.44 -9.65 -28.00
C ALA F 98 -23.45 -8.56 -27.60
N ALA F 99 -23.03 -8.59 -26.34
CA ALA F 99 -22.24 -7.50 -25.79
C ALA F 99 -20.95 -7.38 -26.57
N VAL F 100 -20.46 -8.51 -27.08
CA VAL F 100 -19.18 -8.54 -27.78
C VAL F 100 -19.30 -8.68 -29.29
N SER F 101 -20.54 -8.69 -29.81
CA SER F 101 -20.80 -8.82 -31.25
C SER F 101 -20.11 -7.79 -32.17
N GLY F 102 -19.94 -6.56 -31.68
CA GLY F 102 -19.23 -5.50 -32.42
C GLY F 102 -17.75 -5.31 -32.05
N TYR F 103 -17.22 -6.23 -31.21
CA TYR F 103 -15.85 -6.17 -30.69
C TYR F 103 -15.71 -5.06 -29.63
N TRP F 104 -15.78 -3.82 -30.07
CA TRP F 104 -15.87 -2.68 -29.15
C TRP F 104 -17.22 -2.69 -28.40
N ARG F 105 -17.23 -2.15 -27.19
CA ARG F 105 -18.35 -2.38 -26.24
C ARG F 105 -18.20 -1.40 -25.07
N ASN F 106 -19.07 -1.53 -24.06
CA ASN F 106 -19.04 -0.65 -22.87
C ASN F 106 -19.30 0.84 -23.14
N GLY F 107 -20.46 1.18 -23.66
CA GLY F 107 -20.78 2.58 -23.84
C GLY F 107 -22.30 2.69 -23.75
N PRO F 108 -22.83 3.91 -23.56
CA PRO F 108 -24.24 4.08 -23.26
C PRO F 108 -25.19 3.72 -24.41
N ILE F 109 -24.79 3.92 -25.68
CA ILE F 109 -25.70 3.54 -26.75
C ILE F 109 -25.70 2.01 -26.88
N MET F 110 -24.52 1.38 -26.98
CA MET F 110 -24.46 -0.09 -27.04
C MET F 110 -25.16 -0.68 -25.84
N ASN F 111 -24.89 -0.16 -24.64
CA ASN F 111 -25.49 -0.74 -23.42
C ASN F 111 -27.00 -0.66 -23.41
N ASN F 112 -27.53 0.49 -23.85
CA ASN F 112 -28.98 0.60 -23.97
C ASN F 112 -29.66 -0.37 -24.96
N ALA F 113 -28.99 -0.66 -26.08
CA ALA F 113 -29.50 -1.67 -27.01
C ALA F 113 -29.47 -3.05 -26.37
N LEU F 114 -28.50 -3.31 -25.49
CA LEU F 114 -28.44 -4.60 -24.81
C LEU F 114 -29.56 -4.69 -23.81
N SER F 115 -29.76 -3.61 -23.09
CA SER F 115 -30.80 -3.55 -22.09
C SER F 115 -32.19 -3.82 -22.66
N GLY F 116 -32.52 -3.14 -23.75
CA GLY F 116 -33.81 -3.33 -24.39
C GLY F 116 -34.07 -4.81 -24.61
N VAL F 117 -33.06 -5.51 -25.12
CA VAL F 117 -33.21 -6.93 -25.36
C VAL F 117 -33.19 -7.73 -24.06
N ASP F 118 -32.23 -7.44 -23.18
CA ASP F 118 -32.08 -8.20 -21.95
C ASP F 118 -33.34 -8.17 -21.07
N MET F 119 -33.90 -6.98 -20.84
CA MET F 119 -35.14 -6.88 -20.04
C MET F 119 -36.31 -7.60 -20.71
N ALA F 120 -36.43 -7.46 -22.03
CA ALA F 120 -37.44 -8.19 -22.78
C ALA F 120 -37.30 -9.72 -22.62
N LEU F 121 -36.06 -10.25 -22.67
CA LEU F 121 -35.89 -11.66 -22.40
C LEU F 121 -36.30 -12.07 -20.98
N TRP F 122 -36.09 -11.20 -20.00
CA TRP F 122 -36.43 -11.57 -18.63
C TRP F 122 -37.95 -11.55 -18.50
N ASP F 123 -38.57 -10.64 -19.25
CA ASP F 123 -40.03 -10.48 -19.27
C ASP F 123 -40.55 -11.78 -19.88
N ILE F 124 -39.94 -12.25 -20.97
CA ILE F 124 -40.39 -13.50 -21.61
C ILE F 124 -40.21 -14.69 -20.67
N LYS F 125 -39.09 -14.74 -19.96
CA LYS F 125 -38.84 -15.84 -19.01
C LYS F 125 -39.90 -15.91 -17.90
N GLY F 126 -40.23 -14.75 -17.34
CA GLY F 126 -41.23 -14.63 -16.29
C GLY F 126 -42.58 -15.05 -16.82
N LYS F 127 -42.91 -14.63 -18.04
CA LYS F 127 -44.17 -15.06 -18.66
C LYS F 127 -44.20 -16.59 -18.93
N LEU F 128 -43.12 -17.15 -19.47
CA LEU F 128 -43.01 -18.62 -19.59
C LEU F 128 -43.14 -19.35 -18.24
N ALA F 129 -42.66 -18.73 -17.16
CA ALA F 129 -42.71 -19.38 -15.85
C ALA F 129 -43.98 -19.05 -15.07
N GLY F 130 -44.80 -18.15 -15.58
CA GLY F 130 -45.99 -17.71 -14.82
C GLY F 130 -45.62 -16.94 -13.57
N MET F 131 -44.46 -16.27 -13.60
CA MET F 131 -43.93 -15.59 -12.42
C MET F 131 -43.44 -14.18 -12.71
N PRO F 132 -43.61 -13.26 -11.75
CA PRO F 132 -42.93 -11.95 -11.86
C PRO F 132 -41.39 -12.12 -11.87
N VAL F 133 -40.68 -11.21 -12.54
CA VAL F 133 -39.24 -11.30 -12.61
C VAL F 133 -38.62 -11.34 -11.20
N TYR F 134 -39.15 -10.53 -10.29
CA TYR F 134 -38.63 -10.56 -8.90
C TYR F 134 -38.68 -11.94 -8.24
N GLU F 135 -39.63 -12.78 -8.65
CA GLU F 135 -39.70 -14.13 -8.10
C GLU F 135 -38.61 -15.03 -8.69
N LEU F 136 -38.22 -14.79 -9.94
CA LEU F 136 -37.07 -15.52 -10.53
C LEU F 136 -35.75 -15.08 -9.89
N LEU F 137 -35.74 -13.86 -9.34
CA LEU F 137 -34.51 -13.27 -8.85
C LEU F 137 -34.39 -13.46 -7.35
N GLY F 138 -35.27 -14.28 -6.79
CA GLY F 138 -35.08 -14.73 -5.44
C GLY F 138 -36.21 -14.43 -4.50
N GLY F 139 -37.30 -13.84 -5.01
CA GLY F 139 -38.50 -13.63 -4.20
C GLY F 139 -38.48 -12.31 -3.45
N LYS F 140 -39.60 -11.92 -2.86
CA LYS F 140 -39.76 -10.63 -2.15
C LYS F 140 -38.88 -10.54 -0.91
N CYS F 141 -38.12 -9.45 -0.81
CA CYS F 141 -37.28 -9.26 0.38
C CYS F 141 -37.86 -8.19 1.28
N ARG F 142 -39.01 -7.65 0.92
CA ARG F 142 -39.60 -6.51 1.66
C ARG F 142 -41.05 -6.44 1.22
N ASP F 143 -41.86 -5.68 1.94
CA ASP F 143 -43.29 -5.66 1.68
C ASP F 143 -43.76 -4.46 0.82
N GLY F 144 -42.88 -3.48 0.62
CA GLY F 144 -43.15 -2.38 -0.30
C GLY F 144 -41.83 -1.68 -0.54
N ILE F 145 -41.73 -0.89 -1.59
CA ILE F 145 -40.48 -0.24 -1.96
C ILE F 145 -40.44 1.23 -1.57
N PRO F 146 -39.63 1.60 -0.57
CA PRO F 146 -39.56 3.01 -0.20
C PRO F 146 -38.98 3.90 -1.32
N LEU F 147 -39.59 5.08 -1.50
CA LEU F 147 -39.32 6.01 -2.58
C LEU F 147 -38.87 7.37 -2.08
N TYR F 148 -38.13 8.08 -2.91
CA TYR F 148 -37.92 9.49 -2.69
C TYR F 148 -38.30 10.27 -3.91
N CYS F 149 -38.74 11.50 -3.70
CA CYS F 149 -39.20 12.29 -4.82
C CYS F 149 -38.39 13.56 -4.87
N HIS F 150 -38.47 14.26 -6.01
CA HIS F 150 -37.70 15.47 -6.21
C HIS F 150 -38.48 16.65 -5.64
N THR F 151 -37.78 17.51 -4.94
CA THR F 151 -38.36 18.77 -4.51
C THR F 151 -37.42 19.88 -4.94
N ASP F 152 -37.98 20.91 -5.57
CA ASP F 152 -37.16 21.99 -6.14
C ASP F 152 -37.73 23.35 -5.72
N GLY F 153 -36.98 24.41 -5.96
CA GLY F 153 -37.42 25.73 -5.53
C GLY F 153 -36.47 26.84 -5.92
N GLY F 154 -37.04 28.03 -6.14
CA GLY F 154 -36.24 29.21 -6.44
C GLY F 154 -35.43 29.61 -5.20
N ASP F 155 -35.93 29.26 -4.03
CA ASP F 155 -35.32 29.71 -2.78
C ASP F 155 -35.65 28.79 -1.63
N GLU F 156 -34.95 28.97 -0.50
CA GLU F 156 -35.13 28.12 0.67
C GLU F 156 -36.60 27.95 1.06
N VAL F 157 -37.43 28.90 0.67
CA VAL F 157 -38.86 28.92 1.06
C VAL F 157 -39.76 28.08 0.17
N GLU F 158 -39.66 28.25 -1.15
CA GLU F 158 -40.43 27.42 -2.06
C GLU F 158 -40.00 25.93 -1.95
N VAL F 159 -38.73 25.67 -1.64
CA VAL F 159 -38.26 24.29 -1.51
C VAL F 159 -38.98 23.69 -0.33
N GLU F 160 -38.98 24.42 0.78
CA GLU F 160 -39.63 23.95 1.99
C GLU F 160 -41.13 23.68 1.77
N ASP F 161 -41.80 24.47 0.93
CA ASP F 161 -43.24 24.25 0.65
C ASP F 161 -43.47 22.98 -0.12
N ASN F 162 -42.57 22.71 -1.06
CA ASN F 162 -42.65 21.49 -1.83
C ASN F 162 -42.40 20.26 -0.96
N ILE F 163 -41.49 20.38 0.00
CA ILE F 163 -41.18 19.25 0.85
C ILE F 163 -42.41 18.91 1.68
N ARG F 164 -43.03 19.95 2.24
CA ARG F 164 -44.26 19.80 3.02
C ARG F 164 -45.41 19.16 2.21
N ALA F 165 -45.65 19.63 0.99
CA ALA F 165 -46.65 18.99 0.14
C ALA F 165 -46.30 17.50 -0.13
N ARG F 166 -45.03 17.20 -0.38
CA ARG F 166 -44.64 15.79 -0.57
C ARG F 166 -44.82 15.01 0.73
N MET F 167 -44.48 15.60 1.87
CA MET F 167 -44.56 14.85 3.11
C MET F 167 -46.01 14.51 3.39
N GLU F 168 -46.88 15.42 3.01
CA GLU F 168 -48.33 15.23 3.17
C GLU F 168 -48.83 14.10 2.24
N GLU F 169 -48.08 13.79 1.19
CA GLU F 169 -48.43 12.67 0.32
C GLU F 169 -47.89 11.35 0.88
N GLY F 170 -47.02 11.43 1.88
CA GLY F 170 -46.49 10.24 2.51
C GLY F 170 -45.05 9.96 2.15
N TYR F 171 -44.42 10.83 1.38
CA TYR F 171 -43.01 10.64 1.10
C TYR F 171 -42.21 10.86 2.37
N GLN F 172 -41.28 9.95 2.68
CA GLN F 172 -40.48 10.12 3.90
C GLN F 172 -39.01 10.37 3.58
N TYR F 173 -38.73 10.46 2.29
CA TYR F 173 -37.41 10.78 1.75
C TYR F 173 -37.64 11.77 0.62
N VAL F 174 -36.77 12.80 0.51
CA VAL F 174 -36.89 13.78 -0.54
C VAL F 174 -35.50 14.26 -0.94
N ARG F 175 -35.37 14.58 -2.21
CA ARG F 175 -34.19 15.22 -2.74
C ARG F 175 -34.49 16.71 -2.76
N CYS F 176 -33.58 17.51 -2.20
CA CYS F 176 -33.73 18.96 -2.15
C CYS F 176 -32.63 19.60 -2.97
N GLN F 177 -33.03 20.41 -3.96
CA GLN F 177 -32.12 21.26 -4.71
C GLN F 177 -32.68 22.69 -4.64
N MET F 178 -31.81 23.68 -4.72
CA MET F 178 -32.31 25.03 -4.81
C MET F 178 -31.70 25.71 -6.02
N GLY F 179 -32.55 26.27 -6.87
CA GLY F 179 -32.08 26.93 -8.08
C GLY F 179 -31.34 25.98 -8.99
N MET F 180 -30.45 26.54 -9.81
CA MET F 180 -29.74 25.76 -10.83
C MET F 180 -28.24 25.86 -10.61
N TYR F 181 -27.79 25.53 -9.39
CA TYR F 181 -26.38 25.58 -9.04
C TYR F 181 -25.80 26.98 -9.23
N GLY F 182 -26.49 27.98 -8.69
CA GLY F 182 -26.02 29.37 -8.74
C GLY F 182 -26.22 30.06 -10.08
N GLY F 183 -26.98 29.44 -10.98
CA GLY F 183 -27.26 29.99 -12.31
C GLY F 183 -28.38 31.02 -12.31
N PRO F 204 -22.68 35.47 -7.01
CA PRO F 204 -22.28 34.99 -8.33
C PRO F 204 -21.15 35.85 -8.94
N LYS F 205 -20.12 35.19 -9.46
CA LYS F 205 -19.02 35.91 -10.09
C LYS F 205 -19.53 36.64 -11.33
N ARG F 206 -19.08 37.88 -11.49
CA ARG F 206 -19.29 38.62 -12.73
C ARG F 206 -18.47 37.97 -13.86
N SER F 207 -19.08 37.84 -15.03
CA SER F 207 -18.45 37.23 -16.22
C SER F 207 -17.62 38.24 -17.05
N PRO F 208 -16.80 37.74 -17.98
CA PRO F 208 -16.04 38.65 -18.85
C PRO F 208 -16.97 39.44 -19.74
N ARG F 209 -16.45 40.44 -20.46
CA ARG F 209 -17.28 41.40 -21.20
C ARG F 209 -18.04 40.83 -22.41
N SER F 210 -17.53 39.76 -23.02
CA SER F 210 -18.37 38.98 -23.96
C SER F 210 -18.58 37.60 -23.39
N LYS F 211 -19.68 36.95 -23.75
CA LYS F 211 -19.92 35.59 -23.24
C LYS F 211 -20.25 34.69 -24.40
N THR F 212 -19.71 33.48 -24.40
CA THR F 212 -20.11 32.47 -25.40
C THR F 212 -21.41 31.85 -24.94
N PRO F 213 -22.35 31.58 -25.88
CA PRO F 213 -23.65 31.05 -25.49
C PRO F 213 -23.58 29.83 -24.59
N GLY F 214 -24.45 29.77 -23.59
CA GLY F 214 -24.51 28.55 -22.79
C GLY F 214 -25.36 28.78 -21.58
N ILE F 215 -25.55 27.75 -20.77
CA ILE F 215 -26.25 27.92 -19.50
C ILE F 215 -25.23 28.20 -18.40
N TYR F 216 -25.19 29.45 -17.95
CA TYR F 216 -24.17 29.83 -16.98
C TYR F 216 -24.56 29.43 -15.58
N PHE F 217 -23.58 29.06 -14.77
CA PHE F 217 -23.77 28.65 -13.40
C PHE F 217 -22.53 29.07 -12.63
N ASP F 218 -22.60 29.15 -11.32
CA ASP F 218 -21.43 29.54 -10.51
C ASP F 218 -21.16 28.50 -9.44
N PRO F 219 -20.17 27.62 -9.67
CA PRO F 219 -19.91 26.52 -8.71
C PRO F 219 -19.55 26.98 -7.29
N GLU F 220 -18.68 27.97 -7.14
CA GLU F 220 -18.35 28.56 -5.84
C GLU F 220 -19.52 29.14 -5.07
N ALA F 221 -20.37 29.88 -5.75
CA ALA F 221 -21.61 30.34 -5.13
C ALA F 221 -22.56 29.19 -4.77
N TYR F 222 -22.70 28.21 -5.66
CA TYR F 222 -23.49 27.01 -5.35
C TYR F 222 -22.95 26.33 -4.10
N ALA F 223 -21.64 26.10 -4.03
CA ALA F 223 -21.07 25.40 -2.85
C ALA F 223 -21.42 26.10 -1.53
N LYS F 224 -21.30 27.41 -1.48
CA LYS F 224 -21.54 28.13 -0.25
C LYS F 224 -23.02 28.11 0.12
N SER F 225 -23.89 27.94 -0.87
CA SER F 225 -25.33 28.02 -0.61
C SER F 225 -25.87 26.74 0.01
N VAL F 226 -25.21 25.62 -0.27
CA VAL F 226 -25.80 24.33 0.13
C VAL F 226 -25.93 24.12 1.64
N PRO F 227 -24.87 24.43 2.41
CA PRO F 227 -25.00 24.25 3.87
C PRO F 227 -26.03 25.18 4.46
N ARG F 228 -26.14 26.40 3.93
CA ARG F 228 -27.16 27.34 4.42
C ARG F 228 -28.58 26.79 4.21
N LEU F 229 -28.82 26.23 3.01
CA LEU F 229 -30.09 25.59 2.69
C LEU F 229 -30.45 24.50 3.70
N PHE F 230 -29.55 23.56 3.93
CA PHE F 230 -29.87 22.45 4.82
C PHE F 230 -30.00 22.86 6.27
N GLU F 231 -29.24 23.86 6.67
CA GLU F 231 -29.36 24.35 7.99
C GLU F 231 -30.78 24.89 8.15
N HIS F 232 -31.23 25.63 7.18
CA HIS F 232 -32.56 26.17 7.21
C HIS F 232 -33.57 25.00 7.27
N LEU F 233 -33.51 24.09 6.29
CA LEU F 233 -34.48 23.01 6.24
C LEU F 233 -34.55 22.20 7.53
N ARG F 234 -33.42 22.02 8.20
CA ARG F 234 -33.43 21.23 9.44
C ARG F 234 -34.05 22.03 10.59
N ASN F 235 -33.90 23.35 10.56
CA ASN F 235 -34.54 24.21 11.55
C ASN F 235 -36.06 24.18 11.39
N LYS F 236 -36.56 24.25 10.16
CA LYS F 236 -38.01 24.26 9.95
C LYS F 236 -38.69 22.87 10.03
N LEU F 237 -37.97 21.81 9.69
CA LEU F 237 -38.60 20.52 9.44
C LEU F 237 -38.21 19.44 10.43
N GLY F 238 -37.02 19.56 11.01
CA GLY F 238 -36.53 18.55 11.94
C GLY F 238 -35.77 17.44 11.24
N PHE F 239 -35.45 16.40 12.00
CA PHE F 239 -34.61 15.32 11.53
C PHE F 239 -35.34 14.02 11.17
N GLY F 240 -36.67 14.04 11.23
CA GLY F 240 -37.44 12.86 10.87
C GLY F 240 -37.39 12.53 9.37
N ILE F 241 -37.48 13.57 8.55
CA ILE F 241 -37.49 13.43 7.09
C ILE F 241 -36.06 13.22 6.58
N GLU F 242 -35.90 12.32 5.60
CA GLU F 242 -34.58 11.97 5.07
C GLU F 242 -34.29 12.86 3.85
N PHE F 243 -33.09 13.42 3.80
CA PHE F 243 -32.74 14.40 2.77
C PHE F 243 -31.67 13.84 1.88
N ILE F 244 -31.88 14.01 0.58
CA ILE F 244 -30.88 13.69 -0.44
C ILE F 244 -30.47 14.99 -1.13
N HIS F 245 -29.18 15.14 -1.42
CA HIS F 245 -28.76 16.28 -2.23
C HIS F 245 -27.78 15.83 -3.33
N ASP F 246 -27.88 16.39 -4.53
CA ASP F 246 -27.19 15.90 -5.73
C ASP F 246 -26.29 17.02 -6.21
N VAL F 247 -24.99 16.85 -6.00
CA VAL F 247 -23.96 17.81 -6.44
C VAL F 247 -23.83 17.77 -7.97
N HIS F 248 -24.00 16.59 -8.55
CA HIS F 248 -24.15 16.47 -10.00
C HIS F 248 -22.86 16.87 -10.74
N GLU F 249 -21.70 16.46 -10.21
CA GLU F 249 -20.38 16.66 -10.83
C GLU F 249 -20.02 18.14 -11.12
N ARG F 250 -20.68 19.04 -10.43
CA ARG F 250 -20.66 20.48 -10.69
C ARG F 250 -19.57 21.33 -10.01
N VAL F 251 -18.82 20.74 -9.07
CA VAL F 251 -17.73 21.48 -8.42
C VAL F 251 -16.39 20.73 -8.52
N THR F 252 -15.31 21.37 -8.10
CA THR F 252 -14.02 20.68 -8.19
C THR F 252 -13.97 19.65 -7.07
N PRO F 253 -13.12 18.62 -7.22
CA PRO F 253 -13.15 17.55 -6.19
C PRO F 253 -12.95 18.06 -4.73
N VAL F 254 -12.03 19.00 -4.48
CA VAL F 254 -11.76 19.36 -3.08
C VAL F 254 -12.94 20.20 -2.52
N THR F 255 -13.57 20.99 -3.36
CA THR F 255 -14.84 21.65 -3.04
C THR F 255 -15.90 20.60 -2.59
N ALA F 256 -15.99 19.47 -3.28
CA ALA F 256 -16.98 18.45 -2.94
C ALA F 256 -16.62 17.78 -1.62
N ILE F 257 -15.34 17.67 -1.35
CA ILE F 257 -14.89 17.10 -0.10
C ILE F 257 -15.26 18.06 1.02
N GLN F 258 -14.95 19.33 0.82
CA GLN F 258 -15.28 20.32 1.83
C GLN F 258 -16.79 20.29 2.03
N LEU F 259 -17.51 20.23 0.92
CA LEU F 259 -18.95 20.10 1.01
C LEU F 259 -19.37 18.84 1.78
N ALA F 260 -18.85 17.67 1.42
CA ALA F 260 -19.25 16.47 2.18
C ALA F 260 -19.07 16.74 3.67
N LYS F 261 -17.94 17.33 4.03
CA LYS F 261 -17.62 17.49 5.43
C LYS F 261 -18.54 18.46 6.14
N THR F 262 -18.90 19.55 5.48
CA THR F 262 -19.68 20.61 6.11
C THR F 262 -21.14 20.23 6.29
N LEU F 263 -21.64 19.31 5.47
CA LEU F 263 -23.01 18.81 5.58
C LEU F 263 -23.18 17.69 6.63
N GLU F 264 -22.10 17.22 7.23
CA GLU F 264 -22.23 16.11 8.17
C GLU F 264 -23.22 16.38 9.29
N PRO F 265 -23.25 17.61 9.81
CA PRO F 265 -24.22 17.87 10.88
C PRO F 265 -25.71 17.73 10.48
N TYR F 266 -26.04 17.92 9.20
CA TYR F 266 -27.45 17.89 8.74
C TYR F 266 -27.89 16.50 8.31
N GLN F 267 -26.98 15.53 8.41
CA GLN F 267 -27.29 14.11 8.30
C GLN F 267 -28.07 13.69 7.06
N LEU F 268 -27.54 14.00 5.88
CA LEU F 268 -28.19 13.59 4.63
C LEU F 268 -28.27 12.07 4.56
N PHE F 269 -29.32 11.56 3.92
CA PHE F 269 -29.43 10.16 3.60
C PHE F 269 -28.28 9.79 2.66
N TYR F 270 -28.11 10.58 1.59
CA TYR F 270 -26.86 10.61 0.82
C TYR F 270 -26.60 11.90 0.07
N LEU F 271 -25.32 12.12 -0.21
CA LEU F 271 -24.81 13.15 -1.11
C LEU F 271 -24.36 12.48 -2.41
N GLU F 272 -24.94 12.91 -3.53
CA GLU F 272 -24.83 12.23 -4.83
C GLU F 272 -23.83 12.84 -5.82
N ASP F 273 -23.17 11.98 -6.61
CA ASP F 273 -22.13 12.41 -7.57
C ASP F 273 -21.30 13.63 -7.11
N PRO F 274 -20.50 13.47 -6.03
CA PRO F 274 -19.63 14.58 -5.65
C PRO F 274 -18.54 14.77 -6.72
N VAL F 275 -18.26 13.73 -7.51
CA VAL F 275 -17.28 13.85 -8.60
C VAL F 275 -17.75 13.17 -9.89
N ALA F 276 -17.14 13.57 -10.99
CA ALA F 276 -17.41 12.98 -12.29
C ALA F 276 -16.75 11.61 -12.32
N PRO F 277 -17.28 10.70 -13.15
CA PRO F 277 -16.66 9.38 -13.39
C PRO F 277 -15.17 9.51 -13.70
N GLU F 278 -14.83 10.51 -14.51
CA GLU F 278 -13.46 10.79 -14.85
C GLU F 278 -12.58 11.10 -13.64
N ASN F 279 -13.20 11.50 -12.52
CA ASN F 279 -12.42 11.90 -11.33
C ASN F 279 -12.60 10.95 -10.15
N ILE F 280 -13.01 9.72 -10.41
CA ILE F 280 -13.24 8.79 -9.30
C ILE F 280 -12.06 8.61 -8.34
N ASP F 281 -10.81 8.83 -8.77
CA ASP F 281 -9.73 8.62 -7.78
C ASP F 281 -9.72 9.61 -6.60
N TRP F 282 -10.41 10.74 -6.76
CA TRP F 282 -10.53 11.71 -5.64
C TRP F 282 -11.39 11.20 -4.49
N LEU F 283 -12.20 10.19 -4.73
CA LEU F 283 -13.00 9.61 -3.66
C LEU F 283 -12.10 8.98 -2.59
N ARG F 284 -10.89 8.58 -2.95
CA ARG F 284 -9.99 8.03 -1.93
C ARG F 284 -9.70 9.05 -0.86
N MET F 285 -9.57 10.32 -1.25
CA MET F 285 -9.32 11.39 -0.30
C MET F 285 -10.60 11.81 0.44
N LEU F 286 -11.72 11.88 -0.27
CA LEU F 286 -12.96 12.26 0.39
C LEU F 286 -13.33 11.29 1.51
N ARG F 287 -13.10 10.01 1.29
CA ARG F 287 -13.55 8.98 2.24
C ARG F 287 -12.60 8.85 3.44
N GLN F 288 -11.44 9.47 3.35
CA GLN F 288 -10.53 9.58 4.44
CA GLN F 288 -10.48 9.57 4.46
C GLN F 288 -10.91 10.67 5.44
N GLN F 289 -11.83 11.49 5.03
CA GLN F 289 -12.13 12.69 5.80
C GLN F 289 -13.60 12.86 6.11
N SER F 290 -14.47 12.32 5.25
CA SER F 290 -15.86 12.60 5.45
C SER F 290 -16.69 11.38 5.79
N SER F 291 -17.63 11.55 6.71
CA SER F 291 -18.53 10.45 7.07
C SER F 291 -19.95 10.67 6.53
N THR F 292 -20.13 11.66 5.65
CA THR F 292 -21.42 11.84 4.92
C THR F 292 -21.63 10.72 3.93
N PRO F 293 -22.79 10.06 3.94
CA PRO F 293 -22.97 8.97 3.01
C PRO F 293 -22.86 9.43 1.56
N ILE F 294 -22.22 8.63 0.73
CA ILE F 294 -22.00 9.03 -0.65
C ILE F 294 -22.69 8.12 -1.66
N SER F 295 -23.31 8.70 -2.68
CA SER F 295 -23.78 7.90 -3.81
C SER F 295 -23.15 8.31 -5.14
N MET F 296 -22.96 7.33 -6.01
CA MET F 296 -22.43 7.62 -7.31
C MET F 296 -23.05 6.67 -8.30
N GLY F 297 -23.10 7.10 -9.56
CA GLY F 297 -23.07 6.09 -10.61
C GLY F 297 -24.05 6.21 -11.74
N GLU F 298 -24.95 7.19 -11.67
CA GLU F 298 -25.92 7.34 -12.76
C GLU F 298 -25.22 7.39 -14.14
N LEU F 299 -24.02 7.99 -14.19
CA LEU F 299 -23.28 8.11 -15.43
C LEU F 299 -22.37 6.93 -15.79
N PHE F 300 -22.32 5.89 -14.95
CA PHE F 300 -21.38 4.79 -15.17
C PHE F 300 -21.78 3.90 -16.34
N VAL F 301 -20.81 3.49 -17.13
CA VAL F 301 -21.10 2.55 -18.22
C VAL F 301 -19.99 1.49 -18.36
N ASN F 302 -19.07 1.40 -17.40
CA ASN F 302 -17.87 0.54 -17.55
C ASN F 302 -17.56 -0.05 -16.16
N ILE F 303 -17.25 -1.34 -16.11
CA ILE F 303 -16.84 -2.01 -14.86
C ILE F 303 -15.64 -1.32 -14.19
N ASN F 304 -14.70 -0.86 -15.01
CA ASN F 304 -13.55 -0.13 -14.47
C ASN F 304 -13.91 1.19 -13.74
N GLU F 305 -15.16 1.61 -13.86
CA GLU F 305 -15.63 2.78 -13.12
C GLU F 305 -16.17 2.41 -11.73
N TRP F 306 -17.04 1.41 -11.64
CA TRP F 306 -17.66 1.12 -10.34
C TRP F 306 -16.90 0.13 -9.49
N LYS F 307 -16.16 -0.78 -10.11
CA LYS F 307 -15.53 -1.86 -9.34
C LYS F 307 -14.53 -1.34 -8.29
N PRO F 308 -13.60 -0.46 -8.68
CA PRO F 308 -12.67 0.06 -7.66
C PRO F 308 -13.37 0.84 -6.55
N LEU F 309 -14.44 1.57 -6.86
CA LEU F 309 -15.20 2.26 -5.84
C LEU F 309 -15.81 1.28 -4.83
N ILE F 310 -16.55 0.32 -5.33
CA ILE F 310 -17.20 -0.64 -4.46
C ILE F 310 -16.18 -1.49 -3.69
N ASP F 311 -15.15 -1.96 -4.38
CA ASP F 311 -14.13 -2.78 -3.70
C ASP F 311 -13.54 -2.04 -2.50
N ASN F 312 -13.25 -0.75 -2.67
CA ASN F 312 -12.60 -0.04 -1.58
C ASN F 312 -13.56 0.76 -0.69
N LYS F 313 -14.85 0.46 -0.74
CA LYS F 313 -15.84 1.11 0.14
C LYS F 313 -15.86 2.62 0.01
N LEU F 314 -15.76 3.09 -1.22
CA LEU F 314 -15.64 4.53 -1.44
C LEU F 314 -17.00 5.16 -1.66
N ILE F 315 -18.06 4.34 -1.75
CA ILE F 315 -19.43 4.86 -1.82
C ILE F 315 -20.32 4.01 -0.93
N ASP F 316 -21.46 4.56 -0.55
CA ASP F 316 -22.47 3.81 0.20
C ASP F 316 -23.70 3.34 -0.60
N TYR F 317 -23.91 3.95 -1.76
CA TYR F 317 -25.04 3.62 -2.64
C TYR F 317 -24.57 3.67 -4.07
N ILE F 318 -24.91 2.65 -4.85
CA ILE F 318 -24.61 2.63 -6.26
C ILE F 318 -25.83 3.10 -7.03
N ARG F 319 -25.61 4.06 -7.94
CA ARG F 319 -26.72 4.76 -8.61
C ARG F 319 -27.00 4.39 -10.07
N CYS F 320 -26.48 3.28 -10.56
CA CYS F 320 -26.56 3.05 -12.02
C CYS F 320 -27.97 3.23 -12.64
N HIS F 321 -27.99 3.72 -13.87
CA HIS F 321 -29.15 3.71 -14.74
C HIS F 321 -29.15 2.33 -15.37
N VAL F 322 -30.10 1.51 -14.96
CA VAL F 322 -30.09 0.10 -15.27
C VAL F 322 -29.86 -0.16 -16.77
N SER F 323 -30.61 0.54 -17.61
CA SER F 323 -30.53 0.34 -19.05
C SER F 323 -29.15 0.72 -19.59
N THR F 324 -28.48 1.63 -18.91
CA THR F 324 -27.20 2.15 -19.34
C THR F 324 -26.01 1.27 -18.97
N ILE F 325 -26.20 0.29 -18.10
CA ILE F 325 -25.16 -0.73 -17.88
C ILE F 325 -25.47 -2.06 -18.57
N GLY F 326 -26.57 -2.10 -19.31
CA GLY F 326 -26.88 -3.28 -20.10
C GLY F 326 -28.08 -4.10 -19.67
N GLY F 327 -28.84 -3.62 -18.70
CA GLY F 327 -30.11 -4.27 -18.35
C GLY F 327 -30.11 -5.06 -17.05
N ILE F 328 -31.08 -5.94 -16.91
CA ILE F 328 -31.32 -6.61 -15.65
C ILE F 328 -30.19 -7.55 -15.29
N THR F 329 -29.73 -8.30 -16.27
CA THR F 329 -28.59 -9.21 -16.10
C THR F 329 -27.37 -8.52 -15.47
N PRO F 330 -26.79 -7.48 -16.11
CA PRO F 330 -25.69 -6.85 -15.38
C PRO F 330 -26.13 -6.09 -14.11
N ALA F 331 -27.37 -5.56 -14.05
CA ALA F 331 -27.72 -4.81 -12.85
C ALA F 331 -27.79 -5.77 -11.66
N LYS F 332 -28.24 -6.99 -11.90
CA LYS F 332 -28.29 -8.00 -10.81
C LYS F 332 -26.91 -8.39 -10.28
N LYS F 333 -25.93 -8.55 -11.18
CA LYS F 333 -24.56 -8.85 -10.76
C LYS F 333 -23.89 -7.72 -9.97
N LEU F 334 -24.10 -6.49 -10.42
CA LEU F 334 -23.74 -5.26 -9.73
C LEU F 334 -24.37 -5.18 -8.32
N ALA F 335 -25.65 -5.55 -8.23
CA ALA F 335 -26.33 -5.56 -6.95
C ALA F 335 -25.70 -6.58 -6.00
N VAL F 336 -25.31 -7.75 -6.52
CA VAL F 336 -24.68 -8.79 -5.71
C VAL F 336 -23.23 -8.41 -5.34
N TYR F 337 -22.50 -7.84 -6.29
CA TYR F 337 -21.15 -7.36 -5.96
C TYR F 337 -21.21 -6.31 -4.87
N SER F 338 -22.17 -5.41 -5.01
CA SER F 338 -22.42 -4.40 -3.98
C SER F 338 -22.75 -5.00 -2.65
N GLU F 339 -23.71 -5.93 -2.65
CA GLU F 339 -24.13 -6.54 -1.40
C GLU F 339 -22.98 -7.11 -0.57
N LEU F 340 -22.07 -7.83 -1.23
CA LEU F 340 -20.97 -8.48 -0.58
C LEU F 340 -20.01 -7.46 0.00
N ASN F 341 -20.11 -6.21 -0.46
CA ASN F 341 -19.24 -5.18 -0.01
C ASN F 341 -19.96 -4.20 0.92
N GLY F 342 -21.18 -4.55 1.35
CA GLY F 342 -21.97 -3.69 2.19
C GLY F 342 -22.47 -2.41 1.53
N VAL F 343 -22.53 -2.40 0.21
CA VAL F 343 -22.99 -1.26 -0.56
C VAL F 343 -24.43 -1.53 -1.02
N ARG F 344 -25.29 -0.54 -0.87
CA ARG F 344 -26.71 -0.65 -1.12
C ARG F 344 -27.06 -0.05 -2.48
N THR F 345 -28.22 -0.42 -3.04
CA THR F 345 -28.52 0.02 -4.41
C THR F 345 -29.44 1.23 -4.36
N ALA F 346 -29.30 2.15 -5.31
CA ALA F 346 -30.24 3.27 -5.46
C ALA F 346 -30.38 3.56 -6.94
N TRP F 347 -31.07 2.69 -7.68
CA TRP F 347 -31.06 2.78 -9.14
C TRP F 347 -31.62 4.12 -9.61
N HIS F 348 -31.01 4.66 -10.66
CA HIS F 348 -31.43 5.94 -11.20
C HIS F 348 -32.86 5.83 -11.68
N GLY F 349 -33.72 6.71 -11.17
CA GLY F 349 -35.12 6.75 -11.58
C GLY F 349 -35.65 8.14 -11.95
N PRO F 350 -35.10 8.74 -13.02
CA PRO F 350 -35.47 10.08 -13.41
C PRO F 350 -36.78 10.10 -14.19
N GLY F 351 -37.06 11.18 -14.89
CA GLY F 351 -38.11 11.16 -15.90
C GLY F 351 -37.74 10.42 -17.19
N ASP F 352 -36.45 10.37 -17.52
CA ASP F 352 -36.00 9.69 -18.76
C ASP F 352 -35.67 8.21 -18.55
N ILE F 353 -36.72 7.47 -18.24
CA ILE F 353 -36.74 6.02 -18.10
C ILE F 353 -38.19 5.69 -18.41
N SER F 354 -38.44 4.68 -19.25
CA SER F 354 -39.82 4.23 -19.50
C SER F 354 -40.41 3.50 -18.28
N PRO F 355 -41.75 3.41 -18.21
CA PRO F 355 -42.35 2.61 -17.16
C PRO F 355 -41.90 1.18 -17.20
N VAL F 356 -41.35 0.73 -18.33
CA VAL F 356 -40.77 -0.61 -18.40
C VAL F 356 -39.47 -0.67 -17.57
N GLY F 357 -38.67 0.38 -17.66
CA GLY F 357 -37.47 0.48 -16.79
C GLY F 357 -37.87 0.72 -15.34
N VAL F 358 -38.94 1.46 -15.13
CA VAL F 358 -39.37 1.69 -13.76
C VAL F 358 -39.68 0.33 -13.13
N CYS F 359 -40.38 -0.54 -13.87
CA CYS F 359 -40.64 -1.92 -13.33
C CYS F 359 -39.37 -2.75 -13.11
N ALA F 360 -38.42 -2.62 -14.04
CA ALA F 360 -37.17 -3.35 -13.88
C ALA F 360 -36.42 -2.90 -12.59
N ASN F 361 -36.29 -1.59 -12.41
CA ASN F 361 -35.73 -1.08 -11.14
C ASN F 361 -36.37 -1.79 -9.96
N MET F 362 -37.68 -1.89 -10.01
CA MET F 362 -38.42 -2.25 -8.82
C MET F 362 -38.49 -3.74 -8.63
N HIS F 363 -38.33 -4.49 -9.71
CA HIS F 363 -38.17 -5.93 -9.56
C HIS F 363 -36.81 -6.27 -8.98
N LEU F 364 -35.79 -5.52 -9.40
CA LEU F 364 -34.46 -5.59 -8.79
C LEU F 364 -34.60 -5.18 -7.31
N ASP F 365 -35.32 -4.08 -7.05
CA ASP F 365 -35.48 -3.60 -5.66
C ASP F 365 -36.18 -4.61 -4.72
N MET F 366 -37.10 -5.38 -5.26
CA MET F 366 -37.91 -6.31 -4.46
C MET F 366 -37.12 -7.56 -4.05
N SER F 367 -36.11 -7.89 -4.85
CA SER F 367 -35.37 -9.10 -4.68
C SER F 367 -33.92 -8.91 -4.20
N SER F 368 -33.53 -7.66 -3.87
CA SER F 368 -32.23 -7.33 -3.28
C SER F 368 -32.23 -7.21 -1.74
N PRO F 369 -31.36 -7.99 -1.05
CA PRO F 369 -31.23 -7.75 0.38
C PRO F 369 -30.65 -6.35 0.65
N ASN F 370 -29.67 -5.92 -0.17
CA ASN F 370 -29.02 -4.62 -0.03
C ASN F 370 -29.72 -3.46 -0.77
N PHE F 371 -31.02 -3.57 -0.99
CA PHE F 371 -31.77 -2.41 -1.46
C PHE F 371 -31.61 -1.21 -0.51
N GLY F 372 -31.38 -0.03 -1.08
CA GLY F 372 -31.24 1.21 -0.33
C GLY F 372 -32.46 2.10 -0.43
N ILE F 373 -32.74 2.63 -1.62
CA ILE F 373 -33.88 3.52 -1.78
C ILE F 373 -34.23 3.55 -3.26
N GLN F 374 -35.44 4.01 -3.61
CA GLN F 374 -35.82 4.09 -5.04
C GLN F 374 -36.33 5.47 -5.39
N GLU F 375 -35.50 6.20 -6.14
CA GLU F 375 -35.89 7.47 -6.72
C GLU F 375 -37.09 7.23 -7.61
N TYR F 376 -38.10 8.10 -7.51
CA TYR F 376 -39.33 7.97 -8.30
C TYR F 376 -39.82 9.31 -8.85
N THR F 377 -40.18 9.34 -10.13
CA THR F 377 -40.73 10.53 -10.77
C THR F 377 -42.15 10.20 -11.16
N PRO F 378 -43.13 10.84 -10.51
CA PRO F 378 -44.56 10.61 -10.77
C PRO F 378 -44.93 10.68 -12.26
N MET F 379 -45.76 9.75 -12.71
CA MET F 379 -46.16 9.67 -14.11
C MET F 379 -47.45 10.42 -14.31
N ASN F 380 -47.75 10.83 -15.54
CA ASN F 380 -49.03 11.48 -15.82
C ASN F 380 -50.06 10.46 -16.33
N ASP F 381 -51.29 10.90 -16.58
CA ASP F 381 -52.32 9.95 -17.06
C ASP F 381 -51.89 9.25 -18.36
N ALA F 382 -51.24 9.96 -19.27
CA ALA F 382 -50.84 9.35 -20.56
C ALA F 382 -49.83 8.19 -20.45
N LEU F 383 -48.84 8.31 -19.56
CA LEU F 383 -47.91 7.20 -19.37
C LEU F 383 -48.66 5.97 -18.87
N ARG F 384 -49.61 6.16 -17.96
CA ARG F 384 -50.35 5.02 -17.38
C ARG F 384 -51.25 4.33 -18.39
N GLU F 385 -51.76 5.10 -19.35
CA GLU F 385 -52.63 4.59 -20.39
CA GLU F 385 -52.63 4.55 -20.38
C GLU F 385 -51.80 3.91 -21.47
N VAL F 386 -50.67 4.53 -21.81
CA VAL F 386 -49.79 3.93 -22.81
C VAL F 386 -49.15 2.65 -22.29
N PHE F 387 -48.83 2.63 -20.99
CA PHE F 387 -48.21 1.49 -20.30
C PHE F 387 -49.03 0.88 -19.16
N PRO F 388 -50.08 0.13 -19.50
CA PRO F 388 -50.89 -0.54 -18.47
C PRO F 388 -50.04 -1.42 -17.57
N GLY F 389 -50.22 -1.31 -16.26
CA GLY F 389 -49.48 -2.15 -15.32
C GLY F 389 -48.38 -1.44 -14.53
N CYS F 390 -48.31 -0.12 -14.66
CA CYS F 390 -47.39 0.69 -13.86
C CYS F 390 -47.61 0.37 -12.40
N PRO F 391 -46.53 0.39 -11.59
CA PRO F 391 -46.68 0.12 -10.15
C PRO F 391 -47.61 1.09 -9.42
N GLU F 392 -48.33 0.58 -8.43
CA GLU F 392 -49.18 1.44 -7.61
C GLU F 392 -48.32 2.23 -6.63
N ILE F 393 -48.52 3.55 -6.57
CA ILE F 393 -47.75 4.38 -5.65
C ILE F 393 -48.68 4.76 -4.50
N ASP F 394 -48.31 4.44 -3.27
CA ASP F 394 -49.24 4.70 -2.18
C ASP F 394 -48.49 5.11 -0.92
N GLN F 395 -48.78 6.30 -0.39
CA GLN F 395 -48.08 6.87 0.77
C GLN F 395 -46.55 6.64 0.85
N GLY F 396 -45.85 7.02 -0.22
CA GLY F 396 -44.39 6.96 -0.30
C GLY F 396 -43.79 5.58 -0.51
N TYR F 397 -44.62 4.61 -0.82
CA TYR F 397 -44.17 3.28 -1.17
C TYR F 397 -44.72 2.92 -2.54
N ALA F 398 -43.95 2.18 -3.32
CA ALA F 398 -44.47 1.60 -4.53
C ALA F 398 -44.80 0.15 -4.26
N TYR F 399 -45.83 -0.35 -4.93
CA TYR F 399 -46.27 -1.74 -4.78
C TYR F 399 -46.35 -2.33 -6.17
N VAL F 400 -45.40 -3.20 -6.52
CA VAL F 400 -45.49 -3.84 -7.83
C VAL F 400 -46.69 -4.78 -7.89
N ASN F 401 -47.37 -4.83 -9.03
CA ASN F 401 -48.35 -5.88 -9.29
C ASN F 401 -47.65 -7.26 -9.37
N ASP F 402 -48.40 -8.35 -9.27
CA ASP F 402 -47.79 -9.69 -9.25
C ASP F 402 -48.05 -10.43 -10.55
N LYS F 403 -48.24 -9.70 -11.64
CA LYS F 403 -48.39 -10.30 -12.95
C LYS F 403 -47.04 -10.82 -13.44
N PRO F 404 -47.07 -11.83 -14.31
CA PRO F 404 -45.89 -12.53 -14.82
C PRO F 404 -44.91 -11.62 -15.58
N GLY F 405 -43.62 -11.95 -15.52
CA GLY F 405 -42.62 -11.09 -16.16
C GLY F 405 -42.55 -9.72 -15.49
N LEU F 406 -42.44 -8.63 -16.26
CA LEU F 406 -42.32 -7.32 -15.61
C LEU F 406 -43.65 -6.73 -15.16
N GLY F 407 -44.73 -7.38 -15.57
CA GLY F 407 -46.08 -6.98 -15.17
C GLY F 407 -46.53 -5.71 -15.89
N ILE F 408 -45.90 -5.44 -17.02
CA ILE F 408 -46.08 -4.17 -17.71
C ILE F 408 -46.40 -4.45 -19.19
N ASP F 409 -47.32 -3.70 -19.79
CA ASP F 409 -47.59 -3.85 -21.23
C ASP F 409 -47.52 -2.52 -21.93
N ILE F 410 -47.49 -2.54 -23.26
CA ILE F 410 -47.50 -1.29 -23.98
C ILE F 410 -48.57 -1.30 -25.06
N ASN F 411 -49.38 -0.25 -25.09
CA ASN F 411 -50.37 -0.12 -26.14
C ASN F 411 -49.77 0.59 -27.33
N GLU F 412 -49.34 -0.15 -28.35
CA GLU F 412 -48.63 0.48 -29.47
C GLU F 412 -49.43 1.52 -30.26
N THR F 413 -50.74 1.33 -30.35
CA THR F 413 -51.63 2.30 -31.00
C THR F 413 -51.59 3.65 -30.32
N LEU F 414 -51.75 3.65 -29.00
CA LEU F 414 -51.71 4.89 -28.25
C LEU F 414 -50.30 5.50 -28.28
N ALA F 415 -49.28 4.64 -28.21
CA ALA F 415 -47.94 5.16 -28.14
C ALA F 415 -47.65 6.02 -29.35
N GLU F 416 -48.27 5.66 -30.49
CA GLU F 416 -48.00 6.35 -31.75
C GLU F 416 -48.51 7.77 -31.68
N LYS F 417 -49.48 8.02 -30.80
CA LYS F 417 -50.03 9.35 -30.64
C LYS F 417 -49.08 10.30 -29.91
N TYR F 418 -47.99 9.78 -29.35
CA TYR F 418 -47.02 10.66 -28.65
C TYR F 418 -45.65 10.56 -29.30
N PRO F 419 -45.52 11.12 -30.51
CA PRO F 419 -44.29 11.07 -31.28
C PRO F 419 -43.10 11.72 -30.55
N CYS F 420 -41.88 11.28 -30.86
CA CYS F 420 -40.69 11.86 -30.22
C CYS F 420 -40.24 13.22 -30.75
N ASP F 421 -39.88 14.09 -29.81
CA ASP F 421 -39.41 15.44 -30.09
C ASP F 421 -38.02 15.47 -30.71
N GLY F 422 -37.04 14.86 -30.04
CA GLY F 422 -35.66 14.98 -30.50
C GLY F 422 -35.12 16.35 -30.13
N GLY F 423 -34.14 16.84 -30.89
CA GLY F 423 -33.52 18.13 -30.59
C GLY F 423 -32.42 17.92 -29.55
N ILE F 424 -31.53 18.90 -29.44
CA ILE F 424 -30.43 18.80 -28.50
C ILE F 424 -30.75 19.58 -27.23
N PRO F 425 -30.57 18.96 -26.05
CA PRO F 425 -31.04 19.66 -24.85
C PRO F 425 -30.11 20.81 -24.52
N SER F 426 -30.65 21.91 -23.98
CA SER F 426 -29.85 23.11 -23.74
C SER F 426 -28.95 22.94 -22.53
N TRP F 427 -29.45 22.21 -21.54
CA TRP F 427 -28.85 22.16 -20.22
C TRP F 427 -27.49 21.49 -20.18
N THR F 428 -27.20 20.64 -21.17
CA THR F 428 -25.89 20.01 -21.19
C THR F 428 -24.80 20.97 -21.65
N MET F 429 -25.19 22.16 -22.05
CA MET F 429 -24.21 23.19 -22.45
C MET F 429 -23.94 24.14 -21.30
N ALA F 430 -23.31 23.65 -20.24
CA ALA F 430 -23.12 24.45 -19.04
C ALA F 430 -21.76 25.15 -19.04
N ARG F 431 -21.76 26.40 -18.61
CA ARG F 431 -20.53 27.18 -18.57
C ARG F 431 -20.36 27.86 -17.22
N THR F 432 -19.12 27.84 -16.73
CA THR F 432 -18.75 28.55 -15.55
C THR F 432 -18.61 30.05 -15.88
N PRO F 433 -18.43 30.88 -14.85
CA PRO F 433 -18.49 32.32 -15.16
C PRO F 433 -17.54 32.84 -16.23
N ASP F 434 -16.32 32.30 -16.31
CA ASP F 434 -15.37 32.76 -17.35
C ASP F 434 -15.66 32.20 -18.76
N GLY F 435 -16.64 31.31 -18.86
CA GLY F 435 -17.03 30.77 -20.16
C GLY F 435 -16.52 29.37 -20.46
N THR F 436 -15.93 28.72 -19.46
CA THR F 436 -15.44 27.35 -19.61
C THR F 436 -16.55 26.31 -19.78
N ALA F 437 -16.53 25.54 -20.86
CA ALA F 437 -17.49 24.43 -21.03
C ALA F 437 -17.34 23.42 -19.90
N SER F 438 -18.43 23.07 -19.22
CA SER F 438 -18.29 22.24 -18.02
C SER F 438 -19.13 20.99 -18.04
N ARG F 439 -18.65 19.96 -17.35
CA ARG F 439 -19.40 18.75 -17.13
C ARG F 439 -20.72 19.13 -16.48
N PRO F 440 -21.84 18.79 -17.14
CA PRO F 440 -23.19 19.21 -16.74
C PRO F 440 -23.78 18.33 -15.64
N LYS G 26 14.17 25.68 -46.02
CA LYS G 26 15.28 26.68 -45.98
C LYS G 26 15.18 27.64 -44.78
N LEU G 27 14.15 27.49 -43.94
CA LEU G 27 14.06 28.38 -42.80
C LEU G 27 15.04 27.92 -41.72
N LYS G 28 15.93 28.82 -41.27
CA LYS G 28 16.98 28.49 -40.32
C LYS G 28 17.15 29.56 -39.25
N ILE G 29 17.47 29.15 -38.04
CA ILE G 29 17.89 30.12 -37.03
C ILE G 29 19.25 30.74 -37.38
N THR G 30 19.37 32.05 -37.25
CA THR G 30 20.61 32.72 -37.61
C THR G 30 21.36 33.28 -36.40
N ASN G 31 20.63 33.63 -35.36
CA ASN G 31 21.24 34.26 -34.21
C ASN G 31 20.32 34.06 -33.02
N VAL G 32 20.90 33.95 -31.82
CA VAL G 32 20.12 33.79 -30.60
C VAL G 32 20.77 34.69 -29.58
N LYS G 33 20.05 35.67 -29.08
CA LYS G 33 20.60 36.59 -28.12
C LYS G 33 19.71 36.91 -26.95
N THR G 34 20.30 37.46 -25.90
CA THR G 34 19.63 37.74 -24.67
C THR G 34 19.52 39.24 -24.56
N ILE G 35 18.42 39.72 -24.02
CA ILE G 35 18.25 41.14 -23.80
C ILE G 35 17.91 41.22 -22.33
N LEU G 36 18.77 41.91 -21.58
CA LEU G 36 18.58 42.10 -20.15
C LEU G 36 18.06 43.53 -19.96
N THR G 37 16.96 43.66 -19.24
CA THR G 37 16.35 44.99 -19.07
C THR G 37 15.49 45.01 -17.83
N ALA G 38 15.37 46.17 -17.19
CA ALA G 38 14.57 46.27 -15.97
C ALA G 38 13.58 47.43 -15.93
N PRO G 39 12.72 47.53 -16.95
CA PRO G 39 11.84 48.67 -17.11
C PRO G 39 10.88 48.82 -15.94
N GLY G 40 10.61 47.74 -15.24
CA GLY G 40 9.67 47.77 -14.12
C GLY G 40 10.39 47.69 -12.80
N GLY G 41 11.69 47.94 -12.83
CA GLY G 41 12.48 47.89 -11.60
C GLY G 41 12.97 46.48 -11.25
N ILE G 42 12.53 45.47 -11.99
CA ILE G 42 12.98 44.09 -11.77
C ILE G 42 13.75 43.57 -12.98
N ASP G 43 14.91 42.99 -12.75
CA ASP G 43 15.73 42.46 -13.83
C ASP G 43 15.04 41.33 -14.58
N LEU G 44 14.84 41.52 -15.89
CA LEU G 44 14.26 40.53 -16.78
C LEU G 44 15.32 40.04 -17.79
N ALA G 45 15.19 38.79 -18.23
CA ALA G 45 15.94 38.30 -19.40
C ALA G 45 14.98 37.80 -20.47
N VAL G 46 15.09 38.38 -21.64
CA VAL G 46 14.24 38.02 -22.75
C VAL G 46 15.15 37.50 -23.84
N VAL G 47 14.76 36.40 -24.48
CA VAL G 47 15.57 35.84 -25.55
C VAL G 47 14.97 36.14 -26.93
N LYS G 48 15.81 36.55 -27.87
CA LYS G 48 15.32 36.83 -29.22
C LYS G 48 15.92 35.80 -30.14
N VAL G 49 15.06 35.05 -30.84
CA VAL G 49 15.55 34.08 -31.84
C VAL G 49 15.35 34.58 -33.28
N GLU G 50 16.46 34.84 -33.98
CA GLU G 50 16.42 35.38 -35.35
C GLU G 50 16.64 34.30 -36.41
N THR G 51 15.97 34.49 -37.54
CA THR G 51 15.94 33.50 -38.62
C THR G 51 16.46 34.14 -39.92
N ASN G 52 16.56 33.37 -40.99
CA ASN G 52 17.06 33.90 -42.27
C ASN G 52 15.96 34.53 -43.10
N GLU G 53 14.80 34.74 -42.47
CA GLU G 53 13.65 35.33 -43.15
C GLU G 53 13.47 36.72 -42.55
N PRO G 54 13.72 37.77 -43.35
CA PRO G 54 13.90 39.08 -42.72
C PRO G 54 12.61 39.51 -42.01
N GLY G 55 12.74 40.11 -40.83
CA GLY G 55 11.57 40.51 -40.07
C GLY G 55 10.91 39.39 -39.23
N LEU G 56 11.23 38.14 -39.52
CA LEU G 56 10.70 37.00 -38.74
C LEU G 56 11.64 36.58 -37.57
N TYR G 57 11.22 36.83 -36.34
CA TYR G 57 11.99 36.37 -35.16
C TYR G 57 11.01 36.03 -34.05
N GLY G 58 11.50 35.34 -33.02
CA GLY G 58 10.65 34.98 -31.88
C GLY G 58 11.22 35.52 -30.59
N LEU G 59 10.34 35.85 -29.64
CA LEU G 59 10.71 36.32 -28.31
C LEU G 59 10.31 35.30 -27.24
N GLY G 60 11.12 35.13 -26.20
CA GLY G 60 10.80 34.18 -25.15
C GLY G 60 11.32 34.67 -23.82
N CYS G 61 10.74 34.20 -22.72
CA CYS G 61 11.13 34.69 -21.41
C CYS G 61 12.11 33.72 -20.74
N ALA G 62 13.25 34.24 -20.30
CA ALA G 62 14.25 33.45 -19.57
C ALA G 62 14.54 34.06 -18.19
N THR G 63 13.54 34.70 -17.61
CA THR G 63 13.77 35.43 -16.37
C THR G 63 13.79 34.52 -15.13
N PHE G 64 14.99 34.19 -14.69
CA PHE G 64 15.26 33.74 -13.34
C PHE G 64 15.95 34.96 -12.76
N THR G 65 15.21 35.88 -12.13
CA THR G 65 15.76 37.20 -11.88
C THR G 65 17.02 37.19 -11.00
N GLN G 66 17.03 36.34 -9.98
CA GLN G 66 18.18 36.26 -9.08
C GLN G 66 19.46 35.74 -9.75
N ARG G 67 19.36 35.24 -10.96
CA ARG G 67 20.57 34.70 -11.60
C ARG G 67 20.67 35.11 -13.08
N ILE G 68 20.13 36.29 -13.45
CA ILE G 68 20.09 36.63 -14.88
C ILE G 68 21.44 36.53 -15.58
N PHE G 69 22.53 36.85 -14.89
CA PHE G 69 23.82 36.86 -15.57
C PHE G 69 24.32 35.47 -15.93
N ALA G 70 23.91 34.47 -15.14
CA ALA G 70 24.32 33.10 -15.42
C ALA G 70 23.42 32.54 -16.50
N VAL G 71 22.17 32.99 -16.50
CA VAL G 71 21.26 32.68 -17.59
C VAL G 71 21.77 33.21 -18.93
N LYS G 72 22.18 34.47 -18.94
CA LYS G 72 22.80 35.04 -20.15
C LYS G 72 24.04 34.23 -20.61
N SER G 73 24.93 33.91 -19.68
CA SER G 73 26.06 33.06 -20.05
C SER G 73 25.58 31.75 -20.71
N ALA G 74 24.64 31.05 -20.05
CA ALA G 74 24.09 29.80 -20.59
C ALA G 74 23.60 29.98 -22.03
N ILE G 75 22.83 31.04 -22.26
CA ILE G 75 22.30 31.29 -23.60
C ILE G 75 23.39 31.65 -24.60
N ASP G 76 24.21 32.67 -24.27
CA ASP G 76 25.15 33.24 -25.22
C ASP G 76 26.25 32.23 -25.52
N GLU G 77 26.62 31.44 -24.52
CA GLU G 77 27.76 30.56 -24.64
C GLU G 77 27.40 29.14 -25.13
N TYR G 78 26.15 28.72 -24.92
CA TYR G 78 25.76 27.32 -25.24
C TYR G 78 24.56 27.17 -26.18
N MET G 79 23.44 27.83 -25.85
CA MET G 79 22.22 27.74 -26.66
C MET G 79 22.48 28.27 -28.07
N ALA G 80 23.03 29.49 -28.16
CA ALA G 80 23.28 30.08 -29.47
C ALA G 80 24.05 29.15 -30.42
N PRO G 81 25.22 28.62 -30.01
CA PRO G 81 25.93 27.74 -30.95
C PRO G 81 25.22 26.41 -31.20
N PHE G 82 24.34 26.00 -30.27
CA PHE G 82 23.56 24.76 -30.46
C PHE G 82 22.44 24.93 -31.50
N LEU G 83 21.84 26.11 -31.57
CA LEU G 83 20.69 26.35 -32.43
C LEU G 83 21.02 26.87 -33.82
N ILE G 84 22.06 27.70 -33.95
CA ILE G 84 22.27 28.39 -35.23
C ILE G 84 22.38 27.40 -36.40
N GLY G 85 21.57 27.61 -37.44
CA GLY G 85 21.56 26.74 -38.60
C GLY G 85 20.45 25.71 -38.56
N LYS G 86 19.80 25.54 -37.42
CA LYS G 86 18.71 24.55 -37.31
C LYS G 86 17.33 25.08 -37.74
N ASP G 87 16.45 24.15 -38.09
CA ASP G 87 15.09 24.47 -38.50
C ASP G 87 14.20 24.78 -37.28
N PRO G 88 13.72 26.01 -37.19
CA PRO G 88 13.02 26.45 -35.99
C PRO G 88 11.62 25.87 -35.78
N THR G 89 11.05 25.19 -36.80
CA THR G 89 9.71 24.62 -36.69
C THR G 89 9.71 23.31 -35.92
N ARG G 90 10.88 22.71 -35.75
CA ARG G 90 10.98 21.43 -35.04
C ARG G 90 11.10 21.68 -33.54
N ILE G 91 10.04 22.26 -32.97
CA ILE G 91 10.12 22.73 -31.60
C ILE G 91 10.41 21.61 -30.61
N GLU G 92 9.63 20.54 -30.66
CA GLU G 92 9.84 19.40 -29.78
C GLU G 92 11.22 18.78 -29.90
N ASP G 93 11.68 18.60 -31.13
CA ASP G 93 13.00 17.97 -31.31
C ASP G 93 14.00 18.92 -30.70
N ILE G 94 13.84 20.21 -30.95
CA ILE G 94 14.81 21.14 -30.41
C ILE G 94 14.83 21.07 -28.89
N TRP G 95 13.66 21.16 -28.28
CA TRP G 95 13.57 21.09 -26.83
C TRP G 95 14.21 19.81 -26.26
N GLN G 96 13.79 18.64 -26.73
CA GLN G 96 14.36 17.39 -26.22
C GLN G 96 15.86 17.42 -26.34
N SER G 97 16.41 17.82 -27.49
CA SER G 97 17.85 17.68 -27.70
C SER G 97 18.64 18.79 -27.00
N ALA G 98 18.08 19.99 -26.90
CA ALA G 98 18.74 21.04 -26.13
C ALA G 98 18.73 20.70 -24.66
N ALA G 99 17.63 20.10 -24.18
CA ALA G 99 17.50 19.81 -22.75
C ALA G 99 18.60 18.87 -22.28
N VAL G 100 19.06 17.98 -23.17
CA VAL G 100 20.07 17.00 -22.78
C VAL G 100 21.45 17.29 -23.37
N SER G 101 21.58 18.43 -24.06
CA SER G 101 22.83 18.81 -24.69
C SER G 101 24.04 18.91 -23.74
N GLY G 102 23.81 19.27 -22.48
CA GLY G 102 24.87 19.29 -21.46
C GLY G 102 24.96 18.04 -20.57
N TYR G 103 24.28 16.97 -20.96
CA TYR G 103 24.17 15.74 -20.17
C TYR G 103 23.34 15.99 -18.89
N TRP G 104 23.93 16.65 -17.89
CA TRP G 104 23.15 17.10 -16.71
C TRP G 104 22.08 18.09 -17.08
N ARG G 105 21.01 18.13 -16.29
CA ARG G 105 19.82 18.87 -16.69
C ARG G 105 18.91 19.06 -15.48
N ASN G 106 17.74 19.66 -15.69
CA ASN G 106 16.74 19.86 -14.65
C ASN G 106 17.15 20.81 -13.54
N GLY G 107 17.30 22.06 -13.89
CA GLY G 107 17.60 23.09 -12.91
C GLY G 107 17.12 24.40 -13.50
N PRO G 108 17.06 25.43 -12.65
CA PRO G 108 16.41 26.68 -12.98
C PRO G 108 17.20 27.52 -13.98
N ILE G 109 18.52 27.61 -13.85
CA ILE G 109 19.31 28.30 -14.88
C ILE G 109 19.15 27.57 -16.24
N MET G 110 19.35 26.27 -16.22
CA MET G 110 19.22 25.43 -17.43
C MET G 110 17.83 25.53 -18.05
N ASN G 111 16.79 25.42 -17.22
CA ASN G 111 15.44 25.47 -17.74
C ASN G 111 15.05 26.82 -18.31
N ASN G 112 15.57 27.89 -17.73
CA ASN G 112 15.22 29.24 -18.19
C ASN G 112 15.83 29.52 -19.57
N ALA G 113 17.06 29.07 -19.77
CA ALA G 113 17.71 29.08 -21.09
C ALA G 113 16.84 28.35 -22.11
N LEU G 114 16.34 27.17 -21.75
CA LEU G 114 15.56 26.34 -22.67
C LEU G 114 14.28 27.10 -23.00
N SER G 115 13.72 27.68 -21.95
CA SER G 115 12.49 28.40 -22.08
C SER G 115 12.59 29.58 -23.04
N GLY G 116 13.61 30.42 -22.87
CA GLY G 116 13.78 31.58 -23.76
C GLY G 116 13.66 31.13 -25.21
N VAL G 117 14.32 30.03 -25.52
CA VAL G 117 14.29 29.47 -26.86
C VAL G 117 12.92 28.88 -27.15
N ASP G 118 12.46 27.97 -26.30
CA ASP G 118 11.19 27.30 -26.53
C ASP G 118 10.05 28.30 -26.83
N MET G 119 9.88 29.34 -25.97
CA MET G 119 8.82 30.32 -26.19
C MET G 119 9.06 31.04 -27.52
N ALA G 120 10.32 31.37 -27.79
CA ALA G 120 10.59 32.13 -29.04
C ALA G 120 10.21 31.31 -30.24
N LEU G 121 10.51 29.99 -30.24
CA LEU G 121 10.05 29.09 -31.32
C LEU G 121 8.54 28.95 -31.51
N TRP G 122 7.80 28.87 -30.40
CA TRP G 122 6.33 28.87 -30.46
C TRP G 122 5.84 30.20 -31.05
N ASP G 123 6.44 31.29 -30.61
CA ASP G 123 6.16 32.63 -31.11
C ASP G 123 6.39 32.67 -32.64
N ILE G 124 7.49 32.11 -33.11
CA ILE G 124 7.74 32.00 -34.54
C ILE G 124 6.69 31.10 -35.24
N LYS G 125 6.33 29.99 -34.63
CA LYS G 125 5.37 29.08 -35.26
C LYS G 125 4.02 29.82 -35.43
N GLY G 126 3.58 30.52 -34.41
CA GLY G 126 2.38 31.36 -34.55
C GLY G 126 2.49 32.41 -35.66
N LYS G 127 3.54 33.18 -35.65
CA LYS G 127 3.82 34.07 -36.78
C LYS G 127 3.75 33.40 -38.16
N LEU G 128 4.35 32.22 -38.32
CA LEU G 128 4.32 31.53 -39.63
C LEU G 128 2.93 31.06 -39.96
N ALA G 129 2.16 30.71 -38.92
CA ALA G 129 0.82 30.21 -39.11
C ALA G 129 -0.21 31.35 -39.17
N GLY G 130 0.23 32.56 -38.86
CA GLY G 130 -0.69 33.69 -38.78
C GLY G 130 -1.69 33.55 -37.64
N MET G 131 -1.30 32.85 -36.58
CA MET G 131 -2.19 32.52 -35.46
C MET G 131 -1.55 32.77 -34.11
N PRO G 132 -2.35 33.23 -33.14
CA PRO G 132 -1.87 33.34 -31.76
C PRO G 132 -1.52 31.93 -31.28
N VAL G 133 -0.52 31.82 -30.42
CA VAL G 133 -0.12 30.53 -29.88
C VAL G 133 -1.31 29.79 -29.22
N TYR G 134 -2.21 30.49 -28.54
CA TYR G 134 -3.35 29.78 -27.93
C TYR G 134 -4.21 29.05 -28.97
N GLU G 135 -4.21 29.53 -30.23
CA GLU G 135 -4.94 28.85 -31.31
C GLU G 135 -4.21 27.60 -31.81
N LEU G 136 -2.88 27.62 -31.77
CA LEU G 136 -2.11 26.41 -32.06
C LEU G 136 -2.31 25.32 -30.99
N LEU G 137 -2.42 25.76 -29.75
CA LEU G 137 -2.55 24.85 -28.62
C LEU G 137 -3.98 24.30 -28.39
N GLY G 138 -4.95 24.69 -29.23
CA GLY G 138 -6.30 24.17 -29.08
C GLY G 138 -7.46 25.16 -29.14
N GLY G 139 -7.19 26.46 -29.17
CA GLY G 139 -8.23 27.44 -29.35
C GLY G 139 -8.70 27.97 -28.03
N LYS G 140 -9.57 28.97 -28.05
CA LYS G 140 -10.06 29.57 -26.82
C LYS G 140 -10.98 28.62 -26.07
N CYS G 141 -10.69 28.41 -24.79
CA CYS G 141 -11.62 27.65 -23.93
C CYS G 141 -12.41 28.56 -23.00
N ARG G 142 -12.21 29.86 -23.08
CA ARG G 142 -12.87 30.81 -22.18
C ARG G 142 -12.85 32.19 -22.84
N ASP G 143 -13.63 33.12 -22.28
CA ASP G 143 -13.84 34.44 -22.90
C ASP G 143 -13.02 35.54 -22.27
N GLY G 144 -12.32 35.21 -21.20
CA GLY G 144 -11.43 36.16 -20.52
C GLY G 144 -10.75 35.37 -19.43
N ILE G 145 -9.59 35.87 -18.98
CA ILE G 145 -8.81 35.17 -17.97
C ILE G 145 -8.96 35.80 -16.59
N PRO G 146 -9.64 35.11 -15.68
CA PRO G 146 -9.85 35.68 -14.33
C PRO G 146 -8.51 35.85 -13.59
N LEU G 147 -8.33 36.96 -12.90
CA LEU G 147 -7.05 37.29 -12.31
C LEU G 147 -7.15 37.35 -10.79
N TYR G 148 -6.03 37.08 -10.13
CA TYR G 148 -5.84 37.55 -8.77
C TYR G 148 -4.63 38.46 -8.58
N CYS G 149 -4.74 39.39 -7.64
CA CYS G 149 -3.64 40.30 -7.35
C CYS G 149 -3.26 40.31 -5.86
N HIS G 150 -2.12 40.90 -5.58
CA HIS G 150 -1.53 40.94 -4.26
C HIS G 150 -2.11 42.15 -3.53
N THR G 151 -2.23 42.06 -2.20
CA THR G 151 -2.66 43.20 -1.39
C THR G 151 -1.83 43.40 -0.12
N ASP G 152 -0.60 42.86 -0.09
CA ASP G 152 0.23 42.90 1.12
C ASP G 152 0.24 44.26 1.82
N GLY G 153 0.22 44.25 3.16
CA GLY G 153 0.15 45.49 3.94
C GLY G 153 0.56 45.39 5.41
N GLY G 154 1.03 46.52 5.95
CA GLY G 154 1.55 46.60 7.32
C GLY G 154 0.69 46.00 8.43
N ASP G 155 -0.63 46.16 8.33
CA ASP G 155 -1.52 45.65 9.40
C ASP G 155 -2.93 45.32 8.90
N GLU G 156 -3.72 44.67 9.75
CA GLU G 156 -5.05 44.16 9.37
C GLU G 156 -5.92 45.24 8.74
N VAL G 157 -5.63 46.50 9.06
CA VAL G 157 -6.42 47.63 8.56
C VAL G 157 -5.91 48.16 7.20
N GLU G 158 -4.64 47.93 6.90
CA GLU G 158 -4.06 48.37 5.62
C GLU G 158 -4.27 47.33 4.51
N VAL G 159 -4.37 46.06 4.91
CA VAL G 159 -4.67 44.97 4.00
C VAL G 159 -6.14 45.04 3.61
N GLU G 160 -6.99 45.30 4.59
CA GLU G 160 -8.41 45.61 4.34
C GLU G 160 -8.54 46.75 3.30
N ASP G 161 -7.72 47.80 3.45
CA ASP G 161 -7.74 48.95 2.54
C ASP G 161 -7.35 48.57 1.13
N ASN G 162 -6.26 47.82 1.01
CA ASN G 162 -5.80 47.42 -0.30
C ASN G 162 -6.79 46.48 -0.96
N ILE G 163 -7.37 45.57 -0.18
CA ILE G 163 -8.39 44.66 -0.71
C ILE G 163 -9.56 45.45 -1.25
N ARG G 164 -10.09 46.38 -0.47
CA ARG G 164 -11.22 47.18 -0.95
C ARG G 164 -10.83 47.92 -2.24
N ALA G 165 -9.68 48.59 -2.26
CA ALA G 165 -9.23 49.25 -3.47
C ALA G 165 -9.18 48.31 -4.68
N ARG G 166 -8.78 47.06 -4.44
CA ARG G 166 -8.71 46.10 -5.54
C ARG G 166 -10.11 45.66 -5.95
N MET G 167 -11.02 45.54 -4.99
CA MET G 167 -12.39 45.19 -5.31
C MET G 167 -13.07 46.29 -6.11
N GLU G 168 -12.65 47.54 -5.92
CA GLU G 168 -13.18 48.64 -6.73
C GLU G 168 -12.64 48.54 -8.15
N GLU G 169 -11.43 48.02 -8.32
CA GLU G 169 -10.88 47.89 -9.67
C GLU G 169 -11.49 46.72 -10.46
N GLY G 170 -12.25 45.88 -9.78
CA GLY G 170 -12.91 44.76 -10.45
C GLY G 170 -12.39 43.39 -10.05
N TYR G 171 -11.32 43.33 -9.23
CA TYR G 171 -10.76 42.04 -8.83
C TYR G 171 -11.74 41.26 -8.01
N GLN G 172 -11.86 39.97 -8.31
CA GLN G 172 -12.74 39.09 -7.56
C GLN G 172 -11.98 38.03 -6.76
N TYR G 173 -10.65 38.04 -6.85
CA TYR G 173 -9.78 37.14 -6.14
C TYR G 173 -8.59 37.98 -5.67
N VAL G 174 -8.10 37.76 -4.45
CA VAL G 174 -7.00 38.54 -3.92
C VAL G 174 -6.15 37.65 -3.04
N ARG G 175 -4.84 37.87 -3.05
CA ARG G 175 -3.93 37.22 -2.10
C ARG G 175 -3.85 38.13 -0.89
N CYS G 176 -3.94 37.57 0.30
CA CYS G 176 -3.87 38.35 1.53
C CYS G 176 -2.77 37.86 2.44
N GLN G 177 -1.75 38.69 2.62
CA GLN G 177 -0.65 38.45 3.57
C GLN G 177 -0.68 39.61 4.57
N MET G 178 -0.19 39.39 5.78
CA MET G 178 -0.01 40.54 6.69
C MET G 178 1.42 40.62 7.18
N GLY G 179 2.04 41.79 7.03
CA GLY G 179 3.43 41.99 7.42
C GLY G 179 4.42 40.96 6.87
N MET G 180 5.49 40.71 7.61
CA MET G 180 6.60 39.89 7.11
C MET G 180 6.66 38.48 7.72
N TYR G 181 5.52 37.80 7.84
CA TYR G 181 5.48 36.49 8.49
C TYR G 181 6.05 36.51 9.90
N GLY G 182 5.45 37.30 10.79
CA GLY G 182 5.86 37.32 12.20
C GLY G 182 7.09 38.18 12.48
N GLY G 183 7.51 38.96 11.49
CA GLY G 183 8.66 39.86 11.65
C GLY G 183 8.35 41.31 11.35
N GLN G 203 3.49 38.88 19.51
CA GLN G 203 4.47 38.62 20.56
C GLN G 203 5.51 37.62 20.09
N PRO G 204 6.33 38.03 19.12
CA PRO G 204 7.38 37.16 18.58
C PRO G 204 8.47 36.80 19.61
N LYS G 205 9.17 35.69 19.39
CA LYS G 205 10.20 35.28 20.34
C LYS G 205 11.35 36.28 20.39
N ARG G 206 11.87 36.46 21.59
CA ARG G 206 13.12 37.16 21.81
C ARG G 206 14.28 36.29 21.26
N SER G 207 15.25 36.94 20.62
CA SER G 207 16.42 36.29 20.02
C SER G 207 17.56 36.11 21.04
N PRO G 208 18.59 35.33 20.68
CA PRO G 208 19.76 35.21 21.56
C PRO G 208 20.50 36.54 21.59
N ARG G 209 21.49 36.66 22.49
CA ARG G 209 22.11 37.95 22.82
C ARG G 209 22.96 38.58 21.74
N SER G 210 23.36 37.80 20.74
CA SER G 210 23.90 38.42 19.53
C SER G 210 23.24 37.73 18.34
N LYS G 211 23.12 38.43 17.23
CA LYS G 211 22.39 37.94 16.08
C LYS G 211 23.33 37.90 14.89
N THR G 212 23.26 36.81 14.14
CA THR G 212 23.91 36.80 12.85
C THR G 212 23.01 37.57 11.90
N PRO G 213 23.61 38.37 11.01
CA PRO G 213 22.86 39.21 10.07
C PRO G 213 21.83 38.44 9.25
N GLY G 214 20.63 39.03 9.14
CA GLY G 214 19.61 38.44 8.31
C GLY G 214 18.25 39.10 8.49
N ILE G 215 17.26 38.60 7.74
CA ILE G 215 15.92 39.12 7.86
C ILE G 215 15.16 38.23 8.84
N TYR G 216 14.90 38.73 10.04
CA TYR G 216 14.34 37.88 11.07
C TYR G 216 12.85 37.64 10.96
N PHE G 217 12.42 36.43 11.29
CA PHE G 217 11.00 36.10 11.26
C PHE G 217 10.68 35.07 12.33
N ASP G 218 9.43 35.02 12.74
CA ASP G 218 9.01 34.09 13.76
C ASP G 218 7.87 33.24 13.25
N PRO G 219 8.20 32.01 12.84
CA PRO G 219 7.21 31.14 12.22
C PRO G 219 6.02 30.81 13.12
N GLU G 220 6.25 30.62 14.41
CA GLU G 220 5.17 30.28 15.32
C GLU G 220 4.17 31.39 15.53
N ALA G 221 4.69 32.57 15.77
CA ALA G 221 3.92 33.81 15.81
C ALA G 221 3.13 33.99 14.49
N TYR G 222 3.79 33.75 13.36
CA TYR G 222 3.13 33.83 12.08
C TYR G 222 1.96 32.84 12.05
N ALA G 223 2.23 31.57 12.35
CA ALA G 223 1.19 30.54 12.23
C ALA G 223 -0.04 30.80 13.11
N LYS G 224 0.20 31.34 14.29
CA LYS G 224 -0.87 31.50 15.23
C LYS G 224 -1.73 32.68 14.94
N SER G 225 -1.29 33.53 14.05
CA SER G 225 -1.95 34.79 13.79
C SER G 225 -2.61 34.82 12.41
N VAL G 226 -2.22 33.96 11.49
CA VAL G 226 -3.00 33.87 10.22
C VAL G 226 -4.52 33.62 10.38
N PRO G 227 -4.93 32.71 11.27
CA PRO G 227 -6.36 32.49 11.39
C PRO G 227 -7.10 33.73 11.95
N ARG G 228 -6.45 34.47 12.85
CA ARG G 228 -6.97 35.75 13.34
C ARG G 228 -7.10 36.72 12.17
N LEU G 229 -6.12 36.76 11.29
CA LEU G 229 -6.26 37.60 10.13
C LEU G 229 -7.52 37.22 9.35
N PHE G 230 -7.66 35.95 9.00
CA PHE G 230 -8.80 35.58 8.18
C PHE G 230 -10.15 35.70 8.86
N GLU G 231 -10.19 35.46 10.17
CA GLU G 231 -11.41 35.70 10.91
C GLU G 231 -11.84 37.17 10.77
N HIS G 232 -10.90 38.09 10.89
CA HIS G 232 -11.18 39.52 10.73
C HIS G 232 -11.58 39.90 9.30
N LEU G 233 -10.83 39.41 8.32
CA LEU G 233 -11.17 39.71 6.93
C LEU G 233 -12.55 39.21 6.52
N ARG G 234 -12.96 38.06 7.05
CA ARG G 234 -14.30 37.56 6.73
C ARG G 234 -15.41 38.36 7.46
N ASN G 235 -15.13 38.82 8.67
CA ASN G 235 -16.11 39.62 9.39
C ASN G 235 -16.36 40.94 8.68
N LYS G 236 -15.29 41.52 8.14
CA LYS G 236 -15.42 42.81 7.48
C LYS G 236 -15.82 42.69 6.01
N LEU G 237 -15.33 41.67 5.32
CA LEU G 237 -15.56 41.57 3.87
C LEU G 237 -16.59 40.55 3.38
N GLY G 238 -16.96 39.57 4.20
CA GLY G 238 -17.97 38.60 3.78
C GLY G 238 -17.31 37.53 2.92
N PHE G 239 -18.09 36.63 2.32
CA PHE G 239 -17.58 35.43 1.67
C PHE G 239 -17.70 35.45 0.14
N GLY G 240 -18.07 36.61 -0.39
CA GLY G 240 -18.20 36.77 -1.82
C GLY G 240 -16.88 37.02 -2.53
N ILE G 241 -15.89 37.55 -1.80
CA ILE G 241 -14.57 37.77 -2.38
C ILE G 241 -13.73 36.51 -2.14
N GLU G 242 -12.90 36.11 -3.12
CA GLU G 242 -12.06 34.90 -2.98
C GLU G 242 -10.68 35.24 -2.41
N PHE G 243 -10.23 34.48 -1.42
CA PHE G 243 -8.95 34.77 -0.75
C PHE G 243 -7.93 33.70 -1.02
N ILE G 244 -6.72 34.13 -1.30
CA ILE G 244 -5.56 33.25 -1.43
C ILE G 244 -4.56 33.60 -0.34
N HIS G 245 -3.99 32.60 0.31
CA HIS G 245 -2.92 32.88 1.25
C HIS G 245 -1.68 32.06 0.92
N ASP G 246 -0.51 32.70 1.06
CA ASP G 246 0.76 32.07 0.68
C ASP G 246 1.63 31.82 1.90
N VAL G 247 1.85 30.54 2.22
CA VAL G 247 2.64 30.15 3.36
C VAL G 247 4.13 30.27 3.03
N HIS G 248 4.46 30.16 1.76
CA HIS G 248 5.82 30.38 1.28
C HIS G 248 6.85 29.55 2.04
N GLU G 249 6.52 28.28 2.30
CA GLU G 249 7.43 27.33 2.98
C GLU G 249 7.94 27.85 4.31
N ARG G 250 7.22 28.77 4.95
CA ARG G 250 7.72 29.37 6.22
C ARG G 250 7.55 28.61 7.56
N VAL G 251 6.80 27.52 7.61
CA VAL G 251 6.53 26.85 8.89
C VAL G 251 6.94 25.35 8.83
N THR G 252 6.99 24.65 9.96
CA THR G 252 7.25 23.22 9.87
C THR G 252 6.06 22.53 9.21
N PRO G 253 6.30 21.35 8.62
CA PRO G 253 5.18 20.71 7.94
C PRO G 253 3.96 20.46 8.80
N VAL G 254 4.13 20.05 10.06
CA VAL G 254 2.96 19.70 10.85
C VAL G 254 2.24 21.00 11.23
N THR G 255 2.99 22.11 11.29
CA THR G 255 2.39 23.43 11.52
C THR G 255 1.53 23.86 10.32
N ALA G 256 2.02 23.65 9.11
CA ALA G 256 1.20 23.89 7.90
C ALA G 256 -0.09 23.06 7.90
N ILE G 257 0.01 21.82 8.38
CA ILE G 257 -1.16 20.95 8.43
C ILE G 257 -2.21 21.54 9.37
N GLN G 258 -1.76 21.92 10.56
CA GLN G 258 -2.64 22.53 11.54
C GLN G 258 -3.29 23.78 10.95
N LEU G 259 -2.47 24.59 10.31
CA LEU G 259 -2.93 25.80 9.67
C LEU G 259 -3.94 25.48 8.59
N ALA G 260 -3.62 24.54 7.68
CA ALA G 260 -4.62 24.19 6.67
C ALA G 260 -5.94 23.85 7.32
N LYS G 261 -5.91 23.08 8.41
CA LYS G 261 -7.17 22.65 9.05
C LYS G 261 -7.87 23.84 9.67
N THR G 262 -7.14 24.66 10.40
CA THR G 262 -7.71 25.82 11.08
C THR G 262 -8.28 26.87 10.14
N LEU G 263 -7.74 26.95 8.92
CA LEU G 263 -8.25 27.92 7.92
C LEU G 263 -9.50 27.43 7.18
N GLU G 264 -9.82 26.15 7.30
CA GLU G 264 -10.96 25.55 6.57
C GLU G 264 -12.23 26.39 6.65
N PRO G 265 -12.59 26.83 7.87
CA PRO G 265 -13.78 27.65 8.00
C PRO G 265 -13.72 28.95 7.17
N TYR G 266 -12.54 29.39 6.76
CA TYR G 266 -12.45 30.70 6.08
C TYR G 266 -12.49 30.55 4.57
N GLN G 267 -12.59 29.30 4.13
CA GLN G 267 -12.88 28.96 2.75
C GLN G 267 -11.97 29.69 1.77
N LEU G 268 -10.66 29.47 1.89
CA LEU G 268 -9.68 30.02 0.97
C LEU G 268 -9.85 29.38 -0.38
N PHE G 269 -9.55 30.14 -1.43
CA PHE G 269 -9.53 29.66 -2.80
C PHE G 269 -8.39 28.66 -2.91
N TYR G 270 -7.22 29.07 -2.42
CA TYR G 270 -6.20 28.09 -2.08
C TYR G 270 -5.18 28.57 -1.07
N LEU G 271 -4.56 27.60 -0.42
CA LEU G 271 -3.43 27.86 0.48
C LEU G 271 -2.18 27.38 -0.26
N GLU G 272 -1.21 28.27 -0.41
CA GLU G 272 -0.05 28.04 -1.29
C GLU G 272 1.25 27.65 -0.59
N ASP G 273 1.99 26.72 -1.19
CA ASP G 273 3.34 26.31 -0.69
C ASP G 273 3.38 26.01 0.81
N PRO G 274 2.53 25.07 1.28
CA PRO G 274 2.50 24.77 2.72
C PRO G 274 3.78 24.08 3.17
N VAL G 275 4.50 23.51 2.19
CA VAL G 275 5.77 22.83 2.41
C VAL G 275 6.75 23.14 1.25
N ALA G 276 8.02 22.99 1.53
CA ALA G 276 9.09 23.20 0.54
C ALA G 276 9.19 21.97 -0.39
N PRO G 277 9.72 22.16 -1.61
CA PRO G 277 9.92 21.05 -2.56
C PRO G 277 10.64 19.90 -1.88
N GLU G 278 11.53 20.20 -0.95
CA GLU G 278 12.28 19.15 -0.26
C GLU G 278 11.44 18.28 0.71
N ASN G 279 10.25 18.77 1.08
CA ASN G 279 9.34 18.09 2.03
C ASN G 279 8.00 17.64 1.42
N ILE G 280 7.93 17.49 0.10
CA ILE G 280 6.67 17.14 -0.54
C ILE G 280 6.06 15.85 0.02
N ASP G 281 6.86 14.91 0.53
CA ASP G 281 6.23 13.72 1.13
C ASP G 281 5.26 14.03 2.31
N TRP G 282 5.38 15.19 2.94
CA TRP G 282 4.47 15.55 4.05
C TRP G 282 3.06 15.87 3.61
N LEU G 283 2.86 16.13 2.31
CA LEU G 283 1.52 16.37 1.78
C LEU G 283 0.62 15.15 1.85
N ARG G 284 1.18 13.94 1.79
CA ARG G 284 0.33 12.77 2.07
C ARG G 284 -0.44 12.96 3.39
N MET G 285 0.25 13.35 4.47
CA MET G 285 -0.44 13.45 5.76
C MET G 285 -1.42 14.62 5.77
N LEU G 286 -1.00 15.74 5.18
CA LEU G 286 -1.84 16.90 5.14
C LEU G 286 -3.16 16.55 4.42
N ARG G 287 -3.10 15.84 3.31
CA ARG G 287 -4.33 15.58 2.55
C ARG G 287 -5.26 14.52 3.14
N GLN G 288 -4.77 13.77 4.12
CA GLN G 288 -5.64 12.85 4.87
C GLN G 288 -6.52 13.61 5.87
N GLN G 289 -6.20 14.88 6.11
CA GLN G 289 -6.74 15.61 7.25
C GLN G 289 -7.42 16.94 6.87
N SER G 290 -6.95 17.58 5.82
CA SER G 290 -7.50 18.89 5.56
C SER G 290 -8.17 18.95 4.22
N SER G 291 -9.23 19.74 4.15
CA SER G 291 -9.91 19.94 2.86
C SER G 291 -9.71 21.38 2.34
N THR G 292 -8.74 22.10 2.90
CA THR G 292 -8.42 23.43 2.35
C THR G 292 -7.69 23.16 1.06
N PRO G 293 -8.14 23.81 -0.05
CA PRO G 293 -7.47 23.63 -1.32
C PRO G 293 -6.01 24.06 -1.22
N ILE G 294 -5.13 23.33 -1.89
CA ILE G 294 -3.69 23.49 -1.77
C ILE G 294 -3.07 23.79 -3.13
N SER G 295 -2.16 24.76 -3.23
CA SER G 295 -1.33 24.91 -4.45
C SER G 295 0.15 24.73 -4.16
N MET G 296 0.91 24.27 -5.14
CA MET G 296 2.32 24.03 -4.90
C MET G 296 2.99 24.22 -6.23
N GLY G 297 4.26 24.62 -6.22
CA GLY G 297 5.10 24.41 -7.40
C GLY G 297 5.86 25.56 -8.01
N GLU G 298 5.73 26.77 -7.49
CA GLU G 298 6.49 27.89 -8.10
C GLU G 298 8.02 27.61 -8.07
N LEU G 299 8.47 26.92 -7.01
CA LEU G 299 9.87 26.42 -6.93
C LEU G 299 10.21 25.16 -7.77
N PHE G 300 9.23 24.44 -8.31
CA PHE G 300 9.55 23.18 -9.02
C PHE G 300 10.42 23.37 -10.28
N VAL G 301 11.40 22.50 -10.44
CA VAL G 301 12.25 22.47 -11.62
C VAL G 301 12.47 21.03 -12.07
N ASN G 302 11.67 20.12 -11.55
CA ASN G 302 11.97 18.71 -11.75
C ASN G 302 10.70 17.89 -11.69
N ILE G 303 10.49 17.04 -12.70
CA ILE G 303 9.31 16.19 -12.82
C ILE G 303 9.10 15.33 -11.59
N ASN G 304 10.20 14.88 -10.99
CA ASN G 304 10.11 14.08 -9.78
C ASN G 304 9.57 14.82 -8.58
N GLU G 305 9.51 16.15 -8.68
CA GLU G 305 8.83 16.97 -7.66
C GLU G 305 7.32 17.03 -7.83
N TRP G 306 6.84 17.22 -9.05
CA TRP G 306 5.40 17.43 -9.21
C TRP G 306 4.62 16.18 -9.62
N LYS G 307 5.28 15.22 -10.26
CA LYS G 307 4.53 14.07 -10.70
C LYS G 307 3.86 13.29 -9.55
N PRO G 308 4.60 13.06 -8.44
CA PRO G 308 3.98 12.35 -7.31
C PRO G 308 2.83 13.13 -6.67
N LEU G 309 2.94 14.45 -6.58
CA LEU G 309 1.85 15.26 -6.02
C LEU G 309 0.58 15.13 -6.88
N ILE G 310 0.74 15.28 -8.20
CA ILE G 310 -0.38 15.27 -9.10
C ILE G 310 -1.02 13.88 -9.22
N ASP G 311 -0.20 12.84 -9.35
CA ASP G 311 -0.68 11.46 -9.43
C ASP G 311 -1.53 11.05 -8.22
N ASN G 312 -1.15 11.51 -7.05
CA ASN G 312 -1.82 11.13 -5.80
C ASN G 312 -2.80 12.16 -5.29
N LYS G 313 -3.10 13.14 -6.13
CA LYS G 313 -4.12 14.14 -5.83
C LYS G 313 -3.75 14.93 -4.60
N LEU G 314 -2.48 15.25 -4.47
CA LEU G 314 -2.01 15.85 -3.25
C LEU G 314 -2.06 17.37 -3.27
N ILE G 315 -2.45 17.95 -4.42
CA ILE G 315 -2.66 19.38 -4.57
C ILE G 315 -3.84 19.59 -5.50
N ASP G 316 -4.35 20.80 -5.50
CA ASP G 316 -5.48 21.16 -6.32
C ASP G 316 -5.09 22.12 -7.45
N TYR G 317 -4.00 22.85 -7.26
CA TYR G 317 -3.52 23.76 -8.31
C TYR G 317 -2.02 23.62 -8.43
N ILE G 318 -1.55 23.57 -9.66
CA ILE G 318 -0.12 23.49 -9.91
C ILE G 318 0.40 24.90 -10.23
N ARG G 319 1.39 25.37 -9.49
CA ARG G 319 1.85 26.77 -9.57
C ARG G 319 3.15 27.07 -10.32
N CYS G 320 3.66 26.17 -11.13
CA CYS G 320 4.97 26.40 -11.75
C CYS G 320 5.19 27.76 -12.42
N HIS G 321 6.43 28.22 -12.36
CA HIS G 321 6.91 29.38 -13.12
C HIS G 321 7.29 28.82 -14.48
N VAL G 322 6.52 29.17 -15.51
CA VAL G 322 6.66 28.51 -16.81
C VAL G 322 8.09 28.43 -17.30
N SER G 323 8.82 29.54 -17.22
CA SER G 323 10.19 29.56 -17.78
C SER G 323 11.12 28.62 -17.02
N THR G 324 10.87 28.47 -15.74
CA THR G 324 11.70 27.69 -14.87
C THR G 324 11.46 26.19 -15.02
N ILE G 325 10.36 25.77 -15.65
CA ILE G 325 10.23 24.37 -16.03
C ILE G 325 10.58 24.11 -17.49
N GLY G 326 11.03 25.13 -18.22
CA GLY G 326 11.58 24.96 -19.57
C GLY G 326 10.69 25.47 -20.68
N GLY G 327 9.63 26.23 -20.33
CA GLY G 327 8.84 26.94 -21.34
C GLY G 327 7.46 26.38 -21.66
N ILE G 328 6.92 26.78 -22.80
CA ILE G 328 5.58 26.35 -23.21
C ILE G 328 5.48 24.84 -23.51
N THR G 329 6.47 24.26 -24.16
CA THR G 329 6.39 22.84 -24.42
C THR G 329 6.14 22.02 -23.11
N PRO G 330 7.04 22.15 -22.13
CA PRO G 330 6.81 21.30 -20.96
C PRO G 330 5.61 21.79 -20.10
N ALA G 331 5.34 23.09 -20.13
CA ALA G 331 4.21 23.61 -19.38
C ALA G 331 2.91 23.04 -19.92
N LYS G 332 2.84 22.86 -21.25
CA LYS G 332 1.57 22.42 -21.83
C LYS G 332 1.39 20.95 -21.41
N LYS G 333 2.49 20.23 -21.35
CA LYS G 333 2.41 18.82 -21.03
C LYS G 333 1.99 18.68 -19.59
N LEU G 334 2.50 19.58 -18.75
CA LEU G 334 2.24 19.57 -17.32
C LEU G 334 0.75 19.93 -17.08
N ALA G 335 0.24 20.86 -17.88
CA ALA G 335 -1.19 21.25 -17.79
C ALA G 335 -2.11 20.07 -18.18
N VAL G 336 -1.71 19.30 -19.18
CA VAL G 336 -2.50 18.15 -19.64
C VAL G 336 -2.48 17.05 -18.58
N TYR G 337 -1.29 16.78 -18.05
CA TYR G 337 -1.13 15.76 -17.02
C TYR G 337 -1.98 16.09 -15.80
N SER G 338 -1.94 17.35 -15.38
CA SER G 338 -2.83 17.85 -14.33
C SER G 338 -4.30 17.67 -14.69
N GLU G 339 -4.64 18.10 -15.90
CA GLU G 339 -5.99 17.98 -16.43
C GLU G 339 -6.59 16.60 -16.18
N LEU G 340 -5.85 15.56 -16.56
CA LEU G 340 -6.31 14.18 -16.45
C LEU G 340 -6.49 13.74 -14.97
N ASN G 341 -5.78 14.41 -14.07
CA ASN G 341 -5.90 14.13 -12.68
C ASN G 341 -6.80 15.12 -11.93
N GLY G 342 -7.55 15.97 -12.61
CA GLY G 342 -8.49 16.87 -11.94
C GLY G 342 -7.83 18.06 -11.23
N VAL G 343 -6.58 18.32 -11.57
CA VAL G 343 -5.79 19.36 -10.92
C VAL G 343 -5.76 20.51 -11.93
N ARG G 344 -5.87 21.75 -11.44
CA ARG G 344 -5.96 22.90 -12.30
C ARG G 344 -4.67 23.71 -12.30
N THR G 345 -4.53 24.61 -13.27
CA THR G 345 -3.33 25.42 -13.33
C THR G 345 -3.48 26.78 -12.61
N ALA G 346 -2.38 27.25 -12.05
CA ALA G 346 -2.26 28.56 -11.49
C ALA G 346 -0.81 29.00 -11.69
N TRP G 347 -0.43 29.26 -12.94
CA TRP G 347 0.97 29.59 -13.24
C TRP G 347 1.44 30.82 -12.46
N HIS G 348 2.71 30.80 -12.08
CA HIS G 348 3.29 31.84 -11.28
C HIS G 348 3.37 33.14 -12.06
N GLY G 349 2.79 34.20 -11.51
CA GLY G 349 2.79 35.50 -12.16
C GLY G 349 3.17 36.68 -11.28
N PRO G 350 4.42 36.67 -10.88
CA PRO G 350 5.01 37.66 -10.00
C PRO G 350 5.49 38.86 -10.80
N GLY G 351 6.12 39.78 -10.10
CA GLY G 351 6.80 40.87 -10.73
C GLY G 351 7.93 40.35 -11.60
N ASP G 352 8.62 39.31 -11.15
CA ASP G 352 9.79 38.77 -11.86
C ASP G 352 9.50 37.76 -12.96
N ILE G 353 8.76 38.24 -13.95
CA ILE G 353 8.47 37.54 -15.19
C ILE G 353 8.40 38.67 -16.21
N SER G 354 8.93 38.49 -17.41
CA SER G 354 8.82 39.54 -18.43
C SER G 354 7.41 39.46 -19.03
N PRO G 355 6.97 40.54 -19.68
CA PRO G 355 5.67 40.53 -20.33
C PRO G 355 5.55 39.42 -21.37
N VAL G 356 6.68 38.95 -21.90
CA VAL G 356 6.67 37.83 -22.82
C VAL G 356 6.25 36.57 -22.07
N GLY G 357 6.82 36.34 -20.89
CA GLY G 357 6.36 35.24 -20.01
C GLY G 357 4.90 35.40 -19.56
N VAL G 358 4.48 36.63 -19.34
CA VAL G 358 3.08 36.84 -18.99
C VAL G 358 2.15 36.40 -20.13
N CYS G 359 2.43 36.80 -21.35
CA CYS G 359 1.70 36.26 -22.52
C CYS G 359 1.77 34.75 -22.62
N ALA G 360 2.92 34.16 -22.34
CA ALA G 360 3.00 32.71 -22.41
C ALA G 360 2.01 32.13 -21.40
N ASN G 361 2.05 32.63 -20.16
CA ASN G 361 1.11 32.13 -19.16
C ASN G 361 -0.32 32.23 -19.69
N MET G 362 -0.63 33.32 -20.38
CA MET G 362 -2.02 33.59 -20.70
C MET G 362 -2.51 32.85 -21.93
N HIS G 363 -1.58 32.51 -22.82
CA HIS G 363 -1.92 31.72 -23.98
C HIS G 363 -2.14 30.27 -23.53
N LEU G 364 -1.32 29.79 -22.59
CA LEU G 364 -1.65 28.52 -21.91
C LEU G 364 -3.01 28.56 -21.18
N ASP G 365 -3.30 29.62 -20.42
CA ASP G 365 -4.60 29.79 -19.73
C ASP G 365 -5.82 29.78 -20.66
N MET G 366 -5.70 30.46 -21.80
CA MET G 366 -6.76 30.54 -22.79
CA MET G 366 -6.77 30.55 -22.78
C MET G 366 -7.12 29.17 -23.36
N SER G 367 -6.12 28.32 -23.54
CA SER G 367 -6.33 27.07 -24.22
C SER G 367 -6.41 25.85 -23.30
N SER G 368 -6.31 26.02 -21.99
CA SER G 368 -6.45 24.91 -21.06
C SER G 368 -7.86 24.72 -20.49
N PRO G 369 -8.46 23.54 -20.68
CA PRO G 369 -9.73 23.34 -20.03
C PRO G 369 -9.60 23.39 -18.49
N ASN G 370 -8.46 22.91 -17.95
CA ASN G 370 -8.25 22.92 -16.48
C ASN G 370 -7.65 24.22 -15.89
N PHE G 371 -7.64 25.31 -16.65
CA PHE G 371 -7.26 26.58 -16.09
C PHE G 371 -7.90 26.76 -14.72
N GLY G 372 -7.11 27.18 -13.73
CA GLY G 372 -7.62 27.53 -12.40
C GLY G 372 -7.72 29.03 -12.15
N ILE G 373 -6.58 29.71 -12.11
CA ILE G 373 -6.61 31.17 -11.89
C ILE G 373 -5.29 31.75 -12.40
N GLN G 374 -5.25 33.05 -12.69
CA GLN G 374 -3.99 33.66 -13.12
C GLN G 374 -3.56 34.81 -12.21
N GLU G 375 -2.54 34.53 -11.40
CA GLU G 375 -1.86 35.53 -10.58
C GLU G 375 -1.38 36.62 -11.51
N TYR G 376 -1.59 37.89 -11.14
CA TYR G 376 -1.20 39.01 -12.01
C TYR G 376 -0.58 40.15 -11.23
N THR G 377 0.56 40.62 -11.72
CA THR G 377 1.25 41.75 -11.09
C THR G 377 1.23 42.96 -12.04
N PRO G 378 0.42 43.98 -11.73
CA PRO G 378 0.26 45.14 -12.62
C PRO G 378 1.59 45.77 -13.07
N MET G 379 1.61 46.27 -14.30
CA MET G 379 2.81 46.81 -14.93
C MET G 379 2.75 48.32 -14.94
N ASN G 380 3.90 48.97 -14.97
CA ASN G 380 3.95 50.43 -15.08
C ASN G 380 3.96 50.84 -16.56
N ASP G 381 4.12 52.14 -16.85
CA ASP G 381 4.19 52.59 -18.25
C ASP G 381 5.40 52.05 -19.00
N ALA G 382 6.55 52.00 -18.32
CA ALA G 382 7.77 51.61 -19.03
C ALA G 382 7.69 50.20 -19.62
N LEU G 383 7.11 49.27 -18.86
CA LEU G 383 6.92 47.90 -19.34
C LEU G 383 6.04 47.86 -20.58
N ARG G 384 4.89 48.53 -20.55
CA ARG G 384 4.04 48.58 -21.72
C ARG G 384 4.75 49.23 -22.92
N GLU G 385 5.60 50.20 -22.67
CA GLU G 385 6.31 50.85 -23.79
C GLU G 385 7.41 49.94 -24.34
N VAL G 386 8.20 49.35 -23.46
CA VAL G 386 9.30 48.47 -23.88
C VAL G 386 8.79 47.18 -24.53
N PHE G 387 7.61 46.73 -24.12
CA PHE G 387 6.98 45.53 -24.66
C PHE G 387 5.56 45.79 -25.23
N PRO G 388 5.46 46.37 -26.44
CA PRO G 388 4.13 46.53 -27.07
C PRO G 388 3.36 45.21 -27.22
N GLY G 389 2.08 45.23 -26.90
CA GLY G 389 1.23 44.06 -27.00
C GLY G 389 0.81 43.50 -25.64
N CYS G 390 1.23 44.11 -24.54
CA CYS G 390 0.79 43.60 -23.24
C CYS G 390 -0.71 43.35 -23.22
N PRO G 391 -1.16 42.25 -22.57
CA PRO G 391 -2.59 41.91 -22.51
C PRO G 391 -3.40 43.01 -21.87
N GLU G 392 -4.60 43.27 -22.37
CA GLU G 392 -5.46 44.29 -21.77
C GLU G 392 -6.04 43.77 -20.46
N ILE G 393 -6.02 44.61 -19.40
CA ILE G 393 -6.54 44.25 -18.07
C ILE G 393 -7.80 45.08 -17.81
N ASP G 394 -8.92 44.44 -17.48
CA ASP G 394 -10.17 45.19 -17.35
C ASP G 394 -11.18 44.52 -16.39
N GLN G 395 -11.42 45.13 -15.24
CA GLN G 395 -12.42 44.63 -14.30
C GLN G 395 -12.11 43.21 -13.85
N GLY G 396 -10.83 42.94 -13.59
CA GLY G 396 -10.39 41.69 -13.01
C GLY G 396 -10.19 40.56 -13.99
N TYR G 397 -10.20 40.86 -15.29
CA TYR G 397 -10.02 39.87 -16.33
C TYR G 397 -8.91 40.33 -17.27
N ALA G 398 -8.08 39.40 -17.75
CA ALA G 398 -7.09 39.78 -18.76
C ALA G 398 -7.65 39.33 -20.10
N TYR G 399 -7.47 40.19 -21.10
CA TYR G 399 -7.88 39.92 -22.49
C TYR G 399 -6.67 39.98 -23.39
N VAL G 400 -6.22 38.84 -23.89
CA VAL G 400 -5.04 38.82 -24.75
C VAL G 400 -5.44 39.28 -26.12
N ASN G 401 -4.51 39.93 -26.82
CA ASN G 401 -4.82 40.38 -28.18
C ASN G 401 -4.85 39.16 -29.08
N ASP G 402 -5.24 39.32 -30.33
CA ASP G 402 -5.39 38.19 -31.23
C ASP G 402 -4.29 38.19 -32.29
N LYS G 403 -3.20 38.88 -31.99
CA LYS G 403 -2.11 38.99 -32.93
C LYS G 403 -1.33 37.69 -32.97
N PRO G 404 -0.62 37.45 -34.09
CA PRO G 404 0.07 36.17 -34.30
C PRO G 404 1.16 35.88 -33.26
N GLY G 405 1.54 34.61 -33.14
CA GLY G 405 2.45 34.15 -32.06
C GLY G 405 2.02 34.52 -30.63
N LEU G 406 2.98 34.99 -29.85
CA LEU G 406 2.68 35.40 -28.49
C LEU G 406 2.02 36.80 -28.45
N GLY G 407 1.99 37.45 -29.61
CA GLY G 407 1.45 38.81 -29.81
C GLY G 407 2.13 39.93 -29.01
N ILE G 408 3.43 39.84 -28.88
CA ILE G 408 4.15 40.74 -28.01
C ILE G 408 5.43 41.06 -28.75
N ASP G 409 5.93 42.28 -28.59
CA ASP G 409 7.20 42.64 -29.19
C ASP G 409 8.07 43.33 -28.13
N ILE G 410 9.32 43.60 -28.45
CA ILE G 410 10.10 44.36 -27.53
C ILE G 410 10.86 45.42 -28.31
N ASN G 411 10.81 46.64 -27.79
CA ASN G 411 11.54 47.75 -28.36
C ASN G 411 12.90 47.74 -27.73
N GLU G 412 13.88 47.15 -28.41
CA GLU G 412 15.24 47.03 -27.88
C GLU G 412 15.94 48.32 -27.49
N THR G 413 15.88 49.35 -28.34
CA THR G 413 16.54 50.61 -28.00
C THR G 413 16.01 51.17 -26.70
N LEU G 414 14.70 51.15 -26.54
CA LEU G 414 14.08 51.55 -25.28
C LEU G 414 14.55 50.57 -24.17
N ALA G 415 14.54 49.28 -24.45
CA ALA G 415 15.01 48.33 -23.45
C ALA G 415 16.34 48.78 -22.84
N GLU G 416 17.21 49.34 -23.66
CA GLU G 416 18.55 49.68 -23.21
C GLU G 416 18.58 50.84 -22.24
N LYS G 417 17.47 51.57 -22.13
CA LYS G 417 17.42 52.70 -21.22
C LYS G 417 17.08 52.23 -19.80
N TYR G 418 16.88 50.92 -19.62
CA TYR G 418 16.62 50.36 -18.28
C TYR G 418 17.58 49.22 -18.02
N PRO G 419 18.85 49.55 -17.74
CA PRO G 419 19.85 48.51 -17.53
C PRO G 419 19.55 47.76 -16.22
N CYS G 420 20.18 46.61 -16.00
CA CYS G 420 19.83 45.80 -14.82
C CYS G 420 20.64 46.16 -13.59
N ASP G 421 20.02 46.05 -12.43
CA ASP G 421 20.73 46.32 -11.19
C ASP G 421 21.65 45.15 -10.82
N GLY G 422 21.08 43.95 -10.71
CA GLY G 422 21.85 42.83 -10.16
C GLY G 422 21.83 42.91 -8.64
N GLY G 423 22.90 42.46 -8.00
CA GLY G 423 22.96 42.41 -6.53
C GLY G 423 22.26 41.17 -5.98
N ILE G 424 22.50 40.88 -4.71
CA ILE G 424 21.82 39.74 -4.06
C ILE G 424 20.66 40.27 -3.23
N PRO G 425 19.48 39.66 -3.37
CA PRO G 425 18.35 40.16 -2.58
C PRO G 425 18.58 39.86 -1.11
N SER G 426 18.13 40.76 -0.24
CA SER G 426 18.28 40.55 1.20
C SER G 426 17.27 39.54 1.72
N TRP G 427 16.11 39.48 1.06
CA TRP G 427 14.98 38.71 1.60
C TRP G 427 15.26 37.21 1.65
N THR G 428 16.16 36.74 0.78
CA THR G 428 16.44 35.30 0.76
C THR G 428 17.39 34.86 1.88
N MET G 429 17.83 35.81 2.70
CA MET G 429 18.67 35.50 3.88
C MET G 429 17.81 35.54 5.14
N ALA G 430 16.94 34.55 5.29
CA ALA G 430 15.90 34.57 6.31
C ALA G 430 16.30 33.78 7.56
N ARG G 431 16.05 34.35 8.74
CA ARG G 431 16.45 33.64 9.94
C ARG G 431 15.36 33.54 10.95
N THR G 432 15.30 32.38 11.61
CA THR G 432 14.37 32.14 12.71
C THR G 432 14.98 32.80 13.95
N PRO G 433 14.16 33.04 14.99
CA PRO G 433 14.67 33.87 16.10
C PRO G 433 16.04 33.44 16.69
N ASP G 434 16.32 32.16 16.78
CA ASP G 434 17.61 31.72 17.34
C ASP G 434 18.77 31.89 16.35
N GLY G 435 18.44 32.30 15.11
CA GLY G 435 19.48 32.66 14.12
C GLY G 435 19.65 31.62 13.01
N THR G 436 18.75 30.64 12.96
CA THR G 436 18.85 29.55 11.99
C THR G 436 18.49 30.02 10.60
N ALA G 437 19.35 29.66 9.64
CA ALA G 437 19.10 30.00 8.25
C ALA G 437 17.96 29.14 7.69
N SER G 438 16.94 29.77 7.13
CA SER G 438 15.72 29.06 6.79
C SER G 438 15.38 29.17 5.32
N ARG G 439 14.47 28.33 4.88
CA ARG G 439 14.03 28.41 3.51
C ARG G 439 13.13 29.64 3.40
N PRO G 440 13.43 30.52 2.43
CA PRO G 440 12.74 31.81 2.31
C PRO G 440 11.43 31.64 1.58
N LYS H 26 -51.16 -18.85 -0.98
CA LYS H 26 -51.59 -19.79 0.09
C LYS H 26 -50.59 -20.95 0.16
N LEU H 27 -49.63 -20.97 -0.76
CA LEU H 27 -48.56 -21.95 -0.73
C LEU H 27 -47.77 -21.83 0.60
N LYS H 28 -47.60 -22.95 1.30
CA LYS H 28 -46.92 -22.95 2.60
C LYS H 28 -46.03 -24.18 2.72
N ILE H 29 -44.95 -24.09 3.49
CA ILE H 29 -44.16 -25.26 3.86
C ILE H 29 -44.86 -26.02 4.98
N THR H 30 -45.15 -27.29 4.76
CA THR H 30 -45.85 -28.09 5.76
C THR H 30 -44.99 -29.03 6.61
N ASN H 31 -43.83 -29.40 6.08
CA ASN H 31 -43.01 -30.42 6.69
C ASN H 31 -41.59 -30.28 6.15
N VAL H 32 -40.59 -30.47 7.02
CA VAL H 32 -39.19 -30.54 6.57
C VAL H 32 -38.62 -31.75 7.26
N LYS H 33 -38.00 -32.63 6.48
CA LYS H 33 -37.43 -33.84 7.06
C LYS H 33 -36.03 -34.13 6.52
N THR H 34 -35.23 -34.80 7.31
CA THR H 34 -33.86 -35.13 6.92
C THR H 34 -33.82 -36.61 6.62
N ILE H 35 -33.12 -36.98 5.56
CA ILE H 35 -32.97 -38.40 5.21
C ILE H 35 -31.48 -38.70 5.21
N LEU H 36 -31.04 -39.63 6.04
CA LEU H 36 -29.65 -40.05 6.08
C LEU H 36 -29.47 -41.39 5.33
N THR H 37 -28.59 -41.43 4.33
CA THR H 37 -28.42 -42.67 3.58
C THR H 37 -27.00 -42.79 3.04
N ALA H 38 -26.58 -44.01 2.74
CA ALA H 38 -25.21 -44.24 2.30
C ALA H 38 -25.15 -45.25 1.16
N PRO H 39 -25.86 -44.98 0.04
CA PRO H 39 -25.87 -45.96 -1.05
C PRO H 39 -24.52 -46.18 -1.73
N GLY H 40 -23.62 -45.20 -1.69
CA GLY H 40 -22.32 -45.36 -2.35
C GLY H 40 -21.23 -45.59 -1.30
N GLY H 41 -21.63 -46.03 -0.12
CA GLY H 41 -20.67 -46.29 0.99
C GLY H 41 -20.20 -45.08 1.78
N ILE H 42 -20.80 -43.90 1.53
CA ILE H 42 -20.42 -42.64 2.20
C ILE H 42 -21.68 -41.97 2.79
N ASP H 43 -21.66 -41.55 4.03
CA ASP H 43 -22.90 -41.03 4.64
C ASP H 43 -23.35 -39.73 3.99
N LEU H 44 -24.60 -39.71 3.51
CA LEU H 44 -25.19 -38.53 2.88
C LEU H 44 -26.34 -38.07 3.73
N ALA H 45 -26.60 -36.76 3.72
CA ALA H 45 -27.83 -36.18 4.29
C ALA H 45 -28.52 -35.35 3.22
N VAL H 46 -29.82 -35.61 3.06
CA VAL H 46 -30.66 -34.91 2.09
C VAL H 46 -31.91 -34.38 2.79
N VAL H 47 -32.34 -33.19 2.38
CA VAL H 47 -33.47 -32.54 3.03
C VAL H 47 -34.63 -32.51 2.06
N LYS H 48 -35.79 -32.98 2.49
CA LYS H 48 -36.98 -32.88 1.69
C LYS H 48 -37.88 -31.80 2.30
N VAL H 49 -38.27 -30.81 1.51
CA VAL H 49 -39.16 -29.75 2.01
C VAL H 49 -40.50 -29.96 1.28
N GLU H 50 -41.57 -30.10 2.05
CA GLU H 50 -42.91 -30.34 1.48
C GLU H 50 -43.87 -29.15 1.69
N THR H 51 -44.84 -29.03 0.77
CA THR H 51 -45.82 -27.95 0.76
C THR H 51 -47.25 -28.47 0.72
N ASN H 52 -48.19 -27.54 0.81
CA ASN H 52 -49.59 -27.86 0.74
C ASN H 52 -50.09 -27.94 -0.70
N GLU H 53 -49.19 -28.00 -1.67
CA GLU H 53 -49.65 -28.15 -3.06
C GLU H 53 -49.23 -29.54 -3.59
N PRO H 54 -50.20 -30.30 -4.10
CA PRO H 54 -49.95 -31.68 -4.51
C PRO H 54 -48.77 -31.77 -5.48
N GLY H 55 -47.86 -32.71 -5.28
CA GLY H 55 -46.72 -32.90 -6.19
C GLY H 55 -45.53 -31.99 -5.96
N LEU H 56 -45.70 -30.97 -5.11
CA LEU H 56 -44.71 -29.92 -4.96
C LEU H 56 -43.90 -30.06 -3.67
N TYR H 57 -42.67 -30.51 -3.83
CA TYR H 57 -41.72 -30.61 -2.74
C TYR H 57 -40.32 -30.42 -3.36
N GLY H 58 -39.34 -30.14 -2.53
CA GLY H 58 -37.99 -29.94 -3.03
C GLY H 58 -37.01 -30.77 -2.25
N LEU H 59 -35.84 -31.02 -2.84
CA LEU H 59 -34.78 -31.77 -2.17
C LEU H 59 -33.55 -30.89 -2.13
N GLY H 60 -32.83 -30.94 -1.01
CA GLY H 60 -31.52 -30.26 -0.94
C GLY H 60 -30.46 -31.13 -0.29
N CYS H 61 -29.21 -30.85 -0.62
CA CYS H 61 -28.07 -31.54 -0.03
C CYS H 61 -27.61 -30.82 1.21
N ALA H 62 -27.43 -31.59 2.27
CA ALA H 62 -26.94 -31.11 3.55
C ALA H 62 -25.79 -31.97 3.95
N THR H 63 -25.03 -32.44 2.97
CA THR H 63 -23.98 -33.42 3.26
C THR H 63 -22.62 -32.86 3.77
N PHE H 64 -22.52 -32.81 5.11
CA PHE H 64 -21.26 -32.70 5.86
C PHE H 64 -21.08 -34.10 6.43
N THR H 65 -20.41 -34.97 5.69
CA THR H 65 -20.46 -36.39 6.01
C THR H 65 -19.81 -36.77 7.37
N GLN H 66 -18.82 -36.00 7.83
CA GLN H 66 -18.16 -36.34 9.09
C GLN H 66 -18.97 -35.87 10.30
N ARG H 67 -20.01 -35.07 10.06
CA ARG H 67 -20.86 -34.61 11.16
C ARG H 67 -22.34 -34.79 10.84
N ILE H 68 -22.70 -35.82 10.09
CA ILE H 68 -24.10 -35.92 9.62
C ILE H 68 -25.11 -35.89 10.74
N PHE H 69 -24.78 -36.46 11.90
CA PHE H 69 -25.76 -36.60 12.96
C PHE H 69 -26.05 -35.24 13.60
N ALA H 70 -25.01 -34.40 13.65
CA ALA H 70 -25.14 -33.06 14.15
C ALA H 70 -25.91 -32.18 13.13
N VAL H 71 -25.66 -32.39 11.84
CA VAL H 71 -26.46 -31.69 10.82
C VAL H 71 -27.96 -32.03 10.93
N LYS H 72 -28.26 -33.32 11.08
CA LYS H 72 -29.65 -33.77 11.20
C LYS H 72 -30.33 -33.11 12.40
N SER H 73 -29.61 -33.00 13.51
CA SER H 73 -30.09 -32.33 14.72
C SER H 73 -30.40 -30.84 14.45
N ALA H 74 -29.43 -30.14 13.85
CA ALA H 74 -29.62 -28.76 13.44
C ALA H 74 -30.88 -28.55 12.58
N ILE H 75 -31.07 -29.38 11.56
CA ILE H 75 -32.29 -29.31 10.75
C ILE H 75 -33.55 -29.63 11.55
N ASP H 76 -33.54 -30.78 12.21
CA ASP H 76 -34.74 -31.25 12.90
C ASP H 76 -35.17 -30.39 14.07
N GLU H 77 -34.21 -29.95 14.89
CA GLU H 77 -34.57 -29.16 16.08
C GLU H 77 -34.75 -27.68 15.77
N TYR H 78 -34.13 -27.18 14.70
CA TYR H 78 -34.19 -25.73 14.49
C TYR H 78 -34.72 -25.23 13.15
N MET H 79 -34.20 -25.76 12.04
CA MET H 79 -34.72 -25.39 10.71
C MET H 79 -36.20 -25.74 10.55
N ALA H 80 -36.56 -27.00 10.79
CA ALA H 80 -37.94 -27.43 10.61
C ALA H 80 -38.93 -26.47 11.25
N PRO H 81 -38.79 -26.21 12.56
CA PRO H 81 -39.72 -25.33 13.25
C PRO H 81 -39.64 -23.91 12.73
N PHE H 82 -38.47 -23.50 12.27
CA PHE H 82 -38.33 -22.19 11.64
C PHE H 82 -39.16 -22.01 10.37
N LEU H 83 -39.17 -23.04 9.53
CA LEU H 83 -39.79 -22.98 8.19
C LEU H 83 -41.26 -23.31 8.09
N ILE H 84 -41.81 -24.12 9.01
CA ILE H 84 -43.18 -24.61 8.87
C ILE H 84 -44.15 -23.43 8.77
N GLY H 85 -45.00 -23.41 7.76
CA GLY H 85 -45.96 -22.31 7.63
C GLY H 85 -45.50 -21.19 6.72
N LYS H 86 -44.22 -21.12 6.42
CA LYS H 86 -43.72 -20.02 5.59
C LYS H 86 -43.90 -20.24 4.08
N ASP H 87 -43.84 -19.19 3.32
CA ASP H 87 -44.08 -19.20 1.89
C ASP H 87 -42.77 -19.53 1.23
N PRO H 88 -42.71 -20.70 0.61
CA PRO H 88 -41.42 -21.19 0.11
C PRO H 88 -40.84 -20.40 -1.06
N THR H 89 -41.61 -19.50 -1.69
CA THR H 89 -41.05 -18.80 -2.85
C THR H 89 -40.11 -17.66 -2.48
N ARG H 90 -40.20 -17.19 -1.23
CA ARG H 90 -39.31 -16.15 -0.75
C ARG H 90 -37.93 -16.72 -0.39
N ILE H 91 -37.20 -17.16 -1.41
CA ILE H 91 -35.94 -17.87 -1.12
C ILE H 91 -34.91 -17.01 -0.41
N GLU H 92 -34.71 -15.82 -0.94
CA GLU H 92 -33.78 -14.87 -0.32
C GLU H 92 -34.17 -14.49 1.12
N ASP H 93 -35.43 -14.09 1.31
CA ASP H 93 -35.85 -13.75 2.67
C ASP H 93 -35.67 -14.92 3.61
N ILE H 94 -36.07 -16.11 3.18
CA ILE H 94 -35.92 -17.27 4.03
C ILE H 94 -34.44 -17.50 4.36
N TRP H 95 -33.56 -17.48 3.35
CA TRP H 95 -32.13 -17.73 3.58
C TRP H 95 -31.50 -16.71 4.51
N GLN H 96 -31.63 -15.41 4.20
CA GLN H 96 -31.10 -14.35 5.08
C GLN H 96 -31.60 -14.47 6.52
N SER H 97 -32.89 -14.75 6.71
CA SER H 97 -33.40 -14.80 8.09
C SER H 97 -33.05 -16.11 8.82
N ALA H 98 -32.94 -17.21 8.08
CA ALA H 98 -32.54 -18.47 8.70
C ALA H 98 -31.07 -18.41 9.07
N ALA H 99 -30.27 -17.75 8.22
CA ALA H 99 -28.82 -17.69 8.48
C ALA H 99 -28.54 -17.01 9.83
N VAL H 100 -29.35 -16.01 10.17
CA VAL H 100 -29.12 -15.28 11.40
C VAL H 100 -30.04 -15.69 12.57
N SER H 101 -30.85 -16.74 12.40
CA SER H 101 -31.80 -17.13 13.45
C SER H 101 -31.12 -17.59 14.73
N GLY H 102 -29.89 -18.12 14.63
CA GLY H 102 -29.18 -18.56 15.82
C GLY H 102 -28.19 -17.51 16.35
N TYR H 103 -28.23 -16.31 15.77
CA TYR H 103 -27.27 -15.22 16.07
C TYR H 103 -25.87 -15.53 15.52
N TRP H 104 -25.14 -16.39 16.21
CA TRP H 104 -23.91 -16.97 15.67
C TRP H 104 -24.21 -17.78 14.40
N ARG H 105 -23.24 -17.78 13.48
CA ARG H 105 -23.42 -18.30 12.12
C ARG H 105 -22.05 -18.50 11.45
N ASN H 106 -22.05 -18.88 10.16
CA ASN H 106 -20.82 -19.13 9.40
C ASN H 106 -20.02 -20.33 9.88
N GLY H 107 -20.63 -21.51 9.84
CA GLY H 107 -19.97 -22.73 10.25
C GLY H 107 -20.39 -23.85 9.31
N PRO H 108 -19.58 -24.92 9.19
CA PRO H 108 -19.94 -26.01 8.29
C PRO H 108 -21.26 -26.73 8.63
N ILE H 109 -21.52 -27.01 9.92
CA ILE H 109 -22.82 -27.64 10.27
C ILE H 109 -24.01 -26.73 9.95
N MET H 110 -23.94 -25.51 10.44
CA MET H 110 -24.96 -24.49 10.23
C MET H 110 -25.22 -24.24 8.76
N ASN H 111 -24.17 -24.01 8.01
CA ASN H 111 -24.32 -23.82 6.57
C ASN H 111 -24.96 -24.99 5.83
N ASN H 112 -24.59 -26.22 6.17
CA ASN H 112 -25.23 -27.36 5.55
C ASN H 112 -26.69 -27.46 5.90
N ALA H 113 -27.05 -27.08 7.11
CA ALA H 113 -28.45 -27.04 7.45
C ALA H 113 -29.16 -26.09 6.50
N LEU H 114 -28.60 -24.90 6.33
CA LEU H 114 -29.13 -23.89 5.41
C LEU H 114 -29.19 -24.40 3.97
N SER H 115 -28.14 -25.10 3.54
CA SER H 115 -28.09 -25.53 2.15
C SER H 115 -29.26 -26.50 1.89
N GLY H 116 -29.48 -27.41 2.84
CA GLY H 116 -30.48 -28.43 2.66
C GLY H 116 -31.78 -27.78 2.28
N VAL H 117 -32.16 -26.73 3.01
CA VAL H 117 -33.42 -25.99 2.74
C VAL H 117 -33.38 -25.09 1.48
N ASP H 118 -32.30 -24.34 1.32
CA ASP H 118 -32.10 -23.48 0.16
C ASP H 118 -32.16 -24.23 -1.17
N MET H 119 -31.36 -25.29 -1.34
CA MET H 119 -31.46 -26.09 -2.56
C MET H 119 -32.90 -26.61 -2.75
N ALA H 120 -33.55 -27.08 -1.68
CA ALA H 120 -34.91 -27.60 -1.82
C ALA H 120 -35.87 -26.50 -2.32
N LEU H 121 -35.73 -25.28 -1.78
CA LEU H 121 -36.56 -24.16 -2.23
C LEU H 121 -36.27 -23.82 -3.70
N TRP H 122 -35.01 -23.86 -4.13
CA TRP H 122 -34.80 -23.59 -5.55
C TRP H 122 -35.47 -24.68 -6.40
N ASP H 123 -35.35 -25.89 -5.91
CA ASP H 123 -35.96 -27.03 -6.57
C ASP H 123 -37.47 -26.79 -6.68
N ILE H 124 -38.09 -26.35 -5.58
CA ILE H 124 -39.50 -25.95 -5.62
C ILE H 124 -39.83 -24.83 -6.61
N LYS H 125 -38.98 -23.82 -6.66
CA LYS H 125 -39.17 -22.72 -7.62
C LYS H 125 -39.12 -23.26 -9.06
N GLY H 126 -38.20 -24.15 -9.36
CA GLY H 126 -38.10 -24.66 -10.74
C GLY H 126 -39.41 -25.40 -11.03
N LYS H 127 -39.90 -26.13 -10.04
CA LYS H 127 -41.06 -26.96 -10.27
C LYS H 127 -42.27 -26.07 -10.49
N LEU H 128 -42.38 -25.00 -9.71
CA LEU H 128 -43.44 -24.03 -9.92
C LEU H 128 -43.34 -23.37 -11.29
N ALA H 129 -42.11 -23.10 -11.74
CA ALA H 129 -41.94 -22.41 -13.02
C ALA H 129 -42.07 -23.38 -14.19
N GLY H 130 -42.17 -24.67 -13.89
CA GLY H 130 -41.95 -25.69 -14.91
C GLY H 130 -40.58 -25.59 -15.56
N MET H 131 -39.54 -25.19 -14.81
CA MET H 131 -38.19 -24.97 -15.38
C MET H 131 -37.06 -25.58 -14.53
N PRO H 132 -36.00 -26.06 -15.20
CA PRO H 132 -34.79 -26.50 -14.51
C PRO H 132 -34.22 -25.30 -13.81
N VAL H 133 -33.52 -25.53 -12.70
CA VAL H 133 -32.94 -24.43 -11.94
C VAL H 133 -31.98 -23.62 -12.81
N TYR H 134 -31.15 -24.29 -13.61
CA TYR H 134 -30.24 -23.53 -14.45
C TYR H 134 -30.98 -22.57 -15.38
N GLU H 135 -32.25 -22.83 -15.68
CA GLU H 135 -32.96 -21.91 -16.54
C GLU H 135 -33.30 -20.64 -15.78
N LEU H 136 -33.62 -20.78 -14.49
CA LEU H 136 -33.96 -19.64 -13.62
C LEU H 136 -32.77 -18.71 -13.37
N LEU H 137 -31.58 -19.29 -13.43
CA LEU H 137 -30.33 -18.61 -13.05
C LEU H 137 -29.63 -17.99 -14.26
N GLY H 138 -30.30 -17.94 -15.41
CA GLY H 138 -29.64 -17.41 -16.61
C GLY H 138 -29.67 -18.20 -17.93
N GLY H 139 -30.08 -19.47 -17.91
CA GLY H 139 -30.21 -20.24 -19.14
C GLY H 139 -28.88 -20.92 -19.42
N LYS H 140 -28.85 -21.82 -20.40
CA LYS H 140 -27.60 -22.53 -20.73
C LYS H 140 -26.53 -21.57 -21.24
N CYS H 141 -25.33 -21.70 -20.67
CA CYS H 141 -24.18 -20.99 -21.17
C CYS H 141 -23.22 -21.92 -21.90
N ARG H 142 -23.52 -23.22 -21.93
CA ARG H 142 -22.61 -24.16 -22.63
C ARG H 142 -23.40 -25.40 -23.01
N ASP H 143 -22.83 -26.26 -23.86
CA ASP H 143 -23.58 -27.42 -24.35
C ASP H 143 -23.37 -28.72 -23.57
N GLY H 144 -22.49 -28.71 -22.57
CA GLY H 144 -22.33 -29.83 -21.65
C GLY H 144 -21.20 -29.46 -20.70
N ILE H 145 -21.13 -30.19 -19.58
CA ILE H 145 -20.16 -29.84 -18.53
C ILE H 145 -18.87 -30.69 -18.54
N PRO H 146 -17.74 -30.07 -18.89
CA PRO H 146 -16.48 -30.84 -18.86
C PRO H 146 -16.18 -31.29 -17.43
N LEU H 147 -15.84 -32.56 -17.27
CA LEU H 147 -15.53 -33.10 -15.97
C LEU H 147 -14.05 -33.39 -15.78
N TYR H 148 -13.61 -33.44 -14.54
CA TYR H 148 -12.38 -34.18 -14.28
C TYR H 148 -12.61 -35.26 -13.27
N CYS H 149 -11.79 -36.31 -13.33
CA CYS H 149 -11.93 -37.41 -12.38
C CYS H 149 -10.61 -37.71 -11.67
N HIS H 150 -10.65 -38.50 -10.62
CA HIS H 150 -9.45 -38.80 -9.84
C HIS H 150 -8.70 -39.99 -10.43
N THR H 151 -7.38 -39.92 -10.46
CA THR H 151 -6.54 -41.06 -10.84
C THR H 151 -5.38 -41.20 -9.85
N ASP H 152 -5.55 -42.13 -8.90
CA ASP H 152 -4.60 -42.33 -7.80
C ASP H 152 -3.67 -43.53 -8.06
N GLY H 153 -2.58 -43.62 -7.31
CA GLY H 153 -1.75 -44.81 -7.39
C GLY H 153 -0.64 -44.86 -6.37
N GLY H 154 -0.19 -46.09 -6.06
CA GLY H 154 0.95 -46.31 -5.17
C GLY H 154 2.27 -45.89 -5.79
N ASP H 155 2.33 -45.77 -7.11
CA ASP H 155 3.56 -45.29 -7.78
C ASP H 155 3.30 -44.71 -9.16
N GLU H 156 4.33 -44.18 -9.81
CA GLU H 156 4.14 -43.48 -11.08
C GLU H 156 3.48 -44.40 -12.10
N VAL H 157 3.86 -45.68 -12.05
CA VAL H 157 3.32 -46.65 -13.00
C VAL H 157 1.83 -46.89 -12.83
N GLU H 158 1.34 -46.93 -11.59
CA GLU H 158 -0.10 -47.14 -11.34
C GLU H 158 -0.94 -45.90 -11.71
N VAL H 159 -0.42 -44.73 -11.38
CA VAL H 159 -1.10 -43.50 -11.72
C VAL H 159 -1.28 -43.35 -13.24
N GLU H 160 -0.21 -43.61 -13.98
CA GLU H 160 -0.22 -43.49 -15.43
C GLU H 160 -1.22 -44.46 -16.07
N ASP H 161 -1.36 -45.66 -15.51
CA ASP H 161 -2.32 -46.63 -16.04
C ASP H 161 -3.74 -46.16 -15.79
N ASN H 162 -3.98 -45.60 -14.61
CA ASN H 162 -5.30 -45.04 -14.34
C ASN H 162 -5.62 -43.86 -15.24
N ILE H 163 -4.64 -43.02 -15.50
CA ILE H 163 -4.86 -41.94 -16.44
C ILE H 163 -5.22 -42.51 -17.83
N ARG H 164 -4.41 -43.42 -18.35
CA ARG H 164 -4.69 -44.02 -19.67
C ARG H 164 -6.09 -44.62 -19.72
N ALA H 165 -6.50 -45.32 -18.65
CA ALA H 165 -7.84 -45.88 -18.56
C ALA H 165 -8.94 -44.81 -18.60
N ARG H 166 -8.75 -43.72 -17.88
CA ARG H 166 -9.76 -42.65 -17.88
C ARG H 166 -9.79 -41.91 -19.22
N MET H 167 -8.63 -41.74 -19.85
CA MET H 167 -8.57 -41.10 -21.15
C MET H 167 -9.34 -41.96 -22.15
N GLU H 168 -9.38 -43.26 -21.95
CA GLU H 168 -10.14 -44.12 -22.87
C GLU H 168 -11.65 -43.92 -22.68
N GLU H 169 -12.10 -43.56 -21.46
CA GLU H 169 -13.53 -43.29 -21.23
C GLU H 169 -13.97 -41.89 -21.68
N GLY H 170 -13.05 -41.09 -22.19
CA GLY H 170 -13.39 -39.72 -22.63
C GLY H 170 -12.95 -38.55 -21.74
N TYR H 171 -12.40 -38.84 -20.56
CA TYR H 171 -11.99 -37.73 -19.70
C TYR H 171 -10.85 -36.95 -20.34
N GLN H 172 -10.92 -35.62 -20.33
CA GLN H 172 -9.84 -34.76 -20.83
C GLN H 172 -9.11 -33.98 -19.75
N TYR H 173 -9.44 -34.26 -18.49
CA TYR H 173 -8.84 -33.61 -17.32
C TYR H 173 -8.82 -34.65 -16.23
N VAL H 174 -7.68 -34.76 -15.54
CA VAL H 174 -7.52 -35.72 -14.44
C VAL H 174 -6.70 -35.09 -13.32
N ARG H 175 -7.04 -35.52 -12.09
CA ARG H 175 -6.33 -35.16 -10.88
C ARG H 175 -5.38 -36.31 -10.57
N CYS H 176 -4.09 -36.03 -10.52
CA CYS H 176 -3.08 -37.07 -10.28
C CYS H 176 -2.42 -36.92 -8.89
N GLN H 177 -2.50 -37.97 -8.09
CA GLN H 177 -1.83 -38.05 -6.80
C GLN H 177 -1.11 -39.39 -6.74
N MET H 178 0.10 -39.42 -6.22
CA MET H 178 0.76 -40.69 -6.00
C MET H 178 0.89 -40.93 -4.51
N GLY H 179 0.48 -42.10 -4.05
CA GLY H 179 0.61 -42.45 -2.63
C GLY H 179 -0.19 -41.53 -1.73
N MET H 180 0.23 -41.43 -0.49
CA MET H 180 -0.45 -40.76 0.57
C MET H 180 0.40 -39.64 1.20
N TYR H 181 0.89 -38.72 0.41
CA TYR H 181 1.60 -37.57 0.97
C TYR H 181 2.81 -38.00 1.79
N GLY H 182 3.60 -38.92 1.25
CA GLY H 182 4.89 -39.27 1.86
C GLY H 182 4.82 -40.42 2.85
N GLY H 183 3.60 -40.86 3.15
CA GLY H 183 3.35 -41.97 4.09
C GLY H 183 4.41 -43.05 4.04
N PRO H 204 12.16 -40.76 3.28
CA PRO H 204 11.21 -40.44 4.37
C PRO H 204 11.86 -40.47 5.76
N LYS H 205 11.73 -39.39 6.53
CA LYS H 205 12.42 -39.29 7.82
C LYS H 205 12.06 -40.45 8.75
N ARG H 206 13.02 -40.86 9.56
CA ARG H 206 12.75 -41.84 10.61
C ARG H 206 12.00 -41.12 11.76
N SER H 207 11.04 -41.79 12.38
CA SER H 207 10.35 -41.22 13.56
C SER H 207 11.09 -41.45 14.88
N PRO H 208 10.69 -40.75 15.97
CA PRO H 208 11.19 -40.97 17.32
C PRO H 208 10.82 -42.39 17.81
N ARG H 209 11.42 -42.82 18.92
CA ARG H 209 11.41 -44.23 19.30
C ARG H 209 10.07 -44.80 19.73
N SER H 210 9.12 -43.95 20.09
CA SER H 210 7.73 -44.40 20.31
C SER H 210 6.71 -43.40 19.75
N LYS H 211 5.81 -43.88 18.88
CA LYS H 211 4.88 -43.02 18.12
C LYS H 211 3.48 -42.93 18.74
N THR H 212 2.95 -41.72 18.87
CA THR H 212 1.53 -41.54 19.14
C THR H 212 0.78 -42.03 17.88
N PRO H 213 -0.33 -42.76 18.08
CA PRO H 213 -1.19 -43.30 17.01
C PRO H 213 -1.71 -42.21 16.09
N GLY H 214 -1.88 -42.56 14.81
CA GLY H 214 -2.34 -41.62 13.80
C GLY H 214 -1.81 -42.08 12.46
N ILE H 215 -2.21 -41.39 11.38
CA ILE H 215 -1.72 -41.69 10.03
C ILE H 215 -0.52 -40.83 9.70
N TYR H 216 0.65 -41.46 9.70
CA TYR H 216 1.90 -40.72 9.56
C TYR H 216 2.19 -40.38 8.10
N PHE H 217 2.68 -39.17 7.87
CA PHE H 217 3.07 -38.77 6.52
C PHE H 217 4.36 -37.97 6.55
N ASP H 218 4.95 -37.70 5.40
CA ASP H 218 6.19 -36.96 5.35
C ASP H 218 6.14 -35.87 4.31
N PRO H 219 5.89 -34.63 4.74
CA PRO H 219 5.64 -33.54 3.82
C PRO H 219 6.84 -33.20 2.96
N GLU H 220 8.04 -33.37 3.50
CA GLU H 220 9.26 -33.06 2.74
C GLU H 220 9.51 -34.11 1.65
N ALA H 221 9.35 -35.39 1.99
CA ALA H 221 9.45 -36.44 0.96
C ALA H 221 8.34 -36.25 -0.07
N TYR H 222 7.15 -35.91 0.38
CA TYR H 222 6.09 -35.63 -0.57
C TYR H 222 6.48 -34.51 -1.54
N ALA H 223 6.78 -33.35 -0.99
CA ALA H 223 7.05 -32.18 -1.84
C ALA H 223 8.13 -32.45 -2.89
N LYS H 224 9.13 -33.23 -2.54
CA LYS H 224 10.20 -33.55 -3.49
C LYS H 224 9.80 -34.58 -4.55
N SER H 225 8.81 -35.41 -4.23
CA SER H 225 8.33 -36.42 -5.18
C SER H 225 7.43 -35.85 -6.28
N VAL H 226 6.75 -34.75 -5.99
CA VAL H 226 5.73 -34.29 -6.94
C VAL H 226 6.30 -33.85 -8.31
N PRO H 227 7.31 -32.98 -8.31
CA PRO H 227 7.79 -32.61 -9.64
C PRO H 227 8.30 -33.83 -10.46
N ARG H 228 8.87 -34.82 -9.79
CA ARG H 228 9.31 -36.01 -10.51
C ARG H 228 8.14 -36.78 -11.11
N LEU H 229 7.04 -36.83 -10.39
CA LEU H 229 5.87 -37.53 -10.87
C LEU H 229 5.36 -36.88 -12.16
N PHE H 230 5.28 -35.55 -12.16
CA PHE H 230 4.77 -34.88 -13.35
C PHE H 230 5.76 -34.88 -14.51
N GLU H 231 7.05 -35.00 -14.23
CA GLU H 231 7.99 -35.05 -15.35
C GLU H 231 7.86 -36.37 -16.13
N HIS H 232 7.75 -37.48 -15.40
CA HIS H 232 7.47 -38.78 -16.04
C HIS H 232 6.14 -38.76 -16.77
N LEU H 233 5.08 -38.31 -16.11
CA LEU H 233 3.76 -38.27 -16.76
C LEU H 233 3.77 -37.43 -18.06
N ARG H 234 4.33 -36.23 -18.00
CA ARG H 234 4.39 -35.42 -19.20
C ARG H 234 5.22 -36.12 -20.28
N ASN H 235 6.29 -36.78 -19.86
CA ASN H 235 7.18 -37.43 -20.82
C ASN H 235 6.47 -38.63 -21.43
N LYS H 236 5.50 -39.18 -20.71
CA LYS H 236 4.82 -40.38 -21.19
C LYS H 236 3.52 -40.06 -21.89
N LEU H 237 2.87 -38.98 -21.49
CA LEU H 237 1.51 -38.76 -21.93
C LEU H 237 1.34 -37.51 -22.75
N GLY H 238 2.36 -36.66 -22.79
CA GLY H 238 2.26 -35.42 -23.55
C GLY H 238 1.46 -34.32 -22.86
N PHE H 239 1.27 -33.23 -23.58
CA PHE H 239 0.64 -32.04 -23.00
C PHE H 239 -0.83 -31.86 -23.41
N GLY H 240 -1.41 -32.91 -23.99
CA GLY H 240 -2.78 -32.88 -24.47
C GLY H 240 -3.79 -33.00 -23.35
N ILE H 241 -3.47 -33.81 -22.36
CA ILE H 241 -4.34 -34.07 -21.23
C ILE H 241 -4.06 -33.03 -20.15
N GLU H 242 -5.10 -32.48 -19.53
CA GLU H 242 -4.93 -31.55 -18.41
C GLU H 242 -4.76 -32.26 -17.08
N PHE H 243 -3.84 -31.76 -16.24
CA PHE H 243 -3.50 -32.38 -14.98
C PHE H 243 -3.84 -31.42 -13.88
N ILE H 244 -4.41 -31.96 -12.82
CA ILE H 244 -4.64 -31.25 -11.59
C ILE H 244 -3.84 -31.97 -10.50
N HIS H 245 -3.26 -31.20 -9.58
CA HIS H 245 -2.67 -31.79 -8.40
C HIS H 245 -3.20 -31.08 -7.15
N ASP H 246 -3.45 -31.84 -6.10
CA ASP H 246 -4.04 -31.31 -4.89
C ASP H 246 -3.05 -31.45 -3.73
N VAL H 247 -2.57 -30.31 -3.22
CA VAL H 247 -1.59 -30.28 -2.11
C VAL H 247 -2.27 -30.58 -0.80
N HIS H 248 -3.54 -30.22 -0.72
CA HIS H 248 -4.36 -30.59 0.43
C HIS H 248 -3.74 -30.10 1.75
N GLU H 249 -3.24 -28.87 1.76
CA GLU H 249 -2.71 -28.22 2.95
C GLU H 249 -1.60 -29.03 3.65
N ARG H 250 -0.97 -29.94 2.94
CA ARG H 250 -0.04 -30.88 3.58
C ARG H 250 1.36 -30.34 3.89
N VAL H 251 1.75 -29.20 3.30
CA VAL H 251 3.12 -28.67 3.49
C VAL H 251 3.14 -27.26 4.04
N THR H 252 4.29 -26.82 4.51
CA THR H 252 4.38 -25.44 4.98
C THR H 252 4.22 -24.49 3.78
N PRO H 253 3.74 -23.27 4.04
CA PRO H 253 3.44 -22.33 2.95
C PRO H 253 4.61 -22.08 2.03
N VAL H 254 5.81 -21.90 2.55
CA VAL H 254 6.94 -21.64 1.66
C VAL H 254 7.29 -22.89 0.83
N THR H 255 7.06 -24.08 1.37
CA THR H 255 7.25 -25.29 0.58
C THR H 255 6.25 -25.33 -0.60
N ALA H 256 5.01 -24.90 -0.36
CA ALA H 256 4.00 -24.84 -1.41
C ALA H 256 4.43 -23.89 -2.53
N ILE H 257 5.01 -22.76 -2.16
CA ILE H 257 5.46 -21.79 -3.15
C ILE H 257 6.52 -22.36 -4.08
N GLN H 258 7.50 -23.03 -3.49
CA GLN H 258 8.55 -23.70 -4.26
C GLN H 258 7.89 -24.75 -5.14
N LEU H 259 7.01 -25.56 -4.55
CA LEU H 259 6.28 -26.53 -5.35
C LEU H 259 5.59 -25.86 -6.57
N ALA H 260 4.82 -24.79 -6.34
CA ALA H 260 4.15 -24.11 -7.42
C ALA H 260 5.16 -23.69 -8.51
N LYS H 261 6.25 -23.06 -8.11
CA LYS H 261 7.22 -22.57 -9.09
C LYS H 261 7.81 -23.74 -9.88
N THR H 262 8.12 -24.81 -9.19
CA THR H 262 8.74 -25.98 -9.79
C THR H 262 7.85 -26.70 -10.77
N LEU H 263 6.53 -26.61 -10.57
CA LEU H 263 5.59 -27.33 -11.44
C LEU H 263 5.27 -26.57 -12.76
N GLU H 264 5.72 -25.31 -12.83
CA GLU H 264 5.38 -24.45 -13.99
C GLU H 264 5.61 -25.08 -15.39
N PRO H 265 6.76 -25.73 -15.60
CA PRO H 265 7.00 -26.36 -16.91
C PRO H 265 6.03 -27.51 -17.25
N TYR H 266 5.46 -28.16 -16.25
CA TYR H 266 4.49 -29.25 -16.54
C TYR H 266 3.06 -28.73 -16.75
N GLN H 267 2.90 -27.43 -16.57
CA GLN H 267 1.68 -26.73 -16.94
C GLN H 267 0.41 -27.41 -16.46
N LEU H 268 0.20 -27.37 -15.16
CA LEU H 268 -1.01 -27.91 -14.56
C LEU H 268 -2.23 -27.03 -14.84
N PHE H 269 -3.41 -27.64 -14.92
CA PHE H 269 -4.66 -26.91 -15.06
C PHE H 269 -4.89 -26.08 -13.79
N TYR H 270 -4.67 -26.68 -12.63
CA TYR H 270 -4.49 -25.94 -11.39
C TYR H 270 -3.85 -26.76 -10.29
N LEU H 271 -3.34 -26.04 -9.30
CA LEU H 271 -2.68 -26.64 -8.17
C LEU H 271 -3.57 -26.24 -7.03
N GLU H 272 -4.03 -27.24 -6.28
CA GLU H 272 -5.14 -27.06 -5.39
C GLU H 272 -4.68 -27.01 -3.93
N ASP H 273 -5.24 -26.06 -3.20
CA ASP H 273 -5.06 -25.97 -1.78
C ASP H 273 -3.62 -25.99 -1.32
N PRO H 274 -2.79 -25.10 -1.90
CA PRO H 274 -1.42 -24.94 -1.43
C PRO H 274 -1.33 -24.49 0.04
N VAL H 275 -2.35 -23.81 0.57
CA VAL H 275 -2.31 -23.42 1.99
C VAL H 275 -3.65 -23.78 2.64
N ALA H 276 -3.63 -23.91 3.97
CA ALA H 276 -4.85 -23.99 4.76
C ALA H 276 -5.50 -22.62 4.74
N PRO H 277 -6.82 -22.57 5.02
CA PRO H 277 -7.58 -21.33 5.10
C PRO H 277 -7.09 -20.43 6.23
N GLU H 278 -6.58 -21.02 7.29
CA GLU H 278 -5.95 -20.27 8.33
C GLU H 278 -4.63 -19.60 7.87
N ASN H 279 -4.13 -19.97 6.68
CA ASN H 279 -2.87 -19.38 6.15
C ASN H 279 -3.04 -18.62 4.83
N ILE H 280 -4.25 -18.20 4.51
CA ILE H 280 -4.47 -17.57 3.23
C ILE H 280 -3.59 -16.34 3.00
N ASP H 281 -3.15 -15.65 4.04
CA ASP H 281 -2.31 -14.47 3.75
C ASP H 281 -1.01 -14.82 3.01
N TRP H 282 -0.62 -16.09 3.04
CA TRP H 282 0.63 -16.48 2.38
C TRP H 282 0.46 -16.52 0.87
N LEU H 283 -0.78 -16.47 0.36
CA LEU H 283 -0.97 -16.45 -1.09
C LEU H 283 -0.46 -15.16 -1.71
N ARG H 284 -0.41 -14.09 -0.93
CA ARG H 284 0.19 -12.84 -1.40
C ARG H 284 1.62 -13.09 -1.92
N MET H 285 2.42 -13.73 -1.09
CA MET H 285 3.79 -14.12 -1.50
C MET H 285 3.83 -15.11 -2.68
N LEU H 286 2.99 -16.14 -2.62
CA LEU H 286 2.96 -17.14 -3.70
C LEU H 286 2.64 -16.53 -5.06
N ARG H 287 1.66 -15.62 -5.10
CA ARG H 287 1.29 -15.00 -6.37
C ARG H 287 2.20 -13.90 -6.93
N GLN H 288 3.19 -13.46 -6.15
CA GLN H 288 4.24 -12.57 -6.66
C GLN H 288 5.30 -13.41 -7.39
N GLN H 289 5.31 -14.73 -7.15
CA GLN H 289 6.39 -15.59 -7.70
C GLN H 289 6.01 -16.69 -8.71
N SER H 290 4.81 -17.22 -8.62
CA SER H 290 4.50 -18.40 -9.44
C SER H 290 3.38 -18.08 -10.41
N SER H 291 3.45 -18.69 -11.59
CA SER H 291 2.41 -18.51 -12.60
C SER H 291 1.61 -19.80 -12.78
N THR H 292 1.78 -20.78 -11.87
CA THR H 292 0.96 -22.00 -11.87
C THR H 292 -0.46 -21.67 -11.44
N PRO H 293 -1.49 -22.11 -12.19
CA PRO H 293 -2.81 -21.71 -11.72
C PRO H 293 -3.16 -22.33 -10.36
N ILE H 294 -3.92 -21.60 -9.55
CA ILE H 294 -4.14 -21.98 -8.17
C ILE H 294 -5.62 -22.10 -7.89
N SER H 295 -6.00 -23.09 -7.12
CA SER H 295 -7.38 -23.18 -6.66
C SER H 295 -7.43 -23.37 -5.15
N MET H 296 -8.45 -22.82 -4.51
CA MET H 296 -8.57 -22.94 -3.06
C MET H 296 -10.05 -22.97 -2.77
N GLY H 297 -10.45 -23.52 -1.64
CA GLY H 297 -11.77 -23.18 -1.10
C GLY H 297 -12.64 -24.33 -0.68
N GLU H 298 -12.22 -25.55 -0.90
CA GLU H 298 -13.16 -26.59 -0.53
C GLU H 298 -13.46 -26.52 0.97
N LEU H 299 -12.49 -26.04 1.75
CA LEU H 299 -12.69 -25.86 3.20
C LEU H 299 -13.40 -24.57 3.64
N PHE H 300 -13.68 -23.65 2.72
CA PHE H 300 -14.19 -22.34 3.13
C PHE H 300 -15.62 -22.37 3.66
N VAL H 301 -15.89 -21.62 4.74
CA VAL H 301 -17.24 -21.54 5.34
C VAL H 301 -17.63 -20.10 5.68
N ASN H 302 -16.79 -19.12 5.32
CA ASN H 302 -16.92 -17.74 5.77
C ASN H 302 -16.46 -16.77 4.67
N ILE H 303 -17.19 -15.67 4.47
CA ILE H 303 -16.91 -14.75 3.36
C ILE H 303 -15.51 -14.17 3.52
N ASN H 304 -15.13 -13.90 4.78
CA ASN H 304 -13.82 -13.32 5.10
C ASN H 304 -12.66 -14.23 4.73
N GLU H 305 -12.96 -15.47 4.34
CA GLU H 305 -11.94 -16.39 3.82
C GLU H 305 -11.72 -16.22 2.32
N TRP H 306 -12.81 -16.12 1.56
CA TRP H 306 -12.69 -16.06 0.10
C TRP H 306 -12.61 -14.69 -0.50
N LYS H 307 -13.15 -13.69 0.19
CA LYS H 307 -13.34 -12.39 -0.43
C LYS H 307 -12.00 -11.66 -0.61
N PRO H 308 -11.16 -11.69 0.43
CA PRO H 308 -9.75 -11.26 0.29
C PRO H 308 -9.03 -11.90 -0.91
N LEU H 309 -9.24 -13.20 -1.11
CA LEU H 309 -8.51 -13.96 -2.14
C LEU H 309 -8.95 -13.59 -3.54
N ILE H 310 -10.27 -13.45 -3.70
CA ILE H 310 -10.81 -13.13 -5.00
C ILE H 310 -10.54 -11.66 -5.39
N ASP H 311 -10.81 -10.75 -4.47
CA ASP H 311 -10.59 -9.34 -4.67
C ASP H 311 -9.17 -9.13 -5.17
N ASN H 312 -8.22 -9.86 -4.59
CA ASN H 312 -6.84 -9.61 -4.90
C ASN H 312 -6.24 -10.51 -5.98
N LYS H 313 -7.07 -11.32 -6.64
CA LYS H 313 -6.56 -12.12 -7.78
C LYS H 313 -5.52 -13.17 -7.31
N LEU H 314 -5.75 -13.67 -6.11
CA LEU H 314 -4.82 -14.58 -5.47
C LEU H 314 -5.08 -16.05 -5.81
N ILE H 315 -6.20 -16.33 -6.49
CA ILE H 315 -6.48 -17.71 -6.96
C ILE H 315 -7.13 -17.61 -8.33
N ASP H 316 -7.14 -18.71 -9.08
CA ASP H 316 -7.74 -18.71 -10.39
C ASP H 316 -9.09 -19.45 -10.41
N TYR H 317 -9.31 -20.29 -9.41
CA TYR H 317 -10.50 -21.12 -9.34
C TYR H 317 -10.95 -21.15 -7.87
N ILE H 318 -12.22 -20.89 -7.64
CA ILE H 318 -12.80 -21.05 -6.27
C ILE H 318 -13.43 -22.45 -6.17
N ARG H 319 -13.19 -23.15 -5.07
CA ARG H 319 -13.45 -24.60 -4.96
C ARG H 319 -14.49 -24.97 -3.91
N CYS H 320 -15.37 -24.05 -3.56
CA CYS H 320 -16.23 -24.29 -2.40
C CYS H 320 -17.13 -25.50 -2.54
N HIS H 321 -17.40 -26.13 -1.42
CA HIS H 321 -18.37 -27.20 -1.37
C HIS H 321 -19.74 -26.49 -1.20
N VAL H 322 -20.60 -26.55 -2.22
CA VAL H 322 -21.83 -25.71 -2.21
C VAL H 322 -22.67 -25.80 -0.95
N SER H 323 -22.89 -27.01 -0.44
CA SER H 323 -23.66 -27.17 0.78
C SER H 323 -22.93 -26.53 1.97
N THR H 324 -21.60 -26.53 1.96
CA THR H 324 -20.88 -26.01 3.11
C THR H 324 -20.77 -24.49 3.11
N ILE H 325 -21.07 -23.84 2.00
CA ILE H 325 -21.15 -22.38 2.09
C ILE H 325 -22.62 -21.96 2.18
N GLY H 326 -23.55 -22.91 2.24
CA GLY H 326 -24.95 -22.56 2.49
C GLY H 326 -25.96 -22.71 1.36
N GLY H 327 -25.56 -23.34 0.24
CA GLY H 327 -26.56 -23.61 -0.79
C GLY H 327 -26.40 -22.88 -2.10
N ILE H 328 -27.43 -22.97 -2.95
CA ILE H 328 -27.39 -22.38 -4.29
C ILE H 328 -27.35 -20.85 -4.20
N THR H 329 -28.13 -20.28 -3.28
CA THR H 329 -28.17 -18.82 -3.13
C THR H 329 -26.79 -18.19 -2.86
N PRO H 330 -26.07 -18.63 -1.82
CA PRO H 330 -24.75 -18.03 -1.64
C PRO H 330 -23.75 -18.45 -2.70
N ALA H 331 -23.87 -19.67 -3.21
CA ALA H 331 -22.93 -20.13 -4.23
C ALA H 331 -23.07 -19.33 -5.52
N LYS H 332 -24.30 -19.00 -5.89
CA LYS H 332 -24.47 -18.15 -7.08
C LYS H 332 -23.90 -16.74 -6.87
N LYS H 333 -24.07 -16.17 -5.69
CA LYS H 333 -23.47 -14.87 -5.38
C LYS H 333 -21.93 -14.92 -5.44
N LEU H 334 -21.37 -16.00 -4.91
CA LEU H 334 -19.95 -16.26 -5.05
C LEU H 334 -19.50 -16.42 -6.51
N ALA H 335 -20.25 -17.16 -7.31
CA ALA H 335 -19.91 -17.31 -8.73
C ALA H 335 -19.87 -15.96 -9.42
N VAL H 336 -20.80 -15.09 -9.05
CA VAL H 336 -20.86 -13.79 -9.70
C VAL H 336 -19.69 -12.92 -9.23
N TYR H 337 -19.41 -12.96 -7.93
CA TYR H 337 -18.31 -12.17 -7.38
C TYR H 337 -17.02 -12.62 -8.07
N SER H 338 -16.89 -13.93 -8.25
CA SER H 338 -15.73 -14.45 -8.93
C SER H 338 -15.69 -13.99 -10.39
N GLU H 339 -16.85 -14.04 -11.06
CA GLU H 339 -16.92 -13.70 -12.50
C GLU H 339 -16.40 -12.27 -12.71
N LEU H 340 -16.84 -11.33 -11.88
CA LEU H 340 -16.43 -9.93 -12.10
C LEU H 340 -14.94 -9.73 -11.84
N ASN H 341 -14.30 -10.71 -11.19
CA ASN H 341 -12.89 -10.63 -10.87
C ASN H 341 -12.02 -11.51 -11.76
N GLY H 342 -12.59 -12.11 -12.81
CA GLY H 342 -11.83 -13.02 -13.67
C GLY H 342 -11.52 -14.38 -13.10
N VAL H 343 -12.18 -14.76 -12.01
CA VAL H 343 -11.91 -16.03 -11.34
C VAL H 343 -13.01 -17.03 -11.74
N ARG H 344 -12.62 -18.24 -12.06
CA ARG H 344 -13.56 -19.28 -12.49
C ARG H 344 -13.96 -20.29 -11.40
N THR H 345 -15.02 -21.06 -11.65
CA THR H 345 -15.53 -21.95 -10.61
C THR H 345 -15.01 -23.36 -10.77
N ALA H 346 -14.87 -24.06 -9.67
CA ALA H 346 -14.54 -25.45 -9.73
C ALA H 346 -15.17 -26.07 -8.49
N TRP H 347 -16.50 -26.21 -8.47
CA TRP H 347 -17.15 -26.60 -7.20
C TRP H 347 -16.66 -27.96 -6.75
N HIS H 348 -16.50 -28.14 -5.44
CA HIS H 348 -16.07 -29.42 -4.87
C HIS H 348 -17.00 -30.58 -5.30
N GLY H 349 -16.44 -31.64 -5.89
CA GLY H 349 -17.27 -32.76 -6.36
C GLY H 349 -16.75 -34.14 -5.94
N PRO H 350 -16.58 -34.35 -4.63
CA PRO H 350 -16.01 -35.55 -4.00
C PRO H 350 -17.01 -36.71 -3.93
N GLY H 351 -16.68 -37.81 -3.22
CA GLY H 351 -17.67 -38.87 -2.99
C GLY H 351 -18.67 -38.40 -1.93
N ASP H 352 -18.21 -37.52 -1.03
CA ASP H 352 -19.09 -37.04 0.05
C ASP H 352 -20.00 -35.86 -0.34
N ILE H 353 -20.88 -36.09 -1.31
CA ILE H 353 -21.86 -35.09 -1.72
C ILE H 353 -23.02 -35.91 -2.27
N SER H 354 -24.27 -35.56 -1.98
CA SER H 354 -25.33 -36.41 -2.57
C SER H 354 -25.53 -36.09 -4.06
N PRO H 355 -26.19 -37.01 -4.78
CA PRO H 355 -26.50 -36.73 -6.17
C PRO H 355 -27.34 -35.44 -6.28
N VAL H 356 -27.97 -35.03 -5.20
CA VAL H 356 -28.75 -33.79 -5.21
C VAL H 356 -27.78 -32.62 -5.24
N GLY H 357 -26.67 -32.72 -4.50
CA GLY H 357 -25.69 -31.65 -4.52
C GLY H 357 -24.87 -31.66 -5.80
N VAL H 358 -24.69 -32.84 -6.38
CA VAL H 358 -24.09 -32.94 -7.71
C VAL H 358 -24.91 -32.19 -8.74
N CYS H 359 -26.23 -32.35 -8.68
CA CYS H 359 -27.10 -31.60 -9.58
C CYS H 359 -27.01 -30.11 -9.31
N ALA H 360 -26.97 -29.71 -8.04
CA ALA H 360 -26.81 -28.31 -7.75
C ALA H 360 -25.55 -27.73 -8.39
N ASN H 361 -24.40 -28.41 -8.22
CA ASN H 361 -23.17 -27.94 -8.84
C ASN H 361 -23.44 -27.72 -10.29
N MET H 362 -23.99 -28.74 -10.94
CA MET H 362 -24.09 -28.72 -12.40
C MET H 362 -25.11 -27.73 -12.93
N HIS H 363 -26.11 -27.42 -12.14
CA HIS H 363 -27.00 -26.34 -12.56
C HIS H 363 -26.28 -24.99 -12.47
N LEU H 364 -25.48 -24.80 -11.42
CA LEU H 364 -24.62 -23.62 -11.35
C LEU H 364 -23.67 -23.62 -12.54
N ASP H 365 -23.04 -24.77 -12.81
CA ASP H 365 -22.11 -24.87 -13.94
C ASP H 365 -22.72 -24.44 -15.29
N MET H 366 -23.96 -24.87 -15.55
CA MET H 366 -24.58 -24.62 -16.85
C MET H 366 -24.91 -23.12 -17.04
N SER H 367 -24.98 -22.37 -15.95
CA SER H 367 -25.46 -20.99 -16.03
C SER H 367 -24.42 -19.94 -15.68
N SER H 368 -23.20 -20.37 -15.39
CA SER H 368 -22.14 -19.42 -15.12
C SER H 368 -21.27 -19.20 -16.35
N PRO H 369 -21.15 -17.94 -16.80
CA PRO H 369 -20.18 -17.66 -17.87
C PRO H 369 -18.78 -18.07 -17.42
N ASN H 370 -18.50 -17.93 -16.11
CA ASN H 370 -17.13 -18.19 -15.58
C ASN H 370 -16.85 -19.63 -15.08
N PHE H 371 -17.64 -20.59 -15.54
CA PHE H 371 -17.41 -22.00 -15.20
C PHE H 371 -15.98 -22.38 -15.55
N GLY H 372 -15.30 -23.16 -14.72
CA GLY H 372 -13.94 -23.58 -15.04
C GLY H 372 -13.87 -25.06 -15.34
N ILE H 373 -14.19 -25.88 -14.33
CA ILE H 373 -14.22 -27.33 -14.53
C ILE H 373 -15.13 -27.92 -13.45
N GLN H 374 -15.62 -29.14 -13.69
CA GLN H 374 -16.38 -29.89 -12.70
C GLN H 374 -15.76 -31.22 -12.34
N GLU H 375 -15.15 -31.26 -11.17
CA GLU H 375 -14.80 -32.51 -10.52
C GLU H 375 -15.97 -33.47 -10.41
N TYR H 376 -15.74 -34.72 -10.76
CA TYR H 376 -16.82 -35.70 -10.74
C TYR H 376 -16.35 -37.01 -10.14
N THR H 377 -17.10 -37.54 -9.17
CA THR H 377 -16.83 -38.89 -8.64
C THR H 377 -17.87 -39.89 -9.18
N PRO H 378 -17.43 -40.86 -9.99
CA PRO H 378 -18.38 -41.81 -10.58
C PRO H 378 -19.29 -42.48 -9.52
N MET H 379 -20.54 -42.68 -9.87
CA MET H 379 -21.50 -43.27 -8.96
C MET H 379 -21.65 -44.78 -9.16
N ASN H 380 -22.16 -45.45 -8.13
CA ASN H 380 -22.48 -46.86 -8.30
C ASN H 380 -23.96 -47.05 -8.63
N ASP H 381 -24.41 -48.30 -8.83
CA ASP H 381 -25.79 -48.54 -9.24
C ASP H 381 -26.72 -48.15 -8.11
N ALA H 382 -26.28 -48.37 -6.89
CA ALA H 382 -27.13 -48.08 -5.76
C ALA H 382 -27.47 -46.58 -5.68
N LEU H 383 -26.47 -45.72 -5.93
CA LEU H 383 -26.73 -44.29 -5.93
C LEU H 383 -27.77 -43.90 -7.01
N ARG H 384 -27.61 -44.43 -8.22
CA ARG H 384 -28.55 -44.16 -9.31
C ARG H 384 -29.96 -44.65 -8.98
N GLU H 385 -30.08 -45.75 -8.24
CA GLU H 385 -31.40 -46.26 -7.86
C GLU H 385 -32.07 -45.44 -6.77
N VAL H 386 -31.30 -45.02 -5.79
CA VAL H 386 -31.86 -44.26 -4.69
C VAL H 386 -32.18 -42.82 -5.12
N PHE H 387 -31.42 -42.34 -6.10
CA PHE H 387 -31.62 -41.00 -6.65
C PHE H 387 -31.91 -40.96 -8.15
N PRO H 388 -33.17 -41.23 -8.57
CA PRO H 388 -33.59 -41.08 -9.98
C PRO H 388 -33.29 -39.69 -10.52
N GLY H 389 -32.80 -39.61 -11.76
CA GLY H 389 -32.40 -38.32 -12.38
C GLY H 389 -30.91 -37.92 -12.38
N CYS H 390 -30.02 -38.77 -11.87
CA CYS H 390 -28.59 -38.44 -11.92
C CYS H 390 -28.18 -37.99 -13.32
N PRO H 391 -27.32 -36.96 -13.41
CA PRO H 391 -26.87 -36.50 -14.70
C PRO H 391 -26.26 -37.62 -15.54
N GLU H 392 -26.44 -37.56 -16.85
CA GLU H 392 -25.80 -38.52 -17.77
C GLU H 392 -24.31 -38.19 -17.99
N ILE H 393 -23.46 -39.19 -17.86
CA ILE H 393 -22.04 -39.01 -18.07
C ILE H 393 -21.67 -39.70 -19.37
N ASP H 394 -21.15 -38.95 -20.33
CA ASP H 394 -20.82 -39.48 -21.66
C ASP H 394 -19.55 -38.80 -22.15
N GLN H 395 -18.48 -39.56 -22.20
CA GLN H 395 -17.20 -39.11 -22.75
C GLN H 395 -16.63 -37.85 -22.12
N GLY H 396 -16.59 -37.83 -20.79
CA GLY H 396 -15.90 -36.77 -20.06
C GLY H 396 -16.71 -35.52 -19.94
N TYR H 397 -17.99 -35.60 -20.31
CA TYR H 397 -18.95 -34.51 -20.17
C TYR H 397 -20.16 -34.96 -19.37
N ALA H 398 -20.75 -34.06 -18.59
CA ALA H 398 -22.05 -34.36 -17.96
C ALA H 398 -23.13 -33.58 -18.69
N TYR H 399 -24.26 -34.25 -18.93
CA TYR H 399 -25.41 -33.64 -19.55
C TYR H 399 -26.57 -33.72 -18.54
N VAL H 400 -26.97 -32.58 -17.99
CA VAL H 400 -28.07 -32.59 -17.02
C VAL H 400 -29.40 -32.72 -17.73
N ASN H 401 -30.37 -33.35 -17.09
CA ASN H 401 -31.68 -33.48 -17.71
C ASN H 401 -32.42 -32.14 -17.67
N ASP H 402 -33.49 -32.05 -18.45
CA ASP H 402 -34.19 -30.78 -18.58
C ASP H 402 -35.48 -30.81 -17.77
N LYS H 403 -35.51 -31.60 -16.71
CA LYS H 403 -36.71 -31.69 -15.90
C LYS H 403 -36.76 -30.53 -14.94
N PRO H 404 -37.97 -30.18 -14.47
CA PRO H 404 -38.09 -28.99 -13.66
C PRO H 404 -37.30 -29.07 -12.36
N GLY H 405 -36.90 -27.92 -11.83
CA GLY H 405 -36.13 -27.88 -10.60
C GLY H 405 -34.76 -28.50 -10.80
N LEU H 406 -34.33 -29.32 -9.85
CA LEU H 406 -32.99 -29.85 -9.90
C LEU H 406 -32.98 -31.12 -10.72
N GLY H 407 -34.18 -31.60 -11.06
CA GLY H 407 -34.32 -32.75 -11.95
C GLY H 407 -33.87 -34.05 -11.31
N ILE H 408 -34.05 -34.14 -9.99
CA ILE H 408 -33.46 -35.20 -9.19
C ILE H 408 -34.45 -35.57 -8.08
N ASP H 409 -34.47 -36.84 -7.71
CA ASP H 409 -35.39 -37.24 -6.67
C ASP H 409 -34.72 -38.29 -5.78
N ILE H 410 -35.37 -38.63 -4.68
CA ILE H 410 -34.92 -39.71 -3.85
C ILE H 410 -36.05 -40.70 -3.58
N ASN H 411 -35.72 -41.97 -3.76
CA ASN H 411 -36.57 -43.06 -3.33
C ASN H 411 -36.29 -43.42 -1.87
N GLU H 412 -37.17 -42.96 -0.99
CA GLU H 412 -37.00 -43.11 0.46
C GLU H 412 -36.96 -44.56 0.91
N THR H 413 -37.79 -45.40 0.31
CA THR H 413 -37.79 -46.83 0.62
C THR H 413 -36.43 -47.47 0.30
N LEU H 414 -35.89 -47.21 -0.90
CA LEU H 414 -34.58 -47.76 -1.26
C LEU H 414 -33.44 -47.14 -0.41
N ALA H 415 -33.55 -45.86 -0.09
CA ALA H 415 -32.53 -45.21 0.74
C ALA H 415 -32.35 -45.87 2.12
N GLU H 416 -33.36 -46.59 2.61
CA GLU H 416 -33.26 -47.25 3.92
C GLU H 416 -32.50 -48.58 3.89
N LYS H 417 -32.44 -49.19 2.72
CA LYS H 417 -31.66 -50.39 2.59
C LYS H 417 -30.19 -50.05 2.83
N TYR H 418 -29.86 -48.76 2.96
CA TYR H 418 -28.47 -48.30 3.09
C TYR H 418 -28.24 -47.38 4.29
N PRO H 419 -28.31 -47.93 5.50
CA PRO H 419 -28.15 -47.11 6.70
C PRO H 419 -26.75 -46.53 6.80
N CYS H 420 -26.63 -45.36 7.42
CA CYS H 420 -25.33 -44.71 7.61
C CYS H 420 -24.43 -45.42 8.62
N ASP H 421 -23.14 -45.53 8.30
CA ASP H 421 -22.21 -46.20 9.19
C ASP H 421 -21.89 -45.36 10.43
N GLY H 422 -21.66 -44.06 10.23
CA GLY H 422 -21.27 -43.16 11.32
C GLY H 422 -19.83 -43.35 11.77
N GLY H 423 -19.49 -42.80 12.93
CA GLY H 423 -18.15 -43.01 13.46
C GLY H 423 -17.17 -41.95 12.97
N ILE H 424 -15.88 -42.20 13.18
CA ILE H 424 -14.85 -41.21 12.97
C ILE H 424 -13.81 -41.65 11.95
N PRO H 425 -13.55 -40.81 10.94
CA PRO H 425 -12.57 -41.21 9.95
C PRO H 425 -11.17 -41.23 10.58
N SER H 426 -10.35 -42.16 10.13
CA SER H 426 -8.99 -42.27 10.65
C SER H 426 -8.11 -41.23 10.01
N TRP H 427 -8.39 -40.92 8.74
CA TRP H 427 -7.44 -40.14 7.92
C TRP H 427 -7.25 -38.70 8.40
N THR H 428 -8.18 -38.21 9.23
CA THR H 428 -8.10 -36.83 9.67
C THR H 428 -7.16 -36.72 10.86
N MET H 429 -6.65 -37.86 11.34
CA MET H 429 -5.67 -37.88 12.42
C MET H 429 -4.31 -38.08 11.74
N ALA H 430 -3.77 -37.00 11.20
CA ALA H 430 -2.58 -37.08 10.38
C ALA H 430 -1.43 -36.57 11.21
N ARG H 431 -0.30 -37.28 11.20
CA ARG H 431 0.89 -36.87 11.97
C ARG H 431 2.16 -36.90 11.15
N THR H 432 2.97 -35.88 11.34
CA THR H 432 4.25 -35.81 10.68
C THR H 432 5.24 -36.70 11.44
N PRO H 433 6.42 -36.93 10.85
CA PRO H 433 7.33 -37.97 11.39
C PRO H 433 7.68 -37.85 12.87
N ASP H 434 7.70 -36.63 13.42
CA ASP H 434 7.96 -36.42 14.83
C ASP H 434 6.72 -36.59 15.73
N GLY H 435 5.55 -36.78 15.13
CA GLY H 435 4.32 -37.09 15.85
C GLY H 435 3.34 -35.93 16.01
N THR H 436 3.63 -34.80 15.35
CA THR H 436 2.81 -33.58 15.49
C THR H 436 1.49 -33.76 14.76
N ALA H 437 0.36 -33.49 15.43
CA ALA H 437 -0.96 -33.50 14.76
C ALA H 437 -1.00 -32.39 13.72
N SER H 438 -1.51 -32.69 12.55
CA SER H 438 -1.38 -31.75 11.45
C SER H 438 -2.71 -31.55 10.81
N ARG H 439 -2.85 -30.43 10.11
CA ARG H 439 -4.02 -30.16 9.29
C ARG H 439 -4.09 -31.19 8.16
N PRO H 440 -5.23 -31.91 8.06
CA PRO H 440 -5.24 -33.05 7.17
C PRO H 440 -5.62 -32.65 5.75
#